data_7ZAH
#
_entry.id   7ZAH
#
_cell.length_a   1.00
_cell.length_b   1.00
_cell.length_c   1.00
_cell.angle_alpha   90.00
_cell.angle_beta   90.00
_cell.angle_gamma   90.00
#
_symmetry.space_group_name_H-M   'P 1'
#
loop_
_entity.id
_entity.type
_entity.pdbx_description
1 polymer '16S rRNA'
2 polymer '30S ribosomal protein S3Ae'
3 polymer '30S ribosomal protein S2'
4 polymer 'Zn-ribbon RNA-binding protein involved in translation'
5 polymer '30S ribosomal protein S4'
6 polymer '30S ribosomal protein S4e'
7 polymer '30S ribosomal protein S5'
8 polymer '30S ribosomal protein S6e'
9 polymer '30S ribosomal protein S7'
10 polymer '30S ribosomal protein S8'
11 polymer '30S ribosomal protein S8e'
12 polymer '30S ribosomal protein S9'
13 polymer '30S ribosomal protein S10'
14 polymer '30S ribosomal protein S11'
15 polymer '30S ribosomal protein S12'
16 polymer '30S ribosomal protein S13'
17 polymer '30S ribosomal protein S14 type Z'
18 polymer '30S ribosomal protein S15'
19 polymer '30S ribosomal protein S17'
20 polymer '30S ribosomal protein S17e'
21 polymer '30S ribosomal protein S19'
22 polymer '30S ribosomal protein S19e'
23 polymer '30S ribosomal protein S24e'
24 polymer '30S ribosomal protein S27e'
25 polymer '30S ribosomal protein S28e'
26 polymer '30S ribosomal protein S27ae'
27 polymer '30S ribosomal protein S3'
28 polymer '50S ribosomal protein L41e'
29 polymer '50S ribosomal protein L7Ae'
30 polymer mRNA
31 polymer tRNA-MET
32 polymer 'Translation initiation factor 1A'
33 polymer 'Translation initiation factor 5B'
34 non-polymer 'MAGNESIUM ION'
35 non-polymer 'ZINC ION'
36 non-polymer METHIONINE
37 non-polymer 'PHOSPHOAMINOPHOSPHONIC ACID-GUANYLATE ESTER'
38 water water
#
loop_
_entity_poly.entity_id
_entity_poly.type
_entity_poly.pdbx_seq_one_letter_code
_entity_poly.pdbx_strand_id
1 'polyribonucleotide'
;AUUC(4AC)GG(OMU)UGAUCCUGCCGGAGGCCACUGCUAUGGGGGUC(4AC)GACUAAGCCA(OMU)GCGAGUCAAGGG
GGCGUCCCUUCUGGGACGCCACCGGCGGACGGCUCAGUAACACGUCGGUAAC(OMC)UACCCUCGGGAGGGGGAUAACCC
CGGGAAACUGGGGCUAAUCCCCCAUAGGCCUGGGGUACUGGAAGGUCCCCAGGCCGAAAGGGAGCCGUAAGGCUCCGCCC
GAGGAUGGGCCGGCGGC(LHH)GAUUAGGUAGUUGGUGGGGUAACGGCCCACCAAGC(4AC)GAAGAUCGGUACGGGC
(4AC)GUGAGAGCGGGAGCC(4AC)GGAGAUGGACACUGAGACACGGGUCCAGGCCCUACGGGGCGCAGCAGGCGCGA
(A2M)ACCUC(4AC)GCAAUGCGGGAAAC(4AC)GCGACGGGGGGACCCCCAGUGCCGUGCCUCUGGCACGGCUUUUCCG
GAGUGUAAAAAGCUCCGGGAAUAAGG(OMG)CUG(OMG)GCAAGGC(4AC)GGUGGCAGCCGCCGCGGUAAUACCGGCGG
CC(4AC)GAGUGGU(OMG)GCCACUAUUAUUGGG(5MC)CUAAAGCGGC(4AC)GUAGCCGGGCCCGUAAGUCCCUGGCG
AAAUCCCACGGCUCAAC(4AC)GUGGGGCUCGCUGGGGAUACUGCGGGCCUUGGGAC(4AC)GGGAGAGGC(4AC)GGGG
GUACCCCCGGGGUAGG(OMG)GUGAAAUCCUAUAAUCCCGGGG(OMG)GACCGCCAGUGG(5MC)GAAGGCGCC(4AC)G
GCUGGAACGGGUC(4AC)GACGGUGAGGGC(4AC)GAAGGCCAGGGGAGCGAAC(4AC)GGAUUAGAUACCCGGGUAGUC
(OMC)(OMU)GGCUGUAAAGGA(OMU)GCGGGCUAGGUGUCGGGCGAGCUUCGAGCUCGCCCGGUGC(4AC)G(OMU)AG
GGAAGC(4AC)GUUAAG(OMC)C(4AC)GC(4AC)GCCUGGGGAGUACGGC(4AC)GCAA(OMG)G(5MC)UGAAACUUA
AAGGAAUUGGCGGGGGAGCACUACAAGG(OMG)GUGGAGCGUGCGGUUUAAUU(OMG)GAU(B8H)CAACGCCGGGAACC
UCAC(4AC)GGGGGCGACGGCAGGAUGAAGGCCAGGCUGAAGGUCUUGCCGGACGCGCCGAGAGGAGGUGCAUGGC
(5MC)GC(4AC)GUCAGCU(OMC)GUA(OMC)(LHH)GUGAGGCGUCCACUUAAGUGUGGUAAC(OMG)AGCGAGACCCG
CGCCCCCAGUUGCCAGUCCCUCCCGCUCGGGAGGGAGGCACUCUGGGGGGACUGCCGGCGAUAAGC(4AC)GGAGGAAGG
GGCGGGCGACGGUAGGUCAG(OMU)AUGCCC(4AC)GAAACCCCCGGGCUACA(5MC)GCGCGCUACAAUGGGCGGGACA
AUGGGUGC(4AC)GACCC(4AC)GAAAGGGGGAGGUAAUCCCCUAAACCCGCCCUCAGUUCGGAUCGCGGGCUGCAACUC
GCCCGCGUGAAGCUGGAAUCCCUAGUACCCGCGCGUCAUCAUCGCGCGGCGAAUACGUCCCUGCUCCUUGCACACAC
(5MC)G(OMC)CCG(OMU)CACUCCACCCGAGCGGGGCCUAGGUGAGGCCCGAUCUCCUUCGGGAGGUCGGGUCGAGCCU
AGGCUCCGUGAGGGGGGAGAAGUCG(UR3)A(6MZ)CAAGGUAGC(4AC)GUAGGGG(MA6)(MA6)CCUACGG(5MC)U
(5MC)GAUCAC(5MC)UCCU
;
2
2 'polypeptide(L)'
;MAAKRRVSAAKDKWKLKQWYVIYAPDFFGGVEVGLTPADDPEKVLNRVVEVTLKDITGDFLKGHVKLYFQVYDVKGQNAY
TKFKGMKLARSYIRSLVRRRTTRIDGIFNITTKDGYKLRVMAMVIAARRIQTSQERAIRKIMQEIIYKKAEELNFKDFVL
EAVNGKIAAEIAKEAKKIYPLKKAEIRKIKVLGEPEVAA
;
A
3 'polypeptide(L)'
;MADEYLVPLDQYLAAGVHIGTQQKTKDMKKFIYRVRQDGLYVLDVRKTDERLKVAGKFLARFDPQSILAVSVRLYGQKPV
KKFGEVTGARAIPGRFLPGTMTNPAVKNFFEPDVIIITDPRADHQAMKEAIEIGIPIVALVDTENLLSYVDLAIPTNNKG
RKALALIYWILAREILYNRGEISSREEFKIPVEEFEMKIVRR
;
B
4 'polypeptide(L)' MAENVELKFEIPVCTSCGREITPREHATHFVCPNCGEAIIWRCETCRLLAKPYKCPKCGWEGP C
5 'polypeptide(L)'
;MGDPKRQRKKYETPPHPWIKERLDRERVLMDKYELKNKKELWKHETQLKNFRRRARRLLAARGKQAEIEREQLLARLKRL
GLLPEDAVLDDVLSLTIEDILERRLQTIVYKKGLARTMRQARQLIVHGHIEVNGQIIRSPSYLVLKEEEDTITYARTSPF
ANPQHPERMMIEKAKQGGEA
;
D
6 'polypeptide(L)'
;MARKGPKRHLKRLAAPTSWYIERKAYKWAVRPRPGPHNMRTSIPLLYIVRDYLGYAKTAREARKILNEGKFLVDGRVRKD
YKFPVGIMDVVSIPETGEHYRVLPNRIGKLILHPISEEEANIKPLRIRNKRMVKGAKIQLNFHDGTNHLIPLSEKDNYFT
SYTVLMKVPEREILEVLPFEKGAYVFVTQGKNVARKGRIVEIKKFPMGWPDVVTIEDEEGELFDTLKEYAFVVGRDKPRI
SLP
;
E
7 'polypeptide(L)'
;MSQEWKEYAKRVLDEWQPKTKLGMLVKEGQITDIHEIFRKGYQIKEPEIIDVLLPEVNARENQEILDIALTVRMTDSGRR
VRFRVLAAVGNRDGYVGLGIGHGREVGIAIRKAINYAKLNIIEIKRGCGSWECRCRRPHSVPFTVEGKEGSVRVKLIPGP
RGLGLVIGDVGKKILRLAGIQDVWSQTLGETRTTVNFAKAVFNALYNTNKVVVTPEMIERYGIVVGRAMPASFTLE
;
F
8 'polypeptide(L)'
;MATFKLVISDPKTGIAKQIEITGPEAEKLIGKRIGDQIPVKELGINLNELFGKEFPEDVKMEIRGGTDKDGFPMRPDIHG
PRRVRILLSKGPGFRPKEKGERRKKTVRGNTISPEIVQVNVKLVY
;
G
9 'polypeptide(L)'
;MAKPLSERFFIPHEIKVMGRWSTEDVEVRDPSLKPYINLEPRLLPHTHGRHAKKHFGKANVHIVERLINKIMRSGGSHYK
VAGHFMRREHRSLNSKKVKAYEVVKEAFKIIEKRTGKNPIQVLVWAIENAAPREDTTSVMFGGIRYHVAVDISPMRRLDV
ALRNIALGASAKCYRTKMSFAEALAEEIILAANKDPKSYAYSKKLEIERIAESSR
;
H
10 'polypeptide(L)'
;MTLLDPLANALSHITNSERVGKREVYIKPASKLIGEVLRVMQKYGYIGEFEFIDDGRAGVYRVQLLGKINKAGAIKPRFP
VKARDYERWEKRFLPAFEFGILIVSTSQGVMSHKEAREKGIGGRLIAYVY
;
I
11 'polypeptide(L)'
;MAIWQGRSLRKPSGGRIVLARKKRKRELGREPSNTRVAEQDKRKIIRTYGGNKKVRLTAAAYANVFDKSGKGRKVRIIRV
IENPANRQFARRNIITKGAIIETEIGKAKVTSRPGQDGVVNAILLEE
;
J
12 'polypeptide(L)'
;MRIIQTTGKRKTAIARAVIREGKGRVRINGKPVELVEPEIARFTILEPLILAGEEIWNSVDIDVKVQGGGFMGQAEAARI
AIARALVEWTGDMNLKEKFIKYDRTMLVGDPRRTEPHKPNRSTKGPRAKRQKSYR
;
K
13 'polypeptide(L)'
;MQKARIKLASTNVRSLEEVANQIKQIAERTGVRMSGPIPLPTKRIRIVTRKSPDGEGSATFDRWELRIHKRLIDIEADER
AMRQIMRIRVPEDVTIEIELIS
;
L
14 'polypeptide(L)'
;MSEEQVNIKKKEKWGIAHIYSSYNNTIIHITDITGAETISRWSGGMVVKADRDEPSPYAAMLAARRAAEEALEKGIVGVH
IRVRAPGGSKSKTPGPGAQAAIRALARAGLKIGRVEDVTPIPHDGTRPKGGRRGRRV
;
M
15 'polypeptide(L)'
;MPGKKAPNGEFAGRKLKLKRKKFRWSDIRYKRRVLRLKEKSDPLEGAPQARGIVLEKIAVEAKQPNSGMRKAVRVQLIKN
GKVVTAFCPGDGAIKFIDEHDEVIIEGIGGPKGGSMGDIPGIRYKVVKVNRVSLKELVKGRKEKPRR
;
N
16 'polypeptide(L)'
;MADFRHIVRVAGVDLDGNKQLRWALTAIKGVGINFATMVCRVAGLDPFMKAGYLTDEQVKKIEEILQDPVAHGIPRWAVN
RPKDYETGRDLHLITAKLDMAIREDIMRLRRIRAYRGIRHELGLPVRGQRTRSNFRRGQTVGVSRKKK
;
O
17 'polypeptide(L)' MAKADYNKRKPRKFGKGARRCIRCGQYGPIIRIHGLMLCRHCFREVAPKLGFRKYE P
18 'polypeptide(L)'
;MARMHARKRGKSGSKRPPRTAPPIWLEYTVEDIENLVVKLRKEGYSTAMIGTILRDQYGIPTVKLFRDPDNPNRKLTITR
ILEKHGLAPEIPEDLMFLIKRAVNLRKHLEQHPKDLHSMRGLQLIESKIRRLVKYYKRKGKLPKDWRYDPEQAKLLVR
;
Q
19 'polypeptide(L)'
;MVRDIGLRIQPPAEKCDDPKCPWHGHLKIHGRVFEGIVVSDKPRKTVTVERQYYHYLKKYERYELRRSRIHAHNPPCINA
KVGDRVLIAETRPLSKTKHFVVVAVLERAEERR
;
R
20 'polypeptide(L)' MGKIRQGFIKRVARELFNKYPNEFTRDFEHNKKKVEELTNVTSKKIRNRIAGYITKLVRMKEEGKIL S
21 'polypeptide(L)'
;MARKEFRYRGYTLEQLMNMSLEELAKLLPARQRRSLKRGLTPEQKKLLRKIRLAKKGKYNKPIRTHCRDMIVLPEMVGLT
IYVHNGKEFVPVEIKPEMIGHYLGEFAPTRKRVQHGAPGIGATRSSMFVAVK
;
T
22 'polypeptide(L)'
;MATVYDVPGDLLVERVAQRLKEIPEIKPPEWAPFVKTGRHKERLPEQEDWWYYRVASILRRVYLDGPVGIERLRTYYGGR
KNRGHAPERFYKAGGSIIRKALQQLEAAGFVEKVPGKGRVITPKGRSFLDKIATELKKELEEIIPELKKY
;
U
23 'polypeptide(L)'
;MEIKITEVKENKLIGRKEIYFEIYHPGEPTPSRKDVKGKLVAMLDLNPETTVIQYIRSYFGSYKSKGYAKYYYDKDRMLY
IEPEYILIRDGIIEKKEGE
;
V
24 'polypeptide(L)' MALPRNVIPMPRSRFLRVKCIDCGNEQIVFSHPATRVRCNVCGATLVEPTGGKGIIRAKILEVLE W
25 'polypeptide(L)' DEGYPAEVIEIIGRTGTTGDVTQVKVRILEGRDKGRVIRRNVRGPVRVGDILILRETEREAREIK X
26 'polypeptide(L)' MGQKWKLYIVKDGKVIRKNKFCPRCGPGVFMADHGDRWACGRCGYTEWKKK Y
27 'polypeptide(L)'
;MAIERYFIREAVKEMLIDEFLEKELRRAGYGGLDIKKTPLGTKVIIFAANPGYVIGRGGRRIRELTRILERQFGLENPQI
DVQEIKNPYLNAKVQAVRIAQALERGIHFRRAAYAAMRAIMSNGARGVEIRISGKLTGERAKSVRFYQGYLAKVGNPAET
LVSKGYAQALLKLGVIGVKVAIMPPDARLPDEIEIIEKPVEEEVSSNEAE
;
Z
28 'polypeptide(L)' MKRRPRKWKKKGRMRWKWIKKRIRRLKRQRKKERGL 0
29 'polypeptide(L)'
;MAKPSYVKFEVPKELAEKALQAVEIARDTGKIRKGTNETTKAVERGQAKLVIIAEDVDPEEIVAHLPPLCEEKEIPYIYV
PSKKELGAAAGIEVAAASVAIIEPGKARDLVEEIAMKVRELMK
;
3
30 'polyribonucleotide' UGGAGGUGAUUUAAAUGCCAAA 5
31 'polyribonucleotide'
;AGCGGGG(4SU)GGAGCAGCCUGG(H2U)AGCUCGUCGGG(OMC)UCAUAACCCGAAGAUCGUCGG(5MU)(PSU)CAAA
UCCGGCCCCCGCUACCA
;
4
32 'polypeptide(L)'
;MGSSSHHHHHHSSGLVPRGSHMPKKERKVEGDEVIRVPLPEGNQLFGVVEQALGAGWMDVRCEDGKIRRCRIPGKLRRRV
WIRVGDLVIVQPWPVQSDKRGDIVYRYTQTQVDWLLRKGKITQEFLTGGSLLVE
;
6
33 'polypeptide(L)'
;MGSSHHHHHHSSGLVPRGSHMMTKRIRQPIIAVLGHVDHGKTTLLDRIRKTNVAAKEAGGITQHIGATEVPIEVVKKIAG
PLIKLWKAEIKLPGLLFIDTPGHEAFTSLRARGGSLADLAVLVVDINEGFQPQTIESIEILRKYRTPFVVAANKIDRIKG
WVIEEDEPFLMNIKKQDQRAVQELETKLWELIGKFYEFGFQANRFDRVQNFTRELAIVPISAKYGIGIAELLVLIAGLSQ
RYLEEKLKIEVEGPARGTILEVREEPGLGHTIDVIIYDGTLHKDDTIVVGGKDKAIVTKIRALLKPKPLDEIRDPRFRFD
YVDEVTAAAGVKIAAPGLEEALAGSPVIAAPTPEDVEKAKQEILEQIERVVISTDKVGVIVKADTLGSLEALSKELQEKE
IPIRKADVGNVSKTDVMEALSVKEEEPKYGVILGFNVKVNEDAEEVAKAKDVKIFVGNVIYKLIEDYEEWVKEEEEKKKR
ELLSKVTFPGVIRLYPDERYVFRRSNPAIVGIEVIEGRIKPGVTLIKQNGQKVGVIRSIKSRDEFLQEAKKGQAVAIAIE
GAIVGRHIHPGETLYVDLSRDDAITLLKHLRDTLEDTDIKALKMIAKVKAKEDPFWRAI
;
7
#
loop_
_chem_comp.id
_chem_comp.type
_chem_comp.name
_chem_comp.formula
4AC RNA linking N(4)-ACETYLCYTIDINE-5'-MONOPHOSPHATE 'C11 H16 N3 O9 P'
4SU RNA linking 4-THIOURIDINE-5'-MONOPHOSPHATE 'C9 H13 N2 O8 P S'
5MC RNA linking 5-METHYLCYTIDINE-5'-MONOPHOSPHATE 'C10 H16 N3 O8 P'
5MU RNA linking '5-METHYLURIDINE 5'-MONOPHOSPHATE' 'C10 H15 N2 O9 P'
6MZ RNA linking N6-METHYLADENOSINE-5'-MONOPHOSPHATE 'C11 H16 N5 O7 P'
A RNA linking ADENOSINE-5'-MONOPHOSPHATE 'C10 H14 N5 O7 P'
A2M RNA linking '2'-O-methyladenosine 5'-(dihydrogen phosphate)' 'C11 H16 N5 O7 P'
B8H RNA linking '[(2~{R},3~{S},4~{R},5~{S})-5-[1-methyl-2,4-bis(oxidanylidene)pyrimidin-5-yl]-3,4-bis(oxidanyl)oxolan-2-yl]methyl dihydrogen phosphate' 'C10 H15 N2 O9 P'
C RNA linking CYTIDINE-5'-MONOPHOSPHATE 'C9 H14 N3 O8 P'
G RNA linking GUANOSINE-5'-MONOPHOSPHATE 'C10 H14 N5 O8 P'
GNP non-polymer 'PHOSPHOAMINOPHOSPHONIC ACID-GUANYLATE ESTER' 'C10 H17 N6 O13 P3'
H2U RNA linking 5,6-DIHYDROURIDINE-5'-MONOPHOSPHATE 'C9 H15 N2 O9 P'
LHH RNA linking '[(2~{R},3~{R},4~{R},5~{R})-5-(4-acetamido-2-oxidanylidene-pyrimidin-1-yl)-4-methoxy-3-oxidanyl-oxolan-2-yl]methyl dihydrogen phosphate' 'C12 H18 N3 O9 P'
MA6 RNA linking 6N-DIMETHYLADENOSINE-5'-MONOPHOSHATE 'C12 H18 N5 O7 P'
MG non-polymer 'MAGNESIUM ION' 'Mg 2'
OMC RNA linking O2'-METHYLYCYTIDINE-5'-MONOPHOSPHATE 'C10 H16 N3 O8 P'
OMG RNA linking O2'-METHYLGUANOSINE-5'-MONOPHOSPHATE 'C11 H16 N5 O8 P'
OMU RNA linking 'O2'-METHYLURIDINE 5'-MONOPHOSPHATE' 'C10 H15 N2 O9 P'
PSU RNA linking PSEUDOURIDINE-5'-MONOPHOSPHATE 'C9 H13 N2 O9 P'
U RNA linking URIDINE-5'-MONOPHOSPHATE 'C9 H13 N2 O9 P'
UR3 RNA linking 3-METHYLURIDINE-5'-MONOPHOSHATE 'C10 H15 N2 O9 P'
ZN non-polymer 'ZINC ION' 'Zn 2'
#
# COMPACT_ATOMS: atom_id res chain seq x y z
P 4AC A 5 -7.11 -20.36 -2.06
OP1 4AC A 5 -8.39 -20.42 -1.29
OP2 4AC A 5 -7.11 -19.74 -3.42
O5' 4AC A 5 -6.02 -19.61 -1.16
C5' 4AC A 5 -6.14 -19.58 0.25
C4' 4AC A 5 -4.82 -19.25 0.91
O4' 4AC A 5 -3.74 -19.91 0.21
C3' 4AC A 5 -4.41 -17.79 0.91
O3' 4AC A 5 -5.05 -17.01 1.90
C2' 4AC A 5 -2.90 -17.91 1.14
O2' 4AC A 5 -2.63 -18.19 2.50
C1' 4AC A 5 -2.56 -19.14 0.31
N1 4AC A 5 -2.13 -18.74 -1.03
C2 4AC A 5 -0.86 -18.17 -1.16
O2 4AC A 5 -0.14 -18.04 -0.19
N3 4AC A 5 -0.42 -17.75 -2.39
C4 4AC A 5 -1.17 -17.89 -3.40
N4 4AC A 5 -0.70 -17.46 -4.61
C5 4AC A 5 -2.51 -18.46 -3.33
C6 4AC A 5 -2.94 -18.87 -2.15
C7 4AC A 5 -1.30 -17.49 -5.84
O7 4AC A 5 -2.40 -17.89 -6.15
CM7 4AC A 5 -0.37 -16.90 -6.87
N1 OMU A 8 -2.70 -3.36 -6.74
C2 OMU A 8 -1.94 -2.89 -7.83
N3 OMU A 8 -1.81 -3.57 -8.95
C4 OMU A 8 -2.44 -4.73 -9.07
C5 OMU A 8 -3.23 -5.22 -8.04
C6 OMU A 8 -3.35 -4.51 -6.87
O2 OMU A 8 -1.34 -1.81 -7.72
O4 OMU A 8 -2.34 -5.36 -10.12
C1' OMU A 8 -2.80 -2.51 -5.55
C2' OMU A 8 -4.11 -2.58 -4.80
O2' OMU A 8 -5.12 -1.90 -5.49
CM2 OMU A 8 -6.41 -2.46 -5.31
C3' OMU A 8 -3.70 -1.92 -3.48
C4' OMU A 8 -2.26 -2.41 -3.29
O3' OMU A 8 -3.69 -0.51 -3.69
O4' OMU A 8 -1.83 -2.87 -4.60
C5' OMU A 8 -2.05 -3.49 -2.25
O5' OMU A 8 -3.14 -4.38 -2.11
P OMU A 8 -3.46 -5.07 -0.70
OP1 OMU A 8 -3.83 -4.00 0.27
OP2 OMU A 8 -4.41 -6.20 -0.95
P 4AC A 41 34.53 -39.73 -4.73
OP1 4AC A 41 34.74 -38.97 -5.99
OP2 4AC A 41 35.22 -41.04 -4.52
O5' 4AC A 41 34.98 -38.76 -3.55
C5' 4AC A 41 34.65 -37.39 -3.58
C4' 4AC A 41 35.16 -36.67 -2.35
O4' 4AC A 41 34.58 -37.29 -1.18
C3' 4AC A 41 36.65 -36.74 -2.09
O3' 4AC A 41 37.39 -35.83 -2.87
C2' 4AC A 41 36.73 -36.47 -0.61
O2' 4AC A 41 36.59 -35.09 -0.36
C1' 4AC A 41 35.47 -37.17 -0.09
N1 4AC A 41 35.75 -38.51 0.45
C2 4AC A 41 36.29 -38.61 1.75
O2 4AC A 41 36.52 -37.60 2.40
N3 4AC A 41 36.57 -39.85 2.29
C4 4AC A 41 36.34 -40.89 1.60
N4 4AC A 41 36.62 -42.09 2.17
C5 4AC A 41 35.78 -40.85 0.26
C6 4AC A 41 35.51 -39.67 -0.26
C7 4AC A 41 36.48 -43.37 1.67
O7 4AC A 41 36.04 -43.71 0.58
CM7 4AC A 41 36.93 -44.39 2.66
N1 OMU A 52 60.42 -37.12 -0.58
C2 OMU A 52 59.15 -37.65 -0.35
N3 OMU A 52 58.16 -37.41 -1.19
C4 OMU A 52 58.35 -36.67 -2.28
C5 OMU A 52 59.59 -36.12 -2.54
C6 OMU A 52 60.63 -36.36 -1.65
O2 OMU A 52 58.95 -38.35 0.65
O4 OMU A 52 57.43 -36.46 -3.07
C1' OMU A 52 61.53 -37.35 0.37
C2' OMU A 52 62.10 -38.75 0.28
O2' OMU A 52 62.62 -39.06 1.56
CM2 OMU A 52 61.85 -40.02 2.26
C3' OMU A 52 63.24 -38.54 -0.71
C4' OMU A 52 63.77 -37.19 -0.28
O3' OMU A 52 64.21 -39.56 -0.68
O4' OMU A 52 62.57 -36.45 0.06
C5' OMU A 52 64.55 -36.42 -1.31
O5' OMU A 52 63.71 -35.98 -2.37
P OMU A 52 64.30 -35.10 -3.57
OP1 OMU A 52 65.77 -35.40 -3.64
OP2 OMU A 52 63.44 -35.30 -4.78
N1 OMC A 117 46.56 -55.12 -40.57
C2 OMC A 117 45.98 -55.12 -39.29
N3 OMC A 117 44.76 -55.63 -39.10
C4 OMC A 117 44.08 -56.15 -40.12
C5 OMC A 117 44.62 -56.15 -41.39
C6 OMC A 117 45.88 -55.62 -41.60
O2 OMC A 117 46.60 -54.66 -38.33
N4 OMC A 117 42.85 -56.66 -39.91
C1' OMC A 117 47.91 -54.55 -40.76
C2' OMC A 117 49.00 -55.41 -40.14
O2' OMC A 117 50.04 -54.55 -39.73
CM2 OMC A 117 50.10 -54.35 -38.33
C3' OMC A 117 49.44 -56.25 -41.32
C4' OMC A 117 49.37 -55.23 -42.46
O4' OMC A 117 48.18 -54.46 -42.15
O3' OMC A 117 50.71 -56.83 -41.17
C5' OMC A 117 49.25 -55.78 -43.86
O5' OMC A 117 47.99 -56.38 -44.09
P OMC A 117 47.43 -56.59 -45.56
OP1 OMC A 117 48.59 -56.97 -46.42
OP2 OMC A 117 46.24 -57.50 -45.48
C4 LHH A 238 25.49 -21.81 -31.95
C5 LHH A 238 24.36 -22.55 -31.65
C6 LHH A 238 23.55 -22.16 -30.58
N1 LHH A 238 23.92 -21.11 -29.89
C7 LHH A 238 26.27 -23.26 -34.01
N3 LHH A 238 25.78 -20.77 -31.21
N4 LHH A 238 26.42 -22.14 -33.07
C1 LHH A 238 23.12 -17.75 -27.76
C2 LHH A 238 25.00 -20.42 -30.20
C1' LHH A 238 23.12 -20.61 -28.75
C2' LHH A 238 22.23 -19.45 -29.20
C3' LHH A 238 20.97 -20.18 -29.58
C4' LHH A 238 20.87 -21.23 -28.49
C5' LHH A 238 20.03 -22.45 -28.78
CM7 LHH A 238 27.32 -23.47 -35.12
O2 LHH A 238 25.28 -19.50 -29.58
O2' LHH A 238 22.00 -18.61 -28.07
O3' LHH A 238 19.82 -19.36 -29.66
O4' LHH A 238 22.26 -21.64 -28.31
O5' LHH A 238 20.42 -23.04 -30.00
O7 LHH A 238 25.37 -24.02 -33.93
OP1 LHH A 238 18.26 -24.27 -30.23
OP2 LHH A 238 20.22 -24.68 -31.90
P LHH A 238 19.74 -24.39 -30.50
P 4AC A 274 27.32 -28.42 -53.55
OP1 4AC A 274 26.63 -29.68 -53.10
OP2 4AC A 274 26.77 -27.66 -54.71
O5' 4AC A 274 27.36 -27.44 -52.31
C5' 4AC A 274 27.80 -27.89 -51.04
C4' 4AC A 274 27.93 -26.74 -50.07
O4' 4AC A 274 28.89 -25.79 -50.56
C3' 4AC A 274 26.69 -25.90 -49.87
O3' 4AC A 274 25.72 -26.49 -49.03
C2' 4AC A 274 27.27 -24.62 -49.30
O2' 4AC A 274 27.62 -24.79 -47.94
C1' 4AC A 274 28.56 -24.49 -50.11
N1 4AC A 274 28.37 -23.59 -51.26
C2 4AC A 274 28.30 -22.21 -51.00
O2 4AC A 274 28.41 -21.79 -49.86
N3 4AC A 274 28.10 -21.32 -52.03
C4 4AC A 274 27.98 -21.76 -53.22
N4 4AC A 274 27.79 -20.85 -54.21
C5 4AC A 274 28.03 -23.19 -53.56
C6 4AC A 274 28.22 -24.03 -52.56
C7 4AC A 274 27.63 -21.04 -55.56
O7 4AC A 274 27.61 -22.09 -56.19
CM7 4AC A 274 27.44 -19.73 -56.27
P 4AC A 291 19.40 -43.54 -13.72
OP1 4AC A 291 19.35 -44.47 -12.55
OP2 4AC A 291 18.17 -43.35 -14.54
O5' 4AC A 291 19.82 -42.11 -13.19
C5' 4AC A 291 20.70 -41.95 -12.10
C4' 4AC A 291 20.98 -40.49 -11.85
O4' 4AC A 291 21.34 -39.87 -13.10
C3' 4AC A 291 19.81 -39.68 -11.37
O3' 4AC A 291 19.56 -39.80 -9.98
C2' 4AC A 291 20.19 -38.26 -11.79
O2' 4AC A 291 21.13 -37.72 -10.88
C1' 4AC A 291 20.92 -38.53 -13.10
N1 4AC A 291 20.05 -38.30 -14.28
C2 4AC A 291 19.78 -36.97 -14.66
O2 4AC A 291 20.25 -36.03 -14.03
N3 4AC A 291 18.99 -36.71 -15.75
C4 4AC A 291 18.50 -37.69 -16.40
N4 4AC A 291 17.72 -37.38 -17.49
C5 4AC A 291 18.74 -39.08 -16.06
C6 4AC A 291 19.50 -39.32 -15.02
C7 4AC A 291 17.07 -38.20 -18.37
O7 4AC A 291 17.03 -39.42 -18.40
CM7 4AC A 291 16.33 -37.39 -19.39
P 4AC A 307 35.08 -50.38 -19.20
OP1 4AC A 307 35.77 -51.64 -19.62
OP2 4AC A 307 35.90 -49.28 -18.61
O5' 4AC A 307 34.34 -49.82 -20.48
C5' 4AC A 307 33.76 -50.70 -21.43
C4' 4AC A 307 33.07 -49.95 -22.54
O4' 4AC A 307 32.08 -49.05 -21.99
C3' 4AC A 307 33.93 -49.04 -23.38
O3' 4AC A 307 34.73 -49.71 -24.33
C2' 4AC A 307 32.89 -48.12 -24.00
O2' 4AC A 307 32.17 -48.82 -25.00
C1' 4AC A 307 31.95 -47.92 -22.82
N1 4AC A 307 32.33 -46.71 -22.07
C2 4AC A 307 31.90 -45.47 -22.55
O2 4AC A 307 31.19 -45.41 -23.54
N3 4AC A 307 32.23 -44.32 -21.89
C4 4AC A 307 32.97 -44.39 -20.85
N4 4AC A 307 33.30 -43.22 -20.23
C5 4AC A 307 33.48 -45.64 -20.31
C6 4AC A 307 33.13 -46.75 -20.94
C7 4AC A 307 34.07 -43.00 -19.11
O7 4AC A 307 34.64 -43.82 -18.41
CM7 4AC A 307 34.14 -41.53 -18.81
P A2M A 361 37.74 -21.89 2.41
OP1 A2M A 361 38.33 -22.28 3.74
O5' A2M A 361 37.12 -23.20 1.74
C5' A2M A 361 36.54 -24.23 2.53
C4' A2M A 361 35.91 -25.28 1.65
O4' A2M A 361 35.09 -24.64 0.68
C3' A2M A 361 36.92 -26.07 0.84
O3' A2M A 361 37.32 -27.26 1.53
C2' A2M A 361 36.18 -26.37 -0.44
O2' A2M A 361 35.43 -27.55 -0.26
C1' A2M A 361 35.18 -25.25 -0.59
CM' A2M A 361 34.98 -28.10 -1.49
N9 A2M A 361 35.64 -24.24 -1.58
C8 A2M A 361 36.45 -23.22 -1.31
N7 A2M A 361 36.69 -22.46 -2.40
C5 A2M A 361 36.01 -23.02 -3.42
C6 A2M A 361 35.81 -22.73 -4.85
N6 A2M A 361 36.41 -21.67 -5.44
N1 A2M A 361 35.02 -23.55 -5.55
C2 A2M A 361 34.42 -24.60 -4.98
N3 A2M A 361 34.55 -24.92 -3.69
C4 A2M A 361 35.31 -24.18 -2.86
OP2 A2M A 361 38.59 -21.23 1.38
P 4AC A 367 53.61 -49.40 6.59
OP1 4AC A 367 54.80 -49.92 7.35
OP2 4AC A 367 53.75 -49.03 5.16
O5' 4AC A 367 52.51 -50.54 6.74
C5' 4AC A 367 52.57 -51.47 7.82
C4' 4AC A 367 51.55 -52.58 7.68
O4' 4AC A 367 50.24 -52.02 7.43
C3' 4AC A 367 51.75 -53.54 6.52
O3' 4AC A 367 52.73 -54.53 6.79
C2' 4AC A 367 50.36 -54.12 6.35
O2' 4AC A 367 50.10 -55.05 7.39
C1' 4AC A 367 49.50 -52.88 6.59
N1 4AC A 367 49.19 -52.17 5.34
C2 4AC A 367 48.24 -52.69 4.42
O2 4AC A 367 47.67 -53.75 4.64
N3 4AC A 367 47.96 -52.00 3.26
C4 4AC A 367 48.56 -50.90 3.01
N4 4AC A 367 48.27 -50.22 1.86
C5 4AC A 367 49.54 -50.32 3.93
C6 4AC A 367 49.81 -50.97 5.04
C7 4AC A 367 48.77 -49.03 1.39
O7 4AC A 367 49.61 -48.30 1.91
CM7 4AC A 367 48.17 -48.66 0.07
P 4AC A 382 56.67 -66.88 -3.44
OP1 4AC A 382 57.44 -66.76 -2.15
OP2 4AC A 382 55.18 -66.78 -3.41
O5' 4AC A 382 57.25 -65.75 -4.40
C5' 4AC A 382 58.64 -65.46 -4.42
C4' 4AC A 382 58.97 -64.51 -5.54
O4' 4AC A 382 58.54 -65.08 -6.79
C3' 4AC A 382 58.28 -63.16 -5.50
O3' 4AC A 382 58.91 -62.24 -4.61
C2' 4AC A 382 58.32 -62.72 -6.94
O2' 4AC A 382 59.60 -62.20 -7.26
C1' 4AC A 382 58.16 -64.05 -7.68
N1 4AC A 382 56.79 -64.31 -8.14
C2 4AC A 382 56.32 -63.66 -9.31
O2 4AC A 382 57.03 -62.88 -9.91
N3 4AC A 382 55.04 -63.90 -9.76
C4 4AC A 382 54.30 -64.71 -9.13
N4 4AC A 382 53.03 -64.94 -9.61
C5 4AC A 382 54.73 -65.42 -7.93
C6 4AC A 382 55.95 -65.19 -7.49
C7 4AC A 382 52.03 -65.75 -9.14
O7 4AC A 382 52.04 -66.49 -8.16
CM7 4AC A 382 50.82 -65.66 -10.02
P OMG A 455 18.87 -22.27 17.42
OP1 OMG A 455 19.76 -21.18 16.90
OP2 OMG A 455 18.52 -22.29 18.87
O5' OMG A 455 17.53 -22.26 16.58
C5' OMG A 455 17.51 -21.95 15.21
C4' OMG A 455 16.17 -22.25 14.58
O4' OMG A 455 15.74 -23.56 15.01
C3' OMG A 455 15.01 -21.36 14.97
O3' OMG A 455 14.98 -20.11 14.29
C2' OMG A 455 13.82 -22.24 14.66
O2' OMG A 455 13.60 -22.33 13.27
CM2 OMG A 455 12.34 -22.92 12.97
C1' OMG A 455 14.33 -23.58 15.14
N9 OMG A 455 13.99 -23.84 16.54
C8 OMG A 455 14.84 -23.78 17.56
N7 OMG A 455 14.23 -24.08 18.72
C5 OMG A 455 12.95 -24.35 18.43
C6 OMG A 455 11.75 -24.72 19.20
O6 OMG A 455 11.82 -24.88 20.43
N1 OMG A 455 10.62 -24.89 18.55
C2 OMG A 455 10.53 -24.73 17.23
N2 OMG A 455 9.33 -24.93 16.64
N3 OMG A 455 11.58 -24.39 16.47
C4 OMG A 455 12.80 -24.18 17.00
P OMG A 459 -0.80 -15.54 14.47
OP1 OMG A 459 -1.92 -16.43 14.91
OP2 OMG A 459 0.59 -16.09 14.42
O5' OMG A 459 -1.16 -14.97 13.04
C5' OMG A 459 -2.50 -14.66 12.68
C4' OMG A 459 -2.60 -14.18 11.26
O4' OMG A 459 -1.65 -13.11 11.04
C3' OMG A 459 -2.25 -15.20 10.17
O3' OMG A 459 -3.32 -16.06 9.87
C2' OMG A 459 -1.85 -14.31 9.01
O2' OMG A 459 -3.02 -13.81 8.38
CM2 OMG A 459 -2.81 -13.34 7.05
C1' OMG A 459 -1.18 -13.14 9.71
N9 OMG A 459 0.29 -13.22 9.75
C8 OMG A 459 0.99 -13.49 10.86
N7 OMG A 459 2.30 -13.45 10.64
C5 OMG A 459 2.47 -13.13 9.35
C6 OMG A 459 3.63 -12.93 8.48
O6 OMG A 459 4.79 -13.05 8.92
N1 OMG A 459 3.42 -12.62 7.21
C2 OMG A 459 2.19 -12.48 6.72
N2 OMG A 459 2.06 -12.15 5.43
N3 OMG A 459 1.07 -12.65 7.47
C4 OMG A 459 1.15 -12.96 8.78
P 4AC A 467 0.35 -9.15 32.58
OP1 4AC A 467 -0.55 -8.46 33.55
OP2 4AC A 467 0.44 -8.67 31.16
O5' 4AC A 467 1.81 -9.15 33.21
C5' 4AC A 467 2.00 -9.60 34.54
C4' 4AC A 467 3.42 -10.01 34.81
O4' 4AC A 467 3.82 -11.07 33.91
C3' 4AC A 467 4.48 -8.94 34.57
O3' 4AC A 467 4.56 -7.98 35.59
C2' 4AC A 467 5.73 -9.78 34.42
O2' 4AC A 467 6.18 -10.24 35.68
C1' 4AC A 467 5.20 -10.99 33.64
N1 4AC A 467 5.40 -10.80 32.19
C2 4AC A 467 6.68 -11.05 31.66
O2 4AC A 467 7.58 -11.47 32.38
N3 4AC A 467 6.91 -10.86 30.31
C4 4AC A 467 5.97 -10.43 29.57
N4 4AC A 467 6.23 -10.24 28.23
C5 4AC A 467 4.63 -10.13 30.06
C6 4AC A 467 4.41 -10.32 31.36
C7 4AC A 467 5.40 -9.80 27.23
O7 4AC A 467 4.24 -9.45 27.29
CM7 4AC A 467 6.15 -9.76 25.93
P 4AC A 499 5.48 -32.93 13.74
OP1 4AC A 499 4.79 -33.54 12.56
OP2 4AC A 499 4.99 -33.21 15.12
O5' 4AC A 499 7.02 -33.28 13.64
C5' 4AC A 499 7.65 -33.44 12.39
C4' 4AC A 499 9.09 -33.04 12.41
O4' 4AC A 499 9.28 -31.84 13.20
C3' 4AC A 499 10.06 -34.01 13.05
O3' 4AC A 499 10.34 -35.16 12.27
C2' 4AC A 499 11.27 -33.13 13.27
O2' 4AC A 499 11.91 -32.86 12.04
C1' 4AC A 499 10.59 -31.85 13.75
N1 4AC A 499 10.52 -31.83 15.22
C2 4AC A 499 11.68 -31.50 15.94
O2 4AC A 499 12.70 -31.20 15.36
N3 4AC A 499 11.67 -31.50 17.31
C4 4AC A 499 10.60 -31.81 17.92
N4 4AC A 499 10.62 -31.80 19.29
C5 4AC A 499 9.37 -32.18 17.24
C6 4AC A 499 9.38 -32.17 15.92
C7 4AC A 499 9.63 -32.10 20.20
O7 4AC A 499 8.48 -32.43 19.98
CM7 4AC A 499 10.15 -31.93 21.60
P OMG A 507 20.51 -16.00 -1.02
OP1 OMG A 507 20.25 -14.62 -1.54
OP2 OMG A 507 19.37 -16.84 -0.53
O5' OMG A 507 21.24 -16.85 -2.14
C5' OMG A 507 22.29 -16.29 -2.92
C4' OMG A 507 23.08 -17.34 -3.64
O4' OMG A 507 23.54 -18.34 -2.70
C3' OMG A 507 22.33 -18.17 -4.67
O3' OMG A 507 22.14 -17.50 -5.89
C2' OMG A 507 23.22 -19.39 -4.78
O2' OMG A 507 24.40 -19.08 -5.49
CM2 OMG A 507 25.15 -20.26 -5.78
C1' OMG A 507 23.61 -19.60 -3.33
N9 OMG A 507 22.67 -20.51 -2.65
C8 OMG A 507 21.79 -20.19 -1.71
N7 OMG A 507 21.09 -21.26 -1.30
C5 OMG A 507 21.55 -22.31 -1.98
C6 OMG A 507 21.26 -23.75 -2.05
O6 OMG A 507 20.38 -24.24 -1.31
N1 OMG A 507 21.94 -24.49 -2.90
C2 OMG A 507 22.88 -23.98 -3.69
N2 OMG A 507 23.53 -24.81 -4.53
N3 OMG A 507 23.21 -22.68 -3.69
C4 OMG A 507 22.59 -21.82 -2.87
P 5MC A 523 -7.65 -11.51 -25.88
OP1 5MC A 523 -8.71 -10.82 -25.08
OP2 5MC A 523 -8.03 -12.62 -26.81
O5' 5MC A 523 -6.92 -10.41 -26.73
C5' 5MC A 523 -6.43 -9.22 -26.12
C4' 5MC A 523 -5.52 -8.48 -27.06
O4' 5MC A 523 -4.39 -9.30 -27.38
C3' 5MC A 523 -6.11 -8.12 -28.41
O3' 5MC A 523 -6.92 -6.96 -28.37
C2' 5MC A 523 -4.89 -7.99 -29.30
O2' 5MC A 523 -4.35 -6.68 -29.17
C1' 5MC A 523 -3.91 -8.98 -28.66
N1 5MC A 523 -3.75 -10.22 -29.44
C2 5MC A 523 -2.89 -10.25 -30.55
O2 5MC A 523 -2.27 -9.22 -30.86
N3 5MC A 523 -2.71 -11.36 -31.27
C4 5MC A 523 -3.35 -12.48 -30.96
N4 5MC A 523 -3.17 -13.58 -31.69
C5 5MC A 523 -4.26 -12.46 -29.80
C6 5MC A 523 -4.42 -11.30 -29.08
CM5 5MC A 523 -5.01 -13.70 -29.41
P 4AC A 534 -5.03 -7.01 -51.88
OP1 4AC A 534 -6.21 -7.46 -52.67
OP2 4AC A 534 -4.61 -7.76 -50.67
O5' 4AC A 534 -3.78 -6.94 -52.87
C5' 4AC A 534 -3.97 -6.89 -54.27
C4' 4AC A 534 -2.63 -6.92 -54.99
O4' 4AC A 534 -1.70 -6.09 -54.26
C3' 4AC A 534 -1.93 -8.26 -55.06
O3' 4AC A 534 -2.43 -9.08 -56.09
C2' 4AC A 534 -0.49 -7.87 -55.25
O2' 4AC A 534 -0.24 -7.54 -56.60
C1' 4AC A 534 -0.39 -6.58 -54.43
N1 4AC A 534 0.22 -6.77 -53.11
C2 4AC A 534 1.63 -6.87 -53.01
O2 4AC A 534 2.31 -6.82 -54.01
N3 4AC A 534 2.22 -7.02 -51.77
C4 4AC A 534 1.48 -7.06 -50.72
N4 4AC A 534 2.09 -7.22 -49.51
C5 4AC A 534 0.03 -6.96 -50.78
C6 4AC A 534 -0.53 -6.82 -51.96
C7 4AC A 534 1.53 -7.29 -48.25
O7 4AC A 534 0.35 -7.24 -47.94
CM7 4AC A 534 2.58 -7.45 -47.20
P 4AC A 578 23.94 -54.19 -4.90
OP1 4AC A 578 25.16 -53.77 -5.64
OP2 4AC A 578 22.59 -53.82 -5.42
O5' 4AC A 578 24.00 -55.76 -4.73
C5' 4AC A 578 25.24 -56.43 -4.65
C4' 4AC A 578 25.08 -57.89 -4.29
O4' 4AC A 578 24.25 -58.02 -3.11
C3' 4AC A 578 24.38 -58.76 -5.31
O3' 4AC A 578 25.19 -59.12 -6.41
C2' 4AC A 578 23.97 -59.95 -4.45
O2' 4AC A 578 25.09 -60.77 -4.18
C1' 4AC A 578 23.57 -59.25 -3.15
N1 4AC A 578 22.11 -59.02 -3.11
C2 4AC A 578 21.29 -60.14 -2.85
O2 4AC A 578 21.78 -61.24 -2.65
N3 4AC A 578 19.92 -59.98 -2.81
C4 4AC A 578 19.41 -58.84 -3.02
N4 4AC A 578 18.05 -58.73 -2.96
C5 4AC A 578 20.21 -57.65 -3.30
C6 4AC A 578 21.53 -57.79 -3.34
C7 4AC A 578 17.24 -57.64 -3.14
O7 4AC A 578 17.54 -56.49 -3.39
CM7 4AC A 578 15.79 -58.02 -2.98
P 4AC A 614 -18.56 -8.03 -73.27
OP1 4AC A 614 -18.26 -7.33 -74.56
OP2 4AC A 614 -18.19 -7.38 -71.97
O5' 4AC A 614 -20.12 -8.36 -73.26
C5' 4AC A 614 -20.78 -8.79 -74.44
C4' 4AC A 614 -22.21 -9.18 -74.17
O4' 4AC A 614 -22.26 -10.20 -73.14
C3' 4AC A 614 -23.11 -8.09 -73.61
O3' 4AC A 614 -23.58 -7.19 -74.60
C2' 4AC A 614 -24.23 -8.90 -72.97
O2' 4AC A 614 -25.10 -9.39 -73.96
C1' 4AC A 614 -23.45 -10.07 -72.40
N1 4AC A 614 -23.11 -9.84 -70.98
C2 4AC A 614 -24.07 -10.12 -69.99
O2 4AC A 614 -25.17 -10.55 -70.28
N3 4AC A 614 -23.77 -9.89 -68.65
C4 4AC A 614 -22.62 -9.44 -68.35
N4 4AC A 614 -22.32 -9.23 -67.03
C5 4AC A 614 -21.59 -9.13 -69.34
C6 4AC A 614 -21.88 -9.35 -70.61
C7 4AC A 614 -21.16 -8.75 -66.46
O7 4AC A 614 -20.13 -8.40 -67.00
CM7 4AC A 614 -21.30 -8.68 -64.96
P 4AC A 624 -5.16 16.75 -64.17
OP1 4AC A 624 -3.78 17.32 -64.11
OP2 4AC A 624 -6.22 17.23 -63.23
O5' 4AC A 624 -5.69 16.91 -65.65
C5' 4AC A 624 -4.80 16.90 -66.76
C4' 4AC A 624 -5.51 16.99 -68.08
O4' 4AC A 624 -6.59 16.02 -68.13
C3' 4AC A 624 -6.21 18.29 -68.40
O3' 4AC A 624 -5.32 19.30 -68.85
C2' 4AC A 624 -7.22 17.87 -69.45
O2' 4AC A 624 -6.59 17.68 -70.70
C1' 4AC A 624 -7.64 16.51 -68.92
N1 4AC A 624 -8.86 16.60 -68.09
C2 4AC A 624 -10.13 16.71 -68.69
O2 4AC A 624 -10.24 16.74 -69.90
N3 4AC A 624 -11.25 16.79 -67.90
C4 4AC A 624 -11.11 16.76 -66.63
N4 4AC A 624 -12.21 16.84 -65.82
C5 4AC A 624 -9.82 16.64 -65.96
C6 4AC A 624 -8.76 16.57 -66.72
C7 4AC A 624 -12.24 16.83 -64.44
O7 4AC A 624 -11.34 16.74 -63.62
CM7 4AC A 624 -13.66 16.91 -63.95
P OMG A 645 -17.55 51.02 -36.73
OP1 OMG A 645 -18.44 50.04 -37.43
OP2 OMG A 645 -17.97 51.59 -35.42
O5' OMG A 645 -16.12 50.37 -36.55
C5' OMG A 645 -15.51 49.61 -37.58
C4' OMG A 645 -14.09 49.25 -37.20
O4' OMG A 645 -13.40 50.45 -36.82
C3' OMG A 645 -13.94 48.32 -36.01
O3' OMG A 645 -14.01 46.96 -36.38
C2' OMG A 645 -12.60 48.71 -35.42
O2' OMG A 645 -11.54 48.06 -36.10
CM2 OMG A 645 -10.29 48.29 -35.45
C1' OMG A 645 -12.51 50.19 -35.75
N9 OMG A 645 -12.87 51.08 -34.63
C8 OMG A 645 -13.99 51.80 -34.58
N7 OMG A 645 -14.04 52.57 -33.49
C5 OMG A 645 -12.91 52.36 -32.82
C6 OMG A 645 -12.34 52.87 -31.56
O6 OMG A 645 -12.95 53.70 -30.88
N1 OMG A 645 -11.14 52.42 -31.19
C2 OMG A 645 -10.47 51.53 -31.91
N2 OMG A 645 -9.26 51.12 -31.46
N3 OMG A 645 -10.93 51.02 -33.08
C4 OMG A 645 -12.13 51.39 -33.57
P OMG A 668 -7.12 40.37 -64.15
OP1 OMG A 668 -6.08 39.75 -65.05
OP2 OMG A 668 -8.58 40.09 -64.36
O5' OMG A 668 -6.76 39.97 -62.65
C5' OMG A 668 -5.42 40.00 -62.19
C4' OMG A 668 -5.35 39.83 -60.69
O4' OMG A 668 -6.31 40.71 -60.06
C3' OMG A 668 -5.73 38.45 -60.15
O3' OMG A 668 -4.65 37.54 -60.23
C2' OMG A 668 -6.16 38.76 -58.73
O2' OMG A 668 -5.02 38.91 -57.88
CM2 OMG A 668 -5.36 38.90 -56.51
C1' OMG A 668 -6.79 40.13 -58.87
N9 OMG A 668 -8.26 40.11 -58.93
C8 OMG A 668 -9.01 40.23 -60.01
N7 OMG A 668 -10.32 40.20 -59.71
C5 OMG A 668 -10.42 40.06 -58.39
C6 OMG A 668 -11.51 39.94 -57.41
O6 OMG A 668 -12.69 39.98 -57.77
N1 OMG A 668 -11.18 39.82 -56.13
C2 OMG A 668 -9.93 39.78 -55.72
N2 OMG A 668 -9.68 39.64 -54.41
N3 OMG A 668 -8.88 39.87 -56.55
C4 OMG A 668 -9.06 40.01 -57.88
P 5MC A 681 -22.20 2.89 -52.19
OP1 5MC A 681 -22.60 1.69 -52.99
OP2 5MC A 681 -21.93 2.76 -50.73
O5' 5MC A 681 -20.90 3.47 -52.89
C5' 5MC A 681 -20.84 3.64 -54.30
C4' 5MC A 681 -19.56 4.30 -54.72
O4' 5MC A 681 -19.47 5.62 -54.12
C3' 5MC A 681 -18.28 3.63 -54.25
O3' 5MC A 681 -17.93 2.48 -54.99
C2' 5MC A 681 -17.29 4.76 -54.35
O2' 5MC A 681 -16.97 5.02 -55.70
C1' 5MC A 681 -18.13 5.93 -53.84
N1 5MC A 681 -17.98 6.11 -52.39
C2 5MC A 681 -16.85 6.80 -51.91
O2 5MC A 681 -16.03 7.24 -52.72
N3 5MC A 681 -16.65 7.00 -50.60
C4 5MC A 681 -17.52 6.53 -49.71
N4 5MC A 681 -17.33 6.72 -48.39
C5 5MC A 681 -18.70 5.79 -50.18
C6 5MC A 681 -18.87 5.62 -51.54
CM5 5MC A 681 -19.71 5.26 -49.21
P 4AC A 691 -24.31 18.93 -65.63
OP1 4AC A 691 -25.68 18.46 -66.03
OP2 4AC A 691 -23.41 18.04 -64.85
O5' 4AC A 691 -23.58 19.37 -66.97
C5' 4AC A 691 -24.31 19.82 -68.09
C4' 4AC A 691 -23.42 20.17 -69.25
O4' 4AC A 691 -22.44 21.15 -68.84
C3' 4AC A 691 -22.58 19.05 -69.84
O3' 4AC A 691 -23.31 18.19 -70.69
C2' 4AC A 691 -21.48 19.81 -70.55
O2' 4AC A 691 -21.97 20.35 -71.76
C1' 4AC A 691 -21.25 20.97 -69.58
N1 4AC A 691 -20.14 20.68 -68.66
C2 4AC A 691 -18.82 20.88 -69.08
O2 4AC A 691 -18.55 21.31 -70.19
N3 4AC A 691 -17.79 20.61 -68.20
C4 4AC A 691 -18.08 20.18 -67.06
N4 4AC A 691 -17.09 19.91 -66.18
C5 4AC A 691 -19.44 19.94 -66.58
C6 4AC A 691 -20.42 20.20 -67.41
C7 4AC A 691 -17.21 19.42 -64.90
O7 4AC A 691 -18.21 19.13 -64.24
CM7 4AC A 691 -15.86 19.29 -64.29
P 4AC A 706 -16.59 -24.14 -72.54
OP1 4AC A 706 -15.84 -24.77 -73.67
OP2 4AC A 706 -17.63 -24.94 -71.80
O5' 4AC A 706 -15.50 -23.58 -71.53
C5' 4AC A 706 -14.19 -23.25 -71.98
C4' 4AC A 706 -13.30 -22.79 -70.85
O4' 4AC A 706 -14.01 -21.85 -70.03
C3' 4AC A 706 -12.86 -23.87 -69.88
O3' 4AC A 706 -11.74 -24.59 -70.33
C2' 4AC A 706 -12.58 -23.09 -68.59
O2' 4AC A 706 -11.24 -22.65 -68.56
C1' 4AC A 706 -13.46 -21.86 -68.74
N1 4AC A 706 -14.56 -21.81 -67.75
C2 4AC A 706 -14.28 -21.43 -66.43
O2 4AC A 706 -13.12 -21.19 -66.09
N3 4AC A 706 -15.28 -21.35 -65.50
C4 4AC A 706 -16.46 -21.62 -65.85
N4 4AC A 706 -17.45 -21.53 -64.90
C5 4AC A 706 -16.83 -22.00 -67.20
C6 4AC A 706 -15.87 -22.08 -68.10
C7 4AC A 706 -18.80 -21.76 -65.01
O7 4AC A 706 -19.45 -22.09 -65.98
CM7 4AC A 706 -19.47 -21.53 -63.69
P 4AC A 719 4.03 4.80 -56.08
OP1 4AC A 719 3.87 5.79 -57.20
OP2 4AC A 719 5.18 4.92 -55.13
O5' 4AC A 719 2.71 4.86 -55.20
C5' 4AC A 719 1.46 5.22 -55.76
C4' 4AC A 719 0.36 5.07 -54.76
O4' 4AC A 719 0.56 3.83 -54.04
C3' 4AC A 719 0.31 6.12 -53.65
O3' 4AC A 719 -0.33 7.30 -54.06
C2' 4AC A 719 -0.43 5.38 -52.55
O2' 4AC A 719 -1.81 5.35 -52.82
C1' 4AC A 719 0.11 3.97 -52.71
N1 4AC A 719 1.23 3.66 -51.79
C2 4AC A 719 0.98 3.48 -50.41
O2 4AC A 719 -0.15 3.60 -49.95
N3 4AC A 719 2.01 3.17 -49.55
C4 4AC A 719 3.19 3.04 -49.99
N4 4AC A 719 4.18 2.74 -49.09
C5 4AC A 719 3.52 3.21 -51.40
C6 4AC A 719 2.52 3.50 -52.23
C7 4AC A 719 5.53 2.54 -49.28
O7 4AC A 719 6.17 2.60 -50.32
CM7 4AC A 719 6.20 2.22 -47.99
P 4AC A 739 10.83 41.26 -31.43
OP1 4AC A 739 12.15 41.71 -30.88
OP2 4AC A 739 9.89 40.46 -30.57
O5' 4AC A 739 10.03 42.54 -31.95
C5' 4AC A 739 10.53 43.34 -32.99
C4' 4AC A 739 9.49 44.31 -33.51
O4' 4AC A 739 8.44 43.61 -34.20
C3' 4AC A 739 8.74 45.11 -32.45
O3' 4AC A 739 9.50 46.20 -31.94
C2' 4AC A 739 7.49 45.55 -33.20
O2' 4AC A 739 7.75 46.67 -34.02
C1' 4AC A 739 7.23 44.33 -34.10
N1 4AC A 739 6.17 43.46 -33.55
C2 4AC A 739 4.84 43.88 -33.67
O2 4AC A 739 4.58 44.93 -34.22
N3 4AC A 739 3.83 43.08 -33.17
C4 4AC A 739 4.12 41.98 -32.60
N4 4AC A 739 3.08 41.24 -32.11
C5 4AC A 739 5.48 41.50 -32.43
C6 4AC A 739 6.45 42.27 -32.91
C7 4AC A 739 3.07 40.04 -31.46
O7 4AC A 739 4.03 39.35 -31.15
CM7 4AC A 739 1.68 39.61 -31.12
N1 OMC A 761 1.44 26.01 -58.28
C2 OMC A 761 2.79 26.21 -58.57
N3 OMC A 761 3.69 26.20 -57.58
C4 OMC A 761 3.30 26.02 -56.31
C5 OMC A 761 1.98 25.83 -56.02
C6 OMC A 761 1.04 25.83 -57.03
O2 OMC A 761 3.18 26.39 -59.73
N4 OMC A 761 4.22 26.01 -55.33
C1' OMC A 761 0.41 26.04 -59.35
C2' OMC A 761 0.52 24.87 -60.31
O2' OMC A 761 0.04 25.30 -61.57
CM2 OMC A 761 1.08 25.63 -62.48
C3' OMC A 761 -0.45 23.88 -59.70
C4' OMC A 761 -1.57 24.80 -59.25
O4' OMC A 761 -0.86 25.96 -58.75
O3' OMC A 761 -0.89 22.88 -60.58
C5' OMC A 761 -2.47 24.27 -58.17
O5' OMC A 761 -1.77 23.98 -56.97
P OMC A 761 -2.54 23.42 -55.70
OP1 OMC A 761 -3.60 22.50 -56.22
OP2 OMC A 761 -1.53 22.88 -54.73
N1 OMU A 762 4.81 23.01 -60.65
C2 OMU A 762 6.12 23.23 -60.22
N3 OMU A 762 6.42 23.29 -58.93
C4 OMU A 762 5.47 23.13 -58.02
C5 OMU A 762 4.16 22.90 -58.41
C6 OMU A 762 3.85 22.85 -59.75
O2 OMU A 762 7.02 23.38 -61.06
O4 OMU A 762 5.76 23.17 -56.82
C1' OMU A 762 4.51 22.96 -62.10
C2' OMU A 762 4.95 21.63 -62.72
O2' OMU A 762 5.31 21.89 -64.06
CM2 OMU A 762 6.71 21.80 -64.27
C3' OMU A 762 3.65 20.84 -62.66
C4' OMU A 762 2.63 21.91 -62.98
O3' OMU A 762 3.61 19.73 -63.52
O4' OMU A 762 3.12 23.07 -62.28
C5' OMU A 762 1.21 21.62 -62.56
O5' OMU A 762 1.10 21.44 -61.16
P OMU A 762 -0.32 21.38 -60.46
OP1 OMU A 762 -1.22 20.51 -61.29
OP2 OMU A 762 -0.10 21.03 -59.02
N1 OMU A 775 -12.29 -3.90 -32.88
C2 OMU A 775 -13.15 -4.62 -32.03
N3 OMU A 775 -14.10 -4.02 -31.35
C4 OMU A 775 -14.25 -2.70 -31.43
C5 OMU A 775 -13.43 -1.95 -32.25
C6 OMU A 775 -12.43 -2.58 -32.97
O2 OMU A 775 -13.02 -5.84 -31.93
O4 OMU A 775 -15.16 -2.15 -30.77
C1' OMU A 775 -11.26 -4.63 -33.60
C2' OMU A 775 -11.01 -4.19 -35.02
O2' OMU A 775 -11.98 -4.70 -35.89
CM2 OMU A 775 -11.84 -4.17 -37.20
C3' OMU A 775 -9.61 -4.77 -35.25
C4' OMU A 775 -8.95 -4.53 -33.90
O3' OMU A 775 -9.76 -6.16 -35.48
O4' OMU A 775 -10.03 -4.45 -32.93
C5' OMU A 775 -8.08 -3.31 -33.79
O5' OMU A 775 -8.81 -2.11 -34.02
P OMU A 775 -8.09 -0.76 -34.41
OP1 OMU A 775 -6.76 -1.09 -35.04
OP2 OMU A 775 -9.08 0.04 -35.19
P 4AC A 816 -28.91 0.49 -29.85
OP1 4AC A 816 -28.64 1.27 -28.61
OP2 4AC A 816 -27.83 -0.39 -30.42
O5' 4AC A 816 -30.20 -0.40 -29.62
C5' 4AC A 816 -31.32 0.10 -28.93
C4' 4AC A 816 -32.48 -0.88 -28.91
O4' 4AC A 816 -32.83 -1.26 -30.26
C3' 4AC A 816 -32.22 -2.21 -28.23
O3' 4AC A 816 -32.24 -2.14 -26.82
C2' 4AC A 816 -33.34 -3.06 -28.80
O2' 4AC A 816 -34.56 -2.74 -28.17
C1' 4AC A 816 -33.39 -2.55 -30.23
N1 4AC A 816 -32.65 -3.42 -31.17
C2 4AC A 816 -33.27 -4.62 -31.60
O2 4AC A 816 -34.39 -4.91 -31.23
N3 4AC A 816 -32.62 -5.45 -32.48
C4 4AC A 816 -31.45 -5.15 -32.87
N4 4AC A 816 -30.83 -6.02 -33.74
C5 4AC A 816 -30.75 -3.96 -32.46
C6 4AC A 816 -31.38 -3.13 -31.62
C7 4AC A 816 -29.58 -5.94 -34.31
O7 4AC A 816 -28.74 -5.07 -34.18
CM7 4AC A 816 -29.33 -7.12 -35.19
N1 OMU A 818 -31.80 -13.79 -28.46
C2 OMU A 818 -31.12 -14.73 -29.27
N3 OMU A 818 -30.06 -14.38 -29.98
C4 OMU A 818 -29.62 -13.12 -29.93
C5 OMU A 818 -30.27 -12.18 -29.16
C6 OMU A 818 -31.37 -12.54 -28.43
O2 OMU A 818 -31.50 -15.91 -29.33
O4 OMU A 818 -28.63 -12.80 -30.60
C1' OMU A 818 -33.00 -14.18 -27.68
C2' OMU A 818 -32.70 -15.21 -26.60
O2' OMU A 818 -33.84 -16.04 -26.48
CM2 OMU A 818 -33.75 -17.18 -27.32
C3' OMU A 818 -32.56 -14.32 -25.37
C4' OMU A 818 -33.63 -13.28 -25.62
O3' OMU A 818 -32.72 -15.02 -24.16
O4' OMU A 818 -33.53 -13.03 -27.04
C5' OMU A 818 -33.53 -11.99 -24.86
O5' OMU A 818 -32.41 -11.21 -25.27
P OMU A 818 -32.07 -9.85 -24.52
OP1 OMU A 818 -32.63 -9.98 -23.15
OP2 OMU A 818 -30.62 -9.54 -24.69
P 4AC A 827 -22.53 -2.47 -27.52
OP1 4AC A 827 -22.26 -1.40 -28.52
OP2 4AC A 827 -23.94 -2.70 -27.06
O5' 4AC A 827 -22.02 -3.86 -28.10
C5' 4AC A 827 -20.74 -3.99 -28.69
C4' 4AC A 827 -20.46 -5.42 -29.07
O4' 4AC A 827 -20.42 -6.23 -27.87
C3' 4AC A 827 -21.51 -6.11 -29.92
O3' 4AC A 827 -21.44 -5.78 -31.28
C2' 4AC A 827 -21.22 -7.57 -29.65
O2' 4AC A 827 -20.08 -7.99 -30.37
C1' 4AC A 827 -20.85 -7.53 -28.17
N1 4AC A 827 -21.97 -7.90 -27.28
C2 4AC A 827 -22.19 -9.25 -27.02
O2 4AC A 827 -21.49 -10.10 -27.54
N3 4AC A 827 -23.21 -9.65 -26.18
C4 4AC A 827 -23.94 -8.76 -25.63
N4 4AC A 827 -24.94 -9.19 -24.80
C5 4AC A 827 -23.77 -7.33 -25.86
C6 4AC A 827 -22.78 -6.96 -26.67
C7 4AC A 827 -25.87 -8.48 -24.08
O7 4AC A 827 -26.04 -7.27 -24.03
CM7 4AC A 827 -26.77 -9.41 -23.31
N1 OMC A 834 -18.75 -21.42 -32.84
C2 OMC A 834 -18.83 -21.54 -34.23
N3 OMC A 834 -18.42 -20.57 -35.03
C4 OMC A 834 -17.92 -19.44 -34.52
C5 OMC A 834 -17.84 -19.29 -33.15
C6 OMC A 834 -18.27 -20.30 -32.32
O2 OMC A 834 -19.28 -22.59 -34.72
N4 OMC A 834 -17.52 -18.46 -35.34
C1' OMC A 834 -19.22 -22.53 -31.98
C2' OMC A 834 -18.20 -23.66 -31.90
O2' OMC A 834 -18.91 -24.85 -31.63
CM2 OMC A 834 -19.01 -25.70 -32.77
C3' OMC A 834 -17.40 -23.23 -30.69
C4' OMC A 834 -18.50 -22.71 -29.76
O4' OMC A 834 -19.41 -22.04 -30.68
O3' OMC A 834 -16.62 -24.26 -30.12
C5' OMC A 834 -18.08 -21.76 -28.67
O5' OMC A 834 -17.40 -20.63 -29.16
P OMC A 834 -17.01 -19.41 -28.22
OP1 OMC A 834 -16.71 -19.95 -26.85
OP2 OMC A 834 -16.00 -18.57 -28.91
P 4AC A 836 -11.45 -26.85 -35.04
OP1 4AC A 836 -10.86 -28.19 -34.70
OP2 4AC A 836 -10.99 -25.64 -34.28
O5' 4AC A 836 -11.21 -26.60 -36.59
C5' 4AC A 836 -11.53 -27.61 -37.53
C4' 4AC A 836 -11.39 -27.12 -38.95
O4' 4AC A 836 -12.33 -26.04 -39.21
C3' 4AC A 836 -10.06 -26.49 -39.31
O3' 4AC A 836 -9.02 -27.45 -39.50
C2' 4AC A 836 -10.41 -25.71 -40.56
O2' 4AC A 836 -10.52 -26.58 -41.67
C1' 4AC A 836 -11.81 -25.20 -40.21
N1 4AC A 836 -11.74 -23.81 -39.71
C2 4AC A 836 -11.66 -22.77 -40.65
O2 4AC A 836 -11.69 -22.99 -41.84
N3 4AC A 836 -11.55 -21.46 -40.22
C4 4AC A 836 -11.51 -21.22 -38.97
N4 4AC A 836 -11.40 -19.91 -38.57
C5 4AC A 836 -11.57 -22.26 -37.95
C6 4AC A 836 -11.68 -23.51 -38.36
C7 4AC A 836 -11.34 -19.38 -37.31
O7 4AC A 836 -11.36 -19.96 -36.25
CM7 4AC A 836 -11.22 -17.89 -37.34
P 4AC A 839 2.10 -19.58 -41.20
OP1 4AC A 839 3.46 -20.08 -41.57
OP2 4AC A 839 1.47 -20.06 -39.93
O5' 4AC A 839 2.17 -18.00 -41.13
C5' 4AC A 839 2.86 -17.26 -42.11
C4' 4AC A 839 2.46 -15.81 -42.09
O4' 4AC A 839 1.02 -15.68 -41.98
C3' 4AC A 839 2.95 -14.99 -40.92
O3' 4AC A 839 4.32 -14.66 -41.00
C2' 4AC A 839 2.02 -13.80 -40.96
O2' 4AC A 839 2.39 -12.91 -41.99
C1' 4AC A 839 0.71 -14.47 -41.36
N1 4AC A 839 -0.14 -14.72 -40.17
C2 4AC A 839 -0.72 -13.60 -39.54
O2 4AC A 839 -0.57 -12.47 -39.99
N3 4AC A 839 -1.50 -13.77 -38.43
C4 4AC A 839 -1.67 -14.95 -37.96
N4 4AC A 839 -2.45 -15.05 -36.86
C5 4AC A 839 -1.07 -16.14 -38.56
C6 4AC A 839 -0.33 -15.97 -39.63
C7 4AC A 839 -2.80 -16.16 -36.14
O7 4AC A 839 -2.49 -17.33 -36.35
CM7 4AC A 839 -3.69 -15.81 -34.98
P 4AC A 856 22.76 2.30 -47.92
OP1 4AC A 856 22.82 1.92 -49.37
OP2 4AC A 856 23.90 3.06 -47.29
O5' 4AC A 856 21.44 3.15 -47.70
C5' 4AC A 856 20.26 2.86 -48.44
C4' 4AC A 856 19.08 3.66 -47.95
O4' 4AC A 856 18.96 3.55 -46.51
C3' 4AC A 856 19.12 5.15 -48.18
O3' 4AC A 856 18.86 5.54 -49.52
C2' 4AC A 856 18.06 5.63 -47.20
O2' 4AC A 856 16.77 5.34 -47.69
C1' 4AC A 856 18.33 4.72 -46.01
N1 4AC A 856 19.20 5.37 -45.01
C2 4AC A 856 18.63 6.41 -44.25
O2 4AC A 856 17.46 6.74 -44.40
N3 4AC A 856 19.38 7.08 -43.31
C4 4AC A 856 20.60 6.74 -43.14
N4 4AC A 856 21.30 7.44 -42.20
C5 4AC A 856 21.25 5.68 -43.90
C6 4AC A 856 20.52 5.04 -44.81
C7 4AC A 856 22.61 7.32 -41.80
O7 4AC A 856 23.45 6.54 -42.20
CM7 4AC A 856 22.91 8.32 -40.72
P OMG A 861 16.01 16.21 -36.38
OP1 OMG A 861 16.04 16.73 -34.98
OP2 OMG A 861 17.12 15.33 -36.85
O5' OMG A 861 14.62 15.46 -36.58
C5' OMG A 861 14.52 14.05 -36.53
C4' OMG A 861 13.86 13.51 -37.77
O4' OMG A 861 14.68 13.85 -38.92
C3' OMG A 861 13.71 12.00 -37.86
O3' OMG A 861 12.57 11.52 -37.16
C2' OMG A 861 13.64 11.79 -39.36
O2' OMG A 861 12.39 12.21 -39.86
CM2 OMG A 861 11.98 11.44 -40.98
C1' OMG A 861 14.68 12.78 -39.83
N9 OMG A 861 16.02 12.21 -39.83
C8 OMG A 861 17.01 12.61 -39.03
N7 OMG A 861 18.13 11.90 -39.25
C5 OMG A 861 17.86 11.02 -40.22
C6 OMG A 861 18.59 9.97 -40.92
O6 OMG A 861 19.78 9.74 -40.64
N1 OMG A 861 17.98 9.27 -41.85
C2 OMG A 861 16.71 9.50 -42.17
N2 OMG A 861 16.14 8.76 -43.13
N3 OMG A 861 15.96 10.45 -41.57
C4 OMG A 861 16.48 11.24 -40.60
P 5MC A 863 10.17 4.86 -37.50
OP1 5MC A 863 8.75 4.40 -37.45
OP2 5MC A 863 10.86 5.34 -36.26
O5' 5MC A 863 11.00 3.65 -38.12
C5' 5MC A 863 10.40 2.77 -39.06
C4' 5MC A 863 11.38 1.73 -39.54
O4' 5MC A 863 12.54 2.38 -40.08
C3' 5MC A 863 11.95 0.82 -38.48
O3' 5MC A 863 11.09 -0.24 -38.12
C2' 5MC A 863 13.24 0.33 -39.12
O2' 5MC A 863 12.95 -0.67 -40.08
C1' 5MC A 863 13.69 1.59 -39.85
N1 5MC A 863 14.66 2.37 -39.07
C2 5MC A 863 15.98 1.95 -39.01
O2 5MC A 863 16.31 0.91 -39.60
N3 5MC A 863 16.91 2.61 -38.32
C4 5MC A 863 16.58 3.72 -37.66
N4 5MC A 863 17.52 4.40 -36.97
C5 5MC A 863 15.20 4.19 -37.72
C6 5MC A 863 14.27 3.47 -38.44
CM5 5MC A 863 14.79 5.44 -36.98
P OMG A 901 -31.62 56.45 12.11
OP1 OMG A 901 -31.85 57.73 12.81
OP2 OMG A 901 -30.88 56.43 10.82
O5' OMG A 901 -30.85 55.51 13.13
C5' OMG A 901 -31.12 55.58 14.52
C4' OMG A 901 -30.43 54.46 15.27
O4' OMG A 901 -30.64 53.20 14.59
C3' OMG A 901 -28.93 54.55 15.38
O3' OMG A 901 -28.47 55.49 16.32
C2' OMG A 901 -28.57 53.11 15.72
O2' OMG A 901 -28.94 52.80 17.05
CM2 OMG A 901 -27.88 52.29 17.83
C1' OMG A 901 -29.52 52.37 14.80
N9 OMG A 901 -28.87 52.08 13.52
C8 OMG A 901 -28.97 52.74 12.36
N7 OMG A 901 -28.20 52.18 11.41
C5 OMG A 901 -27.59 51.13 11.96
C6 OMG A 901 -26.63 50.09 11.53
O6 OMG A 901 -26.19 50.05 10.38
N1 OMG A 901 -26.24 49.18 12.41
C2 OMG A 901 -26.69 49.18 13.67
N2 OMG A 901 -26.25 48.23 14.51
N3 OMG A 901 -27.56 50.10 14.12
C4 OMG A 901 -28.03 51.07 13.34
P OMG A 922 0.92 29.92 34.45
OP1 OMG A 922 2.04 29.28 33.69
OP2 OMG A 922 0.40 31.25 34.02
O5' OMG A 922 -0.31 28.91 34.49
C5' OMG A 922 -0.36 27.78 33.66
C4' OMG A 922 -1.55 26.91 33.98
O4' OMG A 922 -2.31 27.49 35.06
C3' OMG A 922 -2.57 26.74 32.87
O3' OMG A 922 -2.18 25.84 31.86
C2' OMG A 922 -3.79 26.31 33.65
O2' OMG A 922 -3.66 24.98 34.10
CM2 OMG A 922 -4.86 24.23 33.94
C1' OMG A 922 -3.69 27.22 34.87
N9 OMG A 922 -4.39 28.49 34.64
C8 OMG A 922 -3.85 29.71 34.65
N7 OMG A 922 -4.77 30.66 34.41
C5 OMG A 922 -5.94 30.03 34.24
C6 OMG A 922 -7.33 30.44 33.94
O6 OMG A 922 -7.63 31.64 33.79
N1 OMG A 922 -8.25 29.50 33.83
C2 OMG A 922 -7.96 28.21 33.98
N2 OMG A 922 -8.95 27.31 33.85
N3 OMG A 922 -6.72 27.77 34.25
C4 OMG A 922 -5.69 28.62 34.39
N1 B8H A 926 -11.12 28.22 11.61
C2 B8H A 926 -11.87 27.96 10.48
C4 B8H A 926 -12.89 30.12 10.77
C1' B8H A 926 -12.18 31.62 12.66
C2' B8H A 926 -13.32 31.95 13.61
C3' B8H A 926 -12.68 31.74 14.97
C4' B8H A 926 -11.24 32.16 14.74
C5 B8H A 926 -12.11 30.34 11.89
C5' B8H A 926 -10.20 31.46 15.60
C6 B8H A 926 -11.24 29.39 12.29
CN1 B8H A 926 -10.18 27.20 12.05
N3 B8H A 926 -12.76 28.92 10.07
O2 B8H A 926 -11.74 26.91 9.89
O2' B8H A 926 -13.65 33.32 13.43
O3' B8H A 926 -13.30 32.50 15.99
O4 B8H A 926 -13.70 30.95 10.34
O4' B8H A 926 -10.98 31.84 13.35
O5' B8H A 926 -10.16 30.07 15.31
OP1 B8H A 926 -9.41 27.82 16.08
OP2 B8H A 926 -7.85 29.33 14.64
P B8H A 926 -8.90 29.19 15.70
P 4AC A 945 5.91 27.88 42.87
OP1 4AC A 945 7.09 27.36 42.11
OP2 4AC A 945 5.27 27.01 43.91
O5' 4AC A 945 6.37 29.23 43.56
C5' 4AC A 945 7.27 30.10 42.91
C4' 4AC A 945 7.48 31.38 43.69
O4' 4AC A 945 6.21 31.99 43.99
C3' 4AC A 945 8.11 31.22 45.05
O3' 4AC A 945 9.51 31.02 45.00
C2' 4AC A 945 7.72 32.53 45.73
O2' 4AC A 945 8.54 33.59 45.28
C1' 4AC A 945 6.31 32.73 45.18
N1 4AC A 945 5.27 32.27 46.13
C2 4AC A 945 5.03 33.06 47.27
O2 4AC A 945 5.64 34.09 47.45
N3 4AC A 945 4.07 32.68 48.18
C4 4AC A 945 3.43 31.59 47.99
N4 4AC A 945 2.49 31.22 48.91
C5 4AC A 945 3.65 30.73 46.83
C6 4AC A 945 4.57 31.10 45.95
C7 4AC A 945 1.67 30.11 48.93
O7 4AC A 945 1.60 29.18 48.12
CM7 4AC A 945 0.79 30.12 50.15
P 5MC A 1013 -26.41 17.84 28.53
OP1 5MC A 1013 -27.69 18.57 28.79
OP2 5MC A 1013 -26.44 16.65 27.64
O5' 5MC A 1013 -25.34 18.87 27.96
C5' 5MC A 1013 -25.28 20.21 28.43
C4' 5MC A 1013 -24.07 20.93 27.91
O4' 5MC A 1013 -22.90 20.10 28.05
C3' 5MC A 1013 -24.07 21.27 26.43
O3' 5MC A 1013 -24.86 22.40 26.10
C2' 5MC A 1013 -22.60 21.47 26.14
O2' 5MC A 1013 -22.17 22.73 26.60
C1' 5MC A 1013 -21.97 20.41 27.04
N1 5MC A 1013 -21.67 19.18 26.28
C2 5MC A 1013 -20.53 19.15 25.45
O2 5MC A 1013 -19.79 20.14 25.41
N3 5MC A 1013 -20.21 18.08 24.73
C4 5MC A 1013 -20.99 17.00 24.78
N4 5MC A 1013 -20.69 15.92 24.05
C5 5MC A 1013 -22.19 17.01 25.61
C6 5MC A 1013 -22.48 18.14 26.35
CM5 5MC A 1013 -23.08 15.81 25.67
P 4AC A 1016 -24.18 25.27 13.73
OP1 4AC A 1016 -24.13 26.44 12.81
OP2 4AC A 1016 -25.38 25.06 14.60
O5' 4AC A 1016 -23.95 23.97 12.85
C5' 4AC A 1016 -23.02 23.97 11.79
C4' 4AC A 1016 -22.91 22.62 11.14
O4' 4AC A 1016 -22.44 21.65 12.10
C3' 4AC A 1016 -24.21 22.02 10.64
O3' 4AC A 1016 -24.59 22.55 9.39
C2' 4AC A 1016 -23.90 20.53 10.59
O2' 4AC A 1016 -23.19 20.21 9.41
C1' 4AC A 1016 -22.94 20.37 11.78
N1 4AC A 1016 -23.60 19.79 12.97
C2 4AC A 1016 -23.51 18.41 13.16
O2 4AC A 1016 -22.89 17.74 12.35
N3 4AC A 1016 -24.11 17.81 14.24
C4 4AC A 1016 -24.76 18.53 15.07
N4 4AC A 1016 -25.35 17.93 16.14
C5 4AC A 1016 -24.89 19.98 14.92
C6 4AC A 1016 -24.31 20.55 13.88
C7 4AC A 1016 -26.10 18.45 17.17
O7 4AC A 1016 -26.42 19.61 17.37
CM7 4AC A 1016 -26.53 17.37 18.11
N1 OMC A 1024 -36.00 -1.53 7.92
C2 OMC A 1024 -37.31 -1.56 7.45
N3 OMC A 1024 -37.65 -0.92 6.32
C4 OMC A 1024 -36.73 -0.24 5.63
C5 OMC A 1024 -35.43 -0.19 6.07
C6 OMC A 1024 -35.09 -0.85 7.24
O2 OMC A 1024 -38.18 -2.18 8.07
N4 OMC A 1024 -37.07 0.40 4.50
C1' OMC A 1024 -35.60 -2.20 9.17
C2' OMC A 1024 -35.61 -3.72 9.10
O2' OMC A 1024 -36.00 -4.20 10.37
CM2 OMC A 1024 -37.36 -4.59 10.42
C3' OMC A 1024 -34.15 -4.03 8.84
C4' OMC A 1024 -33.45 -2.95 9.64
O4' OMC A 1024 -34.29 -1.80 9.50
O3' OMC A 1024 -33.78 -5.34 9.24
C5' OMC A 1024 -32.05 -2.61 9.19
O5' OMC A 1024 -32.06 -2.05 7.90
P OMC A 1024 -30.82 -1.20 7.37
OP1 OMC A 1024 -29.60 -2.03 7.56
OP2 OMC A 1024 -31.16 -0.70 6.00
N1 OMC A 1028 -35.98 -8.40 -5.49
C2 OMC A 1028 -35.23 -7.24 -5.24
N3 OMC A 1028 -34.33 -7.23 -4.24
C4 OMC A 1028 -34.17 -8.30 -3.47
C5 OMC A 1028 -34.89 -9.44 -3.71
C6 OMC A 1028 -35.81 -9.46 -4.73
O2 OMC A 1028 -35.38 -6.24 -5.94
N4 OMC A 1028 -33.28 -8.28 -2.47
C1' OMC A 1028 -36.95 -8.41 -6.60
C2' OMC A 1028 -36.29 -8.59 -7.96
O2' OMC A 1028 -37.06 -7.92 -8.92
CM2 OMC A 1028 -36.41 -6.75 -9.39
C3' OMC A 1028 -36.41 -10.09 -8.15
C4' OMC A 1028 -37.79 -10.35 -7.57
O4' OMC A 1028 -37.84 -9.48 -6.42
O3' OMC A 1028 -36.26 -10.53 -9.48
C5' OMC A 1028 -38.08 -11.76 -7.15
O5' OMC A 1028 -37.33 -12.11 -6.00
P OMC A 1028 -37.82 -13.28 -5.05
OP1 OMC A 1028 -38.28 -14.38 -5.95
OP2 OMC A 1028 -36.77 -13.54 -4.03
C4 LHH A 1029 -30.79 -7.77 -5.97
C5 LHH A 1029 -31.78 -8.51 -6.58
C6 LHH A 1029 -32.24 -8.11 -7.84
N1 LHH A 1029 -31.71 -7.05 -8.38
C7 LHH A 1029 -30.61 -9.22 -3.77
N3 LHH A 1029 -30.30 -6.72 -6.59
N4 LHH A 1029 -30.22 -8.08 -4.63
C1 LHH A 1029 -30.12 -4.90 -11.66
C2 LHH A 1029 -30.75 -6.37 -7.76
C1' LHH A 1029 -32.13 -6.58 -9.71
C2' LHH A 1029 -31.10 -6.93 -10.77
C3' LHH A 1029 -31.65 -8.23 -11.31
C4' LHH A 1029 -33.14 -7.96 -11.30
C5' LHH A 1029 -34.04 -9.17 -11.35
CM7 LHH A 1029 -29.91 -9.40 -2.42
O2 LHH A 1029 -30.31 -5.44 -8.27
O2' LHH A 1029 -31.15 -5.92 -11.77
O3' LHH A 1029 -31.15 -8.58 -12.58
O4' LHH A 1029 -33.33 -7.24 -10.07
O5' LHH A 1029 -33.90 -9.99 -10.21
O7 LHH A 1029 -31.45 -9.99 -4.10
OP1 LHH A 1029 -35.13 -11.86 -11.29
OP2 LHH A 1029 -34.35 -12.04 -8.83
P LHH A 1029 -34.89 -11.20 -9.96
P OMG A 1057 -49.19 -0.99 0.42
OP1 OMG A 1057 -50.65 -0.74 0.19
OP2 OMG A 1057 -48.22 0.15 0.39
O5' OMG A 1057 -49.01 -1.72 1.81
C5' OMG A 1057 -48.49 -1.02 2.93
C4' OMG A 1057 -47.72 -1.94 3.84
O4' OMG A 1057 -46.48 -2.33 3.19
C3' OMG A 1057 -47.27 -1.33 5.14
O3' OMG A 1057 -48.30 -1.29 6.10
C2' OMG A 1057 -46.11 -2.22 5.53
O2' OMG A 1057 -46.58 -3.45 6.07
CM2 OMG A 1057 -45.76 -3.85 7.15
C1' OMG A 1057 -45.49 -2.52 4.17
N9 OMG A 1057 -44.35 -1.64 3.87
C8 OMG A 1057 -44.32 -0.69 2.94
N7 OMG A 1057 -43.13 -0.07 2.93
C5 OMG A 1057 -42.37 -0.63 3.87
C6 OMG A 1057 -41.01 -0.44 4.39
O6 OMG A 1057 -40.26 0.42 3.90
N1 OMG A 1057 -40.60 -1.21 5.39
C2 OMG A 1057 -41.38 -2.14 5.92
N2 OMG A 1057 -40.89 -2.88 6.92
N3 OMG A 1057 -42.64 -2.37 5.49
C4 OMG A 1057 -43.18 -1.66 4.50
P 4AC A 1135 -50.95 31.42 0.13
OP1 4AC A 1135 -49.71 32.23 0.33
OP2 4AC A 1135 -51.76 30.97 1.33
O5' 4AC A 1135 -51.89 32.22 -0.84
C5' 4AC A 1135 -51.35 33.04 -1.86
C4' 4AC A 1135 -52.42 33.69 -2.70
O4' 4AC A 1135 -53.30 32.69 -3.28
C3' 4AC A 1135 -53.39 34.60 -1.97
O3' 4AC A 1135 -52.83 35.87 -1.65
C2' 4AC A 1135 -54.55 34.67 -2.95
O2' 4AC A 1135 -54.21 35.51 -4.05
C1' 4AC A 1135 -54.59 33.24 -3.46
N1 4AC A 1135 -55.58 32.43 -2.72
C2 4AC A 1135 -56.92 32.48 -3.15
O2 4AC A 1135 -57.23 33.16 -4.11
N3 4AC A 1135 -57.87 31.73 -2.48
C4 4AC A 1135 -57.53 31.02 -1.48
N4 4AC A 1135 -58.49 30.29 -0.83
C5 4AC A 1135 -56.15 30.95 -1.00
C6 4AC A 1135 -55.24 31.66 -1.64
C7 4AC A 1135 -58.35 29.45 0.26
O7 4AC A 1135 -57.35 29.18 0.91
CM7 4AC A 1135 -59.68 28.85 0.65
N1 OMU A 1165 -17.81 14.98 39.57
C2 OMU A 1165 -18.64 14.22 38.72
N3 OMU A 1165 -18.37 14.13 37.43
C4 OMU A 1165 -17.32 14.75 36.91
C5 OMU A 1165 -16.50 15.51 37.71
C6 OMU A 1165 -16.77 15.62 39.06
O2 OMU A 1165 -19.62 13.62 39.18
O4 OMU A 1165 -17.09 14.65 35.70
C1' OMU A 1165 -18.12 15.08 41.01
C2' OMU A 1165 -17.82 13.78 41.74
O2' OMU A 1165 -18.74 13.64 42.80
CM2 OMU A 1165 -19.61 12.55 42.54
C3' OMU A 1165 -16.42 14.07 42.28
C4' OMU A 1165 -16.52 15.54 42.65
O3' OMU A 1165 -16.06 13.24 43.37
O4' OMU A 1165 -17.33 16.09 41.58
C5' OMU A 1165 -15.21 16.29 42.74
O5' OMU A 1165 -14.69 16.62 41.47
P OMU A 1165 -13.54 17.70 41.30
OP1 OMU A 1165 -12.67 17.68 42.52
OP2 OMU A 1165 -12.93 17.50 39.95
P 4AC A 1172 8.15 8.51 41.97
OP1 4AC A 1172 9.64 8.64 41.79
OP2 4AC A 1172 7.53 7.17 42.23
O5' 4AC A 1172 7.72 9.53 43.11
C5' 4AC A 1172 8.05 10.90 42.98
C4' 4AC A 1172 7.22 11.76 43.90
O4' 4AC A 1172 5.83 11.71 43.52
C3' 4AC A 1172 7.19 11.32 45.36
O3' 4AC A 1172 8.37 11.65 46.06
C2' 4AC A 1172 5.95 12.03 45.87
O2' 4AC A 1172 6.24 13.38 46.14
C1' 4AC A 1172 5.04 11.97 44.66
N1 4AC A 1172 4.00 10.92 44.77
C2 4AC A 1172 2.92 11.15 45.65
O2 4AC A 1172 2.85 12.17 46.30
N3 4AC A 1172 1.94 10.19 45.77
C4 4AC A 1172 2.02 9.12 45.08
N4 4AC A 1172 1.04 8.17 45.21
C5 4AC A 1172 3.13 8.84 44.16
C6 4AC A 1172 4.07 9.76 44.04
C7 4AC A 1172 0.95 6.95 44.57
O7 4AC A 1172 1.71 6.46 43.75
CM7 4AC A 1172 -0.30 6.20 44.98
P 5MC A 1190 2.66 52.90 25.53
OP1 5MC A 1190 2.05 54.12 24.93
OP2 5MC A 1190 2.19 52.44 26.88
O5' 5MC A 1190 2.46 51.70 24.50
C5' 5MC A 1190 2.70 51.89 23.12
C4' 5MC A 1190 2.98 50.57 22.45
O4' 5MC A 1190 3.57 49.67 23.42
C3' 5MC A 1190 1.79 49.81 21.92
O3' 5MC A 1190 1.33 50.28 20.66
C2' 5MC A 1190 2.31 48.38 21.88
O2' 5MC A 1190 3.14 48.19 20.74
C1' 5MC A 1190 3.20 48.34 23.12
N1 5MC A 1190 2.47 47.79 24.29
C2 5MC A 1190 2.11 46.43 24.31
O2 5MC A 1190 2.41 45.70 23.36
N3 5MC A 1190 1.44 45.90 25.33
C4 5MC A 1190 1.09 46.64 26.39
N4 5MC A 1190 0.41 46.12 27.42
C5 5MC A 1190 1.47 48.07 26.39
C6 5MC A 1190 2.15 48.58 25.30
CM5 5MC A 1190 1.09 48.94 27.55
P 4AC A 1221 -31.13 43.49 55.51
OP1 4AC A 1221 -30.41 44.00 54.29
OP2 4AC A 1221 -30.76 44.05 56.85
O5' 4AC A 1221 -32.68 43.71 55.25
C5' 4AC A 1221 -33.24 43.46 53.97
C4' 4AC A 1221 -34.69 43.86 53.91
O4' 4AC A 1221 -35.45 43.04 54.82
C3' 4AC A 1221 -35.00 45.27 54.35
O3' 4AC A 1221 -34.74 46.23 53.34
C2' 4AC A 1221 -36.47 45.19 54.73
O2' 4AC A 1221 -37.28 45.23 53.58
C1' 4AC A 1221 -36.54 43.77 55.31
N1 4AC A 1221 -36.49 43.77 56.78
C2 4AC A 1221 -37.66 44.09 57.53
O2 4AC A 1221 -38.70 44.35 56.96
N3 4AC A 1221 -37.61 44.08 58.90
C4 4AC A 1221 -36.51 43.80 59.49
N4 4AC A 1221 -36.48 43.80 60.85
C5 4AC A 1221 -35.28 43.47 58.77
C6 4AC A 1221 -35.32 43.47 57.45
C7 4AC A 1221 -35.43 43.52 61.71
O7 4AC A 1221 -34.27 43.22 61.44
CM7 4AC A 1221 -35.88 43.65 63.14
P 4AC A 1227 -34.01 67.07 66.23
OP1 4AC A 1227 -33.97 68.37 66.98
OP2 4AC A 1227 -34.66 67.04 64.87
O5' 4AC A 1227 -32.52 66.55 66.09
C5' 4AC A 1227 -31.62 66.64 67.17
C4' 4AC A 1227 -30.28 66.04 66.85
O4' 4AC A 1227 -30.43 64.65 66.45
C3' 4AC A 1227 -29.53 66.64 65.68
O3' 4AC A 1227 -28.93 67.88 65.98
C2' 4AC A 1227 -28.53 65.55 65.35
O2' 4AC A 1227 -27.47 65.55 66.30
C1' 4AC A 1227 -29.37 64.30 65.60
N1 4AC A 1227 -29.91 63.73 64.34
C2 4AC A 1227 -29.01 63.10 63.47
O2 4AC A 1227 -27.82 63.03 63.73
N3 4AC A 1227 -29.46 62.55 62.29
C4 4AC A 1227 -30.71 62.61 62.01
N4 4AC A 1227 -31.14 62.07 60.82
C5 4AC A 1227 -31.68 63.26 62.89
C6 4AC A 1227 -31.24 63.79 64.02
C7 4AC A 1227 -32.42 62.00 60.30
O7 4AC A 1227 -33.46 62.44 60.77
CM7 4AC A 1227 -32.43 61.30 58.97
P 5MC A 1362 -10.12 24.59 -0.14
OP1 5MC A 1362 -11.35 24.52 0.69
OP2 5MC A 1362 -9.75 25.88 -0.81
O5' 5MC A 1362 -8.86 24.19 0.73
C5' 5MC A 1362 -7.56 24.10 0.16
C4' 5MC A 1362 -6.54 23.67 1.18
O4' 5MC A 1362 -6.71 24.49 2.36
C3' 5MC A 1362 -6.66 22.23 1.65
O3' 5MC A 1362 -5.37 21.74 1.99
C2' 5MC A 1362 -7.48 22.36 2.91
O2' 5MC A 1362 -7.32 21.31 3.83
C1' 5MC A 1362 -6.96 23.67 3.48
N1 5MC A 1362 -7.92 24.36 4.36
C2 5MC A 1362 -7.63 24.51 5.71
O2 5MC A 1362 -6.56 24.04 6.16
N3 5MC A 1362 -8.46 25.12 6.56
C4 5MC A 1362 -9.61 25.63 6.11
N4 5MC A 1362 -10.46 26.25 6.94
C5 5MC A 1362 -9.94 25.49 4.69
C6 5MC A 1362 -9.05 24.85 3.86
CM5 5MC A 1362 -11.22 26.05 4.17
N1 OMC A 1364 -3.33 17.06 -5.38
C2 OMC A 1364 -3.15 17.84 -6.53
N3 OMC A 1364 -2.76 19.12 -6.44
C4 OMC A 1364 -2.55 19.67 -5.25
C5 OMC A 1364 -2.72 18.92 -4.10
C6 OMC A 1364 -3.12 17.60 -4.19
O2 OMC A 1364 -3.34 17.36 -7.65
N4 OMC A 1364 -2.16 20.95 -5.18
C1' OMC A 1364 -3.76 15.66 -5.52
C2' OMC A 1364 -2.66 14.78 -6.08
O2' OMC A 1364 -3.27 13.76 -6.86
CM2 OMC A 1364 -3.45 14.14 -8.21
C3' OMC A 1364 -2.06 14.19 -4.82
C4' OMC A 1364 -3.27 14.01 -3.94
O4' OMC A 1364 -4.11 15.15 -4.25
O3' OMC A 1364 -1.34 12.99 -5.05
C5' OMC A 1364 -3.03 13.99 -2.46
O5' OMC A 1364 -2.75 15.29 -1.96
P OMC A 1364 -2.82 15.62 -0.41
OP1 OMC A 1364 -2.25 14.47 0.35
OP2 OMC A 1364 -2.20 16.97 -0.21
N1 OMU A 1368 14.01 23.46 -13.16
C2 OMU A 1368 13.94 24.60 -12.34
N3 OMU A 1368 13.49 24.50 -11.10
C4 OMU A 1368 13.10 23.33 -10.63
C5 OMU A 1368 13.15 22.19 -11.42
C6 OMU A 1368 13.61 22.29 -12.71
O2 OMU A 1368 14.29 25.69 -12.79
O4 OMU A 1368 12.68 23.26 -9.46
C1' OMU A 1368 14.48 23.61 -14.55
C2' OMU A 1368 16.00 23.74 -14.64
O2' OMU A 1368 16.29 24.61 -15.72
CM2 OMU A 1368 16.78 25.86 -15.29
C3' OMU A 1368 16.41 22.32 -14.98
C4' OMU A 1368 15.29 21.89 -15.90
O3' OMU A 1368 17.68 22.23 -15.58
O4' OMU A 1368 14.12 22.46 -15.29
C5' OMU A 1368 15.09 20.40 -16.07
O5' OMU A 1368 14.51 19.81 -14.93
P OMU A 1368 13.88 18.35 -14.99
OP1 OMU A 1368 14.74 17.53 -15.89
OP2 OMU A 1368 13.64 17.87 -13.59
P UR3 A 1455 2.19 31.32 -10.71
OP1 UR3 A 1455 1.36 32.28 -11.49
OP2 UR3 A 1455 2.14 31.33 -9.22
O5' UR3 A 1455 1.80 29.86 -11.20
C5' UR3 A 1455 1.87 29.50 -12.56
C4' UR3 A 1455 1.51 28.05 -12.78
O4' UR3 A 1455 2.32 27.23 -11.90
C1' UR3 A 1455 1.50 26.45 -11.07
N1 UR3 A 1455 2.11 26.36 -9.76
C6 UR3 A 1455 2.57 27.47 -9.18
C2 UR3 A 1455 2.20 25.14 -9.08
O2 UR3 A 1455 1.76 24.11 -9.60
N3 UR3 A 1455 2.78 25.10 -7.82
C3U UR3 A 1455 2.88 23.84 -7.09
C4 UR3 A 1455 3.25 26.27 -7.24
O4 UR3 A 1455 3.77 26.23 -6.12
C5 UR3 A 1455 3.14 27.45 -7.92
C2' UR3 A 1455 0.14 27.13 -11.06
O2' UR3 A 1455 -0.89 26.24 -10.73
C3' UR3 A 1455 0.07 27.69 -12.47
O3' UR3 A 1455 -0.36 26.66 -13.36
C2 6MZ A 1457 -2.69 17.41 -11.17
C4 6MZ A 1457 -2.36 18.76 -13.05
C5 6MZ A 1457 -2.22 19.90 -12.16
O1P 6MZ A 1457 -4.19 23.61 -18.39
O2P 6MZ A 1457 -3.34 24.00 -16.00
N9 6MZ A 1457 -2.24 19.22 -14.30
N3 6MZ A 1457 -2.59 17.56 -12.50
N1 6MZ A 1457 -2.55 18.40 -10.30
C6 6MZ A 1457 -2.32 19.66 -10.70
N6 6MZ A 1457 -2.19 20.61 -9.74
C9 6MZ A 1457 -1.95 22.00 -10.01
N7 6MZ A 1457 -2.00 20.96 -12.96
C8 6MZ A 1457 -2.02 20.53 -14.23
O5' 6MZ A 1457 -3.25 21.76 -17.05
C5' 6MZ A 1457 -3.08 20.82 -18.11
C4' 6MZ A 1457 -3.02 19.42 -17.57
O4' 6MZ A 1457 -1.93 19.31 -16.62
C1' 6MZ A 1457 -2.29 18.45 -15.57
C2' 6MZ A 1457 -3.67 17.88 -15.88
O2' 6MZ A 1457 -3.47 16.68 -16.59
C3' 6MZ A 1457 -4.24 18.95 -16.80
O3' 6MZ A 1457 -5.27 18.49 -17.64
P 6MZ A 1457 -3.21 23.31 -17.31
P 4AC A 1467 0.46 14.31 -26.73
OP1 4AC A 1467 1.73 13.69 -26.26
OP2 4AC A 1467 0.40 15.77 -27.01
O5' 4AC A 1467 -0.01 13.62 -28.08
C5' 4AC A 1467 0.15 12.24 -28.32
C4' 4AC A 1467 -0.16 11.90 -29.75
O4' 4AC A 1467 -1.41 12.51 -30.12
C3' 4AC A 1467 0.81 12.44 -30.79
O3' 4AC A 1467 1.98 11.65 -30.92
C2' 4AC A 1467 -0.05 12.47 -32.04
O2' 4AC A 1467 -0.20 11.16 -32.57
C1' 4AC A 1467 -1.39 12.90 -31.46
N1 4AC A 1467 -1.60 14.36 -31.54
C2 4AC A 1467 -1.84 14.98 -32.80
O2 4AC A 1467 -1.87 14.33 -33.82
N3 4AC A 1467 -2.04 16.33 -32.88
C4 4AC A 1467 -2.01 17.03 -31.81
N4 4AC A 1467 -2.21 18.39 -31.93
C5 4AC A 1467 -1.77 16.47 -30.50
C6 4AC A 1467 -1.58 15.16 -30.42
C7 4AC A 1467 -2.23 19.38 -30.98
O7 4AC A 1467 -2.06 19.26 -29.78
CM7 4AC A 1467 -2.50 20.72 -31.58
C2 MA6 A 1475 7.86 28.07 -14.25
C4 MA6 A 1475 9.52 27.74 -15.83
C5 MA6 A 1475 9.09 28.95 -16.53
P MA6 A 1475 13.61 27.51 -20.56
OP1 MA6 A 1475 14.46 26.79 -21.55
OP2 MA6 A 1475 12.56 28.46 -21.05
O5' MA6 A 1475 12.87 26.45 -19.64
C5' MA6 A 1475 13.59 25.50 -18.87
C4' MA6 A 1475 12.78 25.03 -17.71
O4' MA6 A 1475 12.57 26.12 -16.79
C1' MA6 A 1475 11.31 26.02 -16.18
N9 MA6 A 1475 10.53 27.24 -16.51
N3 MA6 A 1475 8.88 27.36 -14.72
N1 MA6 A 1475 7.40 29.18 -14.83
C6 MA6 A 1475 7.95 29.69 -15.95
N6 MA6 A 1475 7.41 30.87 -16.49
C9 MA6 A 1475 6.28 31.51 -15.81
C10 MA6 A 1475 7.92 31.50 -17.70
N7 MA6 A 1475 9.90 29.07 -17.58
C8 MA6 A 1475 10.77 28.04 -17.56
C2' MA6 A 1475 10.64 24.76 -16.71
O2' MA6 A 1475 10.95 23.70 -15.82
C3' MA6 A 1475 11.37 24.56 -18.03
O3' MA6 A 1475 11.33 23.24 -18.51
C2 MA6 A 1476 4.15 26.44 -14.76
C4 MA6 A 1476 5.74 25.52 -16.18
C5 MA6 A 1476 5.62 26.67 -17.06
P MA6 A 1476 10.46 22.85 -19.79
OP1 MA6 A 1476 11.37 22.19 -20.78
OP2 MA6 A 1476 9.65 24.04 -20.19
O5' MA6 A 1476 9.47 21.73 -19.26
C5' MA6 A 1476 8.08 21.93 -19.21
C4' MA6 A 1476 7.54 21.80 -17.81
O4' MA6 A 1476 8.05 22.91 -17.01
C1' MA6 A 1476 7.04 23.41 -16.18
N9 MA6 A 1476 6.65 24.72 -16.72
N3 MA6 A 1476 4.99 25.46 -15.07
N1 MA6 A 1476 3.98 27.52 -15.51
C6 MA6 A 1476 4.66 27.72 -16.64
N6 MA6 A 1476 4.41 28.89 -17.36
C9 MA6 A 1476 3.42 29.83 -16.81
C10 MA6 A 1476 5.10 29.21 -18.61
N7 MA6 A 1476 6.47 26.46 -18.07
C8 MA6 A 1476 7.07 25.27 -17.85
C2' MA6 A 1476 5.87 22.44 -16.26
O2' MA6 A 1476 6.07 21.40 -15.32
C3' MA6 A 1476 6.04 21.91 -17.68
O3' MA6 A 1476 5.37 20.68 -17.94
P 5MC A 1484 -11.06 13.28 -37.27
OP1 5MC A 1484 -11.91 12.31 -38.01
OP2 5MC A 1484 -11.55 14.68 -37.07
O5' 5MC A 1484 -10.75 12.66 -35.85
C5' 5MC A 1484 -10.34 11.30 -35.71
C4' 5MC A 1484 -9.96 11.00 -34.28
O4' 5MC A 1484 -8.94 11.92 -33.87
C3' 5MC A 1484 -11.06 11.17 -33.25
O3' 5MC A 1484 -11.91 10.05 -33.15
C2' 5MC A 1484 -10.29 11.47 -31.98
O2' 5MC A 1484 -9.82 10.27 -31.39
C1' 5MC A 1484 -9.08 12.21 -32.50
N1 5MC A 1484 -9.17 13.69 -32.35
C2 5MC A 1484 -8.84 14.29 -31.13
O2 5MC A 1484 -8.53 13.57 -30.17
N3 5MC A 1484 -8.86 15.62 -30.98
C4 5MC A 1484 -9.19 16.41 -32.00
N4 5MC A 1484 -9.22 17.74 -31.86
C5 5MC A 1484 -9.53 15.79 -33.29
C6 5MC A 1484 -9.49 14.42 -33.41
CM5 5MC A 1484 -9.90 16.63 -34.47
P 5MC A 1486 -15.09 8.44 -26.39
OP1 5MC A 1486 -15.03 7.32 -27.38
OP2 5MC A 1486 -16.42 8.95 -25.95
O5' 5MC A 1486 -14.34 7.96 -25.08
C5' 5MC A 1486 -12.95 7.70 -25.08
C4' 5MC A 1486 -12.22 8.52 -24.05
O4' 5MC A 1486 -10.85 8.05 -23.95
C3' 5MC A 1486 -12.14 10.01 -24.36
O3' 5MC A 1486 -12.11 10.75 -23.14
C2' 5MC A 1486 -10.77 10.12 -25.02
O2' 5MC A 1486 -10.21 11.41 -24.96
C1' 5MC A 1486 -9.97 9.11 -24.20
N1 5MC A 1486 -8.76 8.60 -24.86
C2 5MC A 1486 -8.80 7.97 -26.12
O2 5MC A 1486 -9.87 7.83 -26.73
N3 5MC A 1486 -7.70 7.50 -26.71
C4 5MC A 1486 -6.51 7.61 -26.12
N4 5MC A 1486 -5.40 7.14 -26.71
C5 5MC A 1486 -6.44 8.26 -24.81
C6 5MC A 1486 -7.60 8.72 -24.23
CM5 5MC A 1486 -5.12 8.40 -24.12
P 5MC A 1493 -35.74 23.23 -33.60
OP1 5MC A 1493 -36.93 23.57 -34.44
OP2 5MC A 1493 -35.93 22.39 -32.36
O5' 5MC A 1493 -34.67 22.53 -34.53
C5' 5MC A 1493 -34.50 22.93 -35.87
C4' 5MC A 1493 -33.33 22.24 -36.53
O4' 5MC A 1493 -32.19 22.28 -35.65
C3' 5MC A 1493 -33.50 20.77 -36.83
O3' 5MC A 1493 -34.27 20.52 -37.99
C2' 5MC A 1493 -32.06 20.30 -36.95
O2' 5MC A 1493 -31.52 20.69 -38.20
C1' 5MC A 1493 -31.38 21.14 -35.87
N1 5MC A 1493 -31.25 20.41 -34.60
C2 5MC A 1493 -30.25 19.42 -34.46
O2 5MC A 1493 -29.50 19.15 -35.41
N3 5MC A 1493 -30.09 18.74 -33.32
C4 5MC A 1493 -30.89 18.99 -32.27
N4 5MC A 1493 -30.73 18.31 -31.11
C5 5MC A 1493 -31.94 20.02 -32.39
C6 5MC A 1493 -32.06 20.69 -33.58
CM5 5MC A 1493 -32.84 20.32 -31.24
N ALA B 9 -23.44 77.53 -46.25
CA ALA B 9 -22.53 77.01 -47.26
C ALA B 9 -22.96 75.63 -47.72
N ALA B 10 -23.14 74.71 -46.76
CA ALA B 10 -23.68 73.40 -47.09
C ALA B 10 -25.13 73.49 -47.53
N LYS B 11 -25.92 74.34 -46.86
CA LYS B 11 -27.29 74.56 -47.31
C LYS B 11 -27.31 75.30 -48.64
N ASP B 12 -26.28 76.09 -48.90
CA ASP B 12 -26.17 76.75 -50.19
C ASP B 12 -25.95 75.74 -51.29
N LYS B 13 -25.07 74.76 -51.06
CA LYS B 13 -24.74 73.79 -52.10
C LYS B 13 -25.92 72.88 -52.41
N TRP B 14 -26.81 72.66 -51.43
CA TRP B 14 -27.98 71.86 -51.69
C TRP B 14 -28.97 72.55 -52.62
N LYS B 15 -29.08 73.86 -52.56
CA LYS B 15 -30.06 74.57 -53.35
C LYS B 15 -29.74 74.58 -54.84
N LEU B 16 -28.53 74.20 -55.23
CA LEU B 16 -28.16 74.19 -56.65
C LEU B 16 -28.71 73.00 -57.41
N LYS B 17 -29.29 72.02 -56.72
CA LYS B 17 -29.72 70.79 -57.36
C LYS B 17 -31.08 70.94 -58.00
N GLN B 18 -31.30 70.21 -59.09
CA GLN B 18 -32.61 70.13 -59.72
C GLN B 18 -33.09 68.69 -59.72
N TRP B 19 -34.40 68.52 -59.80
CA TRP B 19 -35.02 67.20 -59.72
C TRP B 19 -35.44 66.72 -61.10
N TYR B 20 -35.00 65.51 -61.45
CA TYR B 20 -35.24 64.91 -62.75
C TYR B 20 -36.18 63.74 -62.59
N VAL B 21 -37.08 63.59 -63.56
CA VAL B 21 -38.05 62.51 -63.57
C VAL B 21 -37.48 61.33 -64.32
N ILE B 22 -37.68 60.13 -63.79
CA ILE B 22 -37.18 58.90 -64.38
C ILE B 22 -38.34 58.14 -64.99
N TYR B 23 -38.16 57.66 -66.22
CA TYR B 23 -39.20 56.94 -66.94
C TYR B 23 -38.77 55.51 -67.22
N ALA B 24 -39.75 54.62 -67.24
CA ALA B 24 -39.49 53.24 -67.60
C ALA B 24 -39.20 53.13 -69.09
N PRO B 25 -38.52 52.07 -69.52
CA PRO B 25 -38.25 51.90 -70.94
C PRO B 25 -39.53 51.75 -71.74
N ASP B 26 -39.37 51.75 -73.05
CA ASP B 26 -40.51 51.88 -73.96
C ASP B 26 -41.45 50.68 -73.85
N PHE B 27 -40.92 49.47 -73.83
CA PHE B 27 -41.77 48.29 -73.91
C PHE B 27 -42.37 47.90 -72.56
N PHE B 28 -42.01 48.58 -71.48
CA PHE B 28 -42.69 48.41 -70.21
C PHE B 28 -43.78 49.45 -69.99
N GLY B 29 -44.04 50.30 -70.97
CA GLY B 29 -45.07 51.32 -70.89
C GLY B 29 -44.52 52.74 -70.91
N GLY B 30 -43.28 52.92 -70.46
CA GLY B 30 -42.71 54.25 -70.37
C GLY B 30 -43.35 55.15 -69.34
N VAL B 31 -43.72 54.59 -68.19
CA VAL B 31 -44.36 55.36 -67.13
C VAL B 31 -43.31 55.93 -66.18
N GLU B 32 -43.71 56.90 -65.36
CA GLU B 32 -42.83 57.53 -64.39
C GLU B 32 -42.57 56.57 -63.23
N VAL B 33 -41.33 56.53 -62.74
CA VAL B 33 -40.97 55.65 -61.63
C VAL B 33 -40.39 56.40 -60.44
N GLY B 34 -39.95 57.64 -60.61
CA GLY B 34 -39.39 58.36 -59.48
C GLY B 34 -38.68 59.63 -59.92
N LEU B 35 -38.04 60.27 -58.94
CA LEU B 35 -37.32 61.51 -59.14
C LEU B 35 -35.94 61.43 -58.49
N THR B 36 -34.96 62.07 -59.10
CA THR B 36 -33.60 62.07 -58.58
C THR B 36 -33.02 63.49 -58.61
N PRO B 37 -32.34 63.90 -57.56
CA PRO B 37 -31.74 65.24 -57.54
C PRO B 37 -30.29 65.24 -57.99
N ALA B 38 -29.94 66.27 -58.75
CA ALA B 38 -28.59 66.41 -59.25
C ALA B 38 -28.37 67.82 -59.75
N ASP B 39 -27.14 68.31 -59.63
CA ASP B 39 -26.85 69.69 -59.98
C ASP B 39 -26.53 69.86 -61.46
N ASP B 40 -25.87 68.86 -62.05
CA ASP B 40 -25.48 68.90 -63.45
C ASP B 40 -26.11 67.74 -64.20
N PRO B 41 -26.69 67.98 -65.38
CA PRO B 41 -27.40 66.91 -66.08
C PRO B 41 -26.51 65.75 -66.48
N GLU B 42 -25.21 65.95 -66.59
CA GLU B 42 -24.35 64.86 -67.02
C GLU B 42 -24.14 63.82 -65.93
N LYS B 43 -24.22 64.22 -64.67
CA LYS B 43 -24.04 63.29 -63.57
C LYS B 43 -25.18 62.29 -63.43
N VAL B 44 -26.28 62.48 -64.15
CA VAL B 44 -27.39 61.57 -64.04
C VAL B 44 -27.19 60.30 -64.85
N LEU B 45 -26.25 60.30 -65.79
CA LEU B 45 -26.06 59.13 -66.64
C LEU B 45 -25.54 57.95 -65.83
N ASN B 46 -26.01 56.76 -66.19
CA ASN B 46 -25.61 55.45 -65.66
C ASN B 46 -26.16 55.16 -64.27
N ARG B 47 -27.01 56.02 -63.72
CA ARG B 47 -27.66 55.70 -62.46
C ARG B 47 -28.68 54.60 -62.64
N VAL B 48 -28.83 53.76 -61.62
CA VAL B 48 -29.66 52.57 -61.67
C VAL B 48 -30.76 52.69 -60.64
N VAL B 49 -31.99 52.34 -61.05
CA VAL B 49 -33.14 52.38 -60.17
C VAL B 49 -33.83 51.02 -60.21
N GLU B 50 -34.24 50.53 -59.05
CA GLU B 50 -34.89 49.22 -58.92
C GLU B 50 -36.36 49.40 -58.58
N VAL B 51 -37.24 48.75 -59.34
CA VAL B 51 -38.67 48.79 -59.08
C VAL B 51 -39.25 47.39 -59.18
N THR B 52 -40.38 47.17 -58.53
CA THR B 52 -41.02 45.86 -58.64
C THR B 52 -41.99 45.84 -59.81
N LEU B 53 -42.33 44.63 -60.25
CA LEU B 53 -43.29 44.47 -61.33
C LEU B 53 -44.68 44.91 -60.92
N LYS B 54 -44.97 44.89 -59.61
CA LYS B 54 -46.31 45.26 -59.16
C LYS B 54 -46.56 46.74 -59.35
N ASP B 55 -45.52 47.57 -59.21
CA ASP B 55 -45.69 48.99 -59.46
C ASP B 55 -46.00 49.26 -60.93
N ILE B 56 -45.31 48.57 -61.84
CA ILE B 56 -45.54 48.77 -63.27
C ILE B 56 -46.95 48.37 -63.64
N THR B 57 -47.37 47.18 -63.24
CA THR B 57 -48.72 46.69 -63.48
C THR B 57 -49.29 46.22 -62.15
N GLY B 58 -50.49 46.69 -61.82
CA GLY B 58 -51.07 46.34 -60.55
C GLY B 58 -51.55 44.90 -60.48
N ASP B 59 -50.86 44.08 -59.70
CA ASP B 59 -51.33 42.74 -59.35
C ASP B 59 -50.49 42.24 -58.20
N PHE B 60 -51.14 41.87 -57.11
CA PHE B 60 -50.46 41.56 -55.86
C PHE B 60 -49.75 40.23 -55.88
N LEU B 61 -49.78 39.52 -57.01
CA LEU B 61 -49.08 38.25 -57.11
C LEU B 61 -47.62 38.43 -57.47
N LYS B 62 -47.33 39.32 -58.41
CA LYS B 62 -45.97 39.51 -58.89
C LYS B 62 -45.26 40.65 -58.17
N GLY B 63 -45.30 40.62 -56.85
CA GLY B 63 -44.61 41.61 -56.06
C GLY B 63 -43.22 41.22 -55.62
N HIS B 64 -42.79 40.00 -55.93
CA HIS B 64 -41.45 39.53 -55.61
C HIS B 64 -40.50 39.59 -56.80
N VAL B 65 -40.89 40.23 -57.90
CA VAL B 65 -40.07 40.37 -59.08
C VAL B 65 -39.49 41.77 -59.09
N LYS B 66 -38.17 41.89 -59.20
CA LYS B 66 -37.48 43.17 -59.12
C LYS B 66 -36.74 43.42 -60.43
N LEU B 67 -36.93 44.61 -60.99
CA LEU B 67 -36.39 45.01 -62.27
C LEU B 67 -35.44 46.18 -62.08
N TYR B 68 -34.38 46.21 -62.89
CA TYR B 68 -33.37 47.25 -62.81
C TYR B 68 -33.35 48.05 -64.10
N PHE B 69 -33.45 49.37 -63.99
CA PHE B 69 -33.44 50.27 -65.12
C PHE B 69 -32.26 51.23 -64.99
N GLN B 70 -31.57 51.50 -66.09
CA GLN B 70 -30.37 52.31 -66.07
C GLN B 70 -30.54 53.51 -66.98
N VAL B 71 -30.11 54.68 -66.53
CA VAL B 71 -30.28 55.91 -67.27
C VAL B 71 -29.25 55.97 -68.41
N TYR B 72 -29.70 56.44 -69.58
CA TYR B 72 -28.79 56.64 -70.71
C TYR B 72 -28.95 57.97 -71.41
N ASP B 73 -30.09 58.64 -71.32
CA ASP B 73 -30.31 59.86 -72.06
C ASP B 73 -31.11 60.84 -71.20
N VAL B 74 -30.68 62.10 -71.19
CA VAL B 74 -31.35 63.15 -70.45
C VAL B 74 -31.75 64.26 -71.41
N LYS B 75 -33.00 64.69 -71.36
CA LYS B 75 -33.49 65.76 -72.20
C LYS B 75 -34.38 66.67 -71.37
N GLY B 76 -33.87 67.84 -71.01
CA GLY B 76 -34.59 68.74 -70.14
C GLY B 76 -34.60 68.23 -68.72
N GLN B 77 -35.79 68.00 -68.16
CA GLN B 77 -35.92 67.47 -66.80
C GLN B 77 -36.29 66.00 -66.78
N ASN B 78 -36.16 65.30 -67.91
CA ASN B 78 -36.55 63.92 -68.03
C ASN B 78 -35.34 63.04 -68.32
N ALA B 79 -35.32 61.87 -67.72
CA ALA B 79 -34.26 60.89 -67.96
C ALA B 79 -34.90 59.59 -68.41
N TYR B 80 -34.29 58.93 -69.38
CA TYR B 80 -34.83 57.73 -70.00
C TYR B 80 -33.92 56.54 -69.76
N THR B 81 -34.52 55.36 -69.72
CA THR B 81 -33.86 54.19 -69.13
C THR B 81 -33.85 53.01 -70.10
N LYS B 82 -32.98 52.07 -69.81
CA LYS B 82 -32.86 50.80 -70.52
C LYS B 82 -32.94 49.66 -69.53
N PHE B 83 -33.45 48.52 -70.00
CA PHE B 83 -33.52 47.34 -69.16
C PHE B 83 -32.12 46.78 -68.93
N LYS B 84 -31.83 46.39 -67.69
CA LYS B 84 -30.51 45.93 -67.31
C LYS B 84 -30.51 44.53 -66.72
N GLY B 85 -31.47 44.23 -65.86
CA GLY B 85 -31.52 42.91 -65.27
C GLY B 85 -32.76 42.74 -64.43
N MET B 86 -33.01 41.49 -64.06
CA MET B 86 -34.16 41.13 -63.24
C MET B 86 -33.72 40.10 -62.21
N LYS B 87 -34.36 40.13 -61.05
CA LYS B 87 -34.05 39.21 -59.98
C LYS B 87 -35.29 38.97 -59.13
N LEU B 88 -35.38 37.77 -58.57
CA LEU B 88 -36.43 37.47 -57.60
C LEU B 88 -35.95 37.77 -56.19
N ALA B 89 -36.87 38.13 -55.32
CA ALA B 89 -36.51 38.53 -53.97
C ALA B 89 -35.87 37.39 -53.20
N ARG B 90 -34.96 37.74 -52.29
CA ARG B 90 -34.22 36.73 -51.55
C ARG B 90 -35.13 35.92 -50.64
N SER B 91 -36.08 36.58 -49.99
CA SER B 91 -36.96 35.87 -49.07
C SER B 91 -37.89 34.91 -49.80
N TYR B 92 -38.20 35.19 -51.06
CA TYR B 92 -39.07 34.31 -51.82
C TYR B 92 -38.35 33.02 -52.20
N ILE B 93 -37.14 33.13 -52.74
CA ILE B 93 -36.40 31.93 -53.10
C ILE B 93 -35.97 31.17 -51.87
N ARG B 94 -35.62 31.86 -50.78
CA ARG B 94 -35.21 31.17 -49.57
C ARG B 94 -36.35 30.36 -48.97
N SER B 95 -37.59 30.64 -49.35
CA SER B 95 -38.72 29.90 -48.80
C SER B 95 -39.09 28.68 -49.62
N LEU B 96 -38.69 28.60 -50.89
CA LEU B 96 -39.00 27.43 -51.69
C LEU B 96 -38.11 26.25 -51.37
N VAL B 97 -36.87 26.51 -50.95
CA VAL B 97 -35.91 25.46 -50.71
C VAL B 97 -36.16 24.84 -49.34
N ARG B 98 -36.44 23.54 -49.33
CA ARG B 98 -36.77 22.79 -48.12
C ARG B 98 -35.94 21.52 -48.09
N ARG B 99 -35.93 20.87 -46.93
CA ARG B 99 -35.39 19.52 -46.86
C ARG B 99 -36.37 18.54 -47.48
N ARG B 100 -35.83 17.41 -47.93
CA ARG B 100 -36.58 16.36 -48.60
C ARG B 100 -37.22 16.80 -49.90
N THR B 101 -36.64 17.80 -50.55
CA THR B 101 -36.93 18.14 -51.94
C THR B 101 -35.62 18.26 -52.68
N THR B 102 -35.70 18.54 -53.97
CA THR B 102 -34.49 18.69 -54.78
C THR B 102 -34.57 19.99 -55.58
N ARG B 103 -33.46 20.73 -55.59
CA ARG B 103 -33.35 21.99 -56.30
C ARG B 103 -32.40 21.81 -57.48
N ILE B 104 -32.86 22.15 -58.69
CA ILE B 104 -32.06 22.07 -59.90
C ILE B 104 -31.85 23.48 -60.43
N ASP B 105 -30.59 23.85 -60.65
CA ASP B 105 -30.19 25.13 -61.19
C ASP B 105 -29.50 24.94 -62.53
N GLY B 106 -29.73 25.88 -63.44
CA GLY B 106 -29.00 25.87 -64.70
C GLY B 106 -28.75 27.26 -65.21
N ILE B 107 -27.49 27.58 -65.53
CA ILE B 107 -27.09 28.93 -65.91
C ILE B 107 -26.60 28.90 -67.35
N PHE B 108 -27.24 29.69 -68.21
CA PHE B 108 -26.98 29.60 -69.65
C PHE B 108 -26.66 30.96 -70.25
N ASN B 109 -25.76 30.96 -71.22
CA ASN B 109 -25.42 32.13 -72.02
C ASN B 109 -26.13 32.05 -73.36
N ILE B 110 -26.87 33.10 -73.73
CA ILE B 110 -27.65 33.06 -74.95
C ILE B 110 -27.49 34.35 -75.74
N THR B 111 -27.80 34.25 -77.04
CA THR B 111 -27.89 35.39 -77.94
C THR B 111 -29.29 35.39 -78.54
N THR B 112 -29.92 36.56 -78.55
CA THR B 112 -31.25 36.66 -79.14
C THR B 112 -31.14 36.77 -80.66
N LYS B 113 -32.27 37.00 -81.31
CA LYS B 113 -32.27 37.11 -82.75
C LYS B 113 -31.49 38.33 -83.22
N ASP B 114 -31.65 39.46 -82.52
CA ASP B 114 -30.92 40.68 -82.84
C ASP B 114 -29.69 40.86 -81.95
N GLY B 115 -28.86 39.83 -81.83
CA GLY B 115 -27.52 39.98 -81.28
C GLY B 115 -27.37 40.59 -79.90
N TYR B 116 -28.25 40.24 -78.97
CA TYR B 116 -28.12 40.64 -77.58
C TYR B 116 -27.57 39.48 -76.76
N LYS B 117 -26.57 39.75 -75.93
CA LYS B 117 -25.98 38.75 -75.06
C LYS B 117 -26.69 38.77 -73.71
N LEU B 118 -27.24 37.63 -73.31
CA LEU B 118 -27.89 37.53 -72.02
C LEU B 118 -27.32 36.35 -71.24
N ARG B 119 -27.35 36.46 -69.91
CA ARG B 119 -27.14 35.31 -69.06
C ARG B 119 -28.39 35.08 -68.23
N VAL B 120 -28.84 33.82 -68.20
CA VAL B 120 -30.13 33.44 -67.64
C VAL B 120 -29.94 32.35 -66.61
N MET B 121 -30.56 32.53 -65.44
CA MET B 121 -30.53 31.54 -64.36
C MET B 121 -31.95 31.08 -64.09
N ALA B 122 -32.19 29.79 -64.26
CA ALA B 122 -33.50 29.17 -64.07
C ALA B 122 -33.43 28.13 -62.95
N MET B 123 -34.56 27.91 -62.29
CA MET B 123 -34.59 27.02 -61.14
C MET B 123 -35.84 26.15 -61.17
N VAL B 124 -35.69 24.91 -60.70
CA VAL B 124 -36.80 23.96 -60.63
C VAL B 124 -36.74 23.26 -59.28
N ILE B 125 -37.90 23.03 -58.67
CA ILE B 125 -38.02 22.37 -57.39
C ILE B 125 -38.87 21.12 -57.57
N ALA B 126 -38.36 19.98 -57.10
CA ALA B 126 -39.07 18.72 -57.24
C ALA B 126 -39.73 18.31 -55.92
N ALA B 127 -40.70 17.40 -56.01
CA ALA B 127 -41.52 17.06 -54.86
C ALA B 127 -40.76 16.24 -53.83
N ARG B 128 -39.75 15.49 -54.26
CA ARG B 128 -38.98 14.64 -53.37
C ARG B 128 -37.53 14.64 -53.77
N ARG B 129 -36.73 13.84 -53.07
CA ARG B 129 -35.36 13.60 -53.48
C ARG B 129 -35.34 12.71 -54.72
N ILE B 130 -34.49 13.06 -55.68
CA ILE B 130 -34.38 12.31 -56.92
C ILE B 130 -32.91 11.97 -57.16
N GLN B 131 -32.69 11.03 -58.06
CA GLN B 131 -31.36 10.62 -58.44
C GLN B 131 -30.71 11.68 -59.34
N THR B 132 -29.38 11.65 -59.38
CA THR B 132 -28.62 12.70 -60.07
C THR B 132 -28.83 12.62 -61.58
N SER B 133 -29.07 11.42 -62.11
CA SER B 133 -29.34 11.31 -63.53
C SER B 133 -30.64 12.00 -63.91
N GLN B 134 -31.65 11.96 -63.05
CA GLN B 134 -32.88 12.68 -63.32
C GLN B 134 -32.65 14.20 -63.27
N GLU B 135 -31.78 14.66 -62.37
CA GLU B 135 -31.40 16.06 -62.37
C GLU B 135 -30.76 16.45 -63.69
N ARG B 136 -29.85 15.62 -64.20
CA ARG B 136 -29.22 15.94 -65.48
C ARG B 136 -30.23 15.98 -66.61
N ALA B 137 -31.18 15.05 -66.61
CA ALA B 137 -32.20 15.06 -67.67
C ALA B 137 -33.04 16.33 -67.63
N ILE B 138 -33.44 16.75 -66.44
CA ILE B 138 -34.24 17.98 -66.32
C ILE B 138 -33.42 19.19 -66.76
N ARG B 139 -32.15 19.24 -66.38
CA ARG B 139 -31.30 20.36 -66.79
C ARG B 139 -31.16 20.41 -68.31
N LYS B 140 -31.04 19.25 -68.95
CA LYS B 140 -30.95 19.21 -70.41
C LYS B 140 -32.23 19.74 -71.06
N ILE B 141 -33.39 19.38 -70.50
CA ILE B 141 -34.65 19.90 -71.03
C ILE B 141 -34.70 21.42 -70.91
N MET B 142 -34.30 21.95 -69.76
CA MET B 142 -34.26 23.40 -69.58
C MET B 142 -33.39 24.06 -70.64
N GLN B 143 -32.21 23.50 -70.88
CA GLN B 143 -31.29 24.09 -71.85
C GLN B 143 -31.90 24.11 -73.25
N GLU B 144 -32.55 23.01 -73.64
CA GLU B 144 -33.16 22.95 -74.97
C GLU B 144 -34.24 24.02 -75.13
N ILE B 145 -35.13 24.12 -74.15
CA ILE B 145 -36.23 25.08 -74.28
C ILE B 145 -35.70 26.50 -74.36
N ILE B 146 -34.75 26.85 -73.50
CA ILE B 146 -34.27 28.23 -73.47
C ILE B 146 -33.53 28.57 -74.76
N TYR B 147 -32.70 27.65 -75.27
CA TYR B 147 -32.01 27.92 -76.53
C TYR B 147 -33.00 28.14 -77.67
N LYS B 148 -34.03 27.30 -77.75
CA LYS B 148 -34.99 27.47 -78.84
C LYS B 148 -35.71 28.80 -78.72
N LYS B 149 -36.15 29.17 -77.51
CA LYS B 149 -36.84 30.44 -77.34
C LYS B 149 -35.95 31.61 -77.72
N ALA B 150 -34.67 31.58 -77.32
CA ALA B 150 -33.78 32.68 -77.63
C ALA B 150 -33.56 32.80 -79.13
N GLU B 151 -33.39 31.68 -79.82
CA GLU B 151 -33.23 31.73 -81.27
C GLU B 151 -34.49 32.24 -81.95
N GLU B 152 -35.65 32.01 -81.32
CA GLU B 152 -36.93 32.32 -81.95
C GLU B 152 -37.30 33.80 -81.88
N LEU B 153 -37.07 34.46 -80.75
CA LEU B 153 -37.65 35.77 -80.48
C LEU B 153 -36.63 36.89 -80.53
N ASN B 154 -37.13 38.12 -80.45
CA ASN B 154 -36.32 39.31 -80.27
C ASN B 154 -36.16 39.63 -78.78
N PHE B 155 -35.28 40.58 -78.50
CA PHE B 155 -34.87 40.88 -77.12
C PHE B 155 -36.05 41.28 -76.26
N LYS B 156 -36.91 42.16 -76.76
CA LYS B 156 -38.01 42.65 -75.96
C LYS B 156 -39.02 41.55 -75.67
N ASP B 157 -39.37 40.77 -76.69
CA ASP B 157 -40.33 39.70 -76.49
C ASP B 157 -39.77 38.64 -75.56
N PHE B 158 -38.48 38.34 -75.68
CA PHE B 158 -37.87 37.39 -74.78
C PHE B 158 -37.96 37.86 -73.34
N VAL B 159 -37.64 39.13 -73.08
CA VAL B 159 -37.71 39.63 -71.71
C VAL B 159 -39.15 39.57 -71.19
N LEU B 160 -40.11 39.96 -72.02
CA LEU B 160 -41.49 39.97 -71.57
C LEU B 160 -41.97 38.56 -71.23
N GLU B 161 -41.63 37.59 -72.06
CA GLU B 161 -42.02 36.22 -71.76
C GLU B 161 -41.28 35.67 -70.56
N ALA B 162 -40.06 36.14 -70.31
CA ALA B 162 -39.31 35.66 -69.16
C ALA B 162 -39.90 36.18 -67.86
N VAL B 163 -40.40 37.41 -67.85
CA VAL B 163 -40.97 37.93 -66.60
C VAL B 163 -42.46 37.60 -66.46
N ASN B 164 -43.16 37.27 -67.54
CA ASN B 164 -44.58 36.96 -67.41
C ASN B 164 -44.83 35.54 -66.90
N GLY B 165 -43.83 34.67 -66.97
CA GLY B 165 -43.98 33.30 -66.52
C GLY B 165 -44.26 32.29 -67.60
N LYS B 166 -44.23 32.68 -68.88
CA LYS B 166 -44.57 31.77 -69.96
C LYS B 166 -43.50 30.69 -70.13
N ILE B 167 -42.23 31.09 -70.11
CA ILE B 167 -41.15 30.13 -70.29
C ILE B 167 -41.14 29.12 -69.16
N ALA B 168 -41.39 29.57 -67.94
CA ALA B 168 -41.44 28.65 -66.81
C ALA B 168 -42.58 27.64 -66.97
N ALA B 169 -43.74 28.10 -67.44
CA ALA B 169 -44.84 27.17 -67.65
C ALA B 169 -44.49 26.13 -68.70
N GLU B 170 -43.84 26.56 -69.78
CA GLU B 170 -43.41 25.60 -70.80
C GLU B 170 -42.42 24.60 -70.23
N ILE B 171 -41.46 25.07 -69.45
CA ILE B 171 -40.46 24.18 -68.87
C ILE B 171 -41.12 23.17 -67.95
N ALA B 172 -42.05 23.60 -67.11
CA ALA B 172 -42.71 22.68 -66.19
C ALA B 172 -43.50 21.63 -66.96
N LYS B 173 -44.25 22.06 -67.98
CA LYS B 173 -45.02 21.11 -68.75
C LYS B 173 -44.13 20.07 -69.40
N GLU B 174 -42.97 20.49 -69.91
CA GLU B 174 -42.09 19.55 -70.58
C GLU B 174 -41.39 18.63 -69.60
N ALA B 175 -41.03 19.14 -68.43
CA ALA B 175 -40.23 18.37 -67.49
C ALA B 175 -41.06 17.51 -66.55
N LYS B 176 -42.39 17.60 -66.62
CA LYS B 176 -43.20 16.68 -65.81
C LYS B 176 -42.98 15.23 -66.22
N LYS B 177 -42.40 15.00 -67.40
CA LYS B 177 -42.20 13.64 -67.86
C LYS B 177 -41.09 12.92 -67.12
N ILE B 178 -40.17 13.64 -66.48
CA ILE B 178 -39.11 13.01 -65.71
C ILE B 178 -39.52 12.85 -64.26
N TYR B 179 -40.20 13.86 -63.71
CA TYR B 179 -40.61 13.81 -62.31
C TYR B 179 -41.65 14.90 -62.09
N PRO B 180 -42.65 14.66 -61.24
CA PRO B 180 -43.57 15.73 -60.86
C PRO B 180 -42.85 16.88 -60.17
N LEU B 181 -43.29 18.10 -60.45
CA LEU B 181 -42.62 19.32 -60.00
C LEU B 181 -43.46 20.08 -58.99
N LYS B 182 -42.78 20.93 -58.23
CA LYS B 182 -43.43 21.83 -57.30
C LYS B 182 -43.43 23.28 -57.78
N LYS B 183 -42.32 23.75 -58.33
CA LYS B 183 -42.22 25.10 -58.87
C LYS B 183 -41.25 25.08 -60.04
N ALA B 184 -41.33 26.11 -60.86
CA ALA B 184 -40.38 26.31 -61.96
C ALA B 184 -40.33 27.80 -62.25
N GLU B 185 -39.13 28.39 -62.27
CA GLU B 185 -39.02 29.83 -62.38
C GLU B 185 -37.80 30.21 -63.20
N ILE B 186 -37.83 31.42 -63.76
CA ILE B 186 -36.62 32.08 -64.22
C ILE B 186 -36.12 32.93 -63.06
N ARG B 187 -35.00 32.52 -62.48
CA ARG B 187 -34.53 33.14 -61.25
C ARG B 187 -33.87 34.49 -61.49
N LYS B 188 -33.12 34.64 -62.58
CA LYS B 188 -32.34 35.86 -62.71
C LYS B 188 -31.95 36.07 -64.16
N ILE B 189 -31.92 37.33 -64.58
CA ILE B 189 -31.47 37.70 -65.92
C ILE B 189 -30.52 38.87 -65.80
N LYS B 190 -29.40 38.80 -66.52
CA LYS B 190 -28.53 39.96 -66.62
C LYS B 190 -28.09 40.18 -68.07
N VAL B 191 -28.13 41.43 -68.53
CA VAL B 191 -27.70 41.75 -69.89
C VAL B 191 -26.20 41.96 -69.90
N LEU B 192 -25.51 41.34 -70.86
CA LEU B 192 -24.07 41.33 -70.91
C LEU B 192 -23.50 42.22 -72.00
N GLY B 193 -24.15 42.27 -73.16
CA GLY B 193 -23.70 43.12 -74.24
C GLY B 193 -24.88 43.51 -75.09
N GLU B 194 -24.63 44.44 -76.00
CA GLU B 194 -25.65 45.00 -76.87
C GLU B 194 -25.16 44.99 -78.31
N PRO B 195 -26.08 45.05 -79.27
CA PRO B 195 -25.65 45.10 -80.67
C PRO B 195 -24.88 46.36 -80.99
N GLU B 196 -24.12 46.31 -82.08
CA GLU B 196 -23.43 47.49 -82.58
C GLU B 196 -24.20 48.11 -83.74
N GLU C 4 -71.36 -25.90 -36.03
CA GLU C 4 -70.42 -25.31 -36.99
C GLU C 4 -69.47 -24.34 -36.29
N TYR C 5 -70.02 -23.22 -35.85
CA TYR C 5 -69.26 -22.17 -35.18
C TYR C 5 -69.94 -21.80 -33.88
N LEU C 6 -69.17 -21.25 -32.95
CA LEU C 6 -69.76 -20.79 -31.71
C LEU C 6 -70.71 -19.62 -31.94
N VAL C 7 -70.35 -18.71 -32.83
CA VAL C 7 -71.25 -17.64 -33.28
C VAL C 7 -71.11 -17.48 -34.78
N PRO C 8 -72.09 -16.86 -35.44
CA PRO C 8 -71.96 -16.59 -36.87
C PRO C 8 -70.73 -15.75 -37.17
N LEU C 9 -70.09 -16.04 -38.30
CA LEU C 9 -68.89 -15.30 -38.69
C LEU C 9 -69.18 -13.83 -38.92
N ASP C 10 -70.42 -13.48 -39.22
CA ASP C 10 -70.77 -12.08 -39.31
C ASP C 10 -70.53 -11.38 -37.98
N GLN C 11 -70.85 -12.06 -36.88
CA GLN C 11 -70.62 -11.49 -35.56
C GLN C 11 -69.13 -11.33 -35.28
N TYR C 12 -68.34 -12.35 -35.62
CA TYR C 12 -66.89 -12.25 -35.45
C TYR C 12 -66.33 -11.06 -36.20
N LEU C 13 -66.77 -10.85 -37.44
CA LEU C 13 -66.23 -9.76 -38.23
C LEU C 13 -66.77 -8.41 -37.77
N ALA C 14 -68.03 -8.37 -37.32
CA ALA C 14 -68.61 -7.13 -36.84
C ALA C 14 -67.94 -6.63 -35.57
N ALA C 15 -67.47 -7.55 -34.73
CA ALA C 15 -66.73 -7.13 -33.55
C ALA C 15 -65.32 -6.67 -33.87
N GLY C 16 -64.80 -7.01 -35.05
CA GLY C 16 -63.44 -6.65 -35.38
C GLY C 16 -62.40 -7.61 -34.87
N VAL C 17 -62.76 -8.88 -34.69
CA VAL C 17 -61.82 -9.86 -34.15
C VAL C 17 -60.65 -10.07 -35.09
N HIS C 18 -60.90 -9.99 -36.39
CA HIS C 18 -59.89 -10.35 -37.39
C HIS C 18 -58.91 -9.23 -37.69
N ILE C 19 -59.02 -8.08 -37.04
CA ILE C 19 -58.19 -6.92 -37.36
C ILE C 19 -56.88 -6.99 -36.59
N GLY C 20 -55.78 -7.12 -37.30
CA GLY C 20 -54.46 -7.13 -36.71
C GLY C 20 -53.86 -5.74 -36.68
N THR C 21 -52.53 -5.69 -36.65
CA THR C 21 -51.82 -4.43 -36.68
C THR C 21 -50.87 -4.41 -37.87
N GLN C 22 -50.02 -3.39 -37.88
CA GLN C 22 -49.10 -3.16 -39.00
C GLN C 22 -47.95 -4.13 -39.00
N GLN C 23 -47.60 -4.67 -37.84
CA GLN C 23 -46.43 -5.51 -37.69
C GLN C 23 -46.82 -6.97 -37.64
N LYS C 24 -45.82 -7.84 -37.68
CA LYS C 24 -46.03 -9.27 -37.60
C LYS C 24 -44.84 -9.91 -36.90
N THR C 25 -44.93 -11.23 -36.72
CA THR C 25 -43.84 -12.00 -36.17
C THR C 25 -43.79 -13.34 -36.90
N LYS C 26 -42.63 -13.99 -36.84
CA LYS C 26 -42.48 -15.26 -37.55
C LYS C 26 -43.39 -16.33 -36.97
N ASP C 27 -43.52 -16.38 -35.65
CA ASP C 27 -44.27 -17.45 -35.01
C ASP C 27 -45.78 -17.26 -35.05
N MET C 28 -46.27 -16.08 -35.42
CA MET C 28 -47.69 -15.86 -35.60
C MET C 28 -48.18 -16.16 -36.99
N LYS C 29 -47.30 -16.60 -37.90
CA LYS C 29 -47.71 -16.72 -39.29
C LYS C 29 -48.65 -17.89 -39.52
N LYS C 30 -48.66 -18.89 -38.65
CA LYS C 30 -49.62 -19.96 -38.77
C LYS C 30 -51.05 -19.48 -38.57
N PHE C 31 -51.22 -18.31 -37.96
CA PHE C 31 -52.55 -17.76 -37.72
C PHE C 31 -52.93 -16.65 -38.70
N ILE C 32 -51.97 -16.03 -39.35
CA ILE C 32 -52.26 -14.93 -40.25
C ILE C 32 -52.87 -15.46 -41.53
N TYR C 33 -53.92 -14.78 -42.00
CA TYR C 33 -54.67 -15.17 -43.18
C TYR C 33 -54.13 -14.54 -44.45
N ARG C 34 -53.97 -13.22 -44.47
CA ARG C 34 -53.48 -12.50 -45.63
C ARG C 34 -53.06 -11.12 -45.18
N VAL C 35 -52.54 -10.33 -46.12
CA VAL C 35 -52.13 -8.96 -45.86
C VAL C 35 -52.82 -8.06 -46.88
N ARG C 36 -53.46 -7.00 -46.38
CA ARG C 36 -54.15 -6.07 -47.26
C ARG C 36 -53.15 -5.11 -47.90
N GLN C 37 -53.62 -4.38 -48.91
CA GLN C 37 -52.76 -3.51 -49.72
C GLN C 37 -52.17 -2.35 -48.94
N ASP C 38 -52.69 -2.05 -47.75
CA ASP C 38 -52.15 -0.94 -46.97
C ASP C 38 -51.25 -1.41 -45.84
N GLY C 39 -50.73 -2.64 -45.91
CA GLY C 39 -49.76 -3.11 -44.95
C GLY C 39 -50.32 -3.57 -43.63
N LEU C 40 -51.59 -3.92 -43.57
CA LEU C 40 -52.23 -4.40 -42.35
C LEU C 40 -52.51 -5.90 -42.50
N TYR C 41 -52.19 -6.66 -41.46
CA TYR C 41 -52.37 -8.10 -41.49
C TYR C 41 -53.72 -8.50 -40.91
N VAL C 42 -54.30 -9.56 -41.45
CA VAL C 42 -55.62 -10.04 -41.05
C VAL C 42 -55.46 -11.43 -40.45
N LEU C 43 -56.27 -11.71 -39.43
CA LEU C 43 -56.25 -13.01 -38.77
C LEU C 43 -57.32 -13.91 -39.36
N ASP C 44 -57.07 -15.22 -39.29
CA ASP C 44 -58.06 -16.21 -39.68
C ASP C 44 -59.09 -16.35 -38.57
N VAL C 45 -60.36 -16.49 -38.95
CA VAL C 45 -61.42 -16.58 -37.96
C VAL C 45 -61.71 -18.01 -37.52
N ARG C 46 -61.45 -18.99 -38.36
CA ARG C 46 -61.74 -20.38 -38.00
C ARG C 46 -60.77 -20.90 -36.95
N LYS C 47 -59.50 -20.51 -37.04
CA LYS C 47 -58.53 -20.88 -36.01
C LYS C 47 -58.93 -20.33 -34.66
N THR C 48 -59.43 -19.09 -34.63
CA THR C 48 -59.88 -18.49 -33.39
C THR C 48 -61.00 -19.30 -32.76
N ASP C 49 -61.97 -19.71 -33.57
CA ASP C 49 -63.07 -20.50 -33.06
C ASP C 49 -62.60 -21.82 -32.49
N GLU C 50 -61.72 -22.52 -33.22
CA GLU C 50 -61.26 -23.82 -32.75
C GLU C 50 -60.48 -23.71 -31.45
N ARG C 51 -59.58 -22.73 -31.37
CA ARG C 51 -58.84 -22.52 -30.14
C ARG C 51 -59.75 -22.11 -28.99
N LEU C 52 -60.79 -21.33 -29.27
CA LEU C 52 -61.73 -20.98 -28.21
C LEU C 52 -62.43 -22.20 -27.65
N LYS C 53 -62.85 -23.12 -28.52
CA LYS C 53 -63.48 -24.35 -28.02
C LYS C 53 -62.51 -25.15 -27.17
N VAL C 54 -61.27 -25.31 -27.64
CA VAL C 54 -60.30 -26.08 -26.87
C VAL C 54 -60.03 -25.43 -25.52
N ALA C 55 -59.87 -24.11 -25.50
CA ALA C 55 -59.62 -23.41 -24.24
C ALA C 55 -60.79 -23.53 -23.29
N GLY C 56 -62.02 -23.51 -23.82
CA GLY C 56 -63.17 -23.75 -22.98
C GLY C 56 -63.14 -25.11 -22.34
N LYS C 57 -62.71 -26.12 -23.08
CA LYS C 57 -62.61 -27.46 -22.48
C LYS C 57 -61.50 -27.52 -21.45
N PHE C 58 -60.40 -26.79 -21.66
CA PHE C 58 -59.24 -26.90 -20.79
C PHE C 58 -59.48 -26.26 -19.44
N LEU C 59 -60.06 -25.06 -19.42
CA LEU C 59 -60.23 -24.32 -18.18
C LEU C 59 -61.34 -24.88 -17.30
N ALA C 60 -62.23 -25.71 -17.85
CA ALA C 60 -63.34 -26.23 -17.07
C ALA C 60 -62.93 -27.31 -16.10
N ARG C 61 -61.73 -27.88 -16.23
CA ARG C 61 -61.27 -28.92 -15.33
C ARG C 61 -60.60 -28.38 -14.08
N PHE C 62 -60.34 -27.09 -14.00
CA PHE C 62 -59.69 -26.53 -12.82
C PHE C 62 -60.73 -26.14 -11.77
N ASP C 63 -60.29 -26.14 -10.51
CA ASP C 63 -61.15 -25.73 -9.42
C ASP C 63 -61.52 -24.26 -9.59
N PRO C 64 -62.81 -23.91 -9.50
CA PRO C 64 -63.25 -22.61 -10.05
C PRO C 64 -62.54 -21.39 -9.48
N GLN C 65 -62.21 -21.41 -8.20
CA GLN C 65 -61.64 -20.22 -7.58
C GLN C 65 -60.12 -20.15 -7.72
N SER C 66 -59.49 -21.06 -8.45
CA SER C 66 -58.06 -21.05 -8.64
C SER C 66 -57.65 -20.55 -10.02
N ILE C 67 -58.55 -19.88 -10.74
CA ILE C 67 -58.25 -19.27 -12.02
C ILE C 67 -58.09 -17.78 -11.80
N LEU C 68 -57.11 -17.18 -12.47
CA LEU C 68 -56.81 -15.75 -12.35
C LEU C 68 -56.79 -15.13 -13.74
N ALA C 69 -57.47 -14.00 -13.90
CA ALA C 69 -57.50 -13.26 -15.15
C ALA C 69 -57.12 -11.81 -14.90
N VAL C 70 -56.19 -11.29 -15.70
CA VAL C 70 -55.63 -9.96 -15.50
C VAL C 70 -55.78 -9.15 -16.77
N SER C 71 -55.82 -7.82 -16.60
CA SER C 71 -55.86 -6.91 -17.75
C SER C 71 -55.42 -5.53 -17.28
N VAL C 72 -54.27 -5.07 -17.80
CA VAL C 72 -53.82 -3.72 -17.55
C VAL C 72 -54.56 -2.72 -18.44
N ARG C 73 -54.81 -3.09 -19.69
CA ARG C 73 -55.45 -2.18 -20.63
C ARG C 73 -56.81 -1.74 -20.12
N LEU C 74 -57.15 -0.48 -20.40
CA LEU C 74 -58.40 0.08 -19.92
C LEU C 74 -59.61 -0.58 -20.55
N TYR C 75 -59.55 -0.89 -21.85
CA TYR C 75 -60.68 -1.52 -22.53
C TYR C 75 -60.91 -2.94 -22.08
N GLY C 76 -59.96 -3.58 -21.43
CA GLY C 76 -60.12 -4.95 -20.98
C GLY C 76 -60.52 -5.12 -19.53
N GLN C 77 -60.67 -4.04 -18.77
CA GLN C 77 -60.91 -4.17 -17.34
C GLN C 77 -62.34 -4.63 -17.05
N LYS C 78 -63.32 -4.06 -17.74
CA LYS C 78 -64.70 -4.49 -17.53
C LYS C 78 -64.94 -5.94 -17.94
N PRO C 79 -64.51 -6.42 -19.12
CA PRO C 79 -64.76 -7.82 -19.46
C PRO C 79 -64.17 -8.82 -18.49
N VAL C 80 -62.95 -8.60 -17.98
CA VAL C 80 -62.37 -9.58 -17.06
C VAL C 80 -63.12 -9.58 -15.73
N LYS C 81 -63.58 -8.41 -15.30
CA LYS C 81 -64.38 -8.34 -14.08
C LYS C 81 -65.69 -9.09 -14.23
N LYS C 82 -66.38 -8.90 -15.35
CA LYS C 82 -67.60 -9.65 -15.57
C LYS C 82 -67.32 -11.14 -15.69
N PHE C 83 -66.23 -11.51 -16.35
CA PHE C 83 -65.86 -12.91 -16.50
C PHE C 83 -65.61 -13.56 -15.15
N GLY C 84 -64.93 -12.86 -14.25
CA GLY C 84 -64.75 -13.37 -12.91
C GLY C 84 -66.06 -13.47 -12.15
N GLU C 85 -66.96 -12.52 -12.36
CA GLU C 85 -68.26 -12.57 -11.69
C GLU C 85 -69.05 -13.78 -12.13
N VAL C 86 -69.04 -14.09 -13.42
CA VAL C 86 -69.85 -15.20 -13.92
C VAL C 86 -69.30 -16.55 -13.49
N THR C 87 -67.99 -16.76 -13.67
CA THR C 87 -67.43 -18.10 -13.51
C THR C 87 -66.88 -18.39 -12.13
N GLY C 88 -66.74 -17.39 -11.27
CA GLY C 88 -66.18 -17.61 -9.96
C GLY C 88 -64.68 -17.49 -9.86
N ALA C 89 -64.01 -17.03 -10.90
CA ALA C 89 -62.57 -16.87 -10.86
C ALA C 89 -62.20 -15.50 -10.33
N ARG C 90 -60.98 -15.39 -9.83
CA ARG C 90 -60.47 -14.09 -9.38
C ARG C 90 -60.01 -13.26 -10.57
N ALA C 91 -60.27 -11.97 -10.51
CA ALA C 91 -59.90 -11.06 -11.58
C ALA C 91 -59.19 -9.86 -10.99
N ILE C 92 -58.08 -9.47 -11.59
CA ILE C 92 -57.31 -8.31 -11.19
C ILE C 92 -57.29 -7.33 -12.36
N PRO C 93 -58.15 -6.33 -12.35
CA PRO C 93 -58.07 -5.27 -13.35
C PRO C 93 -57.21 -4.11 -12.87
N GLY C 94 -56.47 -3.52 -13.81
CA GLY C 94 -55.63 -2.40 -13.48
C GLY C 94 -54.21 -2.80 -13.15
N ARG C 95 -53.54 -2.02 -12.32
CA ARG C 95 -52.13 -2.27 -12.03
C ARG C 95 -51.97 -3.56 -11.24
N PHE C 96 -51.03 -4.39 -11.68
CA PHE C 96 -50.66 -5.61 -11.00
C PHE C 96 -49.54 -5.28 -10.02
N LEU C 97 -49.78 -5.49 -8.73
CA LEU C 97 -48.78 -5.12 -7.74
C LEU C 97 -47.64 -6.13 -7.76
N PRO C 98 -46.41 -5.71 -7.99
CA PRO C 98 -45.30 -6.67 -8.02
C PRO C 98 -45.17 -7.39 -6.70
N GLY C 99 -44.89 -8.69 -6.78
CA GLY C 99 -44.83 -9.52 -5.60
C GLY C 99 -46.14 -10.13 -5.18
N THR C 100 -47.19 -10.00 -5.98
CA THR C 100 -48.47 -10.60 -5.65
C THR C 100 -48.37 -12.13 -5.65
N MET C 101 -47.48 -12.68 -6.48
CA MET C 101 -47.33 -14.13 -6.56
C MET C 101 -46.00 -14.63 -6.02
N THR C 102 -45.08 -13.76 -5.62
CA THR C 102 -43.77 -14.18 -5.16
C THR C 102 -43.44 -13.75 -3.74
N ASN C 103 -44.19 -12.83 -3.15
CA ASN C 103 -43.88 -12.30 -1.83
C ASN C 103 -44.94 -12.70 -0.82
N PRO C 104 -44.69 -13.72 0.00
CA PRO C 104 -45.73 -14.17 0.93
C PRO C 104 -46.14 -13.14 1.97
N ALA C 105 -45.32 -12.12 2.22
CA ALA C 105 -45.65 -11.10 3.21
C ALA C 105 -46.66 -10.09 2.71
N VAL C 106 -46.84 -9.97 1.39
CA VAL C 106 -47.82 -9.04 0.85
C VAL C 106 -49.23 -9.45 1.27
N LYS C 107 -50.11 -8.45 1.43
CA LYS C 107 -51.44 -8.70 1.98
C LYS C 107 -52.29 -9.58 1.06
N ASN C 108 -52.25 -9.33 -0.25
CA ASN C 108 -53.09 -10.07 -1.19
C ASN C 108 -52.31 -11.19 -1.87
N PHE C 109 -51.42 -11.85 -1.13
CA PHE C 109 -50.65 -12.95 -1.69
C PHE C 109 -51.58 -14.07 -2.13
N PHE C 110 -51.35 -14.56 -3.34
CA PHE C 110 -52.26 -15.53 -3.96
C PHE C 110 -51.49 -16.31 -5.02
N GLU C 111 -51.52 -17.63 -4.91
CA GLU C 111 -50.90 -18.50 -5.91
C GLU C 111 -51.99 -19.23 -6.69
N PRO C 112 -52.21 -18.91 -7.96
CA PRO C 112 -53.26 -19.58 -8.73
C PRO C 112 -52.76 -20.93 -9.26
N ASP C 113 -53.64 -21.59 -10.01
CA ASP C 113 -53.29 -22.80 -10.74
C ASP C 113 -53.13 -22.58 -12.23
N VAL C 114 -53.73 -21.53 -12.78
CA VAL C 114 -53.63 -21.20 -14.19
C VAL C 114 -53.99 -19.74 -14.34
N ILE C 115 -53.33 -19.06 -15.26
CA ILE C 115 -53.51 -17.63 -15.45
C ILE C 115 -53.94 -17.36 -16.88
N ILE C 116 -54.75 -16.32 -17.07
CA ILE C 116 -55.15 -15.87 -18.40
C ILE C 116 -54.64 -14.45 -18.60
N ILE C 117 -53.90 -14.24 -19.68
CA ILE C 117 -53.25 -12.98 -19.99
C ILE C 117 -54.01 -12.33 -21.13
N THR C 118 -54.42 -11.08 -20.94
CA THR C 118 -55.11 -10.37 -22.02
C THR C 118 -54.14 -9.90 -23.10
N ASP C 119 -52.97 -9.41 -22.72
CA ASP C 119 -51.99 -8.95 -23.69
C ASP C 119 -50.59 -9.17 -23.17
N PRO C 120 -49.83 -10.09 -23.76
CA PRO C 120 -48.50 -10.41 -23.21
C PRO C 120 -47.55 -9.23 -23.12
N ARG C 121 -47.68 -8.24 -24.00
CA ARG C 121 -46.79 -7.09 -23.94
C ARG C 121 -47.15 -6.17 -22.78
N ALA C 122 -48.43 -5.87 -22.62
CA ALA C 122 -48.86 -4.95 -21.57
C ALA C 122 -48.79 -5.59 -20.20
N ASP C 123 -49.12 -6.86 -20.10
CA ASP C 123 -49.12 -7.59 -18.83
C ASP C 123 -47.79 -8.29 -18.58
N HIS C 124 -46.68 -7.57 -18.73
CA HIS C 124 -45.38 -8.23 -18.67
C HIS C 124 -44.99 -8.59 -17.24
N GLN C 125 -45.46 -7.82 -16.25
CA GLN C 125 -45.15 -8.15 -14.88
C GLN C 125 -45.81 -9.44 -14.44
N ALA C 126 -47.09 -9.60 -14.77
CA ALA C 126 -47.81 -10.82 -14.41
C ALA C 126 -47.21 -12.03 -15.10
N MET C 127 -46.85 -11.91 -16.38
CA MET C 127 -46.24 -13.03 -17.06
C MET C 127 -44.89 -13.38 -16.47
N LYS C 128 -44.09 -12.36 -16.15
CA LYS C 128 -42.78 -12.61 -15.56
C LYS C 128 -42.91 -13.34 -14.24
N GLU C 129 -43.89 -12.96 -13.41
CA GLU C 129 -44.07 -13.67 -12.15
C GLU C 129 -44.65 -15.07 -12.36
N ALA C 130 -45.49 -15.25 -13.37
CA ALA C 130 -46.07 -16.58 -13.60
C ALA C 130 -45.03 -17.57 -14.09
N ILE C 131 -44.03 -17.11 -14.84
CA ILE C 131 -42.97 -18.01 -15.30
C ILE C 131 -42.22 -18.60 -14.10
N GLU C 132 -42.18 -17.88 -12.98
CA GLU C 132 -41.34 -18.30 -11.87
C GLU C 132 -42.02 -19.32 -10.97
N ILE C 133 -43.33 -19.51 -11.07
CA ILE C 133 -44.01 -20.48 -10.21
C ILE C 133 -44.50 -21.69 -10.96
N GLY C 134 -44.21 -21.79 -12.25
CA GLY C 134 -44.46 -23.02 -12.99
C GLY C 134 -45.90 -23.42 -13.19
N ILE C 135 -46.75 -22.51 -13.63
CA ILE C 135 -48.15 -22.83 -13.92
C ILE C 135 -48.39 -22.63 -15.41
N PRO C 136 -49.40 -23.27 -15.99
CA PRO C 136 -49.72 -23.04 -17.40
C PRO C 136 -50.19 -21.62 -17.66
N ILE C 137 -49.90 -21.12 -18.85
CA ILE C 137 -50.22 -19.75 -19.25
C ILE C 137 -51.11 -19.79 -20.49
N VAL C 138 -52.25 -19.13 -20.40
CA VAL C 138 -53.18 -19.00 -21.52
C VAL C 138 -53.26 -17.52 -21.88
N ALA C 139 -53.03 -17.20 -23.15
CA ALA C 139 -52.92 -15.80 -23.54
C ALA C 139 -53.65 -15.53 -24.85
N LEU C 140 -54.10 -14.29 -25.00
CA LEU C 140 -54.65 -13.80 -26.26
C LEU C 140 -53.56 -13.04 -27.00
N VAL C 141 -53.31 -13.44 -28.24
CA VAL C 141 -52.16 -12.96 -28.99
C VAL C 141 -52.63 -12.28 -30.26
N ASP C 142 -51.97 -11.19 -30.61
CA ASP C 142 -52.22 -10.45 -31.85
C ASP C 142 -51.11 -10.77 -32.84
N THR C 143 -51.19 -10.17 -34.03
CA THR C 143 -50.15 -10.38 -35.03
C THR C 143 -48.80 -9.89 -34.57
N GLU C 144 -48.76 -9.03 -33.57
CA GLU C 144 -47.55 -8.37 -33.10
C GLU C 144 -46.82 -9.15 -32.01
N ASN C 145 -47.47 -10.11 -31.36
CA ASN C 145 -46.94 -10.71 -30.15
C ASN C 145 -45.99 -11.87 -30.45
N LEU C 146 -45.21 -12.23 -29.44
CA LEU C 146 -44.39 -13.43 -29.44
C LEU C 146 -45.07 -14.52 -28.63
N LEU C 147 -44.82 -15.77 -29.02
CA LEU C 147 -45.37 -16.91 -28.31
C LEU C 147 -44.41 -17.46 -27.26
N SER C 148 -43.42 -16.67 -26.86
CA SER C 148 -42.50 -17.11 -25.83
C SER C 148 -43.25 -17.34 -24.51
N TYR C 149 -43.05 -18.51 -23.92
CA TYR C 149 -43.63 -18.91 -22.65
C TYR C 149 -45.15 -18.90 -22.64
N VAL C 150 -45.78 -19.15 -23.78
CA VAL C 150 -47.23 -19.30 -23.86
C VAL C 150 -47.54 -20.76 -24.11
N ASP C 151 -48.44 -21.33 -23.32
CA ASP C 151 -48.74 -22.76 -23.41
C ASP C 151 -50.01 -23.04 -24.20
N LEU C 152 -50.93 -22.09 -24.28
CA LEU C 152 -52.13 -22.23 -25.09
C LEU C 152 -52.49 -20.85 -25.62
N ALA C 153 -52.42 -20.67 -26.93
CA ALA C 153 -52.59 -19.38 -27.57
C ALA C 153 -53.95 -19.28 -28.23
N ILE C 154 -54.59 -18.12 -28.08
CA ILE C 154 -55.86 -17.84 -28.75
C ILE C 154 -55.69 -16.62 -29.63
N PRO C 155 -55.61 -16.78 -30.95
CA PRO C 155 -55.31 -15.64 -31.84
C PRO C 155 -56.53 -14.74 -32.00
N THR C 156 -56.37 -13.47 -31.68
CA THR C 156 -57.45 -12.50 -31.83
C THR C 156 -56.90 -11.10 -31.72
N ASN C 157 -57.71 -10.14 -32.14
CA ASN C 157 -57.44 -8.75 -31.82
C ASN C 157 -57.65 -8.54 -30.33
N ASN C 158 -56.57 -8.20 -29.62
CA ASN C 158 -56.65 -7.98 -28.18
C ASN C 158 -56.49 -6.52 -27.80
N LYS C 159 -56.94 -5.61 -28.67
CA LYS C 159 -56.91 -4.18 -28.38
C LYS C 159 -58.25 -3.49 -28.54
N GLY C 160 -59.17 -4.06 -29.30
CA GLY C 160 -60.47 -3.46 -29.51
C GLY C 160 -61.41 -3.68 -28.34
N ARG C 161 -62.47 -2.87 -28.30
CA ARG C 161 -63.41 -2.92 -27.20
C ARG C 161 -64.41 -4.06 -27.38
N LYS C 162 -65.16 -4.01 -28.47
CA LYS C 162 -66.15 -5.05 -28.74
C LYS C 162 -65.49 -6.41 -28.89
N ALA C 163 -64.28 -6.45 -29.45
CA ALA C 163 -63.59 -7.72 -29.64
C ALA C 163 -63.30 -8.39 -28.30
N LEU C 164 -62.72 -7.65 -27.36
CA LEU C 164 -62.42 -8.22 -26.05
C LEU C 164 -63.70 -8.64 -25.34
N ALA C 165 -64.75 -7.81 -25.43
CA ALA C 165 -66.02 -8.17 -24.81
C ALA C 165 -66.53 -9.50 -25.35
N LEU C 166 -66.54 -9.66 -26.66
CA LEU C 166 -67.07 -10.88 -27.26
C LEU C 166 -66.22 -12.09 -26.89
N ILE C 167 -64.89 -11.94 -26.90
CA ILE C 167 -64.03 -13.07 -26.59
C ILE C 167 -64.31 -13.57 -25.18
N TYR C 168 -64.37 -12.65 -24.21
CA TYR C 168 -64.59 -13.10 -22.84
C TYR C 168 -66.01 -13.65 -22.65
N TRP C 169 -67.00 -13.10 -23.34
CA TRP C 169 -68.36 -13.64 -23.28
C TRP C 169 -68.38 -15.11 -23.72
N ILE C 170 -67.79 -15.38 -24.89
CA ILE C 170 -67.77 -16.73 -25.42
C ILE C 170 -67.02 -17.67 -24.49
N LEU C 171 -65.86 -17.24 -23.98
CA LEU C 171 -65.08 -18.11 -23.12
C LEU C 171 -65.84 -18.46 -21.84
N ALA C 172 -66.52 -17.48 -21.25
CA ALA C 172 -67.28 -17.77 -20.04
C ALA C 172 -68.40 -18.75 -20.31
N ARG C 173 -69.12 -18.58 -21.43
CA ARG C 173 -70.17 -19.53 -21.75
C ARG C 173 -69.60 -20.93 -21.96
N GLU C 174 -68.45 -21.03 -22.61
CA GLU C 174 -67.87 -22.35 -22.85
C GLU C 174 -67.48 -23.02 -21.54
N ILE C 175 -66.90 -22.28 -20.61
CA ILE C 175 -66.56 -22.87 -19.32
C ILE C 175 -67.82 -23.37 -18.61
N LEU C 176 -68.86 -22.53 -18.59
CA LEU C 176 -70.09 -22.93 -17.91
C LEU C 176 -70.70 -24.18 -18.53
N TYR C 177 -70.73 -24.24 -19.86
CA TYR C 177 -71.33 -25.38 -20.53
C TYR C 177 -70.53 -26.65 -20.30
N ASN C 178 -69.19 -26.57 -20.41
CA ASN C 178 -68.38 -27.77 -20.24
C ASN C 178 -68.45 -28.29 -18.81
N ARG C 179 -68.45 -27.41 -17.81
CA ARG C 179 -68.48 -27.90 -16.45
C ARG C 179 -69.89 -28.25 -15.99
N GLY C 180 -70.90 -28.07 -16.84
CA GLY C 180 -72.22 -28.61 -16.59
C GLY C 180 -73.19 -27.73 -15.85
N GLU C 181 -72.86 -26.46 -15.62
CA GLU C 181 -73.77 -25.59 -14.88
C GLU C 181 -74.96 -25.11 -15.71
N ILE C 182 -74.90 -25.25 -17.02
CA ILE C 182 -76.07 -25.08 -17.89
C ILE C 182 -76.12 -26.28 -18.82
N SER C 183 -77.33 -26.73 -19.13
CA SER C 183 -77.49 -27.95 -19.90
C SER C 183 -77.39 -27.74 -21.40
N SER C 184 -77.47 -26.49 -21.85
CA SER C 184 -77.36 -26.17 -23.26
C SER C 184 -76.72 -24.80 -23.41
N ARG C 185 -76.14 -24.56 -24.58
CA ARG C 185 -75.49 -23.29 -24.85
C ARG C 185 -76.48 -22.13 -24.81
N GLU C 186 -77.67 -22.37 -25.33
CA GLU C 186 -78.71 -21.33 -25.37
C GLU C 186 -79.26 -20.88 -24.02
N GLU C 187 -79.19 -21.72 -23.01
CA GLU C 187 -79.76 -21.33 -21.72
C GLU C 187 -79.06 -20.11 -21.15
N PHE C 188 -77.87 -19.83 -21.66
CA PHE C 188 -77.01 -18.77 -21.12
C PHE C 188 -77.58 -17.43 -21.58
N LYS C 189 -78.48 -16.88 -20.77
CA LYS C 189 -79.17 -15.64 -21.11
C LYS C 189 -78.56 -14.45 -20.35
N ILE C 190 -77.40 -14.01 -20.84
CA ILE C 190 -76.77 -12.78 -20.38
C ILE C 190 -76.29 -12.05 -21.63
N PRO C 191 -76.71 -10.80 -21.85
CA PRO C 191 -76.36 -10.13 -23.10
C PRO C 191 -74.87 -9.85 -23.20
N VAL C 192 -74.39 -9.79 -24.45
CA VAL C 192 -73.00 -9.43 -24.68
C VAL C 192 -72.73 -8.02 -24.22
N GLU C 193 -73.71 -7.12 -24.33
CA GLU C 193 -73.50 -5.74 -23.93
C GLU C 193 -73.12 -5.60 -22.47
N GLU C 194 -73.57 -6.51 -21.63
CA GLU C 194 -73.24 -6.45 -20.21
C GLU C 194 -71.74 -6.64 -19.95
N PHE C 195 -70.99 -7.17 -20.91
CA PHE C 195 -69.59 -7.47 -20.72
C PHE C 195 -68.65 -6.33 -21.05
N GLU C 196 -69.08 -5.32 -21.79
CA GLU C 196 -68.14 -4.36 -22.35
C GLU C 196 -68.21 -3.02 -21.63
N MET C 197 -67.14 -2.24 -21.81
CA MET C 197 -67.06 -0.90 -21.26
C MET C 197 -67.87 0.07 -22.10
N LYS C 198 -68.69 0.87 -21.42
CA LYS C 198 -69.52 1.86 -22.10
C LYS C 198 -68.77 3.18 -22.25
N ILE C 199 -69.08 3.88 -23.34
CA ILE C 199 -68.52 5.19 -23.62
C ILE C 199 -67.00 5.16 -23.63
N LEU D 7 -36.71 -50.37 -4.92
CA LEU D 7 -37.15 -49.73 -6.15
C LEU D 7 -36.76 -48.25 -6.15
N LYS D 8 -36.78 -47.64 -7.32
CA LYS D 8 -36.39 -46.25 -7.49
C LYS D 8 -37.57 -45.44 -8.02
N PHE D 9 -37.31 -44.18 -8.34
CA PHE D 9 -38.30 -43.28 -8.90
C PHE D 9 -37.82 -42.78 -10.25
N GLU D 10 -38.76 -42.42 -11.12
CA GLU D 10 -38.44 -42.05 -12.49
C GLU D 10 -38.44 -40.54 -12.67
N ILE D 11 -37.53 -40.07 -13.52
CA ILE D 11 -37.36 -38.65 -13.78
C ILE D 11 -38.21 -38.27 -14.99
N PRO D 12 -38.97 -37.18 -14.93
CA PRO D 12 -39.84 -36.82 -16.06
C PRO D 12 -39.03 -36.36 -17.26
N VAL D 13 -39.65 -36.47 -18.43
CA VAL D 13 -39.00 -36.24 -19.72
C VAL D 13 -39.88 -35.32 -20.55
N CYS D 14 -39.25 -34.35 -21.22
CA CYS D 14 -39.97 -33.38 -22.03
C CYS D 14 -40.72 -34.06 -23.16
N THR D 15 -41.91 -33.54 -23.48
CA THR D 15 -42.74 -34.14 -24.52
C THR D 15 -42.21 -33.80 -25.91
N SER D 16 -41.72 -32.58 -26.10
CA SER D 16 -41.23 -32.18 -27.41
C SER D 16 -39.84 -32.74 -27.70
N CYS D 17 -38.87 -32.50 -26.81
CA CYS D 17 -37.49 -32.82 -27.10
C CYS D 17 -36.98 -34.11 -26.48
N GLY D 18 -37.63 -34.63 -25.44
CA GLY D 18 -37.22 -35.88 -24.85
C GLY D 18 -36.13 -35.80 -23.79
N ARG D 19 -35.61 -34.62 -23.49
CA ARG D 19 -34.58 -34.48 -22.49
C ARG D 19 -35.19 -34.39 -21.10
N GLU D 20 -34.39 -34.79 -20.10
CA GLU D 20 -34.87 -34.80 -18.72
C GLU D 20 -35.01 -33.39 -18.17
N ILE D 21 -35.77 -33.27 -17.10
CA ILE D 21 -36.02 -32.00 -16.45
C ILE D 21 -35.06 -31.85 -15.28
N THR D 22 -34.33 -30.74 -15.24
CA THR D 22 -33.36 -30.51 -14.18
C THR D 22 -34.05 -30.03 -12.90
N PRO D 23 -33.38 -30.16 -11.75
CA PRO D 23 -34.09 -29.94 -10.48
C PRO D 23 -34.71 -28.57 -10.27
N ARG D 24 -34.13 -27.50 -10.79
CA ARG D 24 -34.64 -26.16 -10.47
C ARG D 24 -34.98 -25.34 -11.70
N GLU D 25 -35.28 -25.95 -12.83
CA GLU D 25 -35.57 -25.16 -14.00
C GLU D 25 -37.07 -24.84 -14.09
N HIS D 26 -37.39 -23.82 -14.89
CA HIS D 26 -38.76 -23.34 -15.02
C HIS D 26 -39.50 -24.15 -16.07
N ALA D 27 -39.74 -25.41 -15.75
CA ALA D 27 -40.53 -26.28 -16.60
C ALA D 27 -42.00 -26.21 -16.18
N THR D 28 -42.85 -26.92 -16.92
CA THR D 28 -44.25 -26.97 -16.55
C THR D 28 -44.87 -28.27 -17.03
N HIS D 29 -46.00 -28.64 -16.42
CA HIS D 29 -46.72 -29.83 -16.82
C HIS D 29 -48.20 -29.61 -16.60
N PHE D 30 -49.01 -30.20 -17.48
CA PHE D 30 -50.45 -30.02 -17.42
C PHE D 30 -51.13 -31.12 -18.22
N VAL D 31 -52.42 -31.35 -17.95
CA VAL D 31 -53.13 -32.35 -18.72
C VAL D 31 -53.42 -31.83 -20.12
N CYS D 32 -53.62 -32.75 -21.05
CA CYS D 32 -53.83 -32.37 -22.45
C CYS D 32 -55.09 -31.53 -22.57
N PRO D 33 -55.02 -30.34 -23.17
CA PRO D 33 -56.22 -29.50 -23.26
C PRO D 33 -57.37 -30.15 -23.98
N ASN D 34 -57.10 -30.91 -25.04
CA ASN D 34 -58.19 -31.38 -25.91
C ASN D 34 -58.87 -32.62 -25.33
N CYS D 35 -58.12 -33.54 -24.78
CA CYS D 35 -58.68 -34.80 -24.29
C CYS D 35 -58.62 -34.94 -22.78
N GLY D 36 -57.56 -34.47 -22.13
CA GLY D 36 -57.46 -34.60 -20.69
C GLY D 36 -57.08 -35.98 -20.20
N GLU D 37 -56.43 -36.80 -21.03
CA GLU D 37 -56.08 -38.15 -20.63
C GLU D 37 -54.59 -38.38 -20.50
N ALA D 38 -53.76 -37.47 -21.01
CA ALA D 38 -52.32 -37.60 -20.93
C ALA D 38 -51.74 -36.35 -20.30
N ILE D 39 -50.50 -36.44 -19.85
CA ILE D 39 -49.82 -35.34 -19.18
C ILE D 39 -48.72 -34.82 -20.08
N ILE D 40 -48.74 -33.53 -20.34
CA ILE D 40 -47.74 -32.84 -21.16
C ILE D 40 -46.71 -32.22 -20.24
N TRP D 41 -45.44 -32.44 -20.56
CA TRP D 41 -44.31 -31.78 -19.90
C TRP D 41 -43.60 -30.89 -20.92
N ARG D 42 -43.23 -29.69 -20.49
CA ARG D 42 -42.47 -28.78 -21.34
C ARG D 42 -41.29 -28.25 -20.54
N CYS D 43 -40.09 -28.37 -21.10
CA CYS D 43 -38.89 -27.87 -20.46
C CYS D 43 -38.73 -26.38 -20.75
N GLU D 44 -37.77 -25.77 -20.05
CA GLU D 44 -37.60 -24.33 -20.13
C GLU D 44 -37.16 -23.89 -21.53
N THR D 45 -36.26 -24.64 -22.15
CA THR D 45 -35.79 -24.28 -23.49
C THR D 45 -36.90 -24.35 -24.52
N CYS D 46 -37.74 -25.37 -24.45
CA CYS D 46 -38.85 -25.46 -25.40
C CYS D 46 -39.86 -24.34 -25.18
N ARG D 47 -40.13 -23.99 -23.93
CA ARG D 47 -41.07 -22.91 -23.64
C ARG D 47 -40.54 -21.57 -24.15
N LEU D 48 -39.25 -21.31 -23.96
CA LEU D 48 -38.68 -20.05 -24.41
C LEU D 48 -38.72 -19.91 -25.92
N LEU D 49 -38.47 -21.00 -26.64
CA LEU D 49 -38.38 -20.97 -28.10
C LEU D 49 -39.70 -21.27 -28.80
N ALA D 50 -40.77 -21.52 -28.05
CA ALA D 50 -42.10 -21.77 -28.62
C ALA D 50 -42.12 -22.99 -29.53
N LYS D 51 -41.44 -24.03 -29.10
CA LYS D 51 -41.47 -25.29 -29.84
C LYS D 51 -42.84 -25.94 -29.73
N PRO D 52 -43.37 -26.49 -30.81
CA PRO D 52 -44.67 -27.15 -30.74
C PRO D 52 -44.59 -28.49 -30.00
N TYR D 53 -45.74 -28.93 -29.51
CA TYR D 53 -45.87 -30.23 -28.85
C TYR D 53 -47.09 -30.94 -29.42
N LYS D 54 -47.17 -32.24 -29.16
CA LYS D 54 -48.22 -33.07 -29.73
C LYS D 54 -48.65 -34.14 -28.75
N CYS D 55 -49.95 -34.26 -28.51
CA CYS D 55 -50.45 -35.22 -27.52
C CYS D 55 -50.26 -36.64 -28.01
N PRO D 56 -49.86 -37.57 -27.14
CA PRO D 56 -49.67 -38.96 -27.58
C PRO D 56 -50.97 -39.74 -27.78
N LYS D 57 -52.10 -39.26 -27.27
CA LYS D 57 -53.35 -39.99 -27.37
C LYS D 57 -54.24 -39.48 -28.50
N CYS D 58 -54.50 -38.18 -28.54
CA CYS D 58 -55.42 -37.62 -29.54
C CYS D 58 -54.72 -37.02 -30.75
N GLY D 59 -53.45 -36.65 -30.63
CA GLY D 59 -52.75 -36.04 -31.74
C GLY D 59 -52.92 -34.54 -31.87
N TRP D 60 -53.74 -33.92 -31.03
CA TRP D 60 -53.84 -32.46 -31.04
C TRP D 60 -52.49 -31.86 -30.72
N GLU D 61 -52.13 -30.80 -31.43
CA GLU D 61 -50.77 -30.28 -31.33
C GLU D 61 -50.74 -28.78 -31.11
N GLY D 62 -49.70 -28.34 -30.40
CA GLY D 62 -49.21 -26.99 -30.48
C GLY D 62 -49.74 -26.09 -29.39
N PRO D 63 -48.93 -25.13 -28.97
CA PRO D 63 -49.31 -24.05 -28.05
C PRO D 63 -50.26 -23.07 -28.71
N GLY E 2 26.89 -39.53 -17.74
CA GLY E 2 25.88 -39.05 -16.82
C GLY E 2 26.30 -39.21 -15.39
N ASP E 3 25.40 -39.67 -14.53
CA ASP E 3 25.70 -39.79 -13.13
C ASP E 3 25.46 -41.22 -12.67
N PRO E 4 26.28 -41.72 -11.74
CA PRO E 4 26.02 -43.05 -11.18
C PRO E 4 24.87 -43.01 -10.19
N LYS E 5 24.52 -44.20 -9.70
CA LYS E 5 23.35 -44.35 -8.85
C LYS E 5 23.55 -43.70 -7.49
N ARG E 6 22.48 -43.09 -6.98
CA ARG E 6 22.42 -42.59 -5.61
C ARG E 6 21.24 -43.24 -4.92
N GLN E 7 21.43 -43.72 -3.70
CA GLN E 7 20.35 -44.38 -2.97
C GLN E 7 19.38 -43.34 -2.43
N ARG E 8 18.08 -43.60 -2.60
CA ARG E 8 17.03 -42.65 -2.28
C ARG E 8 16.28 -43.07 -1.03
N LYS E 9 15.61 -42.10 -0.41
CA LYS E 9 14.80 -42.39 0.77
C LYS E 9 13.62 -43.28 0.41
N LYS E 10 13.15 -44.04 1.39
CA LYS E 10 12.06 -44.97 1.20
C LYS E 10 10.73 -44.47 1.73
N TYR E 11 10.66 -43.21 2.16
CA TYR E 11 9.42 -42.63 2.66
C TYR E 11 9.24 -41.24 2.07
N GLU E 12 8.04 -40.69 2.23
CA GLU E 12 7.70 -39.39 1.68
C GLU E 12 7.19 -38.47 2.78
N THR E 13 7.55 -37.21 2.68
CA THR E 13 7.19 -36.21 3.69
C THR E 13 5.93 -35.46 3.28
N PRO E 14 5.26 -34.81 4.24
CA PRO E 14 4.01 -34.12 3.91
C PRO E 14 4.25 -32.92 3.02
N PRO E 15 3.30 -32.56 2.17
CA PRO E 15 3.47 -31.38 1.32
C PRO E 15 3.42 -30.07 2.07
N HIS E 16 2.71 -30.00 3.19
CA HIS E 16 2.66 -28.80 4.01
C HIS E 16 2.88 -29.27 5.43
N PRO E 17 3.80 -28.66 6.18
CA PRO E 17 4.14 -29.19 7.50
C PRO E 17 3.11 -28.87 8.58
N TRP E 18 2.30 -27.83 8.43
CA TRP E 18 1.41 -27.38 9.51
C TRP E 18 -0.03 -27.30 9.00
N ILE E 19 -0.69 -28.45 8.95
CA ILE E 19 -2.11 -28.54 8.60
C ILE E 19 -2.81 -29.17 9.79
N LYS E 20 -3.82 -28.51 10.31
CA LYS E 20 -4.35 -28.86 11.64
C LYS E 20 -4.95 -30.26 11.64
N GLU E 21 -5.77 -30.57 10.64
CA GLU E 21 -6.45 -31.86 10.62
C GLU E 21 -5.46 -33.02 10.50
N ARG E 22 -4.47 -32.87 9.64
CA ARG E 22 -3.48 -33.92 9.48
C ARG E 22 -2.69 -34.14 10.76
N LEU E 23 -2.34 -33.06 11.45
CA LEU E 23 -1.63 -33.19 12.71
C LEU E 23 -2.46 -33.94 13.74
N ASP E 24 -3.76 -33.64 13.83
CA ASP E 24 -4.62 -34.34 14.78
C ASP E 24 -4.68 -35.83 14.48
N ARG E 25 -4.93 -36.18 13.22
CA ARG E 25 -5.03 -37.60 12.86
C ARG E 25 -3.74 -38.34 13.16
N GLU E 26 -2.60 -37.77 12.76
CA GLU E 26 -1.34 -38.44 12.99
C GLU E 26 -1.01 -38.56 14.47
N ARG E 27 -1.39 -37.58 15.28
CA ARG E 27 -1.14 -37.68 16.71
C ARG E 27 -1.93 -38.82 17.32
N VAL E 28 -3.17 -39.00 16.88
CA VAL E 28 -3.96 -40.14 17.37
C VAL E 28 -3.25 -41.45 17.07
N LEU E 29 -2.80 -41.62 15.83
CA LEU E 29 -2.12 -42.87 15.47
C LEU E 29 -0.82 -43.06 16.25
N MET E 30 -0.02 -42.00 16.36
CA MET E 30 1.26 -42.11 17.07
C MET E 30 1.07 -42.52 18.51
N ASP E 31 0.08 -41.93 19.19
CA ASP E 31 -0.14 -42.29 20.57
C ASP E 31 -0.66 -43.71 20.71
N LYS E 32 -1.57 -44.14 19.83
CA LYS E 32 -2.12 -45.47 20.00
C LYS E 32 -1.07 -46.55 19.78
N TYR E 33 -0.25 -46.44 18.74
CA TYR E 33 0.67 -47.53 18.43
C TYR E 33 2.08 -47.32 18.95
N GLU E 34 2.36 -46.21 19.63
CA GLU E 34 3.63 -46.00 20.33
C GLU E 34 4.83 -46.07 19.38
N LEU E 35 4.81 -45.22 18.37
CA LEU E 35 5.92 -45.11 17.45
C LEU E 35 6.92 -44.06 17.94
N LYS E 36 8.16 -44.20 17.51
CA LYS E 36 9.18 -43.29 18.04
C LYS E 36 9.12 -41.91 17.43
N ASN E 37 8.94 -41.80 16.12
CA ASN E 37 8.96 -40.50 15.46
C ASN E 37 8.02 -40.55 14.25
N LYS E 38 7.84 -39.39 13.62
CA LYS E 38 6.91 -39.31 12.50
C LYS E 38 7.39 -40.14 11.31
N LYS E 39 8.70 -40.15 11.04
CA LYS E 39 9.18 -40.83 9.83
C LYS E 39 8.81 -42.30 9.85
N GLU E 40 8.87 -42.93 11.02
CA GLU E 40 8.39 -44.30 11.14
C GLU E 40 6.98 -44.43 10.60
N LEU E 41 6.06 -43.60 11.09
CA LEU E 41 4.71 -43.59 10.56
C LEU E 41 4.72 -43.37 9.06
N TRP E 42 5.48 -42.38 8.59
CA TRP E 42 5.48 -42.07 7.16
C TRP E 42 5.97 -43.26 6.36
N LYS E 43 6.93 -44.01 6.91
CA LYS E 43 7.40 -45.19 6.20
C LYS E 43 6.23 -46.10 5.87
N HIS E 44 5.41 -46.42 6.87
CA HIS E 44 4.32 -47.34 6.62
C HIS E 44 3.33 -46.74 5.64
N GLU E 45 3.08 -45.43 5.73
CA GLU E 45 2.15 -44.82 4.78
C GLU E 45 2.63 -45.06 3.36
N THR E 46 3.93 -44.89 3.12
CA THR E 46 4.43 -45.05 1.76
C THR E 46 4.17 -46.46 1.27
N GLN E 47 4.39 -47.45 2.12
CA GLN E 47 4.13 -48.82 1.71
C GLN E 47 2.71 -48.95 1.18
N LEU E 48 1.74 -48.46 1.94
CA LEU E 48 0.35 -48.56 1.52
C LEU E 48 0.17 -47.93 0.15
N LYS E 49 0.69 -46.71 -0.03
CA LYS E 49 0.46 -46.03 -1.28
C LYS E 49 1.04 -46.82 -2.45
N ASN E 50 2.20 -47.44 -2.24
CA ASN E 50 2.77 -48.23 -3.32
C ASN E 50 1.83 -49.33 -3.74
N PHE E 51 1.26 -50.06 -2.79
CA PHE E 51 0.31 -51.10 -3.14
C PHE E 51 -0.82 -50.51 -3.96
N ARG E 52 -1.40 -49.40 -3.50
CA ARG E 52 -2.49 -48.80 -4.24
C ARG E 52 -2.05 -48.41 -5.63
N ARG E 53 -0.87 -47.81 -5.75
CA ARG E 53 -0.42 -47.37 -7.08
C ARG E 53 -0.25 -48.55 -8.01
N ARG E 54 0.07 -49.73 -7.49
CA ARG E 54 0.22 -50.89 -8.37
C ARG E 54 -1.14 -51.41 -8.79
N ALA E 55 -2.15 -51.30 -7.93
CA ALA E 55 -3.46 -51.81 -8.29
C ALA E 55 -4.12 -50.93 -9.33
N ARG E 56 -3.96 -49.61 -9.22
CA ARG E 56 -4.55 -48.70 -10.18
C ARG E 56 -3.96 -48.90 -11.57
N ARG E 57 -2.68 -49.23 -11.63
CA ARG E 57 -2.04 -49.41 -12.93
C ARG E 57 -2.47 -50.70 -13.61
N LEU E 58 -2.73 -51.76 -12.84
CA LEU E 58 -3.03 -53.06 -13.43
C LEU E 58 -4.49 -53.23 -13.80
N LEU E 59 -5.39 -52.46 -13.21
CA LEU E 59 -6.78 -52.51 -13.61
C LEU E 59 -6.94 -52.03 -15.05
N ALA E 60 -6.07 -51.13 -15.49
CA ALA E 60 -6.16 -50.50 -16.80
C ALA E 60 -5.24 -51.14 -17.83
N ALA E 61 -4.63 -52.28 -17.53
CA ALA E 61 -3.68 -52.91 -18.43
C ALA E 61 -4.23 -54.23 -18.95
N ARG E 62 -3.67 -54.66 -20.08
CA ARG E 62 -4.02 -55.93 -20.70
C ARG E 62 -2.81 -56.47 -21.43
N GLY E 63 -2.78 -57.79 -21.56
CA GLY E 63 -1.62 -58.46 -22.12
C GLY E 63 -1.20 -59.63 -21.27
N LYS E 64 -0.04 -60.20 -21.54
CA LYS E 64 0.37 -61.41 -20.83
C LYS E 64 1.12 -61.10 -19.54
N GLN E 65 2.01 -60.10 -19.56
CA GLN E 65 2.76 -59.76 -18.36
C GLN E 65 1.85 -59.16 -17.30
N ALA E 66 0.81 -58.43 -17.71
CA ALA E 66 -0.07 -57.80 -16.74
C ALA E 66 -0.76 -58.83 -15.86
N GLU E 67 -1.18 -59.96 -16.44
CA GLU E 67 -1.86 -60.98 -15.66
C GLU E 67 -0.92 -61.64 -14.66
N ILE E 68 0.33 -61.88 -15.07
CA ILE E 68 1.33 -62.40 -14.14
C ILE E 68 1.51 -61.46 -12.97
N GLU E 69 1.68 -60.17 -13.25
CA GLU E 69 1.90 -59.22 -12.16
C GLU E 69 0.67 -59.09 -11.28
N ARG E 70 -0.51 -59.23 -11.87
CA ARG E 70 -1.75 -59.16 -11.10
C ARG E 70 -1.83 -60.29 -10.08
N GLU E 71 -1.58 -61.52 -10.52
CA GLU E 71 -1.62 -62.62 -9.56
C GLU E 71 -0.48 -62.53 -8.56
N GLN E 72 0.68 -62.01 -8.96
CA GLN E 72 1.78 -61.83 -8.01
C GLN E 72 1.41 -60.83 -6.92
N LEU E 73 0.76 -59.73 -7.30
CA LEU E 73 0.32 -58.75 -6.30
C LEU E 73 -0.66 -59.36 -5.33
N LEU E 74 -1.65 -60.09 -5.83
CA LEU E 74 -2.62 -60.71 -4.92
C LEU E 74 -1.95 -61.71 -3.98
N ALA E 75 -1.04 -62.53 -4.51
CA ALA E 75 -0.37 -63.51 -3.67
C ALA E 75 0.47 -62.86 -2.59
N ARG E 76 1.23 -61.82 -2.95
CA ARG E 76 2.04 -61.15 -1.93
C ARG E 76 1.18 -60.49 -0.88
N LEU E 77 0.05 -59.88 -1.28
CA LEU E 77 -0.80 -59.24 -0.30
C LEU E 77 -1.42 -60.23 0.66
N LYS E 78 -1.86 -61.40 0.17
CA LYS E 78 -2.49 -62.31 1.11
C LYS E 78 -1.50 -63.24 1.78
N ARG E 79 -0.23 -63.19 1.42
CA ARG E 79 0.79 -63.89 2.22
C ARG E 79 1.13 -63.10 3.47
N LEU E 80 1.09 -61.77 3.39
CA LEU E 80 1.36 -60.90 4.53
C LEU E 80 0.21 -60.86 5.52
N GLY E 81 -0.94 -61.45 5.20
CA GLY E 81 -2.07 -61.39 6.10
C GLY E 81 -2.92 -60.17 5.98
N LEU E 82 -2.85 -59.44 4.87
CA LEU E 82 -3.65 -58.23 4.70
C LEU E 82 -4.97 -58.49 4.00
N LEU E 83 -5.12 -59.62 3.31
CA LEU E 83 -6.34 -59.92 2.58
C LEU E 83 -6.79 -61.34 2.87
N PRO E 84 -8.09 -61.60 2.84
CA PRO E 84 -8.58 -62.98 2.91
C PRO E 84 -8.25 -63.74 1.64
N GLU E 85 -8.20 -65.06 1.77
CA GLU E 85 -7.69 -65.91 0.69
C GLU E 85 -8.58 -65.93 -0.54
N ASP E 86 -9.74 -65.27 -0.51
CA ASP E 86 -10.63 -65.23 -1.66
C ASP E 86 -10.80 -63.82 -2.21
N ALA E 87 -9.92 -62.90 -1.84
CA ALA E 87 -10.07 -61.51 -2.24
C ALA E 87 -9.73 -61.31 -3.72
N VAL E 88 -10.28 -60.24 -4.29
CA VAL E 88 -10.05 -59.89 -5.68
C VAL E 88 -9.30 -58.58 -5.74
N LEU E 89 -8.88 -58.17 -6.94
CA LEU E 89 -8.03 -56.99 -7.08
C LEU E 89 -8.71 -55.74 -6.56
N ASP E 90 -10.02 -55.64 -6.74
CA ASP E 90 -10.76 -54.47 -6.26
C ASP E 90 -10.56 -54.26 -4.77
N ASP E 91 -10.49 -55.33 -4.00
CA ASP E 91 -10.36 -55.20 -2.55
C ASP E 91 -9.05 -54.58 -2.13
N VAL E 92 -8.09 -54.45 -3.05
CA VAL E 92 -6.86 -53.75 -2.70
C VAL E 92 -7.13 -52.27 -2.45
N LEU E 93 -8.13 -51.70 -3.12
CA LEU E 93 -8.30 -50.26 -3.00
C LEU E 93 -8.99 -49.84 -1.72
N SER E 94 -9.46 -50.77 -0.91
CA SER E 94 -10.14 -50.45 0.34
C SER E 94 -9.28 -50.67 1.57
N LEU E 95 -7.97 -50.87 1.41
CA LEU E 95 -7.08 -50.98 2.55
C LEU E 95 -6.84 -49.64 3.20
N THR E 96 -6.57 -49.64 4.51
CA THR E 96 -6.27 -48.44 5.26
C THR E 96 -4.94 -48.58 5.98
N ILE E 97 -4.50 -47.47 6.57
CA ILE E 97 -3.22 -47.43 7.25
C ILE E 97 -3.22 -48.32 8.48
N GLU E 98 -4.37 -48.43 9.17
CA GLU E 98 -4.43 -49.25 10.37
C GLU E 98 -4.17 -50.72 10.06
N ASP E 99 -4.50 -51.16 8.85
CA ASP E 99 -4.27 -52.56 8.50
C ASP E 99 -2.78 -52.89 8.51
N ILE E 100 -1.95 -51.97 8.03
CA ILE E 100 -0.51 -52.21 8.01
C ILE E 100 0.08 -52.11 9.42
N LEU E 101 -0.35 -51.13 10.20
CA LEU E 101 0.19 -50.96 11.55
C LEU E 101 -0.16 -52.13 12.45
N GLU E 102 -1.19 -52.91 12.10
CA GLU E 102 -1.54 -54.07 12.89
C GLU E 102 -0.61 -55.24 12.65
N ARG E 103 0.24 -55.18 11.65
CA ARG E 103 1.14 -56.29 11.31
C ARG E 103 2.53 -56.13 11.90
N ARG E 104 2.81 -55.02 12.57
CA ARG E 104 4.13 -54.85 13.18
C ARG E 104 4.37 -55.89 14.26
N LEU E 105 5.63 -56.26 14.44
CA LEU E 105 5.95 -57.24 15.46
C LEU E 105 5.58 -56.73 16.85
N GLN E 106 5.71 -55.44 17.09
CA GLN E 106 5.35 -54.86 18.38
C GLN E 106 3.87 -55.05 18.67
N THR E 107 3.02 -54.71 17.70
CA THR E 107 1.58 -54.85 17.91
C THR E 107 1.19 -56.30 18.12
N ILE E 108 1.80 -57.21 17.37
CA ILE E 108 1.43 -58.61 17.48
C ILE E 108 1.90 -59.19 18.81
N VAL E 109 3.06 -58.79 19.29
CA VAL E 109 3.51 -59.24 20.61
C VAL E 109 2.55 -58.74 21.68
N TYR E 110 2.04 -57.51 21.54
CA TYR E 110 1.07 -57.02 22.50
C TYR E 110 -0.25 -57.78 22.45
N LYS E 111 -0.74 -58.11 21.25
CA LYS E 111 -2.06 -58.72 21.13
C LYS E 111 -2.05 -60.18 21.56
N LYS E 112 -0.94 -60.87 21.37
CA LYS E 112 -0.87 -62.27 21.78
C LYS E 112 -0.79 -62.45 23.28
N GLY E 113 -0.55 -61.37 24.01
CA GLY E 113 -0.51 -61.46 25.47
C GLY E 113 0.87 -61.60 26.07
N LEU E 114 1.91 -61.49 25.23
CA LEU E 114 3.28 -61.59 25.70
C LEU E 114 3.59 -60.46 26.67
N ALA E 115 3.10 -59.26 26.37
CA ALA E 115 3.32 -58.10 27.22
C ALA E 115 2.01 -57.43 27.62
N ARG E 116 2.06 -56.63 28.68
CA ARG E 116 0.90 -55.90 29.17
C ARG E 116 0.63 -54.60 28.44
N THR E 117 1.64 -54.04 27.78
CA THR E 117 1.54 -52.73 27.18
C THR E 117 2.29 -52.73 25.85
N MET E 118 2.07 -51.68 25.06
CA MET E 118 2.84 -51.52 23.83
C MET E 118 4.30 -51.22 24.13
N ARG E 119 4.56 -50.33 25.08
CA ARG E 119 5.94 -49.96 25.37
C ARG E 119 6.72 -51.14 25.93
N GLN E 120 6.08 -51.93 26.79
CA GLN E 120 6.75 -53.12 27.31
C GLN E 120 7.06 -54.08 26.18
N ALA E 121 6.16 -54.19 25.20
CA ALA E 121 6.42 -55.06 24.07
C ALA E 121 7.63 -54.58 23.27
N ARG E 122 7.73 -53.27 23.09
CA ARG E 122 8.85 -52.71 22.35
C ARG E 122 10.17 -53.10 23.02
N GLN E 123 10.26 -52.88 24.33
CA GLN E 123 11.47 -53.23 25.07
C GLN E 123 11.75 -54.72 25.05
N LEU E 124 10.70 -55.53 25.18
CA LEU E 124 10.86 -56.98 25.14
C LEU E 124 11.54 -57.39 23.84
N ILE E 125 11.12 -56.75 22.74
CA ILE E 125 11.70 -57.05 21.44
C ILE E 125 13.13 -56.55 21.37
N VAL E 126 13.38 -55.31 21.78
CA VAL E 126 14.68 -54.70 21.57
C VAL E 126 15.76 -55.39 22.41
N HIS E 127 15.43 -55.78 23.63
CA HIS E 127 16.41 -56.45 24.48
C HIS E 127 16.63 -57.91 24.11
N GLY E 128 15.84 -58.47 23.21
CA GLY E 128 16.10 -59.81 22.73
C GLY E 128 15.46 -60.93 23.52
N HIS E 129 14.21 -60.77 23.91
CA HIS E 129 13.48 -61.80 24.64
C HIS E 129 12.42 -62.51 23.80
N ILE E 130 12.29 -62.15 22.52
CA ILE E 130 11.22 -62.65 21.67
C ILE E 130 11.85 -63.39 20.49
N GLU E 131 11.35 -64.59 20.21
CA GLU E 131 11.80 -65.36 19.06
C GLU E 131 10.65 -65.61 18.11
N VAL E 132 10.98 -65.61 16.82
CA VAL E 132 10.04 -65.80 15.71
C VAL E 132 10.57 -66.95 14.88
N ASN E 133 9.84 -68.06 14.85
CA ASN E 133 10.20 -69.22 14.05
C ASN E 133 11.62 -69.70 14.38
N GLY E 134 11.96 -69.69 15.66
CA GLY E 134 13.25 -70.18 16.11
C GLY E 134 14.39 -69.19 16.01
N GLN E 135 14.15 -67.99 15.54
CA GLN E 135 15.20 -66.99 15.32
C GLN E 135 14.82 -65.71 16.06
N ILE E 136 15.81 -65.09 16.68
CA ILE E 136 15.59 -63.85 17.44
C ILE E 136 15.64 -62.67 16.47
N ILE E 137 14.64 -61.80 16.56
CA ILE E 137 14.56 -60.58 15.76
C ILE E 137 14.43 -59.41 16.71
N ARG E 138 15.24 -58.36 16.48
CA ARG E 138 15.25 -57.21 17.36
C ARG E 138 14.72 -55.93 16.71
N SER E 139 13.95 -56.05 15.64
CA SER E 139 13.38 -54.87 14.99
C SER E 139 11.89 -54.77 15.30
N PRO E 140 11.45 -53.79 16.07
CA PRO E 140 10.02 -53.70 16.38
C PRO E 140 9.13 -53.44 15.18
N SER E 141 9.67 -52.92 14.08
CA SER E 141 8.85 -52.58 12.92
C SER E 141 8.74 -53.72 11.91
N TYR E 142 9.38 -54.85 12.15
CA TYR E 142 9.32 -55.97 11.22
C TYR E 142 7.88 -56.40 11.00
N LEU E 143 7.51 -56.61 9.75
CA LEU E 143 6.17 -57.03 9.38
C LEU E 143 6.09 -58.55 9.39
N VAL E 144 5.12 -59.09 10.10
CA VAL E 144 5.04 -60.52 10.36
C VAL E 144 4.23 -61.20 9.27
N LEU E 145 4.78 -62.27 8.70
CA LEU E 145 4.02 -63.06 7.75
C LEU E 145 2.96 -63.89 8.48
N LYS E 146 1.87 -64.17 7.79
CA LYS E 146 0.78 -64.93 8.38
C LYS E 146 1.21 -66.36 8.71
N GLU E 147 2.03 -66.96 7.86
CA GLU E 147 2.43 -68.34 8.03
C GLU E 147 3.28 -68.56 9.28
N GLU E 148 3.89 -67.52 9.82
CA GLU E 148 4.77 -67.64 10.97
C GLU E 148 4.22 -66.95 12.21
N GLU E 149 2.94 -66.58 12.21
CA GLU E 149 2.42 -65.79 13.31
C GLU E 149 2.33 -66.61 14.59
N ASP E 150 2.00 -67.89 14.49
CA ASP E 150 1.78 -68.70 15.68
C ASP E 150 3.06 -69.27 16.28
N THR E 151 4.20 -69.16 15.61
CA THR E 151 5.46 -69.56 16.22
C THR E 151 6.19 -68.40 16.85
N ILE E 152 5.50 -67.57 17.63
CA ILE E 152 6.08 -66.38 18.24
C ILE E 152 6.06 -66.58 19.74
N THR E 153 7.23 -66.66 20.36
CA THR E 153 7.29 -67.02 21.77
C THR E 153 8.43 -66.28 22.45
N TYR E 154 8.59 -66.54 23.74
CA TYR E 154 9.78 -66.09 24.43
C TYR E 154 10.97 -66.91 23.97
N ALA E 155 12.13 -66.26 23.88
CA ALA E 155 13.34 -66.97 23.51
C ALA E 155 13.69 -68.01 24.57
N ARG E 156 14.18 -69.16 24.12
CA ARG E 156 14.40 -70.28 25.01
C ARG E 156 15.55 -70.06 25.98
N THR E 157 16.31 -68.99 25.81
CA THR E 157 17.38 -68.63 26.74
C THR E 157 17.01 -67.42 27.60
N SER E 158 15.86 -66.85 27.39
CA SER E 158 15.47 -65.62 28.08
C SER E 158 15.12 -65.89 29.54
N PRO E 159 15.27 -64.90 30.41
CA PRO E 159 14.74 -65.05 31.77
C PRO E 159 13.24 -65.29 31.80
N PHE E 160 12.50 -64.69 30.88
CA PHE E 160 11.05 -64.79 30.86
C PHE E 160 10.55 -66.16 30.44
N ALA E 161 11.42 -67.03 29.92
CA ALA E 161 11.00 -68.38 29.53
C ALA E 161 10.97 -69.31 30.73
N ASN E 162 10.31 -68.85 31.77
CA ASN E 162 10.22 -69.57 33.03
C ASN E 162 8.94 -69.11 33.71
N PRO E 163 7.99 -70.00 33.94
CA PRO E 163 6.67 -69.57 34.44
C PRO E 163 6.70 -68.98 35.84
N GLN E 164 7.83 -69.02 36.54
CA GLN E 164 7.93 -68.49 37.90
C GLN E 164 8.63 -67.16 37.99
N HIS E 165 9.02 -66.57 36.87
CA HIS E 165 9.73 -65.29 36.92
C HIS E 165 8.77 -64.18 37.38
N PRO E 166 9.21 -63.30 38.28
CA PRO E 166 8.28 -62.30 38.83
C PRO E 166 7.63 -61.40 37.80
N GLU E 167 8.37 -60.96 36.79
CA GLU E 167 7.78 -60.05 35.82
C GLU E 167 6.86 -60.79 34.86
N ARG E 168 7.16 -62.05 34.56
CA ARG E 168 6.24 -62.82 33.74
C ARG E 168 4.91 -63.03 34.45
N MET E 169 4.94 -63.29 35.75
CA MET E 169 3.71 -63.52 36.49
C MET E 169 2.81 -62.29 36.46
N MET E 170 3.40 -61.10 36.61
CA MET E 170 2.60 -59.89 36.54
C MET E 170 1.99 -59.70 35.16
N ILE E 171 2.68 -60.13 34.11
CA ILE E 171 2.12 -60.07 32.77
C ILE E 171 0.94 -61.02 32.63
N GLU E 172 1.08 -62.25 33.15
CA GLU E 172 -0.03 -63.19 33.11
C GLU E 172 -1.24 -62.70 33.87
N LYS E 173 -1.03 -61.83 34.86
CA LYS E 173 -2.08 -61.38 35.76
C LYS E 173 -3.14 -60.55 35.04
N ALA E 174 -2.88 -60.11 33.81
CA ALA E 174 -3.82 -59.27 33.09
C ALA E 174 -4.41 -59.99 31.88
N ALA F 2 42.98 -48.41 -24.98
CA ALA F 2 43.86 -48.80 -26.07
C ALA F 2 44.26 -47.61 -26.92
N ARG F 3 44.97 -46.68 -26.28
CA ARG F 3 45.58 -45.54 -26.95
C ARG F 3 46.77 -45.90 -27.85
N LYS F 4 47.62 -46.82 -27.39
CA LYS F 4 48.83 -47.18 -28.12
C LYS F 4 48.92 -48.64 -28.53
N GLY F 5 48.13 -49.54 -27.95
CA GLY F 5 48.24 -50.94 -28.26
C GLY F 5 47.11 -51.79 -27.74
N PRO F 6 47.28 -53.11 -27.82
CA PRO F 6 46.18 -54.02 -27.48
C PRO F 6 45.82 -54.01 -26.01
N LYS F 7 44.57 -54.35 -25.72
CA LYS F 7 44.11 -54.52 -24.35
C LYS F 7 44.52 -55.86 -23.79
N ARG F 8 44.81 -55.89 -22.49
CA ARG F 8 45.17 -57.13 -21.81
C ARG F 8 44.29 -57.41 -20.59
N HIS F 9 43.35 -56.54 -20.26
CA HIS F 9 42.54 -56.66 -19.07
C HIS F 9 41.07 -56.75 -19.44
N LEU F 10 40.25 -57.06 -18.45
CA LEU F 10 38.81 -57.18 -18.66
C LEU F 10 38.09 -56.96 -17.34
N LYS F 11 37.22 -55.96 -17.27
CA LYS F 11 36.43 -55.74 -16.07
C LYS F 11 35.26 -56.71 -16.01
N ARG F 12 34.80 -57.02 -14.79
CA ARG F 12 33.66 -57.92 -14.64
C ARG F 12 32.41 -57.34 -15.29
N LEU F 13 32.16 -56.04 -15.10
CA LEU F 13 30.95 -55.43 -15.62
C LEU F 13 30.88 -55.46 -17.14
N ALA F 14 32.01 -55.61 -17.83
CA ALA F 14 32.05 -55.62 -19.28
C ALA F 14 32.19 -57.02 -19.85
N ALA F 15 32.04 -58.06 -19.02
CA ALA F 15 32.24 -59.42 -19.47
C ALA F 15 31.13 -59.86 -20.41
N PRO F 16 31.39 -60.87 -21.24
CA PRO F 16 30.35 -61.34 -22.16
C PRO F 16 29.11 -61.80 -21.43
N THR F 17 27.97 -61.67 -22.09
CA THR F 17 26.69 -61.90 -21.45
C THR F 17 26.30 -63.38 -21.43
N SER F 18 27.09 -64.26 -22.00
CA SER F 18 26.77 -65.68 -22.01
C SER F 18 27.45 -66.47 -20.90
N TRP F 19 28.20 -65.83 -20.02
CA TRP F 19 28.83 -66.55 -18.93
C TRP F 19 27.93 -66.58 -17.71
N TYR F 20 28.11 -67.60 -16.88
CA TYR F 20 27.52 -67.63 -15.54
C TYR F 20 28.57 -67.12 -14.57
N ILE F 21 28.41 -65.90 -14.10
CA ILE F 21 29.44 -65.23 -13.31
C ILE F 21 28.77 -64.14 -12.50
N GLU F 22 29.31 -63.87 -11.32
CA GLU F 22 28.81 -62.81 -10.47
C GLU F 22 29.54 -61.52 -10.79
N ARG F 23 28.81 -60.54 -11.32
CA ARG F 23 29.43 -59.38 -11.93
C ARG F 23 29.83 -58.29 -10.95
N LYS F 24 29.36 -58.32 -9.71
CA LYS F 24 29.71 -57.30 -8.74
C LYS F 24 30.57 -57.81 -7.60
N ALA F 25 30.92 -59.09 -7.60
CA ALA F 25 31.68 -59.64 -6.49
C ALA F 25 33.11 -59.14 -6.47
N TYR F 26 33.73 -58.97 -7.63
CA TYR F 26 35.10 -58.52 -7.71
C TYR F 26 35.23 -57.52 -8.84
N LYS F 27 36.46 -57.07 -9.09
CA LYS F 27 36.67 -56.05 -10.10
C LYS F 27 37.01 -56.65 -11.45
N TRP F 28 37.97 -57.57 -11.50
CA TRP F 28 38.50 -58.07 -12.75
C TRP F 28 37.92 -59.44 -13.10
N ALA F 29 38.00 -59.79 -14.38
CA ALA F 29 37.68 -61.11 -14.89
C ALA F 29 38.81 -61.59 -15.76
N VAL F 30 38.77 -62.87 -16.14
CA VAL F 30 39.84 -63.42 -16.97
C VAL F 30 39.62 -63.03 -18.41
N ARG F 31 40.61 -62.38 -19.02
CA ARG F 31 40.53 -62.06 -20.44
C ARG F 31 40.98 -63.28 -21.23
N PRO F 32 40.13 -63.89 -22.03
CA PRO F 32 40.50 -65.14 -22.69
C PRO F 32 41.56 -64.95 -23.76
N ARG F 33 42.35 -65.97 -23.94
CA ARG F 33 43.35 -66.09 -24.98
C ARG F 33 42.69 -66.26 -26.33
N PRO F 34 43.35 -65.86 -27.42
CA PRO F 34 42.88 -66.26 -28.75
C PRO F 34 42.91 -67.77 -28.89
N GLY F 35 41.99 -68.30 -29.68
CA GLY F 35 41.89 -69.74 -29.82
C GLY F 35 40.80 -70.18 -30.77
N PRO F 36 40.15 -71.29 -30.45
CA PRO F 36 39.17 -71.87 -31.37
C PRO F 36 37.92 -71.05 -31.67
N HIS F 37 37.10 -70.74 -30.68
CA HIS F 37 35.83 -70.08 -30.97
C HIS F 37 36.01 -68.58 -30.77
N ASN F 38 34.92 -67.81 -30.80
CA ASN F 38 34.98 -66.38 -30.58
C ASN F 38 34.46 -66.04 -29.19
N MET F 39 34.58 -64.76 -28.83
CA MET F 39 34.23 -64.32 -27.48
C MET F 39 32.78 -64.56 -27.14
N ARG F 40 31.88 -64.45 -28.12
CA ARG F 40 30.47 -64.58 -27.83
C ARG F 40 30.00 -66.01 -27.64
N THR F 41 30.80 -67.01 -28.03
CA THR F 41 30.35 -68.40 -27.92
C THR F 41 31.36 -69.30 -27.22
N SER F 42 32.12 -68.78 -26.26
CA SER F 42 33.07 -69.61 -25.53
C SER F 42 33.33 -68.98 -24.17
N ILE F 43 33.92 -69.78 -23.29
CA ILE F 43 34.27 -69.33 -21.94
C ILE F 43 35.64 -69.88 -21.56
N PRO F 44 36.43 -69.17 -20.76
CA PRO F 44 37.73 -69.71 -20.35
C PRO F 44 37.59 -70.96 -19.50
N LEU F 45 38.65 -71.77 -19.52
CA LEU F 45 38.66 -73.05 -18.83
C LEU F 45 38.64 -72.88 -17.31
N LEU F 46 39.23 -71.80 -16.80
CA LEU F 46 39.30 -71.61 -15.35
C LEU F 46 37.91 -71.55 -14.72
N TYR F 47 36.97 -70.88 -15.38
CA TYR F 47 35.63 -70.80 -14.82
C TYR F 47 34.94 -72.15 -14.85
N ILE F 48 35.23 -72.97 -15.86
CA ILE F 48 34.68 -74.31 -15.90
C ILE F 48 35.20 -75.14 -14.74
N VAL F 49 36.49 -75.03 -14.44
CA VAL F 49 37.04 -75.82 -13.33
C VAL F 49 36.52 -75.31 -11.99
N ARG F 50 36.53 -74.01 -11.77
CA ARG F 50 36.31 -73.46 -10.44
C ARG F 50 34.85 -73.12 -10.17
N ASP F 51 34.19 -72.42 -11.09
CA ASP F 51 32.85 -71.92 -10.81
C ASP F 51 31.77 -72.93 -11.18
N TYR F 52 31.90 -73.60 -12.32
CA TYR F 52 30.84 -74.48 -12.80
C TYR F 52 30.84 -75.80 -12.04
N LEU F 53 31.90 -76.60 -12.19
CA LEU F 53 31.93 -77.92 -11.58
C LEU F 53 32.28 -77.86 -10.10
N GLY F 54 33.11 -76.90 -9.71
CA GLY F 54 33.41 -76.72 -8.30
C GLY F 54 34.49 -77.62 -7.74
N TYR F 55 35.45 -78.04 -8.56
CA TYR F 55 36.53 -78.86 -8.05
C TYR F 55 37.61 -78.06 -7.34
N ALA F 56 37.55 -76.74 -7.39
CA ALA F 56 38.55 -75.91 -6.74
C ALA F 56 37.86 -74.72 -6.08
N LYS F 57 38.49 -74.20 -5.04
CA LYS F 57 37.95 -73.03 -4.35
C LYS F 57 38.60 -71.74 -4.81
N THR F 58 39.91 -71.76 -5.03
CA THR F 58 40.65 -70.60 -5.48
C THR F 58 41.21 -70.84 -6.86
N ALA F 59 41.72 -69.78 -7.47
CA ALA F 59 42.38 -69.91 -8.77
C ALA F 59 43.70 -70.62 -8.64
N ARG F 60 44.40 -70.47 -7.51
CA ARG F 60 45.73 -71.06 -7.39
C ARG F 60 45.66 -72.58 -7.38
N GLU F 61 44.73 -73.16 -6.63
CA GLU F 61 44.62 -74.60 -6.65
C GLU F 61 43.94 -75.10 -7.92
N ALA F 62 43.18 -74.25 -8.59
CA ALA F 62 42.68 -74.61 -9.91
C ALA F 62 43.82 -74.77 -10.91
N ARG F 63 44.83 -73.91 -10.82
CA ARG F 63 45.96 -74.03 -11.74
C ARG F 63 46.80 -75.26 -11.43
N LYS F 64 46.78 -75.74 -10.18
CA LYS F 64 47.51 -76.95 -9.86
C LYS F 64 46.84 -78.18 -10.47
N ILE F 65 45.52 -78.19 -10.53
CA ILE F 65 44.83 -79.29 -11.18
C ILE F 65 45.15 -79.31 -12.67
N LEU F 66 45.09 -78.14 -13.31
CA LEU F 66 45.28 -78.07 -14.76
C LEU F 66 46.70 -78.44 -15.16
N ASN F 67 47.69 -78.05 -14.37
CA ASN F 67 49.07 -78.34 -14.71
C ASN F 67 49.43 -79.80 -14.53
N GLU F 68 48.59 -80.59 -13.87
CA GLU F 68 48.86 -82.01 -13.74
C GLU F 68 48.26 -82.83 -14.87
N GLY F 69 47.47 -82.22 -15.76
CA GLY F 69 46.91 -82.91 -16.90
C GLY F 69 45.64 -83.68 -16.64
N LYS F 70 44.69 -83.05 -15.95
CA LYS F 70 43.48 -83.74 -15.53
C LYS F 70 42.29 -83.50 -16.44
N PHE F 71 42.34 -82.51 -17.32
CA PHE F 71 41.21 -82.16 -18.15
C PHE F 71 41.56 -82.34 -19.62
N LEU F 72 40.63 -82.89 -20.38
CA LEU F 72 40.78 -83.09 -21.81
C LEU F 72 39.68 -82.33 -22.52
N VAL F 73 40.04 -81.58 -23.56
CA VAL F 73 39.07 -80.90 -24.41
C VAL F 73 39.28 -81.41 -25.82
N ASP F 74 38.27 -82.09 -26.36
CA ASP F 74 38.36 -82.81 -27.62
C ASP F 74 39.47 -83.85 -27.57
N GLY F 75 39.67 -84.44 -26.40
CA GLY F 75 40.63 -85.49 -26.23
C GLY F 75 42.07 -85.05 -26.06
N ARG F 76 42.35 -83.76 -26.01
CA ARG F 76 43.70 -83.26 -25.90
C ARG F 76 43.88 -82.57 -24.55
N VAL F 77 45.04 -82.77 -23.94
CA VAL F 77 45.32 -82.12 -22.67
C VAL F 77 45.45 -80.63 -22.88
N ARG F 78 44.75 -79.85 -22.07
CA ARG F 78 44.88 -78.40 -22.06
C ARG F 78 45.33 -77.97 -20.67
N LYS F 79 46.43 -77.22 -20.60
CA LYS F 79 46.94 -76.71 -19.34
C LYS F 79 46.72 -75.23 -19.14
N ASP F 80 46.39 -74.48 -20.19
CA ASP F 80 46.26 -73.04 -20.09
C ASP F 80 44.93 -72.69 -19.45
N TYR F 81 44.96 -71.88 -18.40
CA TYR F 81 43.71 -71.52 -17.75
C TYR F 81 42.93 -70.48 -18.53
N LYS F 82 43.53 -69.87 -19.55
CA LYS F 82 42.85 -68.92 -20.40
C LYS F 82 42.24 -69.54 -21.64
N PHE F 83 42.41 -70.84 -21.83
CA PHE F 83 41.99 -71.48 -23.06
C PHE F 83 40.47 -71.46 -23.21
N PRO F 84 39.94 -71.08 -24.38
CA PRO F 84 38.48 -71.01 -24.53
C PRO F 84 37.84 -72.35 -24.87
N VAL F 85 36.71 -72.63 -24.25
CA VAL F 85 35.89 -73.82 -24.50
C VAL F 85 34.55 -73.35 -25.05
N GLY F 86 34.10 -73.94 -26.14
CA GLY F 86 32.97 -73.40 -26.85
C GLY F 86 31.87 -74.37 -27.26
N ILE F 87 30.98 -73.93 -28.14
CA ILE F 87 29.81 -74.71 -28.49
C ILE F 87 30.22 -76.02 -29.13
N MET F 88 29.57 -77.10 -28.71
CA MET F 88 29.73 -78.47 -29.20
C MET F 88 31.05 -79.09 -28.79
N ASP F 89 31.84 -78.46 -27.94
CA ASP F 89 33.04 -79.07 -27.44
C ASP F 89 32.72 -80.17 -26.44
N VAL F 90 33.70 -80.99 -26.13
CA VAL F 90 33.56 -82.10 -25.19
C VAL F 90 34.57 -81.90 -24.07
N VAL F 91 34.11 -82.02 -22.84
CA VAL F 91 34.99 -81.92 -21.67
C VAL F 91 35.00 -83.28 -20.99
N SER F 92 36.18 -83.85 -20.79
CA SER F 92 36.33 -85.18 -20.22
C SER F 92 37.24 -85.13 -19.01
N ILE F 93 36.81 -85.73 -17.91
CA ILE F 93 37.66 -85.99 -16.76
C ILE F 93 37.79 -87.49 -16.61
N PRO F 94 38.90 -88.06 -17.06
CA PRO F 94 39.03 -89.51 -17.10
C PRO F 94 39.26 -90.11 -15.72
N GLU F 95 39.86 -89.34 -14.82
CA GLU F 95 40.09 -89.81 -13.47
C GLU F 95 38.79 -90.07 -12.72
N THR F 96 37.79 -89.19 -12.87
CA THR F 96 36.46 -89.43 -12.34
C THR F 96 35.54 -90.09 -13.35
N GLY F 97 35.96 -90.19 -14.60
CA GLY F 97 35.16 -90.83 -15.63
C GLY F 97 33.84 -90.16 -15.96
N GLU F 98 33.88 -88.86 -16.23
CA GLU F 98 32.67 -88.12 -16.59
C GLU F 98 32.89 -87.28 -17.84
N HIS F 99 31.85 -87.18 -18.67
CA HIS F 99 31.93 -86.42 -19.92
C HIS F 99 30.80 -85.41 -20.04
N TYR F 100 31.09 -84.26 -20.64
CA TYR F 100 30.11 -83.22 -20.83
C TYR F 100 30.19 -82.67 -22.25
N ARG F 101 29.07 -82.16 -22.74
CA ARG F 101 29.03 -81.37 -23.96
C ARG F 101 28.58 -79.96 -23.63
N VAL F 102 29.24 -78.97 -24.22
CA VAL F 102 28.95 -77.57 -23.95
C VAL F 102 27.85 -77.11 -24.91
N LEU F 103 26.78 -76.55 -24.37
CA LEU F 103 25.65 -76.13 -25.20
C LEU F 103 25.05 -74.83 -24.71
N PRO F 104 24.46 -74.04 -25.59
CA PRO F 104 23.72 -72.86 -25.15
C PRO F 104 22.40 -73.22 -24.49
N ASN F 105 21.97 -72.33 -23.62
CA ASN F 105 20.74 -72.47 -22.85
C ASN F 105 19.57 -71.90 -23.65
N ARG F 106 18.38 -72.00 -23.07
CA ARG F 106 17.21 -71.39 -23.69
C ARG F 106 17.23 -69.87 -23.56
N ILE F 107 18.07 -69.32 -22.67
CA ILE F 107 18.25 -67.87 -22.57
C ILE F 107 19.58 -67.41 -23.12
N GLY F 108 20.38 -68.33 -23.66
CA GLY F 108 21.60 -67.96 -24.35
C GLY F 108 22.89 -68.15 -23.58
N LYS F 109 22.86 -68.78 -22.42
CA LYS F 109 24.06 -68.98 -21.63
C LYS F 109 24.57 -70.40 -21.78
N LEU F 110 25.85 -70.60 -21.47
CA LEU F 110 26.50 -71.88 -21.70
C LEU F 110 26.33 -72.81 -20.52
N ILE F 111 26.02 -74.07 -20.81
CA ILE F 111 25.84 -75.09 -19.79
C ILE F 111 26.53 -76.38 -20.22
N LEU F 112 26.80 -77.24 -19.25
CA LEU F 112 27.43 -78.54 -19.47
C LEU F 112 26.35 -79.62 -19.38
N HIS F 113 26.24 -80.44 -20.43
CA HIS F 113 25.22 -81.46 -20.56
C HIS F 113 25.87 -82.82 -20.48
N PRO F 114 25.52 -83.68 -19.52
CA PRO F 114 26.17 -84.99 -19.41
C PRO F 114 25.87 -85.87 -20.61
N ILE F 115 26.85 -86.69 -21.00
CA ILE F 115 26.72 -87.59 -22.13
C ILE F 115 27.42 -88.90 -21.79
N SER F 116 27.24 -89.89 -22.67
CA SER F 116 27.85 -91.20 -22.49
C SER F 116 29.25 -91.23 -23.08
N GLU F 117 30.02 -92.23 -22.66
CA GLU F 117 31.39 -92.36 -23.13
C GLU F 117 31.44 -92.71 -24.62
N GLU F 118 30.47 -93.48 -25.11
CA GLU F 118 30.45 -93.85 -26.52
C GLU F 118 30.28 -92.62 -27.40
N GLU F 119 29.39 -91.71 -27.01
CA GLU F 119 29.15 -90.51 -27.80
C GLU F 119 30.23 -89.47 -27.62
N ALA F 120 31.06 -89.59 -26.58
CA ALA F 120 32.06 -88.57 -26.30
C ALA F 120 33.21 -88.57 -27.30
N ASN F 121 33.29 -89.56 -28.19
CA ASN F 121 34.39 -89.61 -29.14
C ASN F 121 34.10 -88.92 -30.46
N ILE F 122 32.92 -88.35 -30.64
CA ILE F 122 32.57 -87.69 -31.90
C ILE F 122 32.29 -86.22 -31.62
N LYS F 123 32.55 -85.37 -32.60
CA LYS F 123 32.28 -83.96 -32.50
C LYS F 123 31.72 -83.48 -33.84
N PRO F 124 30.59 -82.82 -33.85
CA PRO F 124 30.05 -82.28 -35.11
C PRO F 124 30.67 -80.94 -35.43
N LEU F 125 31.00 -80.73 -36.70
CA LEU F 125 31.67 -79.53 -37.16
C LEU F 125 30.93 -78.97 -38.37
N ARG F 126 30.49 -77.73 -38.29
CA ARG F 126 29.80 -77.11 -39.40
C ARG F 126 30.82 -76.55 -40.39
N ILE F 127 30.56 -76.72 -41.68
CA ILE F 127 31.47 -76.22 -42.70
C ILE F 127 31.19 -74.74 -42.91
N ARG F 128 32.16 -73.92 -42.53
CA ARG F 128 32.00 -72.47 -42.62
C ARG F 128 32.53 -71.91 -43.93
N ASN F 129 33.56 -72.54 -44.50
CA ASN F 129 34.06 -72.09 -45.79
C ASN F 129 34.87 -73.20 -46.45
N LYS F 130 35.19 -73.00 -47.72
CA LYS F 130 35.84 -74.02 -48.53
C LYS F 130 36.67 -73.33 -49.60
N ARG F 131 37.91 -73.77 -49.78
CA ARG F 131 38.77 -73.07 -50.74
C ARG F 131 39.77 -74.02 -51.39
N MET F 132 40.45 -73.50 -52.40
CA MET F 132 41.48 -74.24 -53.13
C MET F 132 42.86 -73.89 -52.57
N VAL F 133 43.71 -74.90 -52.43
CA VAL F 133 45.03 -74.73 -51.86
C VAL F 133 46.04 -75.39 -52.77
N LYS F 134 47.30 -74.99 -52.61
CA LYS F 134 48.37 -75.39 -53.52
C LYS F 134 48.43 -76.90 -53.69
N GLY F 135 48.86 -77.33 -54.87
CA GLY F 135 48.74 -78.71 -55.26
C GLY F 135 47.36 -79.09 -55.72
N ALA F 136 46.47 -78.11 -55.86
CA ALA F 136 45.07 -78.33 -56.23
C ALA F 136 44.39 -79.28 -55.26
N LYS F 137 44.48 -78.95 -53.97
CA LYS F 137 43.73 -79.67 -52.96
C LYS F 137 42.63 -78.76 -52.42
N ILE F 138 41.72 -79.32 -51.65
CA ILE F 138 40.62 -78.54 -51.09
C ILE F 138 40.82 -78.44 -49.60
N GLN F 139 40.69 -77.22 -49.06
CA GLN F 139 40.75 -77.00 -47.64
C GLN F 139 39.38 -76.58 -47.12
N LEU F 140 38.91 -77.29 -46.10
CA LEU F 140 37.64 -77.03 -45.44
C LEU F 140 37.91 -76.29 -44.13
N ASN F 141 37.22 -75.18 -43.94
CA ASN F 141 37.36 -74.34 -42.76
C ASN F 141 36.08 -74.44 -41.94
N PHE F 142 36.22 -74.83 -40.67
CA PHE F 142 35.09 -75.23 -39.83
C PHE F 142 34.60 -74.09 -38.95
N HIS F 143 33.52 -74.36 -38.23
CA HIS F 143 32.88 -73.33 -37.43
C HIS F 143 33.69 -72.98 -36.19
N ASP F 144 34.60 -73.84 -35.77
CA ASP F 144 35.43 -73.55 -34.62
C ASP F 144 36.85 -73.15 -35.00
N GLY F 145 37.12 -72.95 -36.29
CA GLY F 145 38.38 -72.43 -36.74
C GLY F 145 39.40 -73.44 -37.22
N THR F 146 39.16 -74.73 -37.03
CA THR F 146 40.11 -75.75 -37.45
C THR F 146 39.90 -76.13 -38.92
N ASN F 147 40.88 -76.78 -39.52
CA ASN F 147 40.91 -76.99 -40.96
C ASN F 147 41.12 -78.46 -41.28
N HIS F 148 40.72 -78.84 -42.49
CA HIS F 148 40.95 -80.21 -42.98
C HIS F 148 41.20 -80.19 -44.48
N LEU F 149 41.93 -81.19 -44.97
CA LEU F 149 42.29 -81.29 -46.38
C LEU F 149 41.62 -82.48 -47.05
N ILE F 150 41.11 -82.27 -48.26
CA ILE F 150 40.54 -83.36 -49.04
C ILE F 150 41.03 -83.32 -50.49
N PRO F 151 41.01 -84.45 -51.20
CA PRO F 151 41.49 -84.47 -52.59
C PRO F 151 40.50 -83.84 -53.55
N LEU F 152 40.97 -83.59 -54.76
CA LEU F 152 40.13 -82.99 -55.79
C LEU F 152 39.04 -83.93 -56.28
N SER F 153 39.19 -85.24 -56.05
CA SER F 153 38.16 -86.19 -56.46
C SER F 153 36.89 -86.05 -55.64
N GLU F 154 37.01 -85.73 -54.35
CA GLU F 154 35.89 -85.70 -53.42
C GLU F 154 35.21 -84.34 -53.35
N LYS F 155 35.58 -83.40 -54.23
CA LYS F 155 35.18 -82.01 -54.04
C LYS F 155 33.67 -81.81 -54.10
N ASP F 156 32.93 -82.76 -54.64
CA ASP F 156 31.48 -82.57 -54.81
C ASP F 156 30.67 -83.15 -53.66
N ASN F 157 31.30 -83.71 -52.65
CA ASN F 157 30.60 -84.22 -51.49
C ASN F 157 30.50 -83.19 -50.36
N TYR F 158 31.09 -82.02 -50.51
CA TYR F 158 31.15 -81.06 -49.42
C TYR F 158 30.75 -79.68 -49.91
N PHE F 159 29.86 -79.03 -49.17
CA PHE F 159 29.47 -77.65 -49.43
C PHE F 159 29.32 -76.95 -48.11
N THR F 160 29.30 -75.62 -48.16
CA THR F 160 29.12 -74.86 -46.93
C THR F 160 27.75 -75.15 -46.33
N SER F 161 27.68 -75.06 -45.00
CA SER F 161 26.53 -75.35 -44.15
C SER F 161 26.31 -76.84 -43.92
N TYR F 162 27.06 -77.71 -44.58
CA TYR F 162 27.01 -79.12 -44.24
C TYR F 162 27.67 -79.36 -42.89
N THR F 163 27.38 -80.50 -42.28
CA THR F 163 27.97 -80.89 -41.01
C THR F 163 28.78 -82.16 -41.18
N VAL F 164 29.99 -82.16 -40.64
CA VAL F 164 30.89 -83.30 -40.68
C VAL F 164 31.03 -83.84 -39.28
N LEU F 165 30.80 -85.14 -39.11
CA LEU F 165 31.01 -85.79 -37.84
C LEU F 165 32.45 -86.29 -37.78
N MET F 166 33.22 -85.75 -36.84
CA MET F 166 34.65 -86.02 -36.78
C MET F 166 34.95 -86.83 -35.54
N LYS F 167 35.87 -87.77 -35.66
CA LYS F 167 36.31 -88.57 -34.53
C LYS F 167 37.53 -87.93 -33.89
N VAL F 168 37.47 -87.69 -32.59
CA VAL F 168 38.54 -87.01 -31.88
C VAL F 168 39.22 -88.00 -30.94
N PRO F 169 40.51 -87.83 -30.63
CA PRO F 169 41.40 -86.76 -31.12
C PRO F 169 42.06 -87.05 -32.46
N GLU F 170 41.74 -88.18 -33.08
CA GLU F 170 42.41 -88.58 -34.30
C GLU F 170 42.08 -87.68 -35.48
N ARG F 171 40.93 -87.01 -35.44
CA ARG F 171 40.47 -86.16 -36.54
C ARG F 171 40.40 -86.94 -37.84
N GLU F 172 39.50 -87.91 -37.85
CA GLU F 172 39.18 -88.70 -39.03
C GLU F 172 37.69 -88.60 -39.31
N ILE F 173 37.33 -88.35 -40.56
CA ILE F 173 35.94 -88.15 -40.93
C ILE F 173 35.20 -89.49 -40.87
N LEU F 174 33.97 -89.46 -40.36
CA LEU F 174 33.16 -90.67 -40.35
C LEU F 174 31.71 -90.48 -40.75
N GLU F 175 31.30 -89.30 -41.22
CA GLU F 175 29.93 -89.06 -41.65
C GLU F 175 29.83 -87.66 -42.25
N VAL F 176 28.90 -87.49 -43.18
CA VAL F 176 28.57 -86.18 -43.75
C VAL F 176 27.06 -86.01 -43.70
N LEU F 177 26.61 -84.87 -43.19
CA LEU F 177 25.18 -84.59 -43.06
C LEU F 177 24.79 -83.41 -43.93
N PRO F 178 24.08 -83.60 -45.03
CA PRO F 178 23.75 -82.49 -45.92
C PRO F 178 22.70 -81.56 -45.34
N PHE F 179 22.73 -80.32 -45.83
CA PHE F 179 21.78 -79.29 -45.46
C PHE F 179 20.72 -79.21 -46.56
N GLU F 180 19.49 -79.58 -46.23
CA GLU F 180 18.42 -79.63 -47.22
C GLU F 180 17.10 -79.76 -46.49
N LYS F 181 16.02 -79.77 -47.25
CA LYS F 181 14.70 -79.96 -46.65
C LYS F 181 14.63 -81.31 -45.95
N GLY F 182 14.04 -81.31 -44.76
CA GLY F 182 13.94 -82.51 -43.97
C GLY F 182 15.08 -82.75 -43.00
N ALA F 183 16.14 -81.96 -43.06
CA ALA F 183 17.25 -82.11 -42.15
C ALA F 183 16.86 -81.66 -40.75
N TYR F 184 17.55 -82.22 -39.75
CA TYR F 184 17.27 -81.93 -38.35
C TYR F 184 18.29 -80.93 -37.82
N VAL F 185 17.80 -79.79 -37.30
CA VAL F 185 18.67 -78.68 -36.95
C VAL F 185 18.45 -78.25 -35.50
N PHE F 186 19.45 -77.57 -34.97
CA PHE F 186 19.52 -77.04 -33.61
C PHE F 186 20.01 -75.60 -33.72
N VAL F 187 19.32 -74.67 -33.06
CA VAL F 187 19.62 -73.25 -33.21
C VAL F 187 20.57 -72.80 -32.13
N THR F 188 21.60 -72.02 -32.52
CA THR F 188 22.71 -71.69 -31.64
C THR F 188 22.78 -70.23 -31.22
N GLN F 189 22.06 -69.33 -31.90
CA GLN F 189 22.07 -67.92 -31.53
C GLN F 189 20.72 -67.31 -31.86
N GLY F 190 20.47 -66.14 -31.30
CA GLY F 190 19.29 -65.37 -31.64
C GLY F 190 18.15 -65.57 -30.67
N LYS F 191 17.00 -65.03 -31.06
CA LYS F 191 15.82 -65.09 -30.20
C LYS F 191 15.29 -66.51 -30.06
N ASN F 192 15.46 -67.34 -31.10
CA ASN F 192 15.01 -68.72 -31.08
C ASN F 192 16.12 -69.68 -30.68
N VAL F 193 17.06 -69.25 -29.83
CA VAL F 193 18.19 -70.10 -29.49
C VAL F 193 17.71 -71.32 -28.71
N ALA F 194 18.37 -72.45 -28.95
CA ALA F 194 18.18 -73.73 -28.29
C ALA F 194 16.90 -74.45 -28.70
N ARG F 195 16.14 -73.93 -29.66
CA ARG F 195 15.05 -74.68 -30.23
C ARG F 195 15.57 -75.59 -31.34
N LYS F 196 14.84 -76.65 -31.65
CA LYS F 196 15.30 -77.63 -32.61
C LYS F 196 14.13 -78.12 -33.44
N GLY F 197 14.44 -78.66 -34.63
CA GLY F 197 13.40 -79.16 -35.49
C GLY F 197 13.83 -79.62 -36.86
N ARG F 198 12.97 -79.44 -37.87
CA ARG F 198 13.25 -79.86 -39.23
C ARG F 198 13.10 -78.67 -40.19
N ILE F 199 13.87 -78.73 -41.26
CA ILE F 199 13.93 -77.65 -42.24
C ILE F 199 12.73 -77.75 -43.17
N VAL F 200 12.12 -76.62 -43.49
CA VAL F 200 10.93 -76.56 -44.32
C VAL F 200 11.16 -75.73 -45.57
N GLU F 201 11.87 -74.61 -45.46
CA GLU F 201 12.05 -73.72 -46.60
C GLU F 201 13.36 -72.95 -46.46
N ILE F 202 13.84 -72.44 -47.59
CA ILE F 202 15.03 -71.60 -47.66
C ILE F 202 14.73 -70.43 -48.58
N LYS F 203 15.13 -69.22 -48.17
CA LYS F 203 14.87 -68.01 -48.93
C LYS F 203 16.14 -67.19 -49.06
N LYS F 204 16.26 -66.44 -50.15
CA LYS F 204 17.46 -65.68 -50.46
C LYS F 204 17.09 -64.26 -50.92
N PHE F 205 18.06 -63.36 -50.82
CA PHE F 205 17.83 -61.93 -51.00
C PHE F 205 18.95 -61.33 -51.83
N PRO F 206 18.74 -60.14 -52.38
CA PRO F 206 19.79 -59.52 -53.19
C PRO F 206 20.82 -58.76 -52.36
N MET F 207 21.97 -58.52 -52.99
CA MET F 207 22.98 -57.59 -52.48
C MET F 207 23.52 -57.97 -51.09
N GLY F 208 23.80 -59.23 -50.88
CA GLY F 208 24.55 -59.58 -49.70
C GLY F 208 23.79 -59.60 -48.39
N TRP F 209 22.48 -59.49 -48.41
CA TRP F 209 21.71 -59.73 -47.21
C TRP F 209 21.67 -61.22 -46.93
N PRO F 210 21.80 -61.64 -45.68
CA PRO F 210 21.86 -63.06 -45.36
C PRO F 210 20.53 -63.75 -45.60
N ASP F 211 20.60 -65.05 -45.84
CA ASP F 211 19.41 -65.84 -46.14
C ASP F 211 18.82 -66.46 -44.89
N VAL F 212 17.54 -66.80 -44.97
CA VAL F 212 16.72 -67.17 -43.84
C VAL F 212 16.11 -68.54 -44.09
N VAL F 213 15.91 -69.31 -43.02
CA VAL F 213 15.30 -70.63 -43.10
C VAL F 213 14.10 -70.69 -42.19
N THR F 214 13.18 -71.60 -42.52
CA THR F 214 11.98 -71.89 -41.74
C THR F 214 12.08 -73.30 -41.18
N ILE F 215 11.67 -73.45 -39.92
CA ILE F 215 11.85 -74.68 -39.16
C ILE F 215 10.52 -75.07 -38.53
N GLU F 216 10.20 -76.34 -38.58
CA GLU F 216 9.05 -76.90 -37.88
C GLU F 216 9.53 -77.69 -36.67
N ASP F 217 8.94 -77.43 -35.52
CA ASP F 217 9.32 -78.12 -34.30
C ASP F 217 8.42 -79.33 -34.06
N GLU F 218 8.55 -79.95 -32.89
CA GLU F 218 7.83 -81.19 -32.60
C GLU F 218 6.33 -80.97 -32.55
N GLU F 219 5.88 -79.87 -31.95
CA GLU F 219 4.46 -79.65 -31.79
C GLU F 219 3.77 -79.14 -33.04
N GLY F 220 4.51 -78.80 -34.08
CA GLY F 220 3.89 -78.32 -35.29
C GLY F 220 3.95 -76.82 -35.51
N GLU F 221 4.74 -76.10 -34.72
CA GLU F 221 4.89 -74.67 -34.89
C GLU F 221 6.06 -74.36 -35.81
N LEU F 222 5.91 -73.31 -36.62
CA LEU F 222 6.93 -72.87 -37.55
C LEU F 222 7.61 -71.61 -37.02
N PHE F 223 8.92 -71.54 -37.15
CA PHE F 223 9.66 -70.34 -36.78
C PHE F 223 10.84 -70.15 -37.72
N ASP F 224 11.25 -68.91 -37.90
CA ASP F 224 12.31 -68.55 -38.83
C ASP F 224 13.60 -68.23 -38.09
N THR F 225 14.71 -68.32 -38.80
CA THR F 225 15.99 -67.86 -38.26
C THR F 225 16.97 -67.66 -39.42
N LEU F 226 18.16 -67.18 -39.08
CA LEU F 226 19.21 -67.06 -40.09
C LEU F 226 19.74 -68.44 -40.47
N LYS F 227 20.22 -68.54 -41.71
CA LYS F 227 20.73 -69.83 -42.17
C LYS F 227 21.96 -70.25 -41.40
N GLU F 228 22.84 -69.31 -41.06
CA GLU F 228 24.07 -69.65 -40.38
C GLU F 228 23.88 -69.93 -38.91
N TYR F 229 22.70 -69.66 -38.35
CA TYR F 229 22.39 -70.02 -36.98
C TYR F 229 21.82 -71.41 -36.85
N ALA F 230 21.63 -72.12 -37.95
CA ALA F 230 21.01 -73.44 -37.97
C ALA F 230 22.09 -74.48 -38.12
N PHE F 231 22.28 -75.29 -37.08
CA PHE F 231 23.31 -76.31 -37.02
C PHE F 231 22.66 -77.65 -37.33
N VAL F 232 23.15 -78.34 -38.36
CA VAL F 232 22.59 -79.63 -38.74
C VAL F 232 23.12 -80.71 -37.81
N VAL F 233 22.22 -81.55 -37.29
CA VAL F 233 22.61 -82.59 -36.35
C VAL F 233 22.11 -83.97 -36.73
N GLY F 234 21.39 -84.12 -37.84
CA GLY F 234 21.00 -85.45 -38.25
C GLY F 234 20.19 -85.43 -39.52
N ARG F 235 19.87 -86.64 -40.01
CA ARG F 235 19.10 -86.80 -41.23
C ARG F 235 17.62 -86.56 -40.98
N ASP F 236 17.02 -87.37 -40.10
CA ASP F 236 15.68 -87.13 -39.61
C ASP F 236 15.58 -87.30 -38.10
N LYS F 237 16.62 -87.79 -37.44
CA LYS F 237 16.76 -87.82 -36.01
C LYS F 237 18.15 -87.36 -35.62
N PRO F 238 18.31 -86.73 -34.46
CA PRO F 238 19.64 -86.28 -34.04
C PRO F 238 20.61 -87.44 -33.88
N ARG F 239 21.86 -87.19 -34.25
CA ARG F 239 22.95 -88.15 -34.07
C ARG F 239 23.65 -87.99 -32.73
N ILE F 240 23.36 -86.93 -31.98
CA ILE F 240 23.98 -86.69 -30.70
C ILE F 240 22.88 -86.40 -29.69
N SER F 241 23.23 -86.50 -28.41
CA SER F 241 22.27 -86.30 -27.34
C SER F 241 22.09 -84.80 -27.08
N LEU F 242 20.85 -84.35 -27.08
CA LEU F 242 20.52 -82.95 -26.86
C LEU F 242 19.46 -82.81 -25.78
N PRO F 243 19.49 -81.73 -25.00
CA PRO F 243 18.42 -81.44 -24.06
C PRO F 243 17.28 -80.70 -24.73
N SER G 2 -30.04 -40.05 13.96
CA SER G 2 -31.22 -40.19 13.12
C SER G 2 -32.51 -40.23 13.93
N GLN G 3 -32.45 -40.87 15.09
CA GLN G 3 -33.63 -40.96 15.95
C GLN G 3 -34.07 -39.59 16.46
N GLU G 4 -33.11 -38.74 16.83
CA GLU G 4 -33.46 -37.41 17.32
C GLU G 4 -34.17 -36.60 16.24
N TRP G 5 -33.68 -36.69 15.01
CA TRP G 5 -34.23 -35.88 13.93
C TRP G 5 -35.65 -36.28 13.57
N LYS G 6 -36.03 -37.54 13.82
CA LYS G 6 -37.42 -37.94 13.61
C LYS G 6 -38.36 -37.14 14.51
N GLU G 7 -38.07 -37.11 15.81
CA GLU G 7 -38.94 -36.37 16.70
C GLU G 7 -38.81 -34.87 16.51
N TYR G 8 -37.63 -34.39 16.10
CA TYR G 8 -37.49 -32.98 15.77
C TYR G 8 -38.41 -32.60 14.62
N ALA G 9 -38.42 -33.41 13.56
CA ALA G 9 -39.30 -33.15 12.42
C ALA G 9 -40.76 -33.23 12.85
N LYS G 10 -41.10 -34.18 13.72
CA LYS G 10 -42.47 -34.23 14.22
C LYS G 10 -42.84 -32.97 14.99
N ARG G 11 -41.91 -32.47 15.81
CA ARG G 11 -42.18 -31.28 16.60
C ARG G 11 -42.40 -30.06 15.72
N VAL G 12 -41.56 -29.89 14.69
CA VAL G 12 -41.71 -28.74 13.81
C VAL G 12 -43.01 -28.82 13.03
N LEU G 13 -43.43 -30.03 12.67
CA LEU G 13 -44.55 -30.20 11.77
C LEU G 13 -45.86 -29.72 12.41
N ASP G 14 -46.03 -29.93 13.72
CA ASP G 14 -47.30 -29.59 14.33
C ASP G 14 -47.47 -28.08 14.54
N GLU G 15 -46.42 -27.38 14.95
CA GLU G 15 -46.54 -25.96 15.31
C GLU G 15 -46.19 -25.03 14.15
N TRP G 16 -46.40 -25.47 12.92
CA TRP G 16 -46.05 -24.70 11.73
C TRP G 16 -47.32 -24.34 10.98
N GLN G 17 -47.47 -23.06 10.65
CA GLN G 17 -48.60 -22.59 9.86
C GLN G 17 -48.13 -22.23 8.47
N PRO G 18 -48.35 -23.07 7.46
CA PRO G 18 -47.79 -22.81 6.15
C PRO G 18 -48.44 -21.61 5.47
N LYS G 19 -47.65 -20.92 4.64
CA LYS G 19 -48.10 -19.73 3.94
C LYS G 19 -48.21 -19.93 2.43
N THR G 20 -47.68 -21.02 1.90
CA THR G 20 -47.61 -21.21 0.46
C THR G 20 -48.29 -22.51 0.08
N LYS G 21 -48.35 -22.75 -1.24
CA LYS G 21 -49.01 -23.95 -1.74
C LYS G 21 -48.22 -25.21 -1.43
N LEU G 22 -46.90 -25.17 -1.67
CA LEU G 22 -46.06 -26.33 -1.38
C LEU G 22 -46.03 -26.60 0.12
N GLY G 23 -45.99 -25.55 0.93
CA GLY G 23 -46.07 -25.74 2.37
C GLY G 23 -47.37 -26.41 2.78
N MET G 24 -48.48 -26.03 2.15
CA MET G 24 -49.76 -26.65 2.45
C MET G 24 -49.76 -28.11 2.05
N LEU G 25 -49.17 -28.44 0.91
CA LEU G 25 -49.09 -29.84 0.50
C LEU G 25 -48.26 -30.66 1.49
N VAL G 26 -47.14 -30.13 1.95
CA VAL G 26 -46.28 -30.88 2.86
C VAL G 26 -46.93 -31.03 4.23
N LYS G 27 -47.64 -30.00 4.69
CA LYS G 27 -48.30 -30.08 5.99
C LYS G 27 -49.42 -31.12 5.98
N GLU G 28 -50.15 -31.22 4.87
CA GLU G 28 -51.27 -32.14 4.74
C GLU G 28 -50.81 -33.60 4.61
N GLY G 29 -49.54 -33.85 4.36
CA GLY G 29 -49.08 -35.20 4.14
C GLY G 29 -49.22 -35.71 2.74
N GLN G 30 -49.53 -34.85 1.77
CA GLN G 30 -49.56 -35.29 0.38
C GLN G 30 -48.18 -35.45 -0.23
N ILE G 31 -47.15 -34.85 0.37
CA ILE G 31 -45.77 -35.01 -0.08
C ILE G 31 -44.96 -35.50 1.10
N THR G 32 -44.24 -36.60 0.92
CA THR G 32 -43.62 -37.28 2.03
C THR G 32 -42.13 -37.49 1.89
N ASP G 33 -41.56 -37.32 0.70
CA ASP G 33 -40.14 -37.55 0.47
C ASP G 33 -39.50 -36.33 -0.15
N ILE G 34 -38.22 -36.13 0.17
CA ILE G 34 -37.50 -34.93 -0.28
C ILE G 34 -37.45 -34.87 -1.81
N HIS G 35 -37.46 -36.03 -2.46
CA HIS G 35 -37.29 -36.03 -3.91
C HIS G 35 -38.51 -35.52 -4.66
N GLU G 36 -39.66 -35.39 -4.00
CA GLU G 36 -40.89 -35.06 -4.70
C GLU G 36 -41.08 -33.56 -4.93
N ILE G 37 -40.16 -32.72 -4.46
CA ILE G 37 -40.32 -31.29 -4.67
C ILE G 37 -39.42 -30.75 -5.77
N PHE G 38 -38.70 -31.61 -6.49
CA PHE G 38 -37.81 -31.18 -7.55
C PHE G 38 -38.38 -31.58 -8.90
N ARG G 39 -37.89 -30.92 -9.93
CA ARG G 39 -38.14 -31.26 -11.33
C ARG G 39 -39.60 -31.05 -11.73
N LYS G 40 -40.29 -30.11 -11.09
CA LYS G 40 -41.63 -29.75 -11.56
C LYS G 40 -41.93 -28.26 -11.46
N GLY G 41 -40.94 -27.41 -11.27
CA GLY G 41 -41.13 -25.98 -11.40
C GLY G 41 -41.68 -25.26 -10.20
N TYR G 42 -41.74 -25.89 -9.03
CA TYR G 42 -42.29 -25.24 -7.85
C TYR G 42 -41.38 -24.11 -7.39
N GLN G 43 -41.94 -23.19 -6.61
CA GLN G 43 -41.14 -22.20 -5.90
C GLN G 43 -41.06 -22.61 -4.44
N ILE G 44 -39.90 -22.39 -3.83
CA ILE G 44 -39.64 -22.80 -2.46
C ILE G 44 -39.31 -21.54 -1.67
N LYS G 45 -40.22 -21.15 -0.78
CA LYS G 45 -40.06 -19.90 -0.05
C LYS G 45 -40.13 -20.07 1.46
N GLU G 46 -40.43 -21.26 1.96
CA GLU G 46 -40.54 -21.50 3.39
C GLU G 46 -39.45 -22.43 3.85
N PRO G 47 -38.59 -22.03 4.77
CA PRO G 47 -37.50 -22.92 5.23
C PRO G 47 -37.99 -24.12 6.02
N GLU G 48 -39.24 -24.13 6.50
CA GLU G 48 -39.74 -25.26 7.25
C GLU G 48 -39.92 -26.50 6.40
N ILE G 49 -40.06 -26.35 5.09
CA ILE G 49 -40.22 -27.50 4.21
C ILE G 49 -39.02 -28.43 4.32
N ILE G 50 -37.81 -27.86 4.25
CA ILE G 50 -36.61 -28.67 4.31
C ILE G 50 -36.42 -29.22 5.72
N ASP G 51 -36.79 -28.45 6.74
CA ASP G 51 -36.71 -28.94 8.12
C ASP G 51 -37.58 -30.18 8.31
N VAL G 52 -38.78 -30.18 7.76
CA VAL G 52 -39.65 -31.34 7.89
C VAL G 52 -39.14 -32.50 7.03
N LEU G 53 -38.64 -32.22 5.84
CA LEU G 53 -38.33 -33.31 4.92
C LEU G 53 -36.89 -33.79 5.03
N LEU G 54 -35.95 -32.92 5.37
CA LEU G 54 -34.54 -33.29 5.52
C LEU G 54 -34.04 -32.77 6.86
N PRO G 55 -34.50 -33.35 7.97
CA PRO G 55 -34.19 -32.77 9.28
C PRO G 55 -32.71 -32.72 9.61
N GLU G 56 -31.88 -33.54 8.99
CA GLU G 56 -30.48 -33.59 9.38
C GLU G 56 -29.64 -32.47 8.82
N VAL G 57 -30.21 -31.55 8.03
CA VAL G 57 -29.43 -30.36 7.65
C VAL G 57 -29.20 -29.43 8.82
N ASN G 58 -29.82 -29.66 9.96
CA ASN G 58 -29.64 -28.84 11.13
C ASN G 58 -28.53 -29.33 12.04
N ALA G 59 -27.96 -30.50 11.78
CA ALA G 59 -26.88 -30.99 12.60
C ALA G 59 -25.65 -30.10 12.44
N ARG G 60 -24.90 -29.98 13.53
CA ARG G 60 -23.73 -29.11 13.53
C ARG G 60 -22.68 -29.58 12.52
N GLU G 61 -22.62 -30.88 12.27
CA GLU G 61 -21.62 -31.43 11.38
C GLU G 61 -22.01 -31.34 9.92
N ASN G 62 -23.25 -30.97 9.63
CA ASN G 62 -23.76 -30.85 8.26
C ASN G 62 -23.84 -29.40 7.79
N GLN G 63 -23.21 -28.48 8.51
CA GLN G 63 -23.21 -27.08 8.15
C GLN G 63 -21.79 -26.56 8.14
N GLU G 64 -21.53 -25.59 7.28
CA GLU G 64 -20.18 -25.07 7.12
C GLU G 64 -20.23 -23.57 6.86
N ILE G 65 -19.44 -22.81 7.61
CA ILE G 65 -19.28 -21.39 7.35
C ILE G 65 -18.05 -21.23 6.48
N LEU G 66 -18.27 -20.95 5.20
CA LEU G 66 -17.14 -20.89 4.28
C LEU G 66 -16.34 -19.62 4.46
N ASP G 67 -16.99 -18.48 4.59
CA ASP G 67 -16.23 -17.25 4.77
C ASP G 67 -16.99 -16.13 5.44
N ILE G 68 -16.23 -15.20 6.01
CA ILE G 68 -16.79 -14.01 6.65
C ILE G 68 -15.99 -12.80 6.19
N ALA G 69 -16.67 -11.78 5.67
CA ALA G 69 -16.00 -10.56 5.24
C ALA G 69 -16.78 -9.37 5.75
N LEU G 70 -16.10 -8.24 5.92
CA LEU G 70 -16.78 -7.01 6.31
C LEU G 70 -16.45 -5.91 5.32
N THR G 71 -17.49 -5.22 4.87
CA THR G 71 -17.43 -4.28 3.78
C THR G 71 -17.95 -2.92 4.23
N VAL G 72 -17.53 -1.87 3.53
CA VAL G 72 -17.64 -0.51 4.01
C VAL G 72 -18.38 0.33 2.99
N ARG G 73 -19.30 1.16 3.48
CA ARG G 73 -19.96 2.19 2.68
C ARG G 73 -19.62 3.55 3.28
N MET G 74 -19.24 4.50 2.44
CA MET G 74 -18.70 5.77 2.89
C MET G 74 -19.80 6.82 3.04
N THR G 75 -19.73 7.62 4.11
CA THR G 75 -20.69 8.69 4.35
C THR G 75 -19.97 9.87 4.97
N ASP G 76 -20.62 11.03 4.95
CA ASP G 76 -20.00 12.22 5.54
C ASP G 76 -19.84 12.09 7.05
N SER G 77 -20.52 11.14 7.68
CA SER G 77 -20.37 10.85 9.09
C SER G 77 -19.57 9.59 9.34
N GLY G 78 -18.69 9.22 8.42
CA GLY G 78 -17.81 8.11 8.64
C GLY G 78 -18.16 6.89 7.83
N ARG G 79 -17.60 5.75 8.24
CA ARG G 79 -17.71 4.51 7.50
C ARG G 79 -18.77 3.63 8.16
N ARG G 80 -19.69 3.12 7.35
CA ARG G 80 -20.72 2.20 7.81
C ARG G 80 -20.30 0.79 7.43
N VAL G 81 -20.25 -0.10 8.40
CA VAL G 81 -19.72 -1.44 8.25
C VAL G 81 -20.86 -2.43 8.10
N ARG G 82 -20.66 -3.45 7.28
CA ARG G 82 -21.66 -4.46 7.02
C ARG G 82 -20.95 -5.81 6.91
N PHE G 83 -21.62 -6.87 7.30
CA PHE G 83 -21.02 -8.20 7.27
C PHE G 83 -21.62 -9.05 6.16
N ARG G 84 -20.79 -9.82 5.48
CA ARG G 84 -21.21 -10.79 4.49
C ARG G 84 -20.68 -12.15 4.89
N VAL G 85 -21.58 -13.13 4.93
CA VAL G 85 -21.24 -14.49 5.35
C VAL G 85 -21.63 -15.44 4.24
N LEU G 86 -20.75 -16.37 3.91
CA LEU G 86 -20.99 -17.40 2.91
C LEU G 86 -20.99 -18.76 3.59
N ALA G 87 -22.09 -19.50 3.39
CA ALA G 87 -22.34 -20.75 4.11
C ALA G 87 -22.92 -21.81 3.18
N ALA G 88 -22.84 -23.07 3.62
CA ALA G 88 -23.35 -24.21 2.86
C ALA G 88 -23.88 -25.28 3.81
N VAL G 89 -24.85 -26.06 3.33
CA VAL G 89 -25.40 -27.19 4.08
C VAL G 89 -25.61 -28.37 3.15
N GLY G 90 -25.81 -29.53 3.75
CA GLY G 90 -26.07 -30.74 2.99
C GLY G 90 -26.32 -31.90 3.93
N ASN G 91 -26.70 -33.04 3.36
CA ASN G 91 -26.99 -34.23 4.15
C ASN G 91 -25.91 -35.29 4.02
N ARG G 92 -24.81 -35.00 3.35
CA ARG G 92 -23.71 -35.94 3.12
C ARG G 92 -24.14 -37.15 2.31
N ASP G 93 -25.34 -37.13 1.74
CA ASP G 93 -25.80 -38.24 0.92
C ASP G 93 -26.03 -37.81 -0.52
N GLY G 94 -26.96 -36.90 -0.80
CA GLY G 94 -27.14 -36.50 -2.17
C GLY G 94 -27.61 -35.09 -2.43
N TYR G 95 -27.68 -34.25 -1.40
CA TYR G 95 -28.33 -32.95 -1.48
C TYR G 95 -27.42 -31.88 -0.90
N VAL G 96 -27.44 -30.68 -1.47
CA VAL G 96 -26.53 -29.64 -1.01
C VAL G 96 -27.10 -28.28 -1.36
N GLY G 97 -26.75 -27.28 -0.57
CA GLY G 97 -27.20 -25.92 -0.80
C GLY G 97 -26.18 -24.91 -0.35
N LEU G 98 -26.20 -23.74 -1.00
CA LEU G 98 -25.21 -22.69 -0.81
C LEU G 98 -25.90 -21.34 -0.69
N GLY G 99 -25.48 -20.50 0.25
CA GLY G 99 -26.17 -19.24 0.49
C GLY G 99 -25.29 -18.15 1.06
N ILE G 100 -25.76 -16.91 0.88
CA ILE G 100 -25.08 -15.70 1.34
C ILE G 100 -26.05 -14.88 2.18
N GLY G 101 -25.57 -14.34 3.28
CA GLY G 101 -26.39 -13.50 4.12
C GLY G 101 -25.66 -12.25 4.55
N HIS G 102 -26.43 -11.19 4.78
CA HIS G 102 -25.91 -9.89 5.18
C HIS G 102 -26.54 -9.45 6.48
N GLY G 103 -25.85 -8.60 7.22
CA GLY G 103 -26.41 -8.10 8.46
C GLY G 103 -25.53 -7.04 9.08
N ARG G 104 -26.09 -6.40 10.10
CA ARG G 104 -25.38 -5.37 10.85
C ARG G 104 -24.36 -5.97 11.81
N GLU G 105 -24.60 -7.18 12.27
CA GLU G 105 -23.65 -7.89 13.11
C GLU G 105 -23.53 -9.33 12.64
N VAL G 106 -22.50 -10.02 13.16
CA VAL G 106 -22.13 -11.31 12.61
C VAL G 106 -23.22 -12.35 12.80
N GLY G 107 -23.86 -12.37 13.98
CA GLY G 107 -24.83 -13.40 14.26
C GLY G 107 -26.03 -13.35 13.34
N ILE G 108 -26.53 -12.15 13.08
CA ILE G 108 -27.66 -11.98 12.16
C ILE G 108 -27.29 -12.48 10.77
N ALA G 109 -26.08 -12.12 10.32
CA ALA G 109 -25.64 -12.55 9.00
C ALA G 109 -25.52 -14.06 8.92
N ILE G 110 -24.99 -14.70 9.97
CA ILE G 110 -24.88 -16.16 9.96
C ILE G 110 -26.25 -16.80 9.89
N ARG G 111 -27.20 -16.29 10.67
CA ARG G 111 -28.53 -16.87 10.66
C ARG G 111 -29.17 -16.77 9.28
N LYS G 112 -29.06 -15.60 8.65
CA LYS G 112 -29.66 -15.43 7.35
C LYS G 112 -28.95 -16.27 6.28
N ALA G 113 -27.63 -16.40 6.37
CA ALA G 113 -26.91 -17.21 5.40
C ALA G 113 -27.32 -18.67 5.49
N ILE G 114 -27.44 -19.21 6.70
CA ILE G 114 -27.91 -20.58 6.86
C ILE G 114 -29.33 -20.71 6.31
N ASN G 115 -30.15 -19.68 6.52
CA ASN G 115 -31.53 -19.74 6.06
C ASN G 115 -31.61 -19.78 4.53
N TYR G 116 -30.81 -18.96 3.84
CA TYR G 116 -30.88 -18.92 2.39
C TYR G 116 -30.27 -20.15 1.75
N ALA G 117 -29.35 -20.82 2.44
CA ALA G 117 -28.75 -22.03 1.88
C ALA G 117 -29.76 -23.15 1.78
N LYS G 118 -30.74 -23.20 2.68
CA LYS G 118 -31.77 -24.23 2.61
C LYS G 118 -32.71 -23.99 1.44
N LEU G 119 -32.98 -22.73 1.10
CA LEU G 119 -33.87 -22.45 -0.01
C LEU G 119 -33.22 -22.74 -1.36
N ASN G 120 -31.90 -22.78 -1.43
CA ASN G 120 -31.19 -23.04 -2.68
C ASN G 120 -30.72 -24.48 -2.81
N ILE G 121 -31.47 -25.43 -2.27
CA ILE G 121 -31.03 -26.81 -2.24
C ILE G 121 -31.14 -27.43 -3.63
N ILE G 122 -30.22 -28.33 -3.94
CA ILE G 122 -30.23 -29.09 -5.19
C ILE G 122 -29.85 -30.53 -4.90
N GLU G 123 -30.23 -31.41 -5.83
CA GLU G 123 -29.82 -32.81 -5.81
C GLU G 123 -28.95 -33.12 -7.02
N ILE G 124 -28.02 -34.07 -6.85
CA ILE G 124 -26.95 -34.33 -7.78
C ILE G 124 -26.94 -35.81 -8.15
N LYS G 125 -26.00 -36.20 -9.00
CA LYS G 125 -25.77 -37.58 -9.39
C LYS G 125 -24.35 -37.99 -9.04
N ARG G 126 -24.20 -39.23 -8.56
CA ARG G 126 -22.90 -39.75 -8.14
C ARG G 126 -22.66 -41.10 -8.77
N GLY G 127 -21.40 -41.49 -8.87
CA GLY G 127 -21.04 -42.75 -9.48
C GLY G 127 -19.54 -42.90 -9.56
N CYS G 128 -19.10 -43.78 -10.47
CA CYS G 128 -17.69 -44.08 -10.65
C CYS G 128 -17.38 -44.16 -12.13
N GLY G 129 -16.53 -43.27 -12.62
CA GLY G 129 -16.22 -43.26 -14.04
C GLY G 129 -14.76 -43.17 -14.38
N SER G 130 -13.89 -43.62 -13.47
CA SER G 130 -12.46 -43.48 -13.64
C SER G 130 -11.89 -44.66 -14.42
N TRP G 131 -10.88 -44.38 -15.25
CA TRP G 131 -10.24 -45.43 -16.03
C TRP G 131 -9.57 -46.47 -15.16
N GLU G 132 -9.06 -46.09 -14.00
CA GLU G 132 -8.34 -47.01 -13.13
C GLU G 132 -9.11 -47.36 -11.86
N CYS G 133 -10.43 -47.30 -11.91
CA CYS G 133 -11.29 -47.81 -10.86
C CYS G 133 -12.65 -47.99 -11.49
N ARG G 134 -13.10 -49.22 -11.63
CA ARG G 134 -14.40 -49.48 -12.27
C ARG G 134 -15.18 -50.36 -11.30
N CYS G 135 -15.77 -49.73 -10.30
CA CYS G 135 -16.30 -50.44 -9.15
C CYS G 135 -17.79 -50.25 -8.93
N ARG G 136 -18.43 -49.34 -9.66
CA ARG G 136 -19.88 -49.13 -9.62
C ARG G 136 -20.39 -48.71 -8.25
N ARG G 137 -19.63 -47.92 -7.52
CA ARG G 137 -20.10 -47.45 -6.23
C ARG G 137 -20.06 -45.93 -6.17
N PRO G 138 -21.03 -45.30 -5.55
CA PRO G 138 -21.19 -43.83 -5.67
C PRO G 138 -20.25 -43.05 -4.76
N HIS G 139 -18.97 -43.04 -5.13
CA HIS G 139 -17.98 -42.33 -4.33
C HIS G 139 -17.36 -41.13 -5.05
N SER G 140 -17.77 -40.84 -6.27
CA SER G 140 -17.17 -39.76 -7.04
C SER G 140 -18.23 -39.16 -7.96
N VAL G 141 -17.81 -38.30 -8.87
CA VAL G 141 -18.68 -37.86 -9.97
C VAL G 141 -18.66 -38.97 -11.01
N PRO G 142 -19.73 -39.17 -11.77
CA PRO G 142 -19.72 -40.26 -12.76
C PRO G 142 -19.05 -39.89 -14.08
N PHE G 143 -18.81 -38.61 -14.36
CA PHE G 143 -18.11 -38.19 -15.56
C PHE G 143 -17.61 -36.77 -15.35
N THR G 144 -16.71 -36.34 -16.24
CA THR G 144 -16.12 -35.01 -16.16
C THR G 144 -17.16 -33.92 -16.32
N VAL G 145 -17.12 -32.91 -15.44
CA VAL G 145 -18.09 -31.82 -15.48
C VAL G 145 -17.37 -30.48 -15.30
N GLU G 146 -18.04 -29.40 -15.70
CA GLU G 146 -17.45 -28.07 -15.67
C GLU G 146 -18.44 -27.05 -15.12
N GLY G 147 -17.90 -25.99 -14.54
CA GLY G 147 -18.70 -24.89 -14.03
C GLY G 147 -17.91 -23.61 -14.02
N LYS G 148 -18.60 -22.48 -13.96
CA LYS G 148 -17.90 -21.21 -14.00
C LYS G 148 -18.66 -20.13 -13.25
N GLU G 149 -17.90 -19.16 -12.75
CA GLU G 149 -18.48 -18.00 -12.08
C GLU G 149 -17.43 -16.90 -12.01
N GLY G 150 -17.80 -15.71 -12.44
CA GLY G 150 -16.82 -14.64 -12.51
C GLY G 150 -15.70 -15.05 -13.43
N SER G 151 -14.46 -14.89 -12.96
CA SER G 151 -13.31 -15.32 -13.74
C SER G 151 -12.89 -16.75 -13.46
N VAL G 152 -13.61 -17.47 -12.60
CA VAL G 152 -13.19 -18.80 -12.17
C VAL G 152 -13.84 -19.85 -13.05
N ARG G 153 -13.03 -20.79 -13.54
CA ARG G 153 -13.46 -21.96 -14.26
C ARG G 153 -13.02 -23.20 -13.49
N VAL G 154 -13.91 -24.19 -13.36
CA VAL G 154 -13.65 -25.41 -12.61
C VAL G 154 -13.98 -26.61 -13.47
N LYS G 155 -13.10 -27.60 -13.49
CA LYS G 155 -13.35 -28.88 -14.13
C LYS G 155 -13.10 -29.99 -13.13
N LEU G 156 -14.11 -30.83 -12.92
CA LEU G 156 -14.03 -31.97 -11.99
C LEU G 156 -13.93 -33.28 -12.76
N ILE G 157 -13.00 -34.12 -12.35
CA ILE G 157 -12.60 -35.34 -13.05
C ILE G 157 -12.73 -36.53 -12.10
N PRO G 158 -13.34 -37.65 -12.52
CA PRO G 158 -13.51 -38.78 -11.61
C PRO G 158 -12.19 -39.36 -11.15
N GLY G 159 -12.17 -39.86 -9.92
CA GLY G 159 -10.96 -40.41 -9.34
C GLY G 159 -11.13 -41.79 -8.74
N PRO G 160 -10.03 -42.48 -8.51
CA PRO G 160 -10.10 -43.84 -7.93
C PRO G 160 -10.51 -43.82 -6.47
N ARG G 161 -11.05 -44.94 -6.02
CA ARG G 161 -11.53 -45.05 -4.65
C ARG G 161 -10.37 -44.99 -3.67
N GLY G 162 -10.52 -44.19 -2.62
CA GLY G 162 -9.48 -43.98 -1.64
C GLY G 162 -8.48 -42.88 -1.96
N LEU G 163 -8.66 -42.16 -3.06
CA LEU G 163 -7.70 -41.12 -3.45
C LEU G 163 -7.80 -39.89 -2.57
N GLY G 164 -9.01 -39.47 -2.23
CA GLY G 164 -9.23 -38.22 -1.53
C GLY G 164 -9.69 -37.11 -2.47
N LEU G 165 -9.89 -35.93 -1.90
CA LEU G 165 -10.37 -34.77 -2.64
C LEU G 165 -9.17 -33.92 -3.03
N VAL G 166 -8.77 -33.97 -4.29
CA VAL G 166 -7.62 -33.21 -4.77
C VAL G 166 -8.16 -31.89 -5.30
N ILE G 167 -8.38 -30.95 -4.39
CA ILE G 167 -8.98 -29.66 -4.71
C ILE G 167 -8.73 -28.73 -3.54
N GLY G 168 -8.86 -27.42 -3.78
CA GLY G 168 -8.74 -26.45 -2.71
C GLY G 168 -9.77 -26.66 -1.61
N ASP G 169 -9.55 -25.97 -0.48
CA ASP G 169 -10.31 -26.25 0.74
C ASP G 169 -11.80 -25.97 0.58
N VAL G 170 -12.14 -24.86 -0.09
CA VAL G 170 -13.56 -24.54 -0.28
C VAL G 170 -14.25 -25.68 -1.03
N GLY G 171 -13.61 -26.15 -2.10
CA GLY G 171 -14.13 -27.30 -2.81
C GLY G 171 -14.21 -28.54 -1.95
N LYS G 172 -13.22 -28.73 -1.07
CA LYS G 172 -13.24 -29.87 -0.18
C LYS G 172 -14.50 -29.88 0.66
N LYS G 173 -14.80 -28.76 1.32
CA LYS G 173 -15.98 -28.71 2.18
C LYS G 173 -17.27 -28.90 1.39
N ILE G 174 -17.38 -28.23 0.23
CA ILE G 174 -18.62 -28.34 -0.53
C ILE G 174 -18.84 -29.76 -1.02
N LEU G 175 -17.79 -30.41 -1.52
CA LEU G 175 -17.94 -31.76 -2.03
C LEU G 175 -18.15 -32.76 -0.91
N ARG G 176 -17.58 -32.50 0.26
CA ARG G 176 -17.82 -33.40 1.39
C ARG G 176 -19.27 -33.35 1.85
N LEU G 177 -19.88 -32.16 1.86
CA LEU G 177 -21.28 -32.08 2.28
C LEU G 177 -22.23 -32.74 1.30
N ALA G 178 -21.80 -32.96 0.06
CA ALA G 178 -22.67 -33.59 -0.92
C ALA G 178 -22.53 -35.11 -0.94
N GLY G 179 -21.56 -35.67 -0.24
CA GLY G 179 -21.39 -37.10 -0.23
C GLY G 179 -20.45 -37.65 -1.27
N ILE G 180 -19.37 -36.94 -1.58
CA ILE G 180 -18.39 -37.34 -2.58
C ILE G 180 -17.06 -37.50 -1.86
N GLN G 181 -16.34 -38.57 -2.17
CA GLN G 181 -15.10 -38.89 -1.48
C GLN G 181 -13.84 -38.68 -2.30
N ASP G 182 -13.86 -38.87 -3.61
CA ASP G 182 -12.64 -38.86 -4.41
C ASP G 182 -12.85 -38.09 -5.71
N VAL G 183 -11.90 -37.23 -6.05
CA VAL G 183 -12.00 -36.43 -7.26
C VAL G 183 -10.66 -35.81 -7.60
N TRP G 184 -10.40 -35.60 -8.90
CA TRP G 184 -9.33 -34.74 -9.39
C TRP G 184 -9.94 -33.47 -9.94
N SER G 185 -9.12 -32.43 -10.11
CA SER G 185 -9.67 -31.16 -10.56
C SER G 185 -8.65 -30.34 -11.33
N GLN G 186 -9.16 -29.39 -12.11
CA GLN G 186 -8.34 -28.37 -12.77
C GLN G 186 -9.08 -27.05 -12.74
N THR G 187 -8.37 -25.95 -12.49
CA THR G 187 -8.99 -24.65 -12.37
C THR G 187 -8.23 -23.59 -13.15
N LEU G 188 -8.94 -22.53 -13.51
CA LEU G 188 -8.38 -21.33 -14.10
C LEU G 188 -9.00 -20.12 -13.41
N GLY G 189 -8.33 -18.99 -13.50
CA GLY G 189 -8.85 -17.76 -12.92
C GLY G 189 -8.33 -17.50 -11.53
N GLU G 190 -9.07 -16.65 -10.82
CA GLU G 190 -8.68 -16.17 -9.50
C GLU G 190 -9.43 -16.93 -8.41
N THR G 191 -8.80 -17.97 -7.88
CA THR G 191 -9.44 -18.79 -6.85
C THR G 191 -9.41 -18.14 -5.47
N ARG G 192 -8.65 -17.07 -5.28
CA ARG G 192 -8.65 -16.43 -3.98
C ARG G 192 -9.93 -15.65 -3.71
N THR G 193 -10.78 -15.47 -4.71
CA THR G 193 -12.10 -14.86 -4.54
C THR G 193 -13.06 -15.98 -4.15
N THR G 194 -13.27 -16.14 -2.84
CA THR G 194 -13.92 -17.33 -2.31
C THR G 194 -15.34 -17.50 -2.82
N VAL G 195 -16.07 -16.40 -2.99
CA VAL G 195 -17.46 -16.47 -3.41
C VAL G 195 -17.56 -17.09 -4.80
N ASN G 196 -16.75 -16.61 -5.73
CA ASN G 196 -16.81 -17.12 -7.09
C ASN G 196 -16.34 -18.56 -7.17
N PHE G 197 -15.31 -18.93 -6.41
CA PHE G 197 -14.84 -20.31 -6.35
C PHE G 197 -15.95 -21.24 -5.88
N ALA G 198 -16.60 -20.89 -4.77
CA ALA G 198 -17.66 -21.74 -4.24
C ALA G 198 -18.81 -21.86 -5.22
N LYS G 199 -19.22 -20.76 -5.84
CA LYS G 199 -20.30 -20.82 -6.81
C LYS G 199 -19.93 -21.66 -8.03
N ALA G 200 -18.67 -21.58 -8.47
CA ALA G 200 -18.26 -22.38 -9.62
C ALA G 200 -18.33 -23.87 -9.31
N VAL G 201 -17.90 -24.27 -8.10
CA VAL G 201 -18.01 -25.68 -7.74
C VAL G 201 -19.47 -26.10 -7.66
N PHE G 202 -20.32 -25.23 -7.11
CA PHE G 202 -21.74 -25.53 -7.02
C PHE G 202 -22.36 -25.72 -8.40
N ASN G 203 -21.99 -24.87 -9.37
CA ASN G 203 -22.51 -25.01 -10.72
C ASN G 203 -22.01 -26.29 -11.38
N ALA G 204 -20.74 -26.63 -11.16
CA ALA G 204 -20.23 -27.88 -11.71
C ALA G 204 -21.00 -29.07 -11.18
N LEU G 205 -21.33 -29.06 -9.89
CA LEU G 205 -22.14 -30.15 -9.34
C LEU G 205 -23.54 -30.17 -9.94
N TYR G 206 -24.14 -28.99 -10.12
CA TYR G 206 -25.48 -28.95 -10.70
C TYR G 206 -25.50 -29.48 -12.11
N ASN G 207 -24.42 -29.28 -12.86
CA ASN G 207 -24.40 -29.68 -14.26
C ASN G 207 -24.31 -31.18 -14.47
N THR G 208 -24.25 -32.00 -13.43
CA THR G 208 -24.32 -33.45 -13.64
C THR G 208 -25.69 -33.87 -14.15
N ASN G 209 -26.72 -33.06 -13.95
CA ASN G 209 -28.05 -33.36 -14.44
C ASN G 209 -28.25 -33.01 -15.90
N LYS G 210 -27.32 -32.26 -16.47
CA LYS G 210 -27.43 -31.82 -17.86
C LYS G 210 -26.81 -32.73 -18.92
N VAL G 211 -26.22 -33.84 -18.49
CA VAL G 211 -25.56 -34.73 -19.42
C VAL G 211 -26.49 -35.87 -19.79
N VAL G 212 -26.71 -36.05 -21.09
CA VAL G 212 -27.57 -37.12 -21.57
C VAL G 212 -26.93 -38.48 -21.32
N VAL G 213 -27.74 -39.44 -20.90
CA VAL G 213 -27.24 -40.79 -20.62
C VAL G 213 -28.24 -41.86 -21.05
N THR G 214 -27.71 -43.05 -21.35
CA THR G 214 -28.54 -44.18 -21.75
C THR G 214 -28.70 -45.16 -20.60
N PRO G 215 -29.68 -46.07 -20.69
CA PRO G 215 -29.83 -47.07 -19.62
C PRO G 215 -28.62 -47.97 -19.43
N GLU G 216 -27.83 -48.22 -20.47
CA GLU G 216 -26.61 -48.99 -20.29
C GLU G 216 -25.63 -48.27 -19.37
N MET G 217 -25.55 -46.94 -19.50
CA MET G 217 -24.58 -46.17 -18.74
C MET G 217 -24.91 -46.16 -17.26
N ILE G 218 -26.20 -46.20 -16.92
CA ILE G 218 -26.58 -46.23 -15.51
C ILE G 218 -26.05 -47.49 -14.85
N GLU G 219 -26.14 -48.61 -15.54
CA GLU G 219 -25.59 -49.85 -15.02
C GLU G 219 -24.07 -49.82 -14.96
N ARG G 220 -23.43 -49.21 -15.95
CA ARG G 220 -21.98 -49.29 -16.06
C ARG G 220 -21.28 -48.44 -15.01
N TYR G 221 -21.74 -47.21 -14.79
CA TYR G 221 -21.08 -46.32 -13.86
C TYR G 221 -21.71 -46.34 -12.48
N GLY G 222 -22.72 -47.18 -12.25
CA GLY G 222 -23.35 -47.21 -10.94
C GLY G 222 -23.98 -45.90 -10.54
N ILE G 223 -24.72 -45.26 -11.45
CA ILE G 223 -25.22 -43.91 -11.21
C ILE G 223 -26.38 -43.94 -10.23
N VAL G 224 -26.32 -43.08 -9.23
CA VAL G 224 -27.32 -42.97 -8.18
C VAL G 224 -27.78 -41.52 -8.11
N VAL G 225 -29.08 -41.30 -8.07
CA VAL G 225 -29.67 -39.97 -8.02
C VAL G 225 -30.27 -39.77 -6.64
N GLY G 226 -29.81 -38.74 -5.94
CA GLY G 226 -30.34 -38.50 -4.61
C GLY G 226 -29.72 -39.42 -3.58
N ARG G 227 -30.55 -40.01 -2.74
CA ARG G 227 -30.06 -40.85 -1.66
C ARG G 227 -29.50 -42.16 -2.20
N ALA G 228 -28.38 -42.59 -1.62
CA ALA G 228 -27.72 -43.83 -2.07
C ALA G 228 -28.61 -45.04 -1.86
N MET G 229 -29.22 -45.17 -0.68
CA MET G 229 -30.21 -46.20 -0.42
C MET G 229 -29.66 -47.60 -0.66
N PRO G 230 -28.81 -48.12 0.23
CA PRO G 230 -28.17 -49.44 0.11
C PRO G 230 -29.18 -50.58 -0.12
N ALA H 2 102.93 -28.76 -22.13
CA ALA H 2 101.81 -29.56 -21.63
C ALA H 2 102.30 -30.84 -20.96
N THR H 3 101.59 -31.26 -19.91
CA THR H 3 101.90 -32.45 -19.16
C THR H 3 100.93 -33.57 -19.55
N PHE H 4 101.49 -34.72 -19.94
CA PHE H 4 100.70 -35.83 -20.44
C PHE H 4 100.91 -37.04 -19.55
N LYS H 5 99.82 -37.71 -19.21
CA LYS H 5 99.86 -38.99 -18.50
C LYS H 5 99.69 -40.12 -19.51
N LEU H 6 100.73 -40.91 -19.68
CA LEU H 6 100.80 -41.92 -20.72
C LEU H 6 100.41 -43.27 -20.18
N VAL H 7 99.60 -44.00 -20.93
CA VAL H 7 99.24 -45.37 -20.61
C VAL H 7 99.73 -46.23 -21.77
N ILE H 8 100.77 -47.01 -21.52
CA ILE H 8 101.42 -47.82 -22.54
C ILE H 8 100.96 -49.26 -22.32
N SER H 9 100.36 -49.85 -23.35
CA SER H 9 99.90 -51.23 -23.26
C SER H 9 100.75 -52.12 -24.15
N ASP H 10 101.22 -53.22 -23.58
CA ASP H 10 101.95 -54.23 -24.33
C ASP H 10 100.98 -55.28 -24.82
N PRO H 11 100.57 -55.26 -26.09
CA PRO H 11 99.48 -56.13 -26.54
C PRO H 11 99.81 -57.62 -26.48
N LYS H 12 101.08 -57.98 -26.44
CA LYS H 12 101.45 -59.39 -26.44
C LYS H 12 101.49 -60.01 -25.05
N THR H 13 101.17 -59.22 -24.03
CA THR H 13 101.25 -59.70 -22.66
C THR H 13 100.00 -59.40 -21.84
N GLY H 14 99.23 -58.37 -22.18
CA GLY H 14 98.06 -58.02 -21.39
C GLY H 14 98.34 -57.13 -20.20
N ILE H 15 99.52 -56.50 -20.14
CA ILE H 15 99.91 -55.67 -19.01
C ILE H 15 100.16 -54.26 -19.52
N ALA H 16 99.77 -53.26 -18.72
CA ALA H 16 99.93 -51.87 -19.06
C ALA H 16 100.68 -51.15 -17.96
N LYS H 17 101.36 -50.06 -18.35
CA LYS H 17 102.11 -49.24 -17.40
C LYS H 17 101.79 -47.77 -17.64
N GLN H 18 101.79 -46.99 -16.57
CA GLN H 18 101.47 -45.58 -16.61
C GLN H 18 102.66 -44.76 -16.14
N ILE H 19 103.05 -43.74 -16.91
CA ILE H 19 104.07 -42.79 -16.51
C ILE H 19 103.61 -41.40 -16.88
N GLU H 20 104.29 -40.40 -16.33
CA GLU H 20 103.99 -39.00 -16.57
C GLU H 20 105.15 -38.37 -17.31
N ILE H 21 104.84 -37.64 -18.38
CA ILE H 21 105.82 -37.03 -19.26
C ILE H 21 105.47 -35.56 -19.47
N THR H 22 106.46 -34.69 -19.39
CA THR H 22 106.25 -33.27 -19.62
C THR H 22 107.50 -32.67 -20.25
N GLY H 23 107.33 -31.48 -20.82
CA GLY H 23 108.44 -30.72 -21.32
C GLY H 23 108.65 -30.87 -22.81
N PRO H 24 109.90 -30.74 -23.25
CA PRO H 24 110.21 -30.95 -24.67
C PRO H 24 109.86 -32.34 -25.16
N GLU H 25 109.86 -33.33 -24.27
CA GLU H 25 109.43 -34.67 -24.66
C GLU H 25 107.95 -34.68 -25.03
N ALA H 26 107.11 -34.10 -24.18
CA ALA H 26 105.68 -34.03 -24.48
C ALA H 26 105.39 -33.02 -25.58
N GLU H 27 106.18 -31.97 -25.70
CA GLU H 27 105.93 -30.99 -26.76
C GLU H 27 106.17 -31.59 -28.13
N LYS H 28 106.87 -32.72 -28.20
CA LYS H 28 107.04 -33.40 -29.48
C LYS H 28 105.72 -34.00 -29.96
N LEU H 29 104.93 -34.54 -29.03
CA LEU H 29 103.76 -35.34 -29.35
C LEU H 29 102.57 -34.52 -29.80
N ILE H 30 102.57 -33.21 -29.60
CA ILE H 30 101.39 -32.37 -29.82
C ILE H 30 101.21 -32.21 -31.32
N GLY H 31 100.13 -32.79 -31.85
CA GLY H 31 99.82 -32.65 -33.26
C GLY H 31 99.49 -33.96 -33.94
N LYS H 32 99.74 -35.08 -33.26
CA LYS H 32 99.52 -36.39 -33.84
C LYS H 32 98.07 -36.82 -33.70
N ARG H 33 97.58 -37.50 -34.74
CA ARG H 33 96.20 -37.94 -34.80
C ARG H 33 96.06 -39.32 -34.16
N ILE H 34 94.93 -39.95 -34.41
CA ILE H 34 94.70 -41.31 -33.96
C ILE H 34 95.09 -42.27 -35.08
N GLY H 35 95.89 -43.28 -34.74
CA GLY H 35 96.27 -44.28 -35.69
C GLY H 35 97.58 -44.05 -36.39
N ASP H 36 98.48 -43.26 -35.83
CA ASP H 36 99.78 -42.98 -36.41
C ASP H 36 100.87 -43.36 -35.43
N GLN H 37 101.97 -43.90 -35.95
CA GLN H 37 103.02 -44.43 -35.11
C GLN H 37 104.09 -43.38 -34.84
N ILE H 38 104.88 -43.64 -33.81
CA ILE H 38 105.99 -42.80 -33.39
C ILE H 38 106.94 -43.66 -32.59
N PRO H 39 108.25 -43.61 -32.86
CA PRO H 39 109.19 -44.42 -32.09
C PRO H 39 109.26 -44.00 -30.64
N VAL H 40 109.44 -44.98 -29.75
CA VAL H 40 109.57 -44.67 -28.34
C VAL H 40 110.97 -44.18 -28.00
N LYS H 41 111.98 -44.69 -28.70
CA LYS H 41 113.35 -44.25 -28.46
C LYS H 41 113.52 -42.76 -28.77
N GLU H 42 112.89 -42.30 -29.84
CA GLU H 42 112.95 -40.87 -30.16
C GLU H 42 112.34 -40.04 -29.05
N LEU H 43 111.18 -40.47 -28.55
CA LEU H 43 110.56 -39.75 -27.43
C LEU H 43 111.44 -39.82 -26.19
N GLY H 44 111.93 -41.01 -25.87
CA GLY H 44 112.78 -41.19 -24.70
C GLY H 44 112.03 -41.79 -23.54
N ILE H 45 112.16 -43.11 -23.38
CA ILE H 45 111.53 -43.85 -22.29
C ILE H 45 112.36 -45.09 -22.00
N ASN H 46 112.71 -45.30 -20.73
CA ASN H 46 113.49 -46.46 -20.31
C ASN H 46 112.57 -47.68 -20.34
N LEU H 47 112.25 -48.10 -21.56
CA LEU H 47 111.19 -49.10 -21.77
C LEU H 47 111.55 -50.44 -21.12
N ASN H 48 112.81 -50.86 -21.23
CA ASN H 48 113.22 -52.12 -20.65
C ASN H 48 113.13 -52.09 -19.13
N GLU H 49 113.21 -50.91 -18.52
CA GLU H 49 113.05 -50.82 -17.09
C GLU H 49 111.59 -50.74 -16.67
N LEU H 50 110.72 -50.24 -17.55
CA LEU H 50 109.31 -50.15 -17.20
C LEU H 50 108.71 -51.54 -16.99
N PHE H 51 108.90 -52.43 -17.96
CA PHE H 51 108.29 -53.75 -17.92
C PHE H 51 109.21 -54.84 -17.41
N GLY H 52 110.50 -54.55 -17.26
CA GLY H 52 111.42 -55.59 -16.82
C GLY H 52 111.56 -56.72 -17.81
N LYS H 53 111.59 -56.41 -19.10
CA LYS H 53 111.75 -57.43 -20.13
C LYS H 53 112.62 -56.88 -21.24
N GLU H 54 113.41 -57.76 -21.86
CA GLU H 54 114.15 -57.37 -23.04
C GLU H 54 113.19 -57.03 -24.17
N PHE H 55 113.44 -55.91 -24.83
CA PHE H 55 112.52 -55.48 -25.88
C PHE H 55 113.27 -55.27 -27.18
N PRO H 56 112.61 -55.47 -28.32
CA PRO H 56 113.29 -55.33 -29.60
C PRO H 56 113.77 -53.91 -29.82
N GLU H 57 114.81 -53.78 -30.64
CA GLU H 57 115.33 -52.46 -30.97
C GLU H 57 114.36 -51.70 -31.86
N ASP H 58 114.54 -50.38 -31.90
CA ASP H 58 113.78 -49.45 -32.73
C ASP H 58 112.28 -49.71 -32.73
N VAL H 59 111.74 -50.22 -31.63
CA VAL H 59 110.32 -50.51 -31.52
C VAL H 59 109.57 -49.20 -31.41
N LYS H 60 108.36 -49.14 -31.96
CA LYS H 60 107.61 -47.89 -31.97
C LYS H 60 106.22 -48.12 -31.42
N MET H 61 105.52 -47.02 -31.18
CA MET H 61 104.19 -47.03 -30.57
C MET H 61 103.26 -46.17 -31.40
N GLU H 62 101.96 -46.47 -31.28
CA GLU H 62 100.94 -45.69 -31.97
C GLU H 62 99.86 -45.29 -31.00
N ILE H 63 99.31 -44.10 -31.21
CA ILE H 63 98.33 -43.52 -30.31
C ILE H 63 96.96 -44.12 -30.58
N ARG H 64 96.30 -44.59 -29.53
CA ARG H 64 94.98 -45.20 -29.65
C ARG H 64 93.85 -44.34 -29.12
N GLY H 65 94.08 -43.52 -28.12
CA GLY H 65 93.00 -42.67 -27.64
C GLY H 65 93.43 -41.74 -26.54
N GLY H 66 92.46 -41.09 -25.91
CA GLY H 66 92.77 -40.22 -24.80
C GLY H 66 91.52 -39.60 -24.22
N THR H 67 91.73 -38.86 -23.12
CA THR H 67 90.67 -38.16 -22.41
C THR H 67 91.13 -36.75 -22.08
N ASP H 68 90.24 -35.78 -22.23
CA ASP H 68 90.63 -34.41 -21.97
C ASP H 68 90.55 -34.10 -20.47
N LYS H 69 90.92 -32.85 -20.13
CA LYS H 69 91.13 -32.48 -18.74
C LYS H 69 89.83 -32.46 -17.94
N ASP H 70 88.71 -32.29 -18.63
CA ASP H 70 87.40 -32.25 -17.97
C ASP H 70 86.70 -33.61 -17.86
N GLY H 71 87.28 -34.63 -18.47
CA GLY H 71 86.70 -35.96 -18.43
C GLY H 71 86.04 -36.42 -19.72
N PHE H 72 86.15 -35.65 -20.80
CA PHE H 72 85.53 -36.13 -22.02
C PHE H 72 86.55 -36.87 -22.89
N PRO H 73 86.16 -37.94 -23.56
CA PRO H 73 87.10 -38.70 -24.37
C PRO H 73 87.28 -38.13 -25.77
N MET H 74 88.18 -38.76 -26.52
CA MET H 74 88.44 -38.43 -27.90
C MET H 74 87.76 -39.42 -28.83
N ARG H 75 87.17 -38.91 -29.91
CA ARG H 75 86.44 -39.74 -30.85
C ARG H 75 87.16 -39.72 -32.19
N PRO H 76 87.57 -40.88 -32.72
CA PRO H 76 88.46 -40.88 -33.88
C PRO H 76 87.87 -40.29 -35.14
N ASP H 77 86.55 -40.17 -35.24
CA ASP H 77 85.93 -39.80 -36.51
C ASP H 77 85.60 -38.32 -36.61
N ILE H 78 85.95 -37.51 -35.63
CA ILE H 78 85.70 -36.07 -35.68
C ILE H 78 87.02 -35.35 -35.86
N HIS H 79 87.15 -34.65 -36.97
CA HIS H 79 88.41 -33.99 -37.33
C HIS H 79 88.65 -32.75 -36.48
N GLY H 80 89.93 -32.46 -36.27
CA GLY H 80 90.33 -31.26 -35.56
C GLY H 80 90.54 -31.49 -34.08
N PRO H 81 91.01 -30.46 -33.37
CA PRO H 81 91.22 -30.56 -31.93
C PRO H 81 90.12 -29.97 -31.06
N ARG H 82 89.00 -29.56 -31.62
CA ARG H 82 88.00 -28.85 -30.83
C ARG H 82 87.13 -29.82 -30.05
N ARG H 83 86.26 -29.26 -29.22
CA ARG H 83 85.31 -30.02 -28.41
C ARG H 83 83.89 -29.75 -28.87
N VAL H 84 83.14 -30.82 -29.13
CA VAL H 84 81.80 -30.71 -29.69
C VAL H 84 80.82 -31.48 -28.82
N ARG H 85 79.54 -31.30 -29.13
CA ARG H 85 78.46 -31.96 -28.40
C ARG H 85 77.45 -32.47 -29.42
N ILE H 86 77.44 -33.78 -29.66
CA ILE H 86 76.68 -34.36 -30.75
C ILE H 86 75.89 -35.57 -30.28
N LEU H 87 74.97 -36.01 -31.15
CA LEU H 87 74.05 -37.11 -30.86
C LEU H 87 74.65 -38.43 -31.31
N LEU H 88 74.66 -39.43 -30.42
CA LEU H 88 75.32 -40.69 -30.66
C LEU H 88 74.36 -41.84 -30.43
N SER H 89 74.63 -42.94 -31.14
CA SER H 89 73.91 -44.19 -30.96
C SER H 89 74.78 -45.35 -30.52
N LYS H 90 76.10 -45.24 -30.64
CA LYS H 90 77.02 -46.26 -30.16
C LYS H 90 78.42 -45.68 -30.16
N GLY H 91 79.42 -46.54 -29.97
CA GLY H 91 80.80 -46.17 -30.19
C GLY H 91 81.43 -45.52 -28.98
N PRO H 92 82.68 -45.09 -29.11
CA PRO H 92 83.36 -44.46 -27.97
C PRO H 92 82.64 -43.22 -27.49
N GLY H 93 82.56 -43.06 -26.17
CA GLY H 93 81.87 -41.94 -25.57
C GLY H 93 80.41 -42.17 -25.25
N PHE H 94 79.92 -43.40 -25.33
CA PHE H 94 78.52 -43.67 -25.03
C PHE H 94 78.35 -45.16 -24.80
N ARG H 95 77.64 -45.52 -23.75
CA ARG H 95 77.27 -46.91 -23.48
C ARG H 95 75.75 -47.02 -23.46
N PRO H 96 75.13 -47.66 -24.47
CA PRO H 96 73.68 -47.54 -24.65
C PRO H 96 72.80 -48.02 -23.49
N LYS H 97 72.86 -49.29 -23.14
CA LYS H 97 72.06 -49.97 -22.11
C LYS H 97 70.62 -50.22 -22.53
N GLU H 98 70.17 -49.74 -23.69
CA GLU H 98 68.77 -49.91 -24.08
C GLU H 98 68.72 -50.03 -25.60
N LYS H 99 67.70 -50.70 -26.10
CA LYS H 99 67.64 -50.98 -27.53
C LYS H 99 67.27 -49.74 -28.31
N GLY H 100 68.12 -49.37 -29.27
CA GLY H 100 67.84 -48.24 -30.12
C GLY H 100 67.99 -46.88 -29.49
N GLU H 101 68.61 -46.80 -28.32
CA GLU H 101 68.69 -45.52 -27.60
C GLU H 101 69.77 -44.63 -28.20
N ARG H 102 69.50 -43.33 -28.23
CA ARG H 102 70.46 -42.34 -28.68
C ARG H 102 70.53 -41.22 -27.64
N ARG H 103 71.71 -40.61 -27.51
CA ARG H 103 71.88 -39.58 -26.50
C ARG H 103 72.91 -38.56 -26.96
N LYS H 104 72.79 -37.34 -26.46
CA LYS H 104 73.68 -36.26 -26.83
C LYS H 104 74.83 -36.17 -25.83
N LYS H 105 76.06 -36.33 -26.32
CA LYS H 105 77.24 -36.37 -25.46
C LYS H 105 78.26 -35.35 -25.94
N THR H 106 79.12 -34.93 -25.01
CA THR H 106 80.22 -34.02 -25.29
C THR H 106 81.50 -34.81 -25.49
N VAL H 107 82.16 -34.58 -26.64
CA VAL H 107 83.33 -35.36 -27.04
C VAL H 107 84.38 -34.44 -27.63
N ARG H 108 85.57 -34.99 -27.85
CA ARG H 108 86.73 -34.31 -28.42
C ARG H 108 86.96 -34.74 -29.86
N GLY H 109 88.08 -34.31 -30.43
CA GLY H 109 88.49 -34.69 -31.76
C GLY H 109 89.63 -35.69 -31.76
N ASN H 110 90.31 -35.78 -32.90
CA ASN H 110 91.42 -36.71 -33.07
C ASN H 110 92.75 -36.12 -32.63
N THR H 111 93.01 -34.87 -32.98
CA THR H 111 94.34 -34.29 -32.78
C THR H 111 94.58 -33.98 -31.32
N ILE H 112 95.81 -34.21 -30.87
CA ILE H 112 96.19 -33.94 -29.49
C ILE H 112 96.44 -32.45 -29.30
N SER H 113 96.16 -31.97 -28.09
CA SER H 113 96.32 -30.56 -27.74
C SER H 113 96.67 -30.47 -26.26
N PRO H 114 97.07 -29.29 -25.79
CA PRO H 114 97.40 -29.16 -24.35
C PRO H 114 96.22 -29.43 -23.42
N GLU H 115 94.98 -29.33 -23.89
CA GLU H 115 93.84 -29.60 -23.03
C GLU H 115 93.72 -31.07 -22.67
N ILE H 116 94.47 -31.94 -23.33
CA ILE H 116 94.40 -33.38 -23.06
C ILE H 116 95.26 -33.72 -21.85
N VAL H 117 94.81 -34.71 -21.09
CA VAL H 117 95.51 -35.17 -19.89
C VAL H 117 95.97 -36.61 -20.03
N GLN H 118 95.09 -37.49 -20.52
CA GLN H 118 95.42 -38.90 -20.65
C GLN H 118 95.67 -39.26 -22.11
N VAL H 119 96.69 -40.10 -22.34
CA VAL H 119 96.96 -40.59 -23.69
C VAL H 119 97.16 -42.10 -23.62
N ASN H 120 96.35 -42.85 -24.35
CA ASN H 120 96.42 -44.31 -24.40
C ASN H 120 97.12 -44.70 -25.69
N VAL H 121 98.21 -45.47 -25.56
CA VAL H 121 98.99 -45.96 -26.69
C VAL H 121 99.31 -47.43 -26.49
N LYS H 122 99.63 -48.11 -27.59
CA LYS H 122 100.00 -49.51 -27.55
C LYS H 122 101.33 -49.72 -28.25
N LEU H 123 102.05 -50.75 -27.82
CA LEU H 123 103.35 -51.06 -28.40
C LEU H 123 103.17 -51.81 -29.71
N VAL H 124 103.96 -51.44 -30.73
CA VAL H 124 103.85 -52.00 -32.06
C VAL H 124 105.23 -52.50 -32.47
N TYR H 125 105.34 -53.80 -32.71
CA TYR H 125 106.63 -54.36 -33.10
C TYR H 125 106.84 -54.26 -34.60
N ALA I 2 -44.75 82.46 30.02
CA ALA I 2 -44.26 82.45 28.65
C ALA I 2 -45.39 82.19 27.67
N LYS I 3 -45.58 80.92 27.36
CA LYS I 3 -46.71 80.53 26.55
C LYS I 3 -48.01 80.84 27.28
N PRO I 4 -48.95 81.54 26.65
CA PRO I 4 -50.16 81.96 27.37
C PRO I 4 -50.98 80.76 27.83
N LEU I 5 -51.68 80.94 28.95
CA LEU I 5 -52.47 79.84 29.50
C LEU I 5 -53.55 79.37 28.54
N SER I 6 -53.97 80.21 27.59
CA SER I 6 -54.95 79.75 26.62
C SER I 6 -54.35 78.73 25.65
N GLU I 7 -53.03 78.71 25.53
CA GLU I 7 -52.36 77.69 24.74
C GLU I 7 -52.00 76.46 25.56
N ARG I 8 -51.61 76.63 26.82
CA ARG I 8 -51.28 75.49 27.65
C ARG I 8 -52.50 74.60 27.87
N PHE I 9 -53.68 75.19 28.05
CA PHE I 9 -54.91 74.44 28.19
C PHE I 9 -55.83 74.83 27.05
N PHE I 10 -55.64 74.18 25.91
CA PHE I 10 -56.43 74.39 24.71
C PHE I 10 -57.41 73.24 24.56
N ILE I 11 -58.68 73.56 24.33
CA ILE I 11 -59.72 72.54 24.20
C ILE I 11 -60.36 72.68 22.83
N PRO I 12 -60.41 71.61 22.03
CA PRO I 12 -61.10 71.68 20.75
C PRO I 12 -62.59 71.37 20.87
N HIS I 13 -63.29 71.58 19.76
CA HIS I 13 -64.70 71.20 19.66
C HIS I 13 -65.08 70.58 18.33
N GLU I 14 -64.16 70.50 17.37
CA GLU I 14 -64.43 69.89 16.07
C GLU I 14 -63.29 68.96 15.72
N ILE I 15 -63.58 68.01 14.83
CA ILE I 15 -62.57 67.11 14.32
C ILE I 15 -61.78 67.88 13.27
N LYS I 16 -60.59 68.33 13.63
CA LYS I 16 -59.68 68.96 12.68
C LYS I 16 -58.25 68.74 13.16
N VAL I 17 -57.32 68.84 12.22
CA VAL I 17 -55.93 68.44 12.48
C VAL I 17 -55.38 69.23 13.64
N MET I 18 -55.06 68.52 14.73
CA MET I 18 -54.53 69.12 15.96
C MET I 18 -55.44 70.22 16.49
N GLY I 19 -56.72 70.16 16.15
CA GLY I 19 -57.70 71.11 16.63
C GLY I 19 -57.52 72.52 16.14
N ARG I 20 -56.68 72.74 15.13
CA ARG I 20 -56.35 74.10 14.71
C ARG I 20 -56.49 74.36 13.22
N TRP I 21 -56.33 73.36 12.36
CA TRP I 21 -56.32 73.59 10.92
C TRP I 21 -57.24 72.60 10.24
N SER I 22 -58.06 73.08 9.32
CA SER I 22 -58.96 72.23 8.55
C SER I 22 -58.34 71.89 7.21
N THR I 23 -58.64 70.69 6.73
CA THR I 23 -58.03 70.16 5.51
C THR I 23 -59.06 69.97 4.39
N GLU I 24 -60.14 70.75 4.45
CA GLU I 24 -61.20 70.54 3.47
C GLU I 24 -60.86 71.12 2.10
N ASP I 25 -60.15 72.24 2.07
CA ASP I 25 -59.84 72.93 0.83
C ASP I 25 -58.51 72.53 0.24
N VAL I 26 -57.83 71.56 0.84
CA VAL I 26 -56.55 71.09 0.30
C VAL I 26 -56.82 70.13 -0.84
N GLU I 27 -56.17 70.36 -1.98
CA GLU I 27 -56.28 69.48 -3.13
C GLU I 27 -54.89 69.09 -3.62
N VAL I 28 -54.80 67.92 -4.24
CA VAL I 28 -53.53 67.36 -4.68
C VAL I 28 -53.51 67.41 -6.19
N ARG I 29 -52.46 68.02 -6.75
CA ARG I 29 -52.38 68.17 -8.20
C ARG I 29 -51.94 66.87 -8.88
N ASP I 30 -50.94 66.20 -8.34
CA ASP I 30 -50.36 65.05 -9.02
C ASP I 30 -51.36 63.90 -9.09
N PRO I 31 -51.70 63.42 -10.28
CA PRO I 31 -52.67 62.31 -10.37
C PRO I 31 -52.17 61.01 -9.78
N SER I 32 -50.86 60.79 -9.75
CA SER I 32 -50.35 59.52 -9.23
C SER I 32 -50.35 59.48 -7.72
N LEU I 33 -50.06 60.60 -7.05
CA LEU I 33 -49.99 60.64 -5.60
C LEU I 33 -51.34 60.83 -4.93
N LYS I 34 -52.40 61.05 -5.71
CA LYS I 34 -53.70 61.37 -5.14
C LYS I 34 -54.25 60.29 -4.23
N PRO I 35 -54.26 59.00 -4.60
CA PRO I 35 -54.81 57.99 -3.68
C PRO I 35 -53.86 57.52 -2.60
N TYR I 36 -52.75 58.21 -2.38
CA TYR I 36 -51.81 57.82 -1.33
C TYR I 36 -51.59 58.88 -0.27
N ILE I 37 -51.99 60.12 -0.51
CA ILE I 37 -51.94 61.17 0.50
C ILE I 37 -53.30 61.16 1.19
N ASN I 38 -53.32 60.70 2.43
CA ASN I 38 -54.57 60.51 3.16
C ASN I 38 -54.96 61.81 3.86
N LEU I 39 -56.19 62.26 3.62
CA LEU I 39 -56.65 63.53 4.17
C LEU I 39 -58.01 63.41 4.85
N GLU I 40 -58.39 62.24 5.33
CA GLU I 40 -59.65 62.10 6.03
C GLU I 40 -59.60 62.90 7.33
N PRO I 41 -60.73 63.42 7.80
CA PRO I 41 -60.72 64.20 9.05
C PRO I 41 -60.25 63.36 10.22
N ARG I 42 -59.46 63.98 11.09
CA ARG I 42 -58.88 63.30 12.24
C ARG I 42 -58.35 64.34 13.20
N LEU I 43 -58.56 64.10 14.49
CA LEU I 43 -58.15 65.06 15.51
C LEU I 43 -56.69 64.84 15.92
N LEU I 44 -56.35 63.63 16.34
CA LEU I 44 -55.03 63.36 16.85
C LEU I 44 -54.26 62.50 15.87
N PRO I 45 -53.13 62.94 15.36
CA PRO I 45 -52.31 62.12 14.46
C PRO I 45 -51.35 61.19 15.22
N HIS I 46 -51.92 60.14 15.80
CA HIS I 46 -51.15 59.15 16.55
C HIS I 46 -51.96 57.86 16.49
N THR I 47 -51.50 56.91 15.69
CA THR I 47 -52.25 55.68 15.47
C THR I 47 -51.59 54.46 16.09
N HIS I 48 -50.48 54.62 16.80
CA HIS I 48 -49.89 53.57 17.62
C HIS I 48 -49.43 52.38 16.79
N GLY I 49 -48.95 52.66 15.58
CA GLY I 49 -48.24 51.67 14.79
C GLY I 49 -49.02 50.41 14.48
N ARG I 50 -50.30 50.54 14.15
CA ARG I 50 -51.10 49.37 13.81
C ARG I 50 -51.12 49.07 12.32
N HIS I 51 -50.40 49.85 11.53
CA HIS I 51 -50.44 49.72 10.08
C HIS I 51 -49.25 48.97 9.50
N ALA I 52 -48.22 48.70 10.31
CA ALA I 52 -47.02 48.08 9.78
C ALA I 52 -47.20 46.61 9.47
N LYS I 53 -48.21 45.96 10.05
CA LYS I 53 -48.37 44.53 9.84
C LYS I 53 -48.82 44.20 8.43
N LYS I 54 -49.81 44.93 7.91
CA LYS I 54 -50.44 44.54 6.66
C LYS I 54 -49.80 45.23 5.46
N HIS I 55 -49.80 44.52 4.34
CA HIS I 55 -49.26 45.03 3.09
C HIS I 55 -50.09 46.21 2.59
N PHE I 56 -49.40 47.26 2.14
CA PHE I 56 -50.02 48.50 1.68
C PHE I 56 -50.79 49.21 2.78
N GLY I 57 -50.60 48.81 4.03
CA GLY I 57 -51.41 49.36 5.10
C GLY I 57 -51.08 50.80 5.44
N LYS I 58 -49.88 51.25 5.09
CA LYS I 58 -49.49 52.63 5.38
C LYS I 58 -50.19 53.62 4.47
N ALA I 59 -50.94 53.14 3.48
CA ALA I 59 -51.67 54.04 2.59
C ALA I 59 -52.71 54.85 3.34
N ASN I 60 -53.43 54.23 4.27
CA ASN I 60 -54.48 54.92 5.02
C ASN I 60 -53.97 55.44 6.36
N VAL I 61 -52.89 56.22 6.33
CA VAL I 61 -52.36 56.90 7.52
C VAL I 61 -52.27 58.38 7.19
N HIS I 62 -52.80 59.22 8.07
CA HIS I 62 -52.87 60.64 7.79
C HIS I 62 -51.48 61.21 7.57
N ILE I 63 -51.37 62.14 6.61
CA ILE I 63 -50.06 62.58 6.13
C ILE I 63 -49.26 63.29 7.23
N VAL I 64 -49.95 63.98 8.13
CA VAL I 64 -49.25 64.65 9.23
C VAL I 64 -48.59 63.64 10.15
N GLU I 65 -49.29 62.53 10.45
CA GLU I 65 -48.68 61.49 11.26
C GLU I 65 -47.47 60.88 10.55
N ARG I 66 -47.54 60.74 9.23
CA ARG I 66 -46.40 60.23 8.48
C ARG I 66 -45.20 61.15 8.64
N LEU I 67 -45.42 62.46 8.54
CA LEU I 67 -44.32 63.40 8.76
C LEU I 67 -43.75 63.29 10.17
N ILE I 68 -44.64 63.17 11.17
CA ILE I 68 -44.18 63.05 12.55
C ILE I 68 -43.32 61.82 12.72
N ASN I 69 -43.75 60.69 12.16
CA ASN I 69 -42.94 59.48 12.24
C ASN I 69 -41.61 59.66 11.53
N LYS I 70 -41.60 60.38 10.41
CA LYS I 70 -40.36 60.54 9.66
C LYS I 70 -39.33 61.35 10.42
N ILE I 71 -39.75 62.39 11.15
CA ILE I 71 -38.73 63.18 11.85
C ILE I 71 -38.32 62.60 13.18
N MET I 72 -38.90 61.49 13.62
CA MET I 72 -38.62 60.89 14.91
C MET I 72 -37.43 59.94 14.79
N ARG I 73 -36.24 60.53 14.65
CA ARG I 73 -35.06 59.76 14.27
C ARG I 73 -33.81 60.49 14.74
N SER I 74 -32.67 59.88 14.46
CA SER I 74 -31.35 60.43 14.74
C SER I 74 -30.79 61.19 13.54
N GLY I 75 -30.79 60.56 12.37
CA GLY I 75 -30.61 61.26 11.12
C GLY I 75 -29.50 60.81 10.19
N GLY I 76 -28.32 60.52 10.70
CA GLY I 76 -27.19 60.24 9.84
C GLY I 76 -26.39 59.02 10.21
N SER I 77 -27.07 57.94 10.59
CA SER I 77 -26.41 56.85 11.30
C SER I 77 -25.30 56.20 10.49
N HIS I 78 -25.64 55.59 9.36
CA HIS I 78 -24.65 54.82 8.59
C HIS I 78 -24.43 55.35 7.19
N TYR I 79 -24.95 56.52 6.85
CA TYR I 79 -24.57 57.21 5.63
C TYR I 79 -24.49 58.70 5.91
N LYS I 80 -23.71 59.40 5.11
CA LYS I 80 -23.41 60.80 5.36
C LYS I 80 -24.44 61.71 4.67
N VAL I 81 -24.83 62.75 5.38
CA VAL I 81 -25.79 63.74 4.88
C VAL I 81 -25.09 65.09 4.87
N ALA I 82 -24.97 65.69 3.68
CA ALA I 82 -24.22 66.93 3.50
C ALA I 82 -22.79 66.79 4.01
N GLY I 83 -22.20 65.62 3.78
CA GLY I 83 -20.80 65.39 4.06
C GLY I 83 -20.45 64.97 5.48
N HIS I 84 -21.42 64.57 6.29
CA HIS I 84 -21.14 64.21 7.67
C HIS I 84 -22.05 63.11 8.16
N PHE I 85 -21.52 62.25 9.02
CA PHE I 85 -22.35 61.43 9.89
C PHE I 85 -22.94 62.33 10.96
N MET I 86 -24.18 62.05 11.36
CA MET I 86 -24.83 62.78 12.45
C MET I 86 -25.32 61.75 13.46
N ARG I 87 -24.44 61.35 14.37
CA ARG I 87 -24.78 60.38 15.39
C ARG I 87 -25.07 61.07 16.73
N ARG I 88 -26.35 61.20 17.07
CA ARG I 88 -26.77 61.87 18.30
C ARG I 88 -26.91 60.91 19.48
N GLU I 89 -27.28 59.68 19.19
CA GLU I 89 -27.46 58.65 20.22
C GLU I 89 -28.37 59.04 21.38
N HIS I 90 -27.78 59.23 22.56
CA HIS I 90 -28.53 59.57 23.77
C HIS I 90 -29.30 60.89 23.73
N ARG I 91 -29.02 61.72 22.74
CA ARG I 91 -29.70 63.01 22.61
C ARG I 91 -30.49 63.12 21.31
N SER I 92 -31.05 62.00 20.86
CA SER I 92 -31.83 61.97 19.63
C SER I 92 -33.32 61.98 19.94
N LEU I 93 -34.15 61.79 18.93
CA LEU I 93 -35.59 61.79 19.12
C LEU I 93 -36.20 60.40 18.97
N ASN I 94 -35.36 59.37 19.00
CA ASN I 94 -35.84 58.00 18.89
C ASN I 94 -36.81 57.66 20.02
N SER I 95 -38.01 57.24 19.63
CA SER I 95 -39.10 56.87 20.55
C SER I 95 -39.65 57.96 21.45
N LYS I 96 -39.43 59.22 21.08
CA LYS I 96 -39.94 60.36 21.83
C LYS I 96 -40.90 61.05 20.87
N LYS I 97 -42.16 60.64 20.93
CA LYS I 97 -43.15 61.14 19.98
C LYS I 97 -43.85 62.39 20.49
N VAL I 98 -43.71 62.74 21.77
CA VAL I 98 -44.27 64.00 22.24
C VAL I 98 -43.47 65.18 21.70
N LYS I 99 -42.14 65.07 21.75
CA LYS I 99 -41.30 66.15 21.28
C LYS I 99 -41.45 66.35 19.78
N ALA I 100 -41.56 65.25 19.03
CA ALA I 100 -41.78 65.37 17.59
C ALA I 100 -43.10 66.07 17.28
N TYR I 101 -44.14 65.76 18.04
CA TYR I 101 -45.42 66.43 17.89
C TYR I 101 -45.28 67.92 18.11
N GLU I 102 -44.55 68.31 19.16
CA GLU I 102 -44.35 69.73 19.41
C GLU I 102 -43.58 70.40 18.29
N VAL I 103 -42.55 69.74 17.77
CA VAL I 103 -41.76 70.30 16.67
C VAL I 103 -42.64 70.56 15.47
N VAL I 104 -43.47 69.57 15.10
CA VAL I 104 -44.32 69.74 13.92
C VAL I 104 -45.32 70.87 14.14
N LYS I 105 -45.88 70.98 15.34
CA LYS I 105 -46.84 72.05 15.61
C LYS I 105 -46.19 73.42 15.46
N GLU I 106 -45.02 73.60 16.04
CA GLU I 106 -44.39 74.92 15.93
C GLU I 106 -44.01 75.23 14.48
N ALA I 107 -43.57 74.22 13.73
CA ALA I 107 -43.27 74.45 12.33
C ALA I 107 -44.50 74.89 11.55
N PHE I 108 -45.64 74.27 11.82
CA PHE I 108 -46.86 74.68 11.14
C PHE I 108 -47.23 76.11 11.48
N LYS I 109 -47.09 76.51 12.74
CA LYS I 109 -47.41 77.88 13.11
C LYS I 109 -46.50 78.87 12.38
N ILE I 110 -45.21 78.57 12.31
CA ILE I 110 -44.29 79.45 11.60
C ILE I 110 -44.67 79.54 10.13
N ILE I 111 -45.00 78.41 9.51
CA ILE I 111 -45.36 78.42 8.09
C ILE I 111 -46.58 79.31 7.88
N GLU I 112 -47.59 79.16 8.74
CA GLU I 112 -48.79 79.97 8.59
C GLU I 112 -48.49 81.45 8.76
N LYS I 113 -47.58 81.79 9.67
CA LYS I 113 -47.25 83.19 9.89
C LYS I 113 -46.52 83.80 8.70
N ARG I 114 -45.57 83.07 8.12
CA ARG I 114 -44.72 83.66 7.08
C ARG I 114 -45.40 83.79 5.74
N THR I 115 -46.27 82.85 5.39
CA THR I 115 -46.85 82.81 4.05
C THR I 115 -48.34 83.08 4.00
N GLY I 116 -49.03 83.03 5.12
CA GLY I 116 -50.46 83.33 5.14
C GLY I 116 -51.36 82.26 4.58
N LYS I 117 -50.84 81.07 4.28
CA LYS I 117 -51.63 80.01 3.68
C LYS I 117 -51.81 78.86 4.66
N ASN I 118 -52.72 77.96 4.31
CA ASN I 118 -52.98 76.79 5.13
C ASN I 118 -51.76 75.89 5.11
N PRO I 119 -51.17 75.57 6.26
CA PRO I 119 -49.88 74.86 6.26
C PRO I 119 -49.92 73.49 5.60
N ILE I 120 -51.06 72.80 5.66
CA ILE I 120 -51.16 71.50 5.00
C ILE I 120 -51.00 71.67 3.50
N GLN I 121 -51.55 72.75 2.94
CA GLN I 121 -51.41 72.98 1.50
C GLN I 121 -49.95 73.18 1.11
N VAL I 122 -49.20 73.94 1.91
CA VAL I 122 -47.79 74.15 1.62
C VAL I 122 -47.03 72.84 1.72
N LEU I 123 -47.36 72.01 2.72
CA LEU I 123 -46.70 70.72 2.82
C LEU I 123 -46.97 69.85 1.60
N VAL I 124 -48.21 69.86 1.12
CA VAL I 124 -48.54 69.06 -0.06
C VAL I 124 -47.76 69.55 -1.26
N TRP I 125 -47.64 70.87 -1.41
CA TRP I 125 -46.84 71.40 -2.52
C TRP I 125 -45.40 70.94 -2.42
N ALA I 126 -44.83 70.94 -1.22
CA ALA I 126 -43.45 70.52 -1.05
C ALA I 126 -43.28 69.07 -1.49
N ILE I 127 -44.17 68.19 -1.03
CA ILE I 127 -43.95 66.79 -1.38
C ILE I 127 -44.23 66.55 -2.85
N GLU I 128 -45.08 67.36 -3.47
CA GLU I 128 -45.26 67.25 -4.92
C GLU I 128 -43.98 67.62 -5.65
N ASN I 129 -43.34 68.69 -5.23
CA ASN I 129 -42.13 69.12 -5.93
C ASN I 129 -40.92 68.26 -5.62
N ALA I 130 -40.95 67.49 -4.53
CA ALA I 130 -39.77 66.71 -4.16
C ALA I 130 -39.89 65.23 -4.49
N ALA I 131 -40.92 64.80 -5.22
CA ALA I 131 -41.10 63.39 -5.51
C ALA I 131 -40.50 63.07 -6.88
N PRO I 132 -39.44 62.27 -6.95
CA PRO I 132 -38.84 61.95 -8.25
C PRO I 132 -39.73 61.06 -9.08
N ARG I 133 -39.49 61.08 -10.39
CA ARG I 133 -40.29 60.30 -11.33
C ARG I 133 -39.53 59.19 -12.03
N GLU I 134 -38.21 59.18 -11.97
CA GLU I 134 -37.42 58.15 -12.62
C GLU I 134 -36.25 57.81 -11.72
N ASP I 135 -35.93 56.52 -11.61
CA ASP I 135 -34.85 56.07 -10.76
C ASP I 135 -33.96 55.14 -11.57
N THR I 136 -33.02 54.49 -10.90
CA THR I 136 -32.07 53.64 -11.58
C THR I 136 -31.78 52.41 -10.73
N THR I 137 -31.33 51.36 -11.40
CA THR I 137 -30.91 50.12 -10.76
C THR I 137 -29.51 49.80 -11.24
N SER I 138 -28.83 48.89 -10.54
CA SER I 138 -27.42 48.64 -10.81
C SER I 138 -27.20 47.23 -11.34
N VAL I 139 -26.22 47.11 -12.25
CA VAL I 139 -25.77 45.84 -12.78
C VAL I 139 -24.25 45.80 -12.69
N MET I 140 -23.70 44.60 -12.74
CA MET I 140 -22.25 44.40 -12.60
C MET I 140 -21.71 43.65 -13.82
N PHE I 141 -20.65 44.19 -14.41
CA PHE I 141 -20.00 43.56 -15.55
C PHE I 141 -18.52 43.87 -15.53
N GLY I 142 -17.70 42.85 -15.67
CA GLY I 142 -16.25 43.04 -15.70
C GLY I 142 -15.70 43.66 -14.44
N GLY I 143 -16.37 43.46 -13.31
CA GLY I 143 -15.95 44.08 -12.08
C GLY I 143 -16.22 45.56 -12.01
N ILE I 144 -17.15 46.06 -12.81
CA ILE I 144 -17.52 47.47 -12.82
C ILE I 144 -19.04 47.56 -12.72
N ARG I 145 -19.53 48.61 -12.05
CA ARG I 145 -20.93 48.76 -11.74
C ARG I 145 -21.57 49.80 -12.65
N TYR I 146 -22.70 49.46 -13.26
CA TYR I 146 -23.37 50.33 -14.22
C TYR I 146 -24.82 50.56 -13.80
N HIS I 147 -25.38 51.65 -14.30
CA HIS I 147 -26.74 52.07 -13.97
C HIS I 147 -27.68 51.88 -15.15
N VAL I 148 -28.92 51.52 -14.86
CA VAL I 148 -29.97 51.31 -15.85
C VAL I 148 -31.24 52.00 -15.35
N ALA I 149 -31.86 52.81 -16.21
CA ALA I 149 -32.99 53.62 -15.78
C ALA I 149 -34.28 52.82 -15.71
N VAL I 150 -35.06 53.04 -14.64
CA VAL I 150 -36.37 52.44 -14.48
C VAL I 150 -37.33 53.48 -13.92
N ASP I 151 -38.59 53.07 -13.78
CA ASP I 151 -39.67 53.90 -13.31
C ASP I 151 -39.93 53.65 -11.82
N ILE I 152 -40.67 54.57 -11.19
CA ILE I 152 -40.91 54.54 -9.75
C ILE I 152 -42.42 54.43 -9.50
N SER I 153 -42.79 53.58 -8.54
CA SER I 153 -44.18 53.47 -8.12
C SER I 153 -44.55 54.64 -7.21
N PRO I 154 -45.84 55.01 -7.14
CA PRO I 154 -46.21 56.19 -6.35
C PRO I 154 -45.91 56.09 -4.87
N MET I 155 -46.06 54.91 -4.27
CA MET I 155 -45.78 54.77 -2.85
C MET I 155 -44.31 55.06 -2.55
N ARG I 156 -43.41 54.54 -3.38
CA ARG I 156 -41.99 54.82 -3.18
C ARG I 156 -41.68 56.29 -3.39
N ARG I 157 -42.35 56.93 -4.35
CA ARG I 157 -42.17 58.36 -4.53
C ARG I 157 -42.48 59.12 -3.26
N LEU I 158 -43.63 58.82 -2.65
CA LEU I 158 -44.02 59.52 -1.43
C LEU I 158 -43.01 59.26 -0.31
N ASP I 159 -42.59 58.01 -0.14
CA ASP I 159 -41.64 57.69 0.92
C ASP I 159 -40.34 58.45 0.76
N VAL I 160 -39.80 58.48 -0.46
CA VAL I 160 -38.53 59.15 -0.70
C VAL I 160 -38.66 60.64 -0.45
N ALA I 161 -39.77 61.24 -0.88
CA ALA I 161 -39.96 62.68 -0.66
C ALA I 161 -39.97 63.00 0.83
N LEU I 162 -40.73 62.24 1.62
CA LEU I 162 -40.78 62.52 3.05
C LEU I 162 -39.42 62.35 3.72
N ARG I 163 -38.70 61.28 3.37
CA ARG I 163 -37.39 61.08 3.98
C ARG I 163 -36.43 62.20 3.64
N ASN I 164 -36.42 62.66 2.38
CA ASN I 164 -35.50 63.72 2.01
C ASN I 164 -35.83 65.03 2.72
N ILE I 165 -37.11 65.36 2.87
CA ILE I 165 -37.46 66.59 3.59
C ILE I 165 -36.96 66.50 5.03
N ALA I 166 -37.19 65.37 5.69
CA ALA I 166 -36.74 65.22 7.07
C ALA I 166 -35.23 65.32 7.18
N LEU I 167 -34.49 64.72 6.24
CA LEU I 167 -33.04 64.78 6.29
C LEU I 167 -32.52 66.19 6.08
N GLY I 168 -33.11 66.94 5.16
CA GLY I 168 -32.69 68.32 4.99
C GLY I 168 -32.88 69.15 6.24
N ALA I 169 -34.07 69.03 6.85
CA ALA I 169 -34.29 69.74 8.11
C ALA I 169 -33.30 69.32 9.17
N SER I 170 -33.01 68.02 9.26
CA SER I 170 -32.08 67.53 10.26
C SER I 170 -30.68 68.12 10.05
N ALA I 171 -30.25 68.24 8.80
CA ALA I 171 -28.92 68.78 8.56
C ALA I 171 -28.84 70.27 8.84
N LYS I 172 -29.94 71.01 8.66
CA LYS I 172 -29.82 72.47 8.82
C LYS I 172 -29.66 72.93 10.27
N CYS I 173 -30.09 72.15 11.26
CA CYS I 173 -30.01 72.60 12.65
C CYS I 173 -28.86 71.97 13.44
N TYR I 174 -28.01 71.18 12.80
CA TYR I 174 -26.99 70.41 13.49
C TYR I 174 -25.79 71.30 13.78
N ARG I 175 -25.52 71.53 15.07
CA ARG I 175 -24.39 72.32 15.52
C ARG I 175 -24.41 73.74 14.94
N THR I 176 -25.61 74.29 14.79
CA THR I 176 -25.80 75.68 14.38
C THR I 176 -26.87 76.32 15.26
N LYS I 177 -26.99 77.63 15.15
CA LYS I 177 -27.86 78.36 16.05
C LYS I 177 -29.34 78.18 15.72
N MET I 178 -29.67 77.62 14.56
CA MET I 178 -31.06 77.40 14.21
C MET I 178 -31.65 76.27 15.04
N SER I 179 -32.96 76.32 15.27
CA SER I 179 -33.67 75.27 15.98
C SER I 179 -34.35 74.33 15.00
N PHE I 180 -34.80 73.19 15.52
CA PHE I 180 -35.37 72.14 14.66
C PHE I 180 -36.64 72.62 13.97
N ALA I 181 -37.51 73.32 14.69
CA ALA I 181 -38.75 73.78 14.07
C ALA I 181 -38.47 74.82 12.98
N GLU I 182 -37.51 75.71 13.22
CA GLU I 182 -37.16 76.69 12.20
C GLU I 182 -36.60 76.02 10.95
N ALA I 183 -35.71 75.04 11.13
CA ALA I 183 -35.14 74.35 9.98
C ALA I 183 -36.21 73.61 9.19
N LEU I 184 -37.15 72.97 9.88
CA LEU I 184 -38.22 72.29 9.19
C LEU I 184 -39.09 73.26 8.39
N ALA I 185 -39.40 74.41 8.98
CA ALA I 185 -40.18 75.41 8.25
C ALA I 185 -39.42 75.91 7.03
N GLU I 186 -38.14 76.20 7.20
CA GLU I 186 -37.33 76.69 6.09
C GLU I 186 -37.29 75.67 4.95
N GLU I 187 -37.08 74.41 5.30
CA GLU I 187 -36.99 73.37 4.29
C GLU I 187 -38.30 73.21 3.53
N ILE I 188 -39.42 73.19 4.25
CA ILE I 188 -40.71 73.02 3.58
C ILE I 188 -41.01 74.19 2.66
N ILE I 189 -40.74 75.43 3.14
CA ILE I 189 -41.00 76.59 2.30
C ILE I 189 -40.13 76.58 1.05
N LEU I 190 -38.84 76.27 1.22
CA LEU I 190 -37.95 76.27 0.06
C LEU I 190 -38.35 75.21 -0.95
N ALA I 191 -38.72 74.02 -0.48
CA ALA I 191 -39.17 73.00 -1.41
C ALA I 191 -40.45 73.40 -2.11
N ALA I 192 -41.33 74.15 -1.44
CA ALA I 192 -42.58 74.53 -2.08
C ALA I 192 -42.36 75.55 -3.19
N ASN I 193 -41.22 76.23 -3.20
CA ASN I 193 -40.93 77.26 -4.20
C ASN I 193 -39.85 76.85 -5.19
N LYS I 194 -39.51 75.57 -5.25
CA LYS I 194 -38.52 75.05 -6.19
C LYS I 194 -37.19 75.79 -6.08
N ASP I 195 -36.80 76.12 -4.87
CA ASP I 195 -35.52 76.78 -4.68
C ASP I 195 -34.42 75.75 -4.56
N PRO I 196 -33.34 75.87 -5.33
CA PRO I 196 -32.25 74.88 -5.27
C PRO I 196 -31.56 74.79 -3.93
N LYS I 197 -31.70 75.79 -3.07
CA LYS I 197 -31.08 75.73 -1.75
C LYS I 197 -31.69 74.67 -0.86
N SER I 198 -32.83 74.10 -1.23
CA SER I 198 -33.44 73.03 -0.48
C SER I 198 -32.73 71.71 -0.75
N TYR I 199 -32.51 70.92 0.30
CA TYR I 199 -31.84 69.64 0.14
C TYR I 199 -32.68 68.68 -0.68
N ALA I 200 -33.99 68.63 -0.39
CA ALA I 200 -34.85 67.66 -1.06
C ALA I 200 -34.97 67.93 -2.55
N TYR I 201 -35.15 69.20 -2.93
CA TYR I 201 -35.31 69.52 -4.34
C TYR I 201 -34.04 69.23 -5.13
N SER I 202 -32.89 69.58 -4.57
CA SER I 202 -31.62 69.28 -5.23
C SER I 202 -31.42 67.78 -5.37
N LYS I 203 -31.78 67.02 -4.35
CA LYS I 203 -31.66 65.57 -4.45
C LYS I 203 -32.52 65.03 -5.57
N LYS I 204 -33.75 65.53 -5.69
CA LYS I 204 -34.62 65.08 -6.77
C LYS I 204 -34.03 65.40 -8.14
N LEU I 205 -33.51 66.62 -8.29
CA LEU I 205 -32.91 66.99 -9.57
C LEU I 205 -31.74 66.07 -9.92
N GLU I 206 -30.87 65.80 -8.96
CA GLU I 206 -29.72 64.95 -9.22
C GLU I 206 -30.15 63.54 -9.59
N ILE I 207 -31.12 62.98 -8.88
CA ILE I 207 -31.59 61.64 -9.17
C ILE I 207 -32.12 61.55 -10.59
N GLU I 208 -32.95 62.52 -10.97
CA GLU I 208 -33.53 62.47 -12.31
C GLU I 208 -32.48 62.68 -13.39
N ARG I 209 -31.51 63.57 -13.16
CA ARG I 209 -30.46 63.77 -14.15
C ARG I 209 -29.66 62.50 -14.38
N ILE I 210 -29.25 61.85 -13.29
CA ILE I 210 -28.45 60.64 -13.44
C ILE I 210 -29.25 59.56 -14.11
N ALA I 211 -30.54 59.45 -13.79
CA ALA I 211 -31.37 58.45 -14.46
C ALA I 211 -31.47 58.73 -15.95
N GLU I 212 -31.59 60.01 -16.32
CA GLU I 212 -31.68 60.35 -17.74
C GLU I 212 -30.40 59.99 -18.49
N SER I 213 -29.24 60.26 -17.88
CA SER I 213 -27.99 59.99 -18.56
C SER I 213 -27.64 58.52 -18.61
N SER I 214 -28.57 57.62 -18.31
CA SER I 214 -28.31 56.19 -18.40
C SER I 214 -29.46 55.41 -19.00
N ARG I 215 -30.28 56.03 -19.85
CA ARG I 215 -31.35 55.32 -20.53
C ARG I 215 -30.79 54.28 -21.49
N THR J 2 -11.42 -19.88 -48.13
CA THR J 2 -12.16 -20.83 -48.94
C THR J 2 -12.55 -22.05 -48.15
N LEU J 3 -13.30 -22.94 -48.77
CA LEU J 3 -13.66 -24.20 -48.15
C LEU J 3 -12.46 -25.13 -48.13
N LEU J 4 -12.14 -25.68 -46.97
CA LEU J 4 -10.96 -26.50 -46.78
C LEU J 4 -11.25 -27.90 -46.29
N ASP J 5 -12.39 -28.13 -45.63
CA ASP J 5 -12.62 -29.38 -44.92
C ASP J 5 -14.12 -29.61 -44.79
N PRO J 6 -14.71 -30.40 -45.68
CA PRO J 6 -16.15 -30.68 -45.57
C PRO J 6 -16.57 -31.40 -44.31
N LEU J 7 -15.74 -32.26 -43.73
CA LEU J 7 -16.18 -33.05 -42.59
C LEU J 7 -16.29 -32.21 -41.31
N ALA J 8 -15.38 -31.25 -41.13
CA ALA J 8 -15.45 -30.39 -39.96
C ALA J 8 -16.70 -29.52 -39.99
N ASN J 9 -17.07 -29.03 -41.17
CA ASN J 9 -18.29 -28.23 -41.30
C ASN J 9 -19.51 -29.02 -40.87
N ALA J 10 -19.61 -30.28 -41.30
CA ALA J 10 -20.77 -31.09 -40.97
C ALA J 10 -20.93 -31.28 -39.48
N LEU J 11 -19.82 -31.60 -38.79
CA LEU J 11 -19.92 -31.89 -37.37
C LEU J 11 -20.17 -30.63 -36.55
N SER J 12 -19.54 -29.51 -36.92
CA SER J 12 -19.84 -28.28 -36.21
C SER J 12 -21.27 -27.84 -36.46
N HIS J 13 -21.79 -28.05 -37.66
CA HIS J 13 -23.19 -27.74 -37.95
C HIS J 13 -24.13 -28.57 -37.10
N ILE J 14 -23.85 -29.87 -36.97
CA ILE J 14 -24.71 -30.71 -36.15
C ILE J 14 -24.70 -30.25 -34.71
N THR J 15 -23.50 -29.99 -34.16
CA THR J 15 -23.46 -29.63 -32.75
C THR J 15 -24.05 -28.24 -32.50
N ASN J 16 -24.02 -27.35 -33.49
CA ASN J 16 -24.70 -26.07 -33.35
C ASN J 16 -26.20 -26.24 -33.40
N SER J 17 -26.69 -27.13 -34.26
CA SER J 17 -28.12 -27.27 -34.45
C SER J 17 -28.78 -28.02 -33.30
N GLU J 18 -28.09 -28.96 -32.68
CA GLU J 18 -28.74 -29.73 -31.62
C GLU J 18 -28.85 -28.93 -30.32
N ARG J 19 -28.10 -27.83 -30.19
CA ARG J 19 -28.18 -27.04 -28.98
C ARG J 19 -29.39 -26.12 -28.95
N VAL J 20 -30.01 -25.86 -30.09
CA VAL J 20 -31.24 -25.09 -30.15
C VAL J 20 -32.44 -25.94 -30.51
N GLY J 21 -32.30 -27.26 -30.49
CA GLY J 21 -33.44 -28.13 -30.66
C GLY J 21 -33.94 -28.30 -32.07
N LYS J 22 -33.09 -28.20 -33.07
CA LYS J 22 -33.52 -28.49 -34.44
C LYS J 22 -33.79 -29.97 -34.59
N ARG J 23 -34.76 -30.30 -35.43
CA ARG J 23 -35.12 -31.70 -35.64
C ARG J 23 -34.53 -32.32 -36.89
N GLU J 24 -34.02 -31.50 -37.81
CA GLU J 24 -33.34 -32.04 -38.98
C GLU J 24 -32.34 -31.02 -39.51
N VAL J 25 -31.35 -31.52 -40.23
CA VAL J 25 -30.32 -30.68 -40.81
C VAL J 25 -30.02 -31.14 -42.23
N TYR J 26 -29.43 -30.22 -43.01
CA TYR J 26 -28.99 -30.48 -44.37
C TYR J 26 -27.49 -30.25 -44.44
N ILE J 27 -26.75 -31.29 -44.78
CA ILE J 27 -25.31 -31.22 -44.98
C ILE J 27 -25.08 -30.96 -46.45
N LYS J 28 -24.49 -29.82 -46.78
CA LYS J 28 -24.57 -29.29 -48.13
C LYS J 28 -23.54 -29.91 -49.08
N PRO J 29 -22.22 -29.86 -48.81
CA PRO J 29 -21.33 -30.70 -49.62
C PRO J 29 -21.26 -32.10 -49.05
N ALA J 30 -21.78 -33.07 -49.80
CA ALA J 30 -21.73 -34.45 -49.38
C ALA J 30 -20.46 -35.11 -49.89
N SER J 31 -20.10 -36.23 -49.28
CA SER J 31 -18.98 -37.02 -49.74
C SER J 31 -19.12 -38.41 -49.15
N LYS J 32 -18.32 -39.34 -49.65
CA LYS J 32 -18.39 -40.72 -49.16
C LYS J 32 -17.95 -40.81 -47.71
N LEU J 33 -16.94 -40.04 -47.33
CA LEU J 33 -16.46 -40.09 -45.95
C LEU J 33 -17.53 -39.61 -44.97
N ILE J 34 -18.26 -38.56 -45.33
CA ILE J 34 -19.34 -38.09 -44.48
C ILE J 34 -20.42 -39.16 -44.37
N GLY J 35 -20.69 -39.86 -45.46
CA GLY J 35 -21.64 -40.95 -45.40
C GLY J 35 -21.21 -42.06 -44.45
N GLU J 36 -19.92 -42.40 -44.47
CA GLU J 36 -19.42 -43.41 -43.55
C GLU J 36 -19.57 -42.97 -42.10
N VAL J 37 -19.21 -41.72 -41.82
CA VAL J 37 -19.32 -41.21 -40.45
C VAL J 37 -20.79 -41.25 -40.00
N LEU J 38 -21.71 -40.88 -40.90
CA LEU J 38 -23.12 -40.92 -40.55
C LEU J 38 -23.60 -42.34 -40.28
N ARG J 39 -23.12 -43.31 -41.05
CA ARG J 39 -23.51 -44.70 -40.80
C ARG J 39 -23.04 -45.14 -39.42
N VAL J 40 -21.78 -44.84 -39.07
CA VAL J 40 -21.28 -45.23 -37.76
C VAL J 40 -22.06 -44.55 -36.65
N MET J 41 -22.40 -43.26 -36.83
CA MET J 41 -23.17 -42.57 -35.80
C MET J 41 -24.56 -43.17 -35.65
N GLN J 42 -25.19 -43.58 -36.76
CA GLN J 42 -26.53 -44.15 -36.67
C GLN J 42 -26.52 -45.52 -36.00
N LYS J 43 -25.47 -46.31 -36.23
CA LYS J 43 -25.43 -47.65 -35.63
C LYS J 43 -25.44 -47.57 -34.11
N TYR J 44 -24.84 -46.54 -33.53
CA TYR J 44 -24.78 -46.38 -32.09
C TYR J 44 -25.92 -45.55 -31.51
N GLY J 45 -26.88 -45.13 -32.33
CA GLY J 45 -28.05 -44.46 -31.82
C GLY J 45 -27.92 -42.97 -31.60
N TYR J 46 -26.88 -42.34 -32.15
CA TYR J 46 -26.71 -40.90 -31.97
C TYR J 46 -27.57 -40.07 -32.91
N ILE J 47 -28.01 -40.62 -34.03
CA ILE J 47 -28.89 -39.92 -34.95
C ILE J 47 -29.97 -40.88 -35.42
N GLY J 48 -30.93 -40.34 -36.14
CA GLY J 48 -32.02 -41.09 -36.72
C GLY J 48 -31.69 -41.55 -38.11
N GLU J 49 -32.67 -41.46 -39.00
CA GLU J 49 -32.44 -41.84 -40.38
C GLU J 49 -31.86 -40.67 -41.18
N PHE J 50 -31.13 -41.00 -42.24
CA PHE J 50 -30.56 -40.01 -43.12
C PHE J 50 -30.68 -40.47 -44.55
N GLU J 51 -30.62 -39.53 -45.49
CA GLU J 51 -30.77 -39.89 -46.88
C GLU J 51 -30.00 -38.95 -47.80
N PHE J 52 -29.74 -39.43 -49.00
CA PHE J 52 -28.95 -38.70 -50.00
C PHE J 52 -29.88 -38.09 -51.04
N ILE J 53 -29.68 -36.80 -51.32
CA ILE J 53 -30.47 -36.05 -52.29
C ILE J 53 -29.52 -35.56 -53.37
N ASP J 54 -29.93 -35.71 -54.63
CA ASP J 54 -29.08 -35.38 -55.76
C ASP J 54 -29.50 -34.06 -56.37
N ASP J 55 -28.58 -33.12 -56.39
CA ASP J 55 -28.60 -31.99 -57.30
C ASP J 55 -27.53 -32.23 -58.37
N GLY J 56 -27.34 -31.29 -59.26
CA GLY J 56 -26.28 -31.51 -60.22
C GLY J 56 -24.89 -31.34 -59.68
N ARG J 57 -24.80 -30.87 -58.45
CA ARG J 57 -23.57 -30.61 -57.72
C ARG J 57 -23.22 -31.85 -56.90
N ALA J 58 -22.39 -31.68 -55.87
CA ALA J 58 -21.89 -32.80 -55.08
C ALA J 58 -22.98 -33.55 -54.32
N GLY J 59 -24.18 -33.02 -54.16
CA GLY J 59 -25.24 -33.71 -53.45
C GLY J 59 -25.39 -33.22 -52.02
N VAL J 60 -26.52 -33.57 -51.42
CA VAL J 60 -26.89 -33.11 -50.09
C VAL J 60 -27.28 -34.30 -49.22
N TYR J 61 -27.06 -34.20 -47.92
CA TYR J 61 -27.51 -35.19 -46.96
C TYR J 61 -28.59 -34.59 -46.08
N ARG J 62 -29.64 -35.35 -45.84
CA ARG J 62 -30.71 -34.92 -44.94
C ARG J 62 -30.68 -35.82 -43.72
N VAL J 63 -30.56 -35.23 -42.53
CA VAL J 63 -30.35 -35.98 -41.30
C VAL J 63 -31.42 -35.61 -40.28
N GLN J 64 -31.87 -36.60 -39.52
CA GLN J 64 -32.83 -36.42 -38.43
C GLN J 64 -32.11 -36.49 -37.10
N LEU J 65 -32.39 -35.53 -36.22
CA LEU J 65 -31.77 -35.47 -34.90
C LEU J 65 -32.75 -35.92 -33.83
N LEU J 66 -32.21 -36.43 -32.73
CA LEU J 66 -33.02 -36.99 -31.65
C LEU J 66 -32.75 -36.37 -30.29
N GLY J 67 -31.89 -35.36 -30.22
CA GLY J 67 -31.51 -34.78 -28.94
C GLY J 67 -30.68 -35.71 -28.07
N LYS J 68 -29.81 -36.50 -28.67
CA LYS J 68 -28.97 -37.45 -27.93
C LYS J 68 -27.46 -37.21 -28.03
N ILE J 69 -27.05 -36.02 -28.44
CA ILE J 69 -25.64 -35.71 -28.65
C ILE J 69 -25.22 -34.62 -27.67
N ASN J 70 -24.24 -34.94 -26.83
CA ASN J 70 -23.64 -33.91 -25.98
C ASN J 70 -22.68 -33.03 -26.75
N LYS J 71 -21.92 -33.61 -27.68
CA LYS J 71 -20.91 -32.89 -28.43
C LYS J 71 -20.37 -33.79 -29.53
N ALA J 72 -19.98 -33.19 -30.64
CA ALA J 72 -19.42 -33.92 -31.77
C ALA J 72 -18.47 -33.00 -32.52
N GLY J 73 -17.32 -33.53 -32.92
CA GLY J 73 -16.34 -32.69 -33.57
C GLY J 73 -15.31 -33.48 -34.34
N ALA J 74 -14.59 -32.78 -35.20
CA ALA J 74 -13.54 -33.39 -35.99
C ALA J 74 -12.20 -33.26 -35.29
N ILE J 75 -11.28 -34.14 -35.65
CA ILE J 75 -9.94 -34.16 -35.10
C ILE J 75 -8.98 -33.75 -36.19
N LYS J 76 -8.23 -32.67 -35.95
CA LYS J 76 -7.25 -32.16 -36.89
C LYS J 76 -5.98 -31.82 -36.11
N PRO J 77 -4.81 -32.30 -36.53
CA PRO J 77 -4.57 -33.17 -37.68
C PRO J 77 -5.03 -34.59 -37.44
N ARG J 78 -5.00 -35.43 -38.46
CA ARG J 78 -5.46 -36.81 -38.34
C ARG J 78 -4.31 -37.67 -37.82
N PHE J 79 -4.21 -37.76 -36.50
CA PHE J 79 -3.08 -38.43 -35.88
C PHE J 79 -3.11 -39.93 -36.16
N PRO J 80 -2.00 -40.53 -36.55
CA PRO J 80 -1.92 -42.00 -36.54
C PRO J 80 -1.93 -42.55 -35.13
N VAL J 81 -2.51 -43.73 -34.98
CA VAL J 81 -2.61 -44.38 -33.68
C VAL J 81 -2.38 -45.87 -33.86
N LYS J 82 -1.59 -46.46 -32.98
CA LYS J 82 -1.31 -47.88 -33.00
C LYS J 82 -2.36 -48.65 -32.20
N ALA J 83 -2.39 -49.96 -32.41
CA ALA J 83 -3.50 -50.79 -31.97
C ALA J 83 -3.61 -50.89 -30.46
N ARG J 84 -2.60 -50.44 -29.71
CA ARG J 84 -2.63 -50.51 -28.26
C ARG J 84 -2.38 -49.16 -27.60
N ASP J 85 -2.86 -48.07 -28.19
CA ASP J 85 -2.64 -46.75 -27.65
C ASP J 85 -3.94 -45.95 -27.56
N TYR J 86 -5.08 -46.62 -27.51
CA TYR J 86 -6.33 -45.89 -27.56
C TYR J 86 -6.68 -45.19 -26.25
N GLU J 87 -6.11 -45.62 -25.12
CA GLU J 87 -6.53 -45.08 -23.84
C GLU J 87 -6.21 -43.60 -23.72
N ARG J 88 -5.03 -43.17 -24.16
CA ARG J 88 -4.66 -41.78 -23.94
C ARG J 88 -5.47 -40.84 -24.83
N TRP J 89 -5.82 -41.26 -26.03
CA TRP J 89 -6.71 -40.45 -26.85
C TRP J 89 -8.10 -40.38 -26.26
N GLU J 90 -8.55 -41.46 -25.63
CA GLU J 90 -9.81 -41.44 -24.90
C GLU J 90 -9.77 -40.42 -23.78
N LYS J 91 -8.70 -40.43 -22.98
CA LYS J 91 -8.59 -39.45 -21.90
C LYS J 91 -8.51 -38.04 -22.45
N ARG J 92 -7.94 -37.86 -23.63
CA ARG J 92 -7.85 -36.52 -24.19
C ARG J 92 -9.21 -36.01 -24.67
N PHE J 93 -10.06 -36.89 -25.20
CA PHE J 93 -11.27 -36.42 -25.87
C PHE J 93 -12.58 -36.79 -25.18
N LEU J 94 -12.62 -37.81 -24.34
CA LEU J 94 -13.89 -38.33 -23.84
C LEU J 94 -14.01 -38.14 -22.33
N PRO J 95 -15.24 -38.18 -21.79
CA PRO J 95 -15.43 -37.87 -20.36
C PRO J 95 -15.35 -39.01 -19.38
N ALA J 96 -15.45 -40.27 -19.81
CA ALA J 96 -15.35 -41.40 -18.89
C ALA J 96 -14.90 -42.62 -19.67
N PHE J 97 -14.66 -43.73 -18.98
CA PHE J 97 -13.81 -44.76 -19.56
C PHE J 97 -14.45 -45.51 -20.73
N GLU J 98 -15.75 -45.40 -20.91
CA GLU J 98 -16.36 -45.96 -22.12
C GLU J 98 -17.46 -45.06 -22.64
N PHE J 99 -17.32 -43.76 -22.48
CA PHE J 99 -18.34 -42.78 -22.77
C PHE J 99 -18.10 -42.25 -24.17
N GLY J 100 -18.93 -42.64 -25.13
CA GLY J 100 -18.76 -42.17 -26.49
C GLY J 100 -17.75 -42.95 -27.28
N ILE J 101 -17.49 -42.48 -28.50
CA ILE J 101 -16.65 -43.19 -29.45
C ILE J 101 -15.65 -42.25 -30.08
N LEU J 102 -14.51 -42.80 -30.50
CA LEU J 102 -13.62 -42.17 -31.46
C LEU J 102 -13.82 -42.86 -32.79
N ILE J 103 -13.81 -42.11 -33.86
CA ILE J 103 -14.04 -42.65 -35.19
C ILE J 103 -12.72 -42.71 -35.93
N VAL J 104 -12.38 -43.91 -36.40
CA VAL J 104 -11.06 -44.24 -36.90
C VAL J 104 -11.19 -44.74 -38.34
N SER J 105 -10.33 -44.22 -39.20
CA SER J 105 -10.19 -44.70 -40.56
C SER J 105 -9.05 -45.70 -40.62
N THR J 106 -9.34 -46.94 -40.99
CA THR J 106 -8.37 -48.01 -41.08
C THR J 106 -8.37 -48.57 -42.49
N SER J 107 -7.37 -49.39 -42.79
CA SER J 107 -7.34 -50.01 -44.12
C SER J 107 -8.38 -51.10 -44.28
N GLN J 108 -9.29 -51.28 -43.32
CA GLN J 108 -10.47 -52.10 -43.50
C GLN J 108 -11.75 -51.29 -43.43
N GLY J 109 -11.66 -49.97 -43.48
CA GLY J 109 -12.83 -49.12 -43.50
C GLY J 109 -12.87 -48.18 -42.32
N VAL J 110 -13.96 -47.42 -42.24
CA VAL J 110 -14.20 -46.47 -41.17
C VAL J 110 -15.01 -47.18 -40.10
N MET J 111 -14.59 -47.07 -38.84
CA MET J 111 -15.25 -47.79 -37.77
C MET J 111 -14.98 -47.08 -36.46
N SER J 112 -15.73 -47.47 -35.43
CA SER J 112 -15.46 -46.92 -34.10
C SER J 112 -14.22 -47.58 -33.50
N HIS J 113 -13.64 -46.91 -32.51
CA HIS J 113 -12.40 -47.42 -31.93
C HIS J 113 -12.61 -48.67 -31.12
N LYS J 114 -13.85 -48.97 -30.71
CA LYS J 114 -14.10 -50.22 -30.03
C LYS J 114 -13.99 -51.41 -30.97
N GLU J 115 -14.59 -51.30 -32.16
CA GLU J 115 -14.45 -52.36 -33.16
C GLU J 115 -13.00 -52.53 -33.58
N ALA J 116 -12.29 -51.42 -33.80
CA ALA J 116 -10.90 -51.49 -34.22
C ALA J 116 -10.05 -52.15 -33.14
N ARG J 117 -10.28 -51.80 -31.88
CA ARG J 117 -9.55 -52.43 -30.80
C ARG J 117 -9.85 -53.92 -30.73
N GLU J 118 -11.10 -54.31 -31.01
CA GLU J 118 -11.44 -55.72 -31.05
C GLU J 118 -10.69 -56.45 -32.16
N LYS J 119 -10.61 -55.85 -33.35
CA LYS J 119 -9.90 -56.49 -34.45
C LYS J 119 -8.39 -56.42 -34.28
N GLY J 120 -7.89 -55.53 -33.45
CA GLY J 120 -6.46 -55.44 -33.19
C GLY J 120 -5.68 -54.64 -34.21
N ILE J 121 -6.25 -53.57 -34.75
CA ILE J 121 -5.60 -52.75 -35.77
C ILE J 121 -5.71 -51.28 -35.40
N GLY J 122 -4.81 -50.48 -35.98
CA GLY J 122 -4.81 -49.05 -35.80
C GLY J 122 -5.25 -48.31 -37.03
N GLY J 123 -4.94 -47.02 -37.09
CA GLY J 123 -5.34 -46.23 -38.23
C GLY J 123 -5.16 -44.74 -37.98
N ARG J 124 -6.16 -43.98 -38.41
CA ARG J 124 -6.15 -42.52 -38.30
C ARG J 124 -7.38 -42.05 -37.54
N LEU J 125 -7.19 -41.17 -36.57
CA LEU J 125 -8.32 -40.57 -35.88
C LEU J 125 -8.92 -39.46 -36.73
N ILE J 126 -10.24 -39.46 -36.91
CA ILE J 126 -10.85 -38.41 -37.70
C ILE J 126 -11.99 -37.68 -37.00
N ALA J 127 -12.62 -38.22 -35.97
CA ALA J 127 -13.73 -37.54 -35.34
C ALA J 127 -13.99 -38.14 -33.96
N TYR J 128 -14.72 -37.39 -33.14
CA TYR J 128 -15.21 -37.89 -31.86
C TYR J 128 -16.65 -37.45 -31.65
N VAL J 129 -17.44 -38.32 -31.04
CA VAL J 129 -18.84 -38.04 -30.72
C VAL J 129 -19.15 -38.59 -29.33
N TYR J 130 -19.76 -37.76 -28.49
CA TYR J 130 -20.30 -38.27 -27.24
C TYR J 130 -21.52 -37.47 -26.81
N ALA K 2 56.81 -34.76 -41.06
CA ALA K 2 57.07 -34.05 -42.31
C ALA K 2 55.93 -34.21 -43.31
N ILE K 3 55.77 -35.41 -43.84
CA ILE K 3 54.80 -35.68 -44.90
C ILE K 3 53.62 -36.38 -44.26
N TRP K 4 52.52 -35.66 -44.08
CA TRP K 4 51.37 -36.15 -43.34
C TRP K 4 50.23 -36.40 -44.31
N GLN K 5 49.74 -37.63 -44.35
CA GLN K 5 48.68 -38.01 -45.28
C GLN K 5 47.36 -38.26 -44.55
N GLY K 6 47.14 -37.54 -43.45
CA GLY K 6 45.98 -37.79 -42.62
C GLY K 6 44.67 -37.30 -43.21
N ARG K 7 44.49 -35.99 -43.28
CA ARG K 7 43.23 -35.45 -43.74
C ARG K 7 43.44 -34.01 -44.17
N SER K 8 42.50 -33.49 -44.94
CA SER K 8 42.57 -32.11 -45.34
C SER K 8 42.00 -31.22 -44.24
N LEU K 9 42.54 -30.01 -44.14
CA LEU K 9 42.07 -29.05 -43.16
C LEU K 9 41.00 -28.12 -43.71
N ARG K 10 40.26 -28.56 -44.71
CA ARG K 10 39.23 -27.76 -45.34
C ARG K 10 37.96 -28.58 -45.45
N LYS K 11 36.83 -27.96 -45.15
CA LYS K 11 35.56 -28.60 -45.40
C LYS K 11 35.14 -28.39 -46.85
N PRO K 12 34.32 -29.27 -47.40
CA PRO K 12 33.88 -29.09 -48.80
C PRO K 12 33.12 -27.79 -49.04
N SER K 13 32.60 -27.16 -48.00
CA SER K 13 31.98 -25.84 -48.15
C SER K 13 32.98 -24.72 -48.17
N GLY K 14 34.22 -24.96 -47.76
CA GLY K 14 35.25 -23.94 -47.77
C GLY K 14 35.70 -23.49 -46.40
N GLY K 15 34.99 -23.84 -45.33
CA GLY K 15 35.40 -23.44 -44.01
C GLY K 15 36.60 -24.22 -43.51
N ARG K 16 37.24 -23.69 -42.48
CA ARG K 16 38.46 -24.27 -41.94
C ARG K 16 38.18 -25.23 -40.80
N ILE K 17 39.14 -26.12 -40.55
CA ILE K 17 39.06 -27.13 -39.51
C ILE K 17 40.22 -26.92 -38.56
N VAL K 18 39.94 -26.93 -37.27
CA VAL K 18 40.95 -26.83 -36.23
C VAL K 18 41.32 -28.23 -35.79
N LEU K 19 42.60 -28.55 -35.84
CA LEU K 19 43.04 -29.92 -35.56
C LEU K 19 42.85 -30.25 -34.08
N ALA K 20 42.33 -31.44 -33.82
CA ALA K 20 41.93 -31.82 -32.47
C ALA K 20 42.84 -32.86 -31.83
N ARG K 21 43.99 -33.15 -32.43
CA ARG K 21 44.93 -34.10 -31.86
C ARG K 21 46.24 -33.98 -32.63
N LYS K 22 47.26 -34.65 -32.11
CA LYS K 22 48.56 -34.67 -32.76
C LYS K 22 48.54 -35.65 -33.94
N LYS K 23 49.58 -35.59 -34.76
CA LYS K 23 49.69 -36.50 -35.89
C LYS K 23 50.14 -37.88 -35.40
N ARG K 24 49.40 -38.91 -35.77
CA ARG K 24 49.76 -40.26 -35.39
C ARG K 24 50.83 -40.79 -36.34
N LYS K 25 51.66 -41.68 -35.82
CA LYS K 25 52.80 -42.19 -36.58
C LYS K 25 52.37 -42.96 -37.81
N ARG K 26 51.28 -43.72 -37.73
CA ARG K 26 50.81 -44.55 -38.82
C ARG K 26 50.20 -43.76 -39.96
N GLU K 27 50.33 -42.44 -40.00
CA GLU K 27 49.75 -41.63 -41.06
C GLU K 27 50.79 -40.92 -41.91
N LEU K 28 52.06 -41.27 -41.79
CA LEU K 28 53.13 -40.54 -42.44
C LEU K 28 53.50 -41.16 -43.78
N GLY K 29 53.94 -40.31 -44.70
CA GLY K 29 54.49 -40.75 -45.97
C GLY K 29 55.99 -40.55 -46.04
N ARG K 30 56.56 -40.87 -47.19
CA ARG K 30 58.00 -40.84 -47.35
C ARG K 30 58.37 -40.08 -48.62
N GLU K 31 59.66 -39.77 -48.73
CA GLU K 31 60.16 -39.05 -49.88
C GLU K 31 59.97 -39.86 -51.15
N PRO K 32 59.50 -39.26 -52.24
CA PRO K 32 59.41 -39.98 -53.50
C PRO K 32 60.79 -40.39 -53.99
N SER K 33 60.85 -41.57 -54.59
CA SER K 33 62.05 -42.02 -55.27
C SER K 33 61.91 -41.66 -56.74
N ASN K 34 62.78 -40.77 -57.22
CA ASN K 34 62.76 -40.37 -58.62
C ASN K 34 63.72 -41.28 -59.37
N THR K 35 63.21 -42.42 -59.81
CA THR K 35 64.03 -43.44 -60.45
C THR K 35 64.65 -42.91 -61.74
N ARG K 36 65.97 -42.83 -61.78
CA ARG K 36 66.68 -42.30 -62.93
C ARG K 36 67.31 -43.42 -63.76
N VAL K 37 67.71 -43.07 -64.97
CA VAL K 37 68.48 -43.95 -65.84
C VAL K 37 69.94 -43.79 -65.50
N ALA K 38 70.65 -44.91 -65.36
CA ALA K 38 72.05 -44.87 -64.99
C ALA K 38 72.77 -46.06 -65.58
N GLU K 39 74.08 -46.11 -65.36
CA GLU K 39 74.90 -47.21 -65.83
C GLU K 39 74.75 -48.46 -64.97
N GLN K 40 74.53 -48.30 -63.67
CA GLN K 40 74.44 -49.42 -62.74
C GLN K 40 73.22 -49.23 -61.87
N ASP K 41 72.56 -50.34 -61.54
CA ASP K 41 71.32 -50.29 -60.79
C ASP K 41 71.59 -50.26 -59.28
N LYS K 42 70.66 -49.64 -58.56
CA LYS K 42 70.82 -49.39 -57.13
C LYS K 42 69.44 -49.44 -56.49
N ARG K 43 69.30 -50.23 -55.43
CA ARG K 43 68.02 -50.34 -54.73
C ARG K 43 68.27 -50.49 -53.24
N LYS K 44 67.26 -50.14 -52.45
CA LYS K 44 67.34 -50.23 -51.00
C LYS K 44 66.07 -50.85 -50.45
N ILE K 45 66.10 -51.18 -49.16
CA ILE K 45 65.02 -51.90 -48.51
C ILE K 45 64.45 -51.04 -47.40
N ILE K 46 63.12 -50.99 -47.30
CA ILE K 46 62.41 -50.19 -46.33
C ILE K 46 61.60 -51.11 -45.42
N ARG K 47 61.75 -50.94 -44.12
CA ARG K 47 60.96 -51.68 -43.14
C ARG K 47 59.67 -50.91 -42.88
N THR K 48 58.54 -51.55 -43.08
CA THR K 48 57.25 -50.90 -43.14
C THR K 48 56.31 -51.46 -42.07
N TYR K 49 55.18 -50.76 -41.91
CA TYR K 49 54.17 -51.04 -40.89
C TYR K 49 53.86 -52.53 -40.81
N GLY K 50 53.80 -53.03 -39.57
CA GLY K 50 53.68 -54.45 -39.35
C GLY K 50 54.96 -55.21 -39.53
N GLY K 51 56.08 -54.53 -39.69
CA GLY K 51 57.34 -55.19 -39.93
C GLY K 51 57.47 -55.89 -41.28
N ASN K 52 56.95 -55.28 -42.33
CA ASN K 52 57.07 -55.81 -43.68
C ASN K 52 58.18 -55.08 -44.42
N LYS K 53 58.32 -55.35 -45.70
CA LYS K 53 59.41 -54.76 -46.46
C LYS K 53 58.95 -54.25 -47.82
N LYS K 54 59.61 -53.18 -48.28
CA LYS K 54 59.45 -52.68 -49.64
C LYS K 54 60.83 -52.52 -50.27
N VAL K 55 60.93 -52.87 -51.54
CA VAL K 55 62.17 -52.72 -52.30
C VAL K 55 62.03 -51.47 -53.15
N ARG K 56 62.92 -50.50 -52.95
CA ARG K 56 62.84 -49.20 -53.60
C ARG K 56 63.98 -49.07 -54.59
N LEU K 57 63.64 -48.86 -55.86
CA LEU K 57 64.61 -48.75 -56.93
C LEU K 57 64.94 -47.29 -57.18
N THR K 58 66.22 -46.94 -57.08
CA THR K 58 66.65 -45.55 -57.23
C THR K 58 67.40 -45.29 -58.53
N ALA K 59 68.01 -46.30 -59.14
CA ALA K 59 68.69 -46.14 -60.41
C ALA K 59 68.46 -47.39 -61.23
N ALA K 60 68.03 -47.22 -62.48
CA ALA K 60 67.67 -48.34 -63.33
C ALA K 60 68.56 -48.37 -64.57
N ALA K 61 69.04 -49.56 -64.92
CA ALA K 61 69.84 -49.74 -66.12
C ALA K 61 69.31 -50.81 -67.05
N TYR K 62 68.48 -51.74 -66.57
CA TYR K 62 67.91 -52.79 -67.39
C TYR K 62 66.39 -52.73 -67.31
N ALA K 63 65.74 -53.46 -68.21
CA ALA K 63 64.29 -53.54 -68.22
C ALA K 63 63.87 -54.88 -68.79
N ASN K 64 62.65 -55.27 -68.50
CA ASN K 64 62.06 -56.48 -69.05
C ASN K 64 60.96 -56.07 -70.03
N VAL K 65 61.07 -56.54 -71.27
CA VAL K 65 60.15 -56.17 -72.34
C VAL K 65 59.38 -57.40 -72.76
N PHE K 66 58.07 -57.26 -72.92
CA PHE K 66 57.19 -58.35 -73.29
C PHE K 66 56.46 -58.05 -74.58
N ASP K 67 56.39 -59.05 -75.45
CA ASP K 67 55.66 -58.98 -76.70
C ASP K 67 54.27 -59.57 -76.51
N LYS K 68 53.41 -59.42 -77.52
CA LYS K 68 52.06 -59.93 -77.42
C LYS K 68 51.99 -61.45 -77.45
N SER K 69 53.08 -62.13 -77.78
CA SER K 69 53.11 -63.58 -77.79
C SER K 69 53.39 -64.18 -76.43
N GLY K 70 53.85 -63.40 -75.47
CA GLY K 70 54.13 -63.89 -74.14
C GLY K 70 55.58 -64.20 -73.81
N LYS K 71 56.52 -63.81 -74.66
CA LYS K 71 57.94 -64.00 -74.38
C LYS K 71 58.55 -62.68 -73.92
N GLY K 72 59.63 -62.76 -73.16
CA GLY K 72 60.25 -61.58 -72.58
C GLY K 72 61.77 -61.59 -72.72
N ARG K 73 62.34 -60.40 -72.79
CA ARG K 73 63.78 -60.21 -72.95
C ARG K 73 64.27 -59.15 -71.98
N LYS K 74 65.46 -59.37 -71.43
CA LYS K 74 66.08 -58.43 -70.51
C LYS K 74 67.10 -57.60 -71.26
N VAL K 75 66.78 -56.33 -71.52
CA VAL K 75 67.62 -55.44 -72.31
C VAL K 75 67.91 -54.21 -71.48
N ARG K 76 68.74 -53.33 -72.04
CA ARG K 76 69.16 -52.14 -71.30
C ARG K 76 68.45 -50.89 -71.83
N ILE K 77 68.39 -49.86 -70.98
CA ILE K 77 67.58 -48.68 -71.22
C ILE K 77 68.48 -47.57 -71.73
N ILE K 78 68.01 -46.83 -72.74
CA ILE K 78 68.78 -45.73 -73.29
C ILE K 78 68.32 -44.41 -72.68
N ARG K 79 67.04 -44.07 -72.83
CA ARG K 79 66.56 -42.77 -72.39
C ARG K 79 65.04 -42.81 -72.27
N VAL K 80 64.50 -41.73 -71.73
CA VAL K 80 63.07 -41.55 -71.55
C VAL K 80 62.58 -40.59 -72.63
N ILE K 81 61.71 -41.09 -73.52
CA ILE K 81 61.22 -40.24 -74.59
C ILE K 81 60.22 -39.22 -74.06
N GLU K 82 59.25 -39.66 -73.27
CA GLU K 82 58.27 -38.74 -72.70
C GLU K 82 57.64 -39.38 -71.47
N ASN K 83 57.03 -38.53 -70.64
CA ASN K 83 56.41 -38.99 -69.41
C ASN K 83 55.19 -38.12 -69.10
N PRO K 84 53.98 -38.62 -69.33
CA PRO K 84 52.78 -37.77 -69.17
C PRO K 84 52.50 -37.37 -67.74
N ALA K 85 53.18 -37.93 -66.75
CA ALA K 85 52.87 -37.62 -65.36
C ALA K 85 53.35 -36.23 -64.99
N ASN K 86 54.53 -35.83 -65.44
CA ASN K 86 55.05 -34.52 -65.11
C ASN K 86 55.69 -33.91 -66.34
N ARG K 87 55.64 -32.59 -66.42
CA ARG K 87 56.09 -31.89 -67.62
C ARG K 87 57.60 -31.95 -67.79
N GLN K 88 58.36 -32.08 -66.72
CA GLN K 88 59.82 -32.06 -66.81
C GLN K 88 60.45 -33.37 -66.34
N PHE K 89 59.72 -34.48 -66.41
CA PHE K 89 60.33 -35.76 -66.09
C PHE K 89 61.21 -36.26 -67.23
N ALA K 90 60.81 -35.97 -68.47
CA ALA K 90 61.53 -36.51 -69.62
C ALA K 90 62.94 -35.94 -69.70
N ARG K 91 63.10 -34.64 -69.44
CA ARG K 91 64.43 -34.05 -69.50
C ARG K 91 65.36 -34.63 -68.44
N ARG K 92 64.87 -34.85 -67.24
CA ARG K 92 65.70 -35.36 -66.15
C ARG K 92 65.82 -36.87 -66.16
N ASN K 93 65.18 -37.56 -67.10
CA ASN K 93 65.24 -39.01 -67.21
C ASN K 93 64.67 -39.67 -65.95
N ILE K 94 63.44 -39.34 -65.61
CA ILE K 94 62.74 -39.96 -64.50
C ILE K 94 61.79 -41.01 -65.05
N ILE K 95 61.81 -42.20 -64.45
CA ILE K 95 60.99 -43.32 -64.89
C ILE K 95 59.88 -43.54 -63.88
N THR K 96 58.63 -43.52 -64.36
CA THR K 96 57.48 -43.90 -63.55
C THR K 96 56.60 -44.79 -64.40
N LYS K 97 55.57 -45.35 -63.78
CA LYS K 97 54.60 -46.14 -64.53
C LYS K 97 53.94 -45.27 -65.58
N GLY K 98 53.82 -45.80 -66.79
CA GLY K 98 53.23 -45.06 -67.89
C GLY K 98 54.20 -44.27 -68.74
N ALA K 99 55.47 -44.20 -68.35
CA ALA K 99 56.46 -43.50 -69.16
C ALA K 99 56.81 -44.31 -70.41
N ILE K 100 57.28 -43.61 -71.43
CA ILE K 100 57.74 -44.23 -72.66
C ILE K 100 59.26 -44.21 -72.67
N ILE K 101 59.86 -45.39 -72.72
CA ILE K 101 61.31 -45.49 -72.71
C ILE K 101 61.77 -46.04 -74.05
N GLU K 102 63.01 -45.74 -74.41
CA GLU K 102 63.58 -46.29 -75.62
C GLU K 102 64.67 -47.28 -75.24
N THR K 103 64.71 -48.40 -75.95
CA THR K 103 65.64 -49.48 -75.69
C THR K 103 66.37 -49.82 -76.98
N GLU K 104 67.14 -50.91 -76.94
CA GLU K 104 67.87 -51.34 -78.12
C GLU K 104 67.01 -52.18 -79.07
N ILE K 105 65.77 -52.47 -78.69
CA ILE K 105 64.87 -53.23 -79.56
C ILE K 105 63.56 -52.49 -79.79
N GLY K 106 63.48 -51.21 -79.47
CA GLY K 106 62.31 -50.41 -79.75
C GLY K 106 61.80 -49.68 -78.53
N LYS K 107 60.71 -48.95 -78.73
CA LYS K 107 60.10 -48.18 -77.67
C LYS K 107 59.16 -49.05 -76.84
N ALA K 108 59.07 -48.74 -75.55
CA ALA K 108 58.25 -49.55 -74.66
C ALA K 108 57.55 -48.66 -73.64
N LYS K 109 56.44 -49.16 -73.11
CA LYS K 109 55.65 -48.44 -72.12
C LYS K 109 55.68 -49.21 -70.80
N VAL K 110 56.04 -48.51 -69.73
CA VAL K 110 56.28 -49.14 -68.44
C VAL K 110 54.94 -49.50 -67.80
N THR K 111 54.86 -50.69 -67.22
CA THR K 111 53.63 -51.18 -66.61
C THR K 111 53.74 -51.44 -65.12
N SER K 112 54.93 -51.31 -64.53
CA SER K 112 55.11 -51.56 -63.11
C SER K 112 55.42 -50.25 -62.40
N ARG K 113 55.42 -50.31 -61.07
CA ARG K 113 55.73 -49.16 -60.23
C ARG K 113 57.10 -49.39 -59.62
N PRO K 114 58.14 -48.76 -60.16
CA PRO K 114 59.51 -49.06 -59.67
C PRO K 114 59.73 -48.70 -58.22
N GLY K 115 59.11 -47.64 -57.71
CA GLY K 115 59.32 -47.27 -56.32
C GLY K 115 58.66 -48.20 -55.33
N GLN K 116 57.72 -49.03 -55.78
CA GLN K 116 57.01 -49.98 -54.93
C GLN K 116 57.40 -51.42 -55.19
N ASP K 117 58.01 -51.71 -56.33
CA ASP K 117 58.33 -53.10 -56.67
C ASP K 117 59.81 -53.36 -56.85
N GLY K 118 60.58 -52.41 -57.35
CA GLY K 118 62.00 -52.59 -57.50
C GLY K 118 62.46 -53.13 -58.84
N VAL K 119 61.56 -53.28 -59.80
CA VAL K 119 61.92 -53.70 -61.15
C VAL K 119 61.19 -52.79 -62.15
N VAL K 120 61.72 -52.74 -63.36
CA VAL K 120 61.12 -52.01 -64.47
C VAL K 120 60.63 -53.02 -65.48
N ASN K 121 59.32 -53.11 -65.64
CA ASN K 121 58.68 -53.95 -66.64
C ASN K 121 57.98 -53.08 -67.66
N ALA K 122 58.13 -53.41 -68.94
CA ALA K 122 57.51 -52.61 -69.99
C ALA K 122 56.98 -53.53 -71.07
N ILE K 123 55.92 -53.07 -71.74
CA ILE K 123 55.37 -53.78 -72.90
C ILE K 123 55.79 -53.07 -74.16
N LEU K 124 56.08 -53.84 -75.20
CA LEU K 124 56.61 -53.30 -76.44
C LEU K 124 55.53 -52.57 -77.22
N LEU K 125 55.92 -51.46 -77.84
CA LEU K 125 55.00 -50.64 -78.63
C LEU K 125 55.13 -51.00 -80.10
N GLU K 126 54.05 -50.79 -80.85
CA GLU K 126 54.05 -51.07 -82.27
C GLU K 126 53.71 -49.81 -83.08
N MET L 1 -82.48 56.57 38.39
CA MET L 1 -81.21 56.51 39.09
C MET L 1 -80.33 55.43 38.45
N ARG L 2 -80.04 55.61 37.17
CA ARG L 2 -79.23 54.65 36.44
C ARG L 2 -77.76 54.83 36.79
N ILE L 3 -77.03 53.72 36.79
CA ILE L 3 -75.58 53.71 36.95
C ILE L 3 -75.05 52.67 35.98
N ILE L 4 -73.99 53.00 35.25
CA ILE L 4 -73.35 52.01 34.38
C ILE L 4 -71.85 52.03 34.60
N GLN L 5 -71.24 50.85 34.63
CA GLN L 5 -69.81 50.69 34.85
C GLN L 5 -69.16 49.94 33.70
N THR L 6 -67.98 50.39 33.30
CA THR L 6 -67.27 49.82 32.17
C THR L 6 -65.78 49.73 32.48
N THR L 7 -65.07 48.93 31.68
CA THR L 7 -63.68 48.58 31.93
C THR L 7 -62.87 48.72 30.65
N GLY L 8 -61.63 49.18 30.79
CA GLY L 8 -60.71 49.27 29.68
C GLY L 8 -59.31 48.86 30.07
N LYS L 9 -58.62 48.17 29.16
CA LYS L 9 -57.27 47.69 29.41
C LYS L 9 -56.35 48.07 28.27
N ARG L 10 -55.10 48.40 28.60
CA ARG L 10 -54.11 48.71 27.59
C ARG L 10 -52.72 48.54 28.21
N LYS L 11 -52.03 47.46 27.84
CA LYS L 11 -50.68 47.13 28.29
C LYS L 11 -50.40 47.42 29.76
N THR L 12 -51.06 46.70 30.67
CA THR L 12 -50.91 46.74 32.12
C THR L 12 -51.57 47.93 32.80
N ALA L 13 -52.31 48.76 32.07
CA ALA L 13 -53.11 49.81 32.70
C ALA L 13 -54.57 49.41 32.67
N ILE L 14 -55.25 49.60 33.80
CA ILE L 14 -56.64 49.18 33.95
C ILE L 14 -57.47 50.37 34.38
N ALA L 15 -58.59 50.60 33.71
CA ALA L 15 -59.46 51.73 33.98
C ALA L 15 -60.89 51.26 34.20
N ARG L 16 -61.52 51.78 35.26
CA ARG L 16 -62.90 51.52 35.60
C ARG L 16 -63.66 52.84 35.54
N ALA L 17 -64.73 52.87 34.76
CA ALA L 17 -65.49 54.10 34.55
C ALA L 17 -66.94 53.91 34.98
N VAL L 18 -67.48 54.95 35.60
CA VAL L 18 -68.88 54.97 36.05
C VAL L 18 -69.57 56.16 35.41
N ILE L 19 -70.73 55.92 34.82
CA ILE L 19 -71.48 56.94 34.12
C ILE L 19 -72.88 57.03 34.70
N ARG L 20 -73.37 58.26 34.81
CA ARG L 20 -74.67 58.59 35.40
C ARG L 20 -75.15 59.91 34.83
N GLU L 21 -76.40 60.24 35.10
CA GLU L 21 -76.98 61.50 34.67
C GLU L 21 -76.30 62.67 35.37
N GLY L 22 -75.99 63.71 34.62
CA GLY L 22 -75.26 64.84 35.17
C GLY L 22 -75.25 66.05 34.28
N LYS L 23 -74.34 66.98 34.58
CA LYS L 23 -74.26 68.26 33.88
C LYS L 23 -73.05 68.39 32.97
N GLY L 24 -72.25 67.36 32.80
CA GLY L 24 -71.14 67.39 31.87
C GLY L 24 -69.75 67.43 32.47
N ARG L 25 -69.55 66.87 33.67
CA ARG L 25 -68.25 66.90 34.33
C ARG L 25 -67.58 65.54 34.18
N VAL L 26 -66.35 65.55 33.67
CA VAL L 26 -65.56 64.33 33.50
C VAL L 26 -64.28 64.49 34.31
N ARG L 27 -63.98 63.49 35.15
CA ARG L 27 -62.82 63.53 36.02
C ARG L 27 -62.00 62.27 35.84
N ILE L 28 -60.67 62.43 35.86
CA ILE L 28 -59.75 61.32 35.78
C ILE L 28 -58.95 61.30 37.07
N ASN L 29 -59.21 60.29 37.91
CA ASN L 29 -58.57 60.19 39.22
C ASN L 29 -58.80 61.45 40.05
N GLY L 30 -59.97 62.06 39.90
CA GLY L 30 -60.34 63.23 40.65
C GLY L 30 -59.92 64.55 40.05
N LYS L 31 -59.23 64.55 38.91
CA LYS L 31 -58.81 65.79 38.28
C LYS L 31 -59.68 66.10 37.07
N PRO L 32 -60.09 67.36 36.89
CA PRO L 32 -60.88 67.70 35.69
C PRO L 32 -60.11 67.40 34.43
N VAL L 33 -60.81 66.88 33.42
CA VAL L 33 -60.13 66.41 32.23
C VAL L 33 -59.51 67.56 31.44
N GLU L 34 -59.96 68.78 31.66
CA GLU L 34 -59.39 69.92 30.95
C GLU L 34 -57.98 70.24 31.38
N LEU L 35 -57.51 69.72 32.51
CA LEU L 35 -56.19 70.05 33.02
C LEU L 35 -55.20 68.89 32.87
N VAL L 36 -55.57 67.84 32.16
CA VAL L 36 -54.66 66.72 31.93
C VAL L 36 -53.52 67.14 31.03
N GLU L 37 -52.30 66.77 31.38
CA GLU L 37 -51.11 67.09 30.62
C GLU L 37 -50.29 65.83 30.36
N PRO L 38 -49.52 65.78 29.28
CA PRO L 38 -49.37 66.81 28.24
C PRO L 38 -50.54 66.84 27.29
N GLU L 39 -50.46 67.71 26.28
CA GLU L 39 -51.59 67.89 25.37
C GLU L 39 -51.89 66.61 24.59
N ILE L 40 -50.86 65.87 24.19
CA ILE L 40 -51.10 64.69 23.37
C ILE L 40 -51.87 63.64 24.15
N ALA L 41 -51.84 63.71 25.48
CA ALA L 41 -52.64 62.79 26.28
C ALA L 41 -54.05 63.30 26.49
N ARG L 42 -54.22 64.62 26.53
CA ARG L 42 -55.55 65.19 26.71
C ARG L 42 -56.44 64.91 25.50
N PHE L 43 -55.88 64.96 24.30
CA PHE L 43 -56.68 64.73 23.11
C PHE L 43 -57.03 63.26 22.94
N THR L 44 -56.24 62.36 23.52
CA THR L 44 -56.58 60.94 23.46
C THR L 44 -57.88 60.65 24.19
N ILE L 45 -58.08 61.30 25.34
CA ILE L 45 -59.27 61.05 26.14
C ILE L 45 -60.51 61.72 25.55
N LEU L 46 -60.35 62.89 24.95
CA LEU L 46 -61.49 63.71 24.54
C LEU L 46 -62.10 63.29 23.21
N GLU L 47 -61.48 62.38 22.45
CA GLU L 47 -61.99 62.09 21.12
C GLU L 47 -63.39 61.51 21.11
N PRO L 48 -63.72 60.48 21.90
CA PRO L 48 -65.09 59.96 21.85
C PRO L 48 -66.13 60.99 22.24
N LEU L 49 -65.82 61.87 23.20
CA LEU L 49 -66.78 62.88 23.61
C LEU L 49 -67.07 63.85 22.48
N ILE L 50 -66.04 64.27 21.75
CA ILE L 50 -66.24 65.17 20.61
C ILE L 50 -67.01 64.45 19.51
N LEU L 51 -66.69 63.18 19.25
CA LEU L 51 -67.44 62.44 18.24
C LEU L 51 -68.91 62.31 18.60
N ALA L 52 -69.20 62.10 19.88
CA ALA L 52 -70.59 61.95 20.29
C ALA L 52 -71.39 63.22 20.08
N GLY L 53 -70.80 64.36 20.41
CA GLY L 53 -71.46 65.64 20.23
C GLY L 53 -71.79 66.30 21.56
N GLU L 54 -72.02 67.61 21.48
CA GLU L 54 -72.21 68.39 22.70
C GLU L 54 -73.52 68.07 23.41
N GLU L 55 -74.57 67.71 22.65
CA GLU L 55 -75.85 67.43 23.28
C GLU L 55 -75.75 66.25 24.24
N ILE L 56 -75.10 65.18 23.80
CA ILE L 56 -74.88 64.03 24.67
C ILE L 56 -73.83 64.34 25.73
N TRP L 57 -72.83 65.14 25.36
CA TRP L 57 -71.75 65.43 26.30
C TRP L 57 -72.26 66.11 27.56
N ASN L 58 -73.15 67.09 27.41
CA ASN L 58 -73.54 67.91 28.56
C ASN L 58 -74.62 67.27 29.42
N SER L 59 -75.09 66.08 29.09
CA SER L 59 -76.17 65.45 29.84
C SER L 59 -75.72 64.28 30.70
N VAL L 60 -74.42 64.08 30.89
CA VAL L 60 -73.90 62.97 31.67
C VAL L 60 -72.73 63.45 32.53
N ASP L 61 -72.40 62.64 33.53
CA ASP L 61 -71.20 62.80 34.33
C ASP L 61 -70.44 61.48 34.37
N ILE L 62 -69.12 61.56 34.25
CA ILE L 62 -68.27 60.37 34.18
C ILE L 62 -67.14 60.51 35.18
N ASP L 63 -66.88 59.45 35.93
CA ASP L 63 -65.74 59.38 36.83
C ASP L 63 -64.93 58.14 36.48
N VAL L 64 -63.62 58.30 36.31
CA VAL L 64 -62.76 57.23 35.85
C VAL L 64 -61.63 57.05 36.85
N LYS L 65 -61.42 55.80 37.28
CA LYS L 65 -60.30 55.42 38.13
C LYS L 65 -59.40 54.52 37.32
N VAL L 66 -58.12 54.87 37.21
CA VAL L 66 -57.20 54.14 36.37
C VAL L 66 -55.88 53.94 37.10
N GLN L 67 -55.30 52.75 36.97
CA GLN L 67 -54.06 52.43 37.66
C GLN L 67 -53.19 51.53 36.80
N GLY L 68 -51.89 51.58 37.07
CA GLY L 68 -50.91 50.81 36.32
C GLY L 68 -50.44 51.54 35.07
N GLY L 69 -49.47 50.94 34.40
CA GLY L 69 -49.04 51.45 33.11
C GLY L 69 -48.36 52.80 33.18
N GLY L 70 -48.35 53.50 32.06
CA GLY L 70 -47.72 54.79 31.95
C GLY L 70 -48.69 55.89 31.55
N PHE L 71 -48.19 57.10 31.31
CA PHE L 71 -49.10 58.22 31.07
C PHE L 71 -49.83 58.08 29.75
N MET L 72 -49.21 57.50 28.73
CA MET L 72 -49.88 57.24 27.48
C MET L 72 -50.73 55.98 27.52
N GLY L 73 -50.28 54.97 28.25
CA GLY L 73 -51.09 53.78 28.43
C GLY L 73 -52.35 54.02 29.25
N GLN L 74 -52.28 54.94 30.21
CA GLN L 74 -53.45 55.21 31.05
C GLN L 74 -54.50 56.02 30.30
N ALA L 75 -54.07 56.91 29.41
CA ALA L 75 -55.04 57.70 28.65
C ALA L 75 -55.84 56.84 27.69
N GLU L 76 -55.19 55.86 27.07
CA GLU L 76 -55.88 55.04 26.08
C GLU L 76 -56.88 54.10 26.73
N ALA L 77 -56.54 53.55 27.89
CA ALA L 77 -57.49 52.71 28.61
C ALA L 77 -58.72 53.52 29.01
N ALA L 78 -58.51 54.75 29.49
CA ALA L 78 -59.64 55.60 29.83
C ALA L 78 -60.49 55.90 28.61
N ARG L 79 -59.87 56.13 27.46
CA ARG L 79 -60.62 56.37 26.23
C ARG L 79 -61.48 55.16 25.87
N ILE L 80 -60.93 53.96 26.00
CA ILE L 80 -61.72 52.75 25.71
C ILE L 80 -62.91 52.65 26.65
N ALA L 81 -62.68 52.87 27.94
CA ALA L 81 -63.76 52.76 28.92
C ALA L 81 -64.85 53.79 28.66
N ILE L 82 -64.46 55.02 28.35
CA ILE L 82 -65.44 56.07 28.09
C ILE L 82 -66.25 55.75 26.84
N ALA L 83 -65.61 55.28 25.78
CA ALA L 83 -66.36 54.95 24.58
C ALA L 83 -67.38 53.85 24.84
N ARG L 84 -66.97 52.79 25.56
CA ARG L 84 -67.92 51.72 25.84
C ARG L 84 -69.08 52.21 26.70
N ALA L 85 -68.78 53.07 27.68
CA ALA L 85 -69.84 53.61 28.52
C ALA L 85 -70.82 54.44 27.69
N LEU L 86 -70.30 55.26 26.78
CA LEU L 86 -71.18 56.09 25.96
C LEU L 86 -72.10 55.23 25.08
N VAL L 87 -71.56 54.18 24.46
CA VAL L 87 -72.43 53.40 23.59
C VAL L 87 -73.45 52.62 24.41
N GLU L 88 -73.09 52.18 25.61
CA GLU L 88 -74.05 51.40 26.39
C GLU L 88 -75.15 52.28 26.98
N TRP L 89 -74.78 53.49 27.42
CA TRP L 89 -75.74 54.35 28.09
C TRP L 89 -76.86 54.79 27.15
N THR L 90 -76.50 55.31 25.99
CA THR L 90 -77.52 55.84 25.08
C THR L 90 -78.15 54.74 24.24
N GLY L 91 -77.40 53.68 23.95
CA GLY L 91 -77.95 52.56 23.22
C GLY L 91 -78.43 52.87 21.82
N ASP L 92 -77.72 53.74 21.10
CA ASP L 92 -78.08 54.06 19.73
C ASP L 92 -77.03 53.51 18.80
N MET L 93 -77.48 52.90 17.70
CA MET L 93 -76.57 52.19 16.82
C MET L 93 -75.92 53.06 15.76
N ASN L 94 -76.43 54.27 15.54
CA ASN L 94 -75.73 55.18 14.64
C ASN L 94 -74.38 55.58 15.22
N LEU L 95 -74.33 55.81 16.52
CA LEU L 95 -73.08 56.19 17.16
C LEU L 95 -72.09 55.05 17.16
N LYS L 96 -72.55 53.82 17.38
CA LYS L 96 -71.64 52.69 17.45
C LYS L 96 -70.90 52.48 16.14
N GLU L 97 -71.61 52.62 15.02
CA GLU L 97 -70.93 52.53 13.73
C GLU L 97 -70.03 53.73 13.48
N LYS L 98 -70.40 54.90 14.02
CA LYS L 98 -69.53 56.06 13.85
C LYS L 98 -68.20 55.89 14.56
N PHE L 99 -68.21 55.30 15.77
CA PHE L 99 -66.95 55.04 16.45
C PHE L 99 -66.10 54.06 15.66
N ILE L 100 -66.72 53.04 15.08
CA ILE L 100 -65.98 52.00 14.37
C ILE L 100 -65.37 52.56 13.08
N LYS L 101 -66.06 53.47 12.40
CA LYS L 101 -65.49 54.09 11.21
C LYS L 101 -64.24 54.88 11.56
N TYR L 102 -64.27 55.62 12.66
CA TYR L 102 -63.15 56.47 13.03
C TYR L 102 -61.97 55.65 13.57
N ASP L 103 -62.26 54.71 14.47
CA ASP L 103 -61.21 53.95 15.14
C ASP L 103 -61.83 52.70 15.73
N ARG L 104 -61.52 51.54 15.16
CA ARG L 104 -62.10 50.29 15.63
C ARG L 104 -61.66 49.97 17.05
N THR L 105 -60.40 50.27 17.38
CA THR L 105 -59.84 49.89 18.66
C THR L 105 -60.61 50.48 19.84
N MET L 106 -61.37 51.54 19.62
CA MET L 106 -62.17 52.13 20.69
C MET L 106 -63.09 51.10 21.32
N LEU L 107 -63.54 50.11 20.56
CA LEU L 107 -64.54 49.19 21.08
C LEU L 107 -64.08 47.75 21.21
N VAL L 108 -63.01 47.34 20.51
CA VAL L 108 -62.53 45.96 20.61
C VAL L 108 -61.23 45.85 21.39
N GLY L 109 -60.59 46.95 21.73
CA GLY L 109 -59.39 46.91 22.53
C GLY L 109 -58.15 46.57 21.74
N ASP L 110 -57.03 46.54 22.45
CA ASP L 110 -55.73 46.25 21.86
C ASP L 110 -55.09 45.10 22.61
N PRO L 111 -54.84 43.96 21.95
CA PRO L 111 -54.32 42.79 22.66
C PRO L 111 -52.81 42.70 22.77
N ARG L 112 -52.05 43.69 22.32
CA ARG L 112 -50.60 43.56 22.29
C ARG L 112 -49.99 43.68 23.69
N ARG L 113 -48.99 42.84 23.95
CA ARG L 113 -48.23 42.85 25.19
C ARG L 113 -46.76 42.65 24.87
N THR L 114 -45.90 42.94 25.84
CA THR L 114 -44.47 42.81 25.63
C THR L 114 -44.07 41.36 25.39
N GLU L 115 -42.99 41.18 24.65
CA GLU L 115 -42.44 39.85 24.43
C GLU L 115 -41.31 39.58 25.41
N PRO L 116 -41.30 38.44 26.08
CA PRO L 116 -40.25 38.17 27.06
C PRO L 116 -38.86 38.10 26.44
N HIS L 117 -37.86 38.48 27.23
CA HIS L 117 -36.48 38.56 26.77
C HIS L 117 -35.83 37.18 26.76
N LYS L 118 -34.75 37.06 26.00
CA LYS L 118 -34.02 35.82 25.79
C LYS L 118 -32.53 36.07 25.98
N PRO L 119 -31.73 35.02 26.21
CA PRO L 119 -30.29 35.20 26.44
C PRO L 119 -29.58 35.79 25.24
N ASN L 120 -28.26 35.98 25.40
CA ASN L 120 -27.44 36.79 24.50
C ASN L 120 -27.87 38.25 24.52
N ARG L 121 -27.45 38.97 25.56
CA ARG L 121 -27.85 40.37 25.80
C ARG L 121 -29.32 40.43 26.22
N SER L 122 -29.65 39.68 27.26
CA SER L 122 -31.02 39.53 27.68
C SER L 122 -31.63 40.84 28.16
N THR L 123 -30.82 41.74 28.70
CA THR L 123 -31.38 42.95 29.28
C THR L 123 -31.89 43.93 28.23
N LYS L 124 -31.50 43.78 26.96
CA LYS L 124 -31.86 44.78 25.97
C LYS L 124 -33.14 44.41 25.23
N GLY L 125 -33.33 43.13 24.92
CA GLY L 125 -34.54 42.72 24.25
C GLY L 125 -34.53 41.27 23.89
N PRO L 126 -35.67 40.77 23.42
CA PRO L 126 -35.75 39.39 22.96
C PRO L 126 -34.95 39.12 21.69
N ARG L 127 -34.67 40.13 20.88
CA ARG L 127 -34.00 39.89 19.59
C ARG L 127 -32.70 40.64 19.41
N ALA L 128 -32.46 41.72 20.15
CA ALA L 128 -31.18 42.41 20.08
C ALA L 128 -30.07 41.54 20.63
N LYS L 129 -28.92 41.55 19.96
CA LYS L 129 -27.83 40.65 20.32
C LYS L 129 -26.51 41.42 20.35
N ARG L 130 -25.50 40.75 20.92
CA ARG L 130 -24.16 41.29 21.07
C ARG L 130 -23.46 41.40 19.72
N GLN L 131 -22.55 42.35 19.61
CA GLN L 131 -21.79 42.51 18.37
C GLN L 131 -20.84 41.34 18.19
N LYS L 132 -20.75 40.85 16.96
CA LYS L 132 -20.02 39.64 16.65
C LYS L 132 -18.68 39.99 16.03
N SER L 133 -17.62 39.32 16.47
CA SER L 133 -16.28 39.55 15.95
C SER L 133 -15.66 38.22 15.53
N TYR L 134 -14.77 38.29 14.55
CA TYR L 134 -14.13 37.11 14.01
C TYR L 134 -12.63 37.08 14.22
N ARG L 135 -12.01 38.21 14.51
CA ARG L 135 -10.58 38.26 14.78
C ARG L 135 -10.31 39.20 15.95
N GLN M 2 -64.58 31.95 67.97
CA GLN M 2 -65.55 30.91 67.67
C GLN M 2 -65.38 30.36 66.26
N LYS M 3 -64.52 30.98 65.47
CA LYS M 3 -64.25 30.56 64.12
C LYS M 3 -62.79 30.13 63.99
N ALA M 4 -62.57 29.09 63.19
CA ALA M 4 -61.24 28.53 62.99
C ALA M 4 -60.80 28.77 61.54
N ARG M 5 -59.51 29.04 61.37
CA ARG M 5 -58.93 29.33 60.08
C ARG M 5 -57.99 28.18 59.69
N ILE M 6 -58.15 27.67 58.47
CA ILE M 6 -57.44 26.50 57.98
C ILE M 6 -56.63 26.90 56.74
N LYS M 7 -55.35 26.57 56.74
CA LYS M 7 -54.48 26.87 55.61
C LYS M 7 -53.92 25.58 55.02
N LEU M 8 -53.91 25.50 53.70
CA LEU M 8 -53.41 24.34 52.99
C LEU M 8 -52.40 24.78 51.95
N ALA M 9 -51.43 23.91 51.67
CA ALA M 9 -50.41 24.19 50.67
C ALA M 9 -49.88 22.88 50.12
N SER M 10 -49.49 22.87 48.86
CA SER M 10 -49.02 21.65 48.23
C SER M 10 -48.36 21.98 46.90
N THR M 11 -47.54 21.06 46.42
CA THR M 11 -47.01 21.14 45.07
C THR M 11 -47.86 20.39 44.06
N ASN M 12 -48.88 19.66 44.52
CA ASN M 12 -49.75 18.89 43.64
C ASN M 12 -51.16 19.44 43.76
N VAL M 13 -51.74 19.82 42.63
CA VAL M 13 -52.99 20.56 42.66
C VAL M 13 -54.16 19.63 42.97
N ARG M 14 -54.06 18.35 42.62
CA ARG M 14 -55.18 17.43 42.81
C ARG M 14 -55.41 17.11 44.27
N SER M 15 -54.33 16.81 45.01
CA SER M 15 -54.47 16.46 46.42
C SER M 15 -55.06 17.61 47.21
N LEU M 16 -54.65 18.83 46.89
CA LEU M 16 -55.22 20.01 47.53
C LEU M 16 -56.73 20.04 47.37
N GLU M 17 -57.21 19.83 46.15
CA GLU M 17 -58.64 19.85 45.90
C GLU M 17 -59.34 18.71 46.62
N GLU M 18 -58.71 17.54 46.69
CA GLU M 18 -59.34 16.40 47.38
C GLU M 18 -59.54 16.72 48.85
N VAL M 19 -58.52 17.26 49.51
CA VAL M 19 -58.65 17.59 50.93
C VAL M 19 -59.69 18.68 51.13
N ALA M 20 -59.69 19.70 50.26
CA ALA M 20 -60.68 20.76 50.37
C ALA M 20 -62.10 20.24 50.19
N ASN M 21 -62.29 19.33 49.24
CA ASN M 21 -63.62 18.76 49.03
C ASN M 21 -64.04 17.93 50.23
N GLN M 22 -63.12 17.19 50.83
CA GLN M 22 -63.46 16.47 52.04
C GLN M 22 -63.96 17.42 53.12
N ILE M 23 -63.27 18.54 53.30
CA ILE M 23 -63.70 19.51 54.31
C ILE M 23 -65.08 20.05 53.97
N LYS M 24 -65.32 20.37 52.70
CA LYS M 24 -66.61 20.93 52.31
C LYS M 24 -67.74 19.94 52.54
N GLN M 25 -67.50 18.66 52.25
CA GLN M 25 -68.50 17.63 52.53
C GLN M 25 -68.74 17.50 54.03
N ILE M 26 -67.68 17.59 54.84
CA ILE M 26 -67.88 17.50 56.28
C ILE M 26 -68.74 18.66 56.77
N ALA M 27 -68.46 19.87 56.29
CA ALA M 27 -69.25 21.01 56.70
C ALA M 27 -70.71 20.92 56.25
N GLU M 28 -70.95 20.49 55.01
CA GLU M 28 -72.33 20.34 54.55
C GLU M 28 -73.07 19.24 55.30
N ARG M 29 -72.36 18.17 55.67
CA ARG M 29 -72.92 17.04 56.39
C ARG M 29 -73.41 17.42 57.78
N THR M 30 -73.29 18.68 58.15
CA THR M 30 -73.78 19.19 59.41
C THR M 30 -74.35 20.58 59.17
N GLY M 31 -74.94 21.16 60.19
CA GLY M 31 -75.38 22.55 60.10
C GLY M 31 -74.30 23.47 60.58
N VAL M 32 -73.53 24.03 59.64
CA VAL M 32 -72.39 24.87 59.99
C VAL M 32 -72.04 25.72 58.78
N ARG M 33 -71.66 26.97 59.04
CA ARG M 33 -71.35 27.90 57.97
C ARG M 33 -69.86 27.91 57.69
N MET M 34 -69.52 28.01 56.41
CA MET M 34 -68.15 27.84 55.94
C MET M 34 -67.83 28.95 54.94
N SER M 35 -66.72 29.65 55.16
CA SER M 35 -66.25 30.59 54.16
C SER M 35 -65.44 29.85 53.11
N GLY M 36 -65.94 29.85 51.87
CA GLY M 36 -65.50 28.94 50.84
C GLY M 36 -64.01 28.92 50.62
N PRO M 37 -63.50 27.86 49.99
CA PRO M 37 -62.05 27.76 49.77
C PRO M 37 -61.56 28.88 48.88
N ILE M 38 -60.68 29.71 49.45
CA ILE M 38 -60.21 30.92 48.78
C ILE M 38 -58.87 30.61 48.13
N PRO M 39 -58.71 30.86 46.84
CA PRO M 39 -57.41 30.61 46.20
C PRO M 39 -56.44 31.76 46.38
N LEU M 40 -55.31 31.50 47.01
CA LEU M 40 -54.30 32.51 47.21
C LEU M 40 -53.22 32.40 46.14
N PRO M 41 -52.48 33.48 45.87
CA PRO M 41 -51.53 33.46 44.76
C PRO M 41 -50.47 32.38 44.90
N THR M 42 -50.12 31.76 43.77
CA THR M 42 -49.18 30.67 43.74
C THR M 42 -47.75 31.15 43.90
N LYS M 43 -46.95 30.39 44.65
CA LYS M 43 -45.53 30.67 44.78
C LYS M 43 -44.77 29.99 43.65
N ARG M 44 -43.96 30.76 42.94
CA ARG M 44 -43.08 30.23 41.90
C ARG M 44 -41.64 30.42 42.33
N ILE M 45 -40.87 29.35 42.32
CA ILE M 45 -39.44 29.41 42.59
C ILE M 45 -38.74 29.08 41.29
N ARG M 46 -38.04 30.04 40.72
CA ARG M 46 -37.38 29.89 39.43
C ARG M 46 -35.88 30.06 39.60
N ILE M 47 -35.11 29.11 39.08
CA ILE M 47 -33.67 29.10 39.20
C ILE M 47 -33.07 28.90 37.82
N VAL M 48 -32.15 29.77 37.43
CA VAL M 48 -31.55 29.77 36.09
C VAL M 48 -30.08 29.40 36.19
N THR M 49 -29.64 28.41 35.42
CA THR M 49 -28.27 27.94 35.52
C THR M 49 -27.65 27.77 34.13
N ARG M 50 -26.33 27.96 34.07
CA ARG M 50 -25.57 27.63 32.88
C ARG M 50 -25.46 26.11 32.74
N LYS M 51 -25.49 25.63 31.49
CA LYS M 51 -25.55 24.19 31.27
C LYS M 51 -24.19 23.52 31.27
N SER M 52 -23.23 24.07 30.57
CA SER M 52 -22.00 23.33 30.36
C SER M 52 -21.18 23.27 31.65
N PRO M 53 -20.45 22.17 31.87
CA PRO M 53 -19.52 22.12 33.00
C PRO M 53 -18.30 23.00 32.82
N ASP M 54 -17.80 23.15 31.61
CA ASP M 54 -16.64 23.98 31.33
C ASP M 54 -17.11 25.37 30.89
N GLY M 55 -16.21 26.18 30.35
CA GLY M 55 -16.59 27.49 29.88
C GLY M 55 -16.50 27.67 28.38
N GLU M 56 -16.21 26.61 27.65
CA GLU M 56 -16.10 26.67 26.20
C GLU M 56 -17.45 26.46 25.56
N GLY M 57 -17.65 27.08 24.40
CA GLY M 57 -18.87 26.94 23.64
C GLY M 57 -19.84 28.09 23.89
N SER M 58 -20.91 28.10 23.11
CA SER M 58 -21.95 29.09 23.31
C SER M 58 -22.59 28.93 24.68
N ALA M 59 -23.05 30.03 25.25
CA ALA M 59 -23.68 30.00 26.55
C ALA M 59 -25.16 29.73 26.42
N THR M 60 -25.64 28.67 27.06
CA THR M 60 -27.04 28.28 27.07
C THR M 60 -27.46 28.04 28.50
N PHE M 61 -28.76 28.17 28.78
CA PHE M 61 -29.24 28.18 30.15
C PHE M 61 -30.44 27.27 30.34
N ASP M 62 -30.58 26.76 31.55
CA ASP M 62 -31.77 26.05 32.03
C ASP M 62 -32.56 26.96 32.94
N ARG M 63 -33.88 26.82 32.89
CA ARG M 63 -34.81 27.58 33.74
C ARG M 63 -35.70 26.58 34.49
N TRP M 64 -35.30 26.22 35.71
CA TRP M 64 -36.03 25.27 36.52
C TRP M 64 -37.06 26.00 37.37
N GLU M 65 -38.20 25.35 37.61
CA GLU M 65 -39.33 25.98 38.27
C GLU M 65 -40.05 25.03 39.21
N LEU M 66 -40.40 25.53 40.39
CA LEU M 66 -41.18 24.79 41.39
C LEU M 66 -42.38 25.62 41.79
N ARG M 67 -43.56 25.04 41.76
CA ARG M 67 -44.80 25.77 42.01
C ARG M 67 -45.49 25.24 43.25
N ILE M 68 -45.91 26.16 44.12
CA ILE M 68 -46.56 25.82 45.38
C ILE M 68 -47.91 26.50 45.40
N HIS M 69 -48.98 25.72 45.49
CA HIS M 69 -50.35 26.22 45.47
C HIS M 69 -50.90 26.34 46.88
N LYS M 70 -51.91 27.20 47.05
CA LYS M 70 -52.42 27.49 48.39
C LYS M 70 -53.93 27.61 48.39
N ARG M 71 -54.53 27.37 49.55
CA ARG M 71 -55.95 27.54 49.77
C ARG M 71 -56.18 28.07 51.18
N LEU M 72 -57.34 28.67 51.40
CA LEU M 72 -57.70 29.25 52.69
C LEU M 72 -59.17 28.99 52.96
N ILE M 73 -59.48 28.43 54.13
CA ILE M 73 -60.85 28.07 54.52
C ILE M 73 -61.14 28.60 55.90
N ASP M 74 -62.29 29.25 56.07
CA ASP M 74 -62.73 29.74 57.37
C ASP M 74 -64.06 29.12 57.74
N ILE M 75 -64.12 28.53 58.93
CA ILE M 75 -65.31 27.81 59.38
C ILE M 75 -65.44 27.99 60.89
N GLU M 76 -66.69 28.05 61.35
CA GLU M 76 -66.97 28.31 62.76
C GLU M 76 -66.76 27.05 63.59
N ALA M 77 -66.14 27.20 64.75
CA ALA M 77 -65.69 26.07 65.55
C ALA M 77 -66.88 25.41 66.23
N ASP M 78 -67.19 24.19 65.82
CA ASP M 78 -68.24 23.39 66.43
C ASP M 78 -67.67 22.03 66.76
N GLU M 79 -67.87 21.57 68.00
CA GLU M 79 -67.19 20.37 68.47
C GLU M 79 -67.58 19.15 67.67
N ARG M 80 -68.84 19.06 67.26
CA ARG M 80 -69.26 17.91 66.48
C ARG M 80 -68.50 17.85 65.16
N ALA M 81 -68.32 19.00 64.50
CA ALA M 81 -67.63 19.04 63.22
C ALA M 81 -66.13 19.20 63.36
N MET M 82 -65.66 19.83 64.44
CA MET M 82 -64.23 20.04 64.60
C MET M 82 -63.47 18.72 64.73
N ARG M 83 -64.04 17.74 65.44
CA ARG M 83 -63.36 16.46 65.58
C ARG M 83 -63.22 15.76 64.23
N GLN M 84 -64.24 15.86 63.38
CA GLN M 84 -64.19 15.21 62.08
C GLN M 84 -63.08 15.78 61.21
N ILE M 85 -62.91 17.10 61.20
CA ILE M 85 -61.84 17.68 60.39
C ILE M 85 -60.49 17.47 61.04
N MET M 86 -60.47 17.14 62.33
CA MET M 86 -59.22 16.73 62.95
C MET M 86 -58.91 15.26 62.72
N ARG M 87 -59.89 14.46 62.31
CA ARG M 87 -59.68 13.06 62.06
C ARG M 87 -59.30 12.75 60.63
N ILE M 88 -59.36 13.74 59.73
CA ILE M 88 -59.02 13.51 58.34
C ILE M 88 -57.52 13.64 58.17
N ARG M 89 -56.91 12.69 57.47
CA ARG M 89 -55.47 12.59 57.36
C ARG M 89 -55.07 12.88 55.92
N VAL M 90 -54.14 13.82 55.76
CA VAL M 90 -53.76 14.35 54.46
C VAL M 90 -52.77 13.43 53.77
N PRO M 91 -52.68 13.45 52.45
CA PRO M 91 -51.57 12.77 51.78
C PRO M 91 -50.25 13.40 52.17
N GLU M 92 -49.17 12.67 51.90
CA GLU M 92 -47.87 13.07 52.41
C GLU M 92 -47.34 14.35 51.78
N ASP M 93 -47.96 14.83 50.70
CA ASP M 93 -47.49 16.03 50.01
C ASP M 93 -48.39 17.23 50.23
N VAL M 94 -49.13 17.28 51.34
CA VAL M 94 -50.00 18.41 51.66
C VAL M 94 -49.71 18.85 53.08
N THR M 95 -49.55 20.16 53.26
CA THR M 95 -49.36 20.75 54.57
C THR M 95 -50.65 21.42 55.01
N ILE M 96 -51.05 21.18 56.25
CA ILE M 96 -52.27 21.75 56.81
C ILE M 96 -51.97 22.34 58.18
N GLU M 97 -52.52 23.52 58.46
CA GLU M 97 -52.35 24.19 59.74
C GLU M 97 -53.70 24.73 60.20
N ILE M 98 -53.98 24.63 61.50
CA ILE M 98 -55.26 25.03 62.06
C ILE M 98 -55.01 25.98 63.22
N GLU M 99 -55.77 27.09 63.24
CA GLU M 99 -55.61 28.13 64.25
C GLU M 99 -56.99 28.65 64.63
N LEU M 100 -57.07 29.24 65.82
CA LEU M 100 -58.32 29.79 66.35
C LEU M 100 -58.25 31.31 66.36
N ILE M 101 -59.25 31.96 65.78
CA ILE M 101 -59.25 33.41 65.67
C ILE M 101 -60.39 34.01 66.49
N LYS N 11 -44.98 65.38 -56.95
CA LYS N 11 -45.78 64.19 -56.64
C LYS N 11 -45.39 63.64 -55.28
N GLU N 12 -44.55 62.61 -55.28
CA GLU N 12 -44.05 62.00 -54.06
C GLU N 12 -42.56 61.77 -54.24
N LYS N 13 -41.77 62.23 -53.27
CA LYS N 13 -40.33 62.01 -53.29
C LYS N 13 -40.01 60.93 -52.27
N TRP N 14 -39.62 59.76 -52.75
CA TRP N 14 -39.30 58.62 -51.91
C TRP N 14 -37.80 58.40 -51.88
N GLY N 15 -37.28 57.91 -50.76
CA GLY N 15 -35.86 57.66 -50.64
C GLY N 15 -35.57 56.27 -50.11
N ILE N 16 -34.31 56.02 -49.76
CA ILE N 16 -33.88 54.74 -49.25
C ILE N 16 -33.12 54.97 -47.96
N ALA N 17 -33.43 54.18 -46.93
CA ALA N 17 -32.71 54.19 -45.67
C ALA N 17 -31.87 52.93 -45.59
N HIS N 18 -30.55 53.09 -45.64
CA HIS N 18 -29.61 52.00 -45.44
C HIS N 18 -29.25 51.97 -43.95
N ILE N 19 -29.46 50.82 -43.32
CA ILE N 19 -29.19 50.65 -41.90
C ILE N 19 -28.12 49.58 -41.75
N TYR N 20 -27.02 49.93 -41.09
CA TYR N 20 -25.89 49.05 -40.87
C TYR N 20 -25.81 48.76 -39.38
N SER N 21 -25.94 47.49 -39.00
CA SER N 21 -26.01 47.13 -37.59
C SER N 21 -25.01 46.03 -37.27
N SER N 22 -24.11 46.31 -36.35
CA SER N 22 -23.17 45.32 -35.84
C SER N 22 -23.27 45.28 -34.31
N TYR N 23 -22.33 44.57 -33.68
CA TYR N 23 -22.30 44.51 -32.23
C TYR N 23 -21.59 45.69 -31.61
N ASN N 24 -20.97 46.56 -32.41
CA ASN N 24 -20.22 47.67 -31.88
C ASN N 24 -20.79 49.03 -32.22
N ASN N 25 -21.67 49.14 -33.22
CA ASN N 25 -22.12 50.44 -33.68
C ASN N 25 -23.34 50.27 -34.56
N THR N 26 -23.95 51.39 -34.92
CA THR N 26 -25.10 51.45 -35.82
C THR N 26 -24.98 52.68 -36.70
N ILE N 27 -25.31 52.55 -37.98
CA ILE N 27 -25.25 53.65 -38.93
C ILE N 27 -26.57 53.74 -39.68
N ILE N 28 -27.11 54.94 -39.81
CA ILE N 28 -28.35 55.19 -40.52
C ILE N 28 -28.07 56.22 -41.60
N HIS N 29 -28.32 55.84 -42.86
CA HIS N 29 -27.87 56.61 -44.01
C HIS N 29 -29.04 56.73 -44.97
N ILE N 30 -29.58 57.93 -45.14
CA ILE N 30 -30.73 58.16 -46.02
C ILE N 30 -30.23 58.81 -47.30
N THR N 31 -30.53 58.16 -48.42
CA THR N 31 -30.22 58.60 -49.77
C THR N 31 -31.50 58.69 -50.60
N ASP N 32 -31.36 59.10 -51.86
CA ASP N 32 -32.49 59.23 -52.77
C ASP N 32 -32.84 57.87 -53.38
N ILE N 33 -33.79 57.86 -54.32
CA ILE N 33 -34.32 56.61 -54.84
C ILE N 33 -33.28 55.85 -55.64
N THR N 34 -32.32 56.54 -56.25
CA THR N 34 -31.33 55.88 -57.06
C THR N 34 -30.11 55.44 -56.26
N GLY N 35 -29.96 55.95 -55.03
CA GLY N 35 -28.85 55.60 -54.19
C GLY N 35 -27.60 56.44 -54.36
N ALA N 36 -27.56 57.33 -55.35
CA ALA N 36 -26.33 58.01 -55.68
C ALA N 36 -26.18 59.37 -55.01
N GLU N 37 -27.21 59.86 -54.33
CA GLU N 37 -27.16 61.16 -53.68
C GLU N 37 -27.53 61.01 -52.21
N THR N 38 -26.73 61.61 -51.34
CA THR N 38 -26.89 61.42 -49.91
C THR N 38 -27.70 62.56 -49.30
N ILE N 39 -28.69 62.21 -48.49
CA ILE N 39 -29.50 63.20 -47.79
C ILE N 39 -29.01 63.40 -46.36
N SER N 40 -28.84 62.32 -45.61
CA SER N 40 -28.35 62.45 -44.25
C SER N 40 -27.66 61.18 -43.81
N ARG N 41 -26.86 61.28 -42.75
CA ARG N 41 -26.03 60.16 -42.32
C ARG N 41 -25.64 60.35 -40.87
N TRP N 42 -26.13 59.49 -39.99
CA TRP N 42 -25.87 59.60 -38.56
C TRP N 42 -25.53 58.25 -37.97
N SER N 43 -24.52 58.20 -37.11
CA SER N 43 -24.08 56.97 -36.48
C SER N 43 -24.18 57.11 -34.97
N GLY N 44 -24.00 55.99 -34.28
CA GLY N 44 -24.17 55.97 -32.83
C GLY N 44 -23.16 56.82 -32.10
N GLY N 45 -21.93 56.89 -32.61
CA GLY N 45 -20.91 57.66 -31.94
C GLY N 45 -21.05 59.15 -32.09
N MET N 46 -22.08 59.61 -32.78
CA MET N 46 -22.36 61.03 -32.94
C MET N 46 -23.43 61.54 -31.99
N VAL N 47 -24.01 60.68 -31.16
CA VAL N 47 -25.12 61.09 -30.30
C VAL N 47 -24.87 60.70 -28.85
N VAL N 48 -23.93 59.77 -28.61
CA VAL N 48 -23.63 59.33 -27.25
C VAL N 48 -22.13 59.40 -27.03
N LYS N 49 -21.74 59.50 -25.76
CA LYS N 49 -20.37 59.78 -25.40
C LYS N 49 -19.59 58.57 -24.90
N ALA N 50 -20.24 57.44 -24.67
CA ALA N 50 -19.57 56.25 -24.16
C ALA N 50 -19.50 55.20 -25.26
N ASP N 51 -18.30 54.63 -25.45
CA ASP N 51 -18.14 53.57 -26.43
C ASP N 51 -19.07 52.41 -26.13
N ARG N 52 -19.36 52.18 -24.85
CA ARG N 52 -20.19 51.05 -24.47
C ARG N 52 -21.62 51.21 -24.94
N ASP N 53 -22.05 52.44 -25.22
CA ASP N 53 -23.44 52.71 -25.55
C ASP N 53 -23.70 52.88 -27.04
N GLU N 54 -22.66 52.83 -27.87
CA GLU N 54 -22.87 53.00 -29.30
C GLU N 54 -23.85 52.02 -29.92
N PRO N 55 -23.83 50.73 -29.60
CA PRO N 55 -24.79 49.80 -30.24
C PRO N 55 -26.14 49.67 -29.54
N SER N 56 -26.40 50.41 -28.48
CA SER N 56 -27.63 50.22 -27.72
C SER N 56 -28.84 50.70 -28.52
N PRO N 57 -30.02 50.17 -28.21
CA PRO N 57 -31.23 50.61 -28.94
C PRO N 57 -31.54 52.09 -28.80
N TYR N 58 -31.27 52.68 -27.64
CA TYR N 58 -31.60 54.08 -27.43
C TYR N 58 -30.76 54.99 -28.31
N ALA N 59 -29.49 54.65 -28.49
CA ALA N 59 -28.66 55.41 -29.42
C ALA N 59 -29.18 55.31 -30.83
N ALA N 60 -29.69 54.15 -31.20
CA ALA N 60 -30.32 53.98 -32.51
C ALA N 60 -31.52 54.89 -32.67
N MET N 61 -32.36 54.99 -31.63
CA MET N 61 -33.51 55.89 -31.71
C MET N 61 -33.08 57.34 -31.89
N LEU N 62 -32.07 57.77 -31.13
CA LEU N 62 -31.63 59.16 -31.24
C LEU N 62 -31.09 59.47 -32.63
N ALA N 63 -30.21 58.60 -33.15
CA ALA N 63 -29.65 58.83 -34.47
C ALA N 63 -30.73 58.80 -35.55
N ALA N 64 -31.68 57.87 -35.44
CA ALA N 64 -32.74 57.80 -36.43
C ALA N 64 -33.59 59.05 -36.43
N ARG N 65 -33.87 59.60 -35.25
CA ARG N 65 -34.66 60.83 -35.18
C ARG N 65 -33.92 61.99 -35.83
N ARG N 66 -32.62 62.13 -35.56
CA ARG N 66 -31.88 63.22 -36.20
C ARG N 66 -31.90 63.08 -37.72
N ALA N 67 -31.67 61.86 -38.21
CA ALA N 67 -31.65 61.65 -39.65
C ALA N 67 -33.01 61.92 -40.27
N ALA N 68 -34.08 61.49 -39.61
CA ALA N 68 -35.41 61.70 -40.15
C ALA N 68 -35.76 63.18 -40.23
N GLU N 69 -35.39 63.96 -39.21
CA GLU N 69 -35.65 65.39 -39.28
C GLU N 69 -34.90 66.03 -40.45
N GLU N 70 -33.62 65.71 -40.58
CA GLU N 70 -32.85 66.30 -41.68
C GLU N 70 -33.44 65.92 -43.02
N ALA N 71 -33.95 64.69 -43.16
CA ALA N 71 -34.55 64.29 -44.43
C ALA N 71 -35.87 64.98 -44.67
N LEU N 72 -36.71 65.10 -43.64
CA LEU N 72 -38.02 65.71 -43.82
C LEU N 72 -37.91 67.16 -44.24
N GLU N 73 -36.94 67.89 -43.68
CA GLU N 73 -36.82 69.29 -44.07
C GLU N 73 -36.50 69.46 -45.56
N LYS N 74 -35.95 68.44 -46.20
CA LYS N 74 -35.53 68.54 -47.59
C LYS N 74 -36.53 67.98 -48.59
N GLY N 75 -37.70 67.53 -48.14
CA GLY N 75 -38.77 67.15 -49.03
C GLY N 75 -39.02 65.67 -49.20
N ILE N 76 -38.24 64.80 -48.56
CA ILE N 76 -38.51 63.37 -48.64
C ILE N 76 -39.78 63.06 -47.86
N VAL N 77 -40.60 62.16 -48.39
CA VAL N 77 -41.88 61.84 -47.80
C VAL N 77 -41.88 60.44 -47.16
N GLY N 78 -41.34 59.45 -47.85
CA GLY N 78 -41.26 58.11 -47.30
C GLY N 78 -39.97 57.45 -47.74
N VAL N 79 -39.73 56.26 -47.22
CA VAL N 79 -38.51 55.52 -47.55
C VAL N 79 -38.81 54.04 -47.71
N HIS N 80 -37.97 53.37 -48.48
CA HIS N 80 -37.79 51.94 -48.43
C HIS N 80 -36.57 51.63 -47.58
N ILE N 81 -36.61 50.52 -46.87
CA ILE N 81 -35.61 50.20 -45.86
C ILE N 81 -34.76 49.03 -46.32
N ARG N 82 -33.44 49.14 -46.15
CA ARG N 82 -32.50 48.06 -46.42
C ARG N 82 -31.58 47.90 -45.21
N VAL N 83 -31.75 46.81 -44.48
CA VAL N 83 -31.06 46.58 -43.22
C VAL N 83 -30.03 45.47 -43.42
N ARG N 84 -28.83 45.66 -42.87
CA ARG N 84 -27.77 44.69 -43.07
C ARG N 84 -26.91 44.52 -41.82
N ALA N 85 -26.38 43.31 -41.67
CA ALA N 85 -25.30 43.00 -40.76
C ALA N 85 -23.97 43.14 -41.48
N PRO N 86 -22.83 43.00 -40.79
CA PRO N 86 -21.55 43.06 -41.52
C PRO N 86 -21.40 42.01 -42.60
N GLY N 87 -21.87 40.80 -42.38
CA GLY N 87 -21.78 39.79 -43.40
C GLY N 87 -20.35 39.43 -43.77
N GLY N 88 -20.19 38.90 -44.98
CA GLY N 88 -18.88 38.48 -45.45
C GLY N 88 -18.37 37.30 -44.65
N SER N 89 -17.15 37.41 -44.13
CA SER N 89 -16.63 36.41 -43.22
C SER N 89 -16.91 36.74 -41.76
N LYS N 90 -17.59 37.86 -41.49
CA LYS N 90 -17.98 38.24 -40.15
C LYS N 90 -19.39 37.72 -39.85
N SER N 91 -20.01 38.26 -38.81
CA SER N 91 -21.30 37.75 -38.34
C SER N 91 -22.41 38.01 -39.34
N LYS N 92 -23.35 37.07 -39.42
CA LYS N 92 -24.50 37.19 -40.31
C LYS N 92 -25.75 37.68 -39.60
N THR N 93 -25.67 38.00 -38.31
CA THR N 93 -26.86 38.38 -37.56
C THR N 93 -26.79 39.84 -37.15
N PRO N 94 -27.82 40.63 -37.45
CA PRO N 94 -27.78 42.06 -37.10
C PRO N 94 -27.78 42.27 -35.61
N GLY N 95 -27.19 43.38 -35.20
CA GLY N 95 -27.12 43.72 -33.80
C GLY N 95 -28.46 44.09 -33.22
N PRO N 96 -28.43 44.61 -32.00
CA PRO N 96 -29.68 44.92 -31.29
C PRO N 96 -30.35 46.20 -31.74
N GLY N 97 -29.70 47.04 -32.53
CA GLY N 97 -30.24 48.34 -32.86
C GLY N 97 -30.99 48.45 -34.17
N ALA N 98 -31.27 47.32 -34.84
CA ALA N 98 -31.94 47.40 -36.13
C ALA N 98 -33.42 47.74 -35.98
N GLN N 99 -34.14 46.96 -35.17
CA GLN N 99 -35.58 47.19 -35.03
C GLN N 99 -35.86 48.54 -34.39
N ALA N 100 -35.03 48.95 -33.44
CA ALA N 100 -35.22 50.25 -32.81
C ALA N 100 -35.11 51.37 -33.83
N ALA N 101 -34.14 51.27 -34.73
CA ALA N 101 -34.00 52.27 -35.77
C ALA N 101 -35.17 52.24 -36.73
N ILE N 102 -35.67 51.05 -37.06
CA ILE N 102 -36.80 50.96 -37.97
C ILE N 102 -38.02 51.64 -37.36
N ARG N 103 -38.30 51.38 -36.09
CA ARG N 103 -39.49 51.94 -35.46
C ARG N 103 -39.40 53.46 -35.31
N ALA N 104 -38.21 54.00 -35.05
CA ALA N 104 -38.10 55.42 -34.79
C ALA N 104 -38.25 56.25 -36.06
N LEU N 105 -38.01 55.67 -37.23
CA LEU N 105 -38.22 56.40 -38.46
C LEU N 105 -39.69 56.67 -38.70
N ALA N 106 -40.54 55.66 -38.47
CA ALA N 106 -41.97 55.83 -38.68
C ALA N 106 -42.58 56.81 -37.69
N ARG N 107 -42.13 56.76 -36.44
CA ARG N 107 -42.67 57.65 -35.42
C ARG N 107 -42.29 59.09 -35.70
N ALA N 108 -41.22 59.31 -36.45
CA ALA N 108 -40.75 60.66 -36.73
C ALA N 108 -41.51 61.34 -37.88
N GLY N 109 -42.30 60.61 -38.64
CA GLY N 109 -43.14 61.22 -39.66
C GLY N 109 -43.00 60.66 -41.07
N LEU N 110 -42.05 59.77 -41.34
CA LEU N 110 -41.93 59.19 -42.67
C LEU N 110 -42.90 58.04 -42.87
N LYS N 111 -43.37 57.87 -44.09
CA LYS N 111 -44.05 56.64 -44.47
C LYS N 111 -43.01 55.57 -44.74
N ILE N 112 -43.41 54.31 -44.57
CA ILE N 112 -42.50 53.18 -44.71
C ILE N 112 -42.96 52.32 -45.87
N GLY N 113 -42.03 51.98 -46.77
CA GLY N 113 -42.34 51.15 -47.92
C GLY N 113 -42.10 49.68 -47.64
N ARG N 114 -41.32 49.01 -48.48
CA ARG N 114 -41.00 47.61 -48.26
C ARG N 114 -39.70 47.47 -47.48
N VAL N 115 -39.62 46.42 -46.68
CA VAL N 115 -38.50 46.18 -45.78
C VAL N 115 -37.86 44.86 -46.14
N GLU N 116 -36.54 44.86 -46.29
CA GLU N 116 -35.80 43.66 -46.64
C GLU N 116 -34.39 43.75 -46.08
N ASP N 117 -33.71 42.61 -45.99
CA ASP N 117 -32.35 42.56 -45.51
C ASP N 117 -31.40 42.21 -46.64
N VAL N 118 -30.28 42.90 -46.70
CA VAL N 118 -29.37 42.77 -47.82
C VAL N 118 -27.97 42.38 -47.35
N THR N 119 -27.91 41.59 -46.29
CA THR N 119 -26.64 41.12 -45.76
C THR N 119 -25.90 40.30 -46.81
N PRO N 120 -24.64 40.59 -47.10
CA PRO N 120 -23.93 39.83 -48.15
C PRO N 120 -23.48 38.47 -47.64
N ILE N 121 -23.88 37.42 -48.36
CA ILE N 121 -23.67 36.05 -47.92
C ILE N 121 -22.81 35.32 -48.94
N PRO N 122 -21.69 34.72 -48.55
CA PRO N 122 -20.85 34.04 -49.53
C PRO N 122 -21.38 32.66 -49.89
N HIS N 123 -20.87 32.18 -51.01
CA HIS N 123 -21.12 30.82 -51.44
C HIS N 123 -19.73 30.22 -51.24
N ASP N 124 -19.43 29.91 -49.97
CA ASP N 124 -18.15 29.37 -49.53
C ASP N 124 -17.00 30.24 -50.00
N GLY N 125 -16.87 31.42 -49.41
CA GLY N 125 -15.82 32.36 -49.79
C GLY N 125 -14.53 32.34 -48.96
N THR N 126 -14.16 33.51 -48.43
CA THR N 126 -12.94 33.68 -47.64
C THR N 126 -12.95 33.09 -46.22
N ARG N 127 -11.75 32.86 -45.70
CA ARG N 127 -11.54 32.29 -44.37
C ARG N 127 -11.52 33.34 -43.26
N PRO N 128 -12.23 33.07 -42.14
CA PRO N 128 -12.35 33.94 -40.97
C PRO N 128 -11.13 33.96 -40.05
N LYS N 129 -10.92 35.12 -39.42
CA LYS N 129 -9.82 35.36 -38.49
C LYS N 129 -10.00 34.65 -37.14
N GLY N 130 -8.90 34.22 -36.52
CA GLY N 130 -8.95 33.57 -35.22
C GLY N 130 -8.26 32.22 -35.08
N GLY N 131 -7.77 31.69 -36.20
CA GLY N 131 -7.12 30.39 -36.24
C GLY N 131 -8.14 29.28 -36.26
N ARG N 132 -7.64 28.06 -36.11
CA ARG N 132 -8.54 26.92 -36.13
C ARG N 132 -9.12 26.59 -34.77
N ARG N 133 -8.79 27.35 -33.73
CA ARG N 133 -9.44 27.22 -32.44
C ARG N 133 -10.30 28.42 -32.08
N GLY N 134 -10.15 29.55 -32.75
CA GLY N 134 -10.97 30.72 -32.48
C GLY N 134 -10.51 31.49 -31.27
N ARG N 135 -11.31 32.50 -30.91
CA ARG N 135 -11.08 33.25 -29.69
C ARG N 135 -11.19 32.35 -28.48
N ARG N 136 -10.24 32.47 -27.57
CA ARG N 136 -10.24 31.68 -26.35
C ARG N 136 -10.30 32.66 -25.17
N VAL N 137 -11.51 32.90 -24.69
CA VAL N 137 -11.71 33.77 -23.55
C VAL N 137 -12.34 32.98 -22.41
N PRO O 2 -8.22 -11.65 -34.18
CA PRO O 2 -7.26 -12.76 -34.27
C PRO O 2 -7.96 -14.09 -34.54
N GLY O 3 -7.51 -14.82 -35.54
CA GLY O 3 -8.12 -16.08 -35.90
C GLY O 3 -7.55 -17.22 -35.09
N LYS O 4 -7.64 -18.42 -35.66
CA LYS O 4 -7.17 -19.61 -34.96
C LYS O 4 -5.66 -19.60 -34.83
N LYS O 5 -5.14 -20.20 -33.76
CA LYS O 5 -3.72 -20.30 -33.53
C LYS O 5 -3.04 -21.08 -34.66
N ALA O 6 -1.89 -20.62 -35.09
CA ALA O 6 -1.23 -21.16 -36.26
C ALA O 6 0.25 -21.37 -35.97
N PRO O 7 0.91 -22.29 -36.68
CA PRO O 7 0.34 -23.24 -37.62
C PRO O 7 -0.13 -24.54 -36.97
N ASN O 8 -1.20 -25.12 -37.49
CA ASN O 8 -1.76 -26.37 -36.97
C ASN O 8 -1.58 -27.54 -37.92
N GLY O 9 -0.94 -27.34 -39.08
CA GLY O 9 -0.87 -28.38 -40.06
C GLY O 9 -0.02 -29.55 -39.63
N GLU O 10 -0.29 -30.69 -40.25
CA GLU O 10 0.44 -31.92 -39.90
C GLU O 10 1.90 -31.85 -40.31
N PHE O 11 2.21 -31.21 -41.42
CA PHE O 11 3.57 -31.15 -41.93
C PHE O 11 4.20 -29.78 -41.73
N ALA O 12 3.89 -29.12 -40.63
CA ALA O 12 4.37 -27.79 -40.34
C ALA O 12 5.16 -27.72 -39.05
N GLY O 13 5.93 -28.77 -38.76
CA GLY O 13 6.68 -28.81 -37.50
C GLY O 13 7.79 -27.78 -37.43
N ARG O 14 8.45 -27.52 -38.55
CA ARG O 14 9.59 -26.61 -38.56
C ARG O 14 9.18 -25.21 -38.13
N LYS O 15 8.10 -24.69 -38.70
CA LYS O 15 7.65 -23.35 -38.38
C LYS O 15 7.18 -23.26 -36.94
N LEU O 16 6.54 -24.31 -36.43
CA LEU O 16 6.07 -24.31 -35.05
C LEU O 16 7.24 -24.26 -34.07
N LYS O 17 8.26 -25.07 -34.31
CA LYS O 17 9.44 -25.04 -33.45
C LYS O 17 10.14 -23.67 -33.54
N LEU O 18 10.22 -23.09 -34.73
CA LEU O 18 10.81 -21.77 -34.87
C LEU O 18 10.03 -20.72 -34.10
N LYS O 19 8.70 -20.78 -34.14
CA LYS O 19 7.88 -19.79 -33.44
C LYS O 19 8.13 -19.86 -31.95
N ARG O 20 8.12 -21.06 -31.39
CA ARG O 20 8.36 -21.18 -29.95
C ARG O 20 9.76 -20.70 -29.59
N LYS O 21 10.76 -21.02 -30.40
CA LYS O 21 12.11 -20.54 -30.11
C LYS O 21 12.20 -19.02 -30.19
N LYS O 22 11.51 -18.41 -31.15
CA LYS O 22 11.57 -16.97 -31.30
C LYS O 22 10.98 -16.26 -30.10
N PHE O 23 9.83 -16.71 -29.61
CA PHE O 23 9.21 -15.94 -28.54
C PHE O 23 9.70 -16.33 -27.15
N ARG O 24 10.60 -17.30 -27.04
CA ARG O 24 11.13 -17.63 -25.73
C ARG O 24 12.11 -16.57 -25.24
N TRP O 25 12.70 -15.80 -26.14
CA TRP O 25 13.64 -14.77 -25.73
C TRP O 25 12.96 -13.59 -25.06
N SER O 26 11.65 -13.48 -25.12
CA SER O 26 10.94 -12.45 -24.39
C SER O 26 10.82 -12.77 -22.91
N ASP O 27 11.24 -13.95 -22.50
CA ASP O 27 11.18 -14.39 -21.12
C ASP O 27 12.48 -13.97 -20.42
N ILE O 28 12.36 -13.09 -19.43
CA ILE O 28 13.55 -12.52 -18.81
C ILE O 28 14.34 -13.57 -18.03
N ARG O 29 13.66 -14.54 -17.42
CA ARG O 29 14.37 -15.59 -16.70
C ARG O 29 15.20 -16.44 -17.64
N TYR O 30 14.64 -16.81 -18.78
CA TYR O 30 15.38 -17.63 -19.74
C TYR O 30 16.58 -16.89 -20.31
N LYS O 31 16.38 -15.61 -20.64
CA LYS O 31 17.45 -14.86 -21.30
C LYS O 31 18.65 -14.65 -20.38
N ARG O 32 18.41 -14.42 -19.09
CA ARG O 32 19.51 -14.16 -18.18
C ARG O 32 20.33 -15.41 -17.91
N ARG O 33 19.69 -16.58 -17.89
CA ARG O 33 20.43 -17.82 -17.66
C ARG O 33 21.27 -18.20 -18.88
N VAL O 34 20.69 -18.12 -20.07
CA VAL O 34 21.39 -18.57 -21.28
C VAL O 34 22.53 -17.63 -21.64
N LEU O 35 22.33 -16.33 -21.51
CA LEU O 35 23.41 -15.39 -21.78
C LEU O 35 24.32 -15.18 -20.59
N ARG O 36 24.01 -15.80 -19.45
CA ARG O 36 24.84 -15.74 -18.25
C ARG O 36 25.09 -14.30 -17.80
N LEU O 37 24.01 -13.54 -17.66
CA LEU O 37 24.15 -12.12 -17.33
C LEU O 37 24.52 -11.92 -15.87
N LYS O 38 24.04 -12.78 -14.98
CA LYS O 38 24.39 -12.63 -13.57
C LYS O 38 25.86 -12.88 -13.33
N GLU O 39 26.43 -13.86 -14.03
CA GLU O 39 27.83 -14.21 -13.84
C GLU O 39 28.74 -13.07 -14.23
N LYS O 40 28.34 -12.25 -15.19
CA LYS O 40 29.21 -11.20 -15.68
C LYS O 40 29.32 -10.02 -14.74
N SER O 41 28.37 -9.84 -13.82
CA SER O 41 28.37 -8.67 -12.96
C SER O 41 28.42 -8.98 -11.47
N ASP O 42 28.50 -10.25 -11.09
CA ASP O 42 28.43 -10.61 -9.69
C ASP O 42 29.78 -10.39 -9.01
N PRO O 43 29.88 -9.50 -8.01
CA PRO O 43 31.14 -9.34 -7.30
C PRO O 43 31.57 -10.56 -6.52
N LEU O 44 30.66 -11.46 -6.19
CA LEU O 44 31.03 -12.68 -5.49
C LEU O 44 31.44 -13.80 -6.45
N GLU O 45 31.32 -13.58 -7.76
CA GLU O 45 31.77 -14.54 -8.77
C GLU O 45 31.09 -15.90 -8.61
N GLY O 46 29.80 -15.88 -8.31
CA GLY O 46 29.02 -17.10 -8.22
C GLY O 46 29.19 -17.90 -6.95
N ALA O 47 29.95 -17.40 -5.99
CA ALA O 47 30.13 -18.10 -4.73
C ALA O 47 28.96 -17.83 -3.79
N PRO O 48 28.71 -18.73 -2.83
CA PRO O 48 27.68 -18.45 -1.83
C PRO O 48 28.17 -17.63 -0.64
N GLN O 49 29.48 -17.59 -0.38
CA GLN O 49 30.04 -16.76 0.69
C GLN O 49 31.35 -16.17 0.20
N ALA O 50 31.81 -15.12 0.88
CA ALA O 50 33.08 -14.53 0.51
C ALA O 50 33.79 -14.01 1.75
N ARG O 51 35.09 -13.79 1.63
CA ARG O 51 35.92 -13.28 2.71
C ARG O 51 36.48 -11.92 2.34
N GLY O 52 36.44 -10.98 3.28
CA GLY O 52 36.87 -9.63 3.00
C GLY O 52 37.46 -8.96 4.22
N ILE O 53 37.92 -7.72 4.01
CA ILE O 53 38.53 -6.91 5.07
C ILE O 53 37.71 -5.66 5.28
N VAL O 54 37.47 -5.30 6.54
CA VAL O 54 36.66 -4.15 6.89
C VAL O 54 37.46 -2.87 6.71
N LEU O 55 36.90 -1.91 5.98
CA LEU O 55 37.52 -0.62 5.75
C LEU O 55 37.00 0.48 6.66
N GLU O 56 35.69 0.59 6.83
CA GLU O 56 35.15 1.58 7.75
C GLU O 56 33.74 1.18 8.14
N LYS O 57 33.24 1.82 9.18
CA LYS O 57 31.87 1.65 9.66
C LYS O 57 31.02 2.83 9.20
N ILE O 58 29.77 2.53 8.88
CA ILE O 58 28.83 3.52 8.39
C ILE O 58 27.49 3.28 9.06
N ALA O 59 26.54 4.19 8.82
CA ALA O 59 25.17 4.02 9.26
C ALA O 59 24.26 4.48 8.13
N VAL O 60 23.17 3.76 7.92
CA VAL O 60 22.26 3.98 6.81
C VAL O 60 20.87 4.24 7.36
N GLU O 61 20.22 5.26 6.84
CA GLU O 61 18.87 5.59 7.28
C GLU O 61 17.86 4.63 6.69
N ALA O 62 16.82 4.34 7.46
CA ALA O 62 15.75 3.48 6.98
C ALA O 62 14.90 4.21 5.95
N LYS O 63 14.18 3.44 5.15
CA LYS O 63 13.24 4.00 4.19
C LYS O 63 11.99 4.50 4.89
N GLN O 64 11.40 5.55 4.34
CA GLN O 64 10.13 6.04 4.84
C GLN O 64 9.06 4.97 4.64
N PRO O 65 8.08 4.88 5.55
CA PRO O 65 7.92 5.77 6.70
C PRO O 65 8.58 5.29 7.99
N ASN O 66 9.56 4.41 7.89
CA ASN O 66 10.28 3.96 9.07
C ASN O 66 11.31 5.00 9.49
N SER O 67 11.74 4.90 10.75
CA SER O 67 12.74 5.79 11.30
C SER O 67 13.80 4.98 12.02
N GLY O 68 15.06 5.30 11.78
CA GLY O 68 16.15 4.63 12.46
C GLY O 68 17.38 4.57 11.59
N MET O 69 18.46 4.08 12.18
CA MET O 69 19.75 3.95 11.52
C MET O 69 20.22 2.51 11.61
N ARG O 70 20.70 1.97 10.49
CA ARG O 70 21.16 0.59 10.41
C ARG O 70 22.67 0.55 10.29
N LYS O 71 23.30 -0.30 11.10
CA LYS O 71 24.76 -0.33 11.19
C LYS O 71 25.34 -1.26 10.14
N ALA O 72 26.31 -0.75 9.38
CA ALA O 72 26.89 -1.46 8.25
C ALA O 72 28.39 -1.25 8.21
N VAL O 73 29.06 -2.00 7.34
CA VAL O 73 30.49 -1.86 7.13
C VAL O 73 30.80 -1.86 5.64
N ARG O 74 31.92 -1.26 5.28
CA ARG O 74 32.48 -1.39 3.93
C ARG O 74 33.50 -2.51 3.95
N VAL O 75 33.42 -3.41 2.98
CA VAL O 75 34.27 -4.58 2.93
C VAL O 75 34.98 -4.61 1.59
N GLN O 76 36.27 -4.88 1.61
CA GLN O 76 37.04 -5.09 0.38
C GLN O 76 37.28 -6.59 0.22
N LEU O 77 36.87 -7.13 -0.92
CA LEU O 77 36.93 -8.56 -1.15
C LEU O 77 38.33 -9.00 -1.52
N ILE O 78 38.75 -10.13 -0.95
CA ILE O 78 40.11 -10.60 -1.16
C ILE O 78 40.27 -11.22 -2.54
N LYS O 79 39.20 -11.81 -3.08
CA LYS O 79 39.34 -12.56 -4.32
C LYS O 79 39.49 -11.64 -5.54
N ASN O 80 38.87 -10.46 -5.54
CA ASN O 80 38.96 -9.60 -6.71
C ASN O 80 39.16 -8.12 -6.40
N GLY O 81 39.22 -7.72 -5.14
CA GLY O 81 39.55 -6.35 -4.79
C GLY O 81 38.40 -5.38 -4.83
N LYS O 82 37.17 -5.83 -5.06
CA LYS O 82 36.03 -4.92 -5.12
C LYS O 82 35.54 -4.58 -3.71
N VAL O 83 34.76 -3.51 -3.62
CA VAL O 83 34.27 -3.00 -2.35
C VAL O 83 32.75 -3.08 -2.33
N VAL O 84 32.20 -3.67 -1.28
CA VAL O 84 30.76 -3.83 -1.09
C VAL O 84 30.38 -3.35 0.30
N THR O 85 29.08 -3.25 0.54
CA THR O 85 28.54 -2.88 1.84
C THR O 85 27.80 -4.05 2.46
N ALA O 86 28.05 -4.29 3.75
CA ALA O 86 27.46 -5.43 4.43
C ALA O 86 26.82 -5.00 5.75
N PHE O 87 25.64 -5.52 6.01
CA PHE O 87 24.87 -5.21 7.21
C PHE O 87 25.31 -6.10 8.37
N CYS O 88 25.24 -5.56 9.58
CA CYS O 88 25.61 -6.27 10.81
C CYS O 88 24.36 -6.56 11.61
N PRO O 89 23.87 -7.79 11.63
CA PRO O 89 22.62 -8.09 12.33
C PRO O 89 22.84 -8.30 13.82
N GLY O 90 21.80 -7.98 14.59
CA GLY O 90 21.83 -8.18 16.02
C GLY O 90 21.85 -6.89 16.81
N ASP O 91 21.48 -6.96 18.09
CA ASP O 91 21.41 -5.78 18.93
C ASP O 91 22.78 -5.51 19.54
N GLY O 92 23.38 -4.37 19.16
CA GLY O 92 24.70 -4.04 19.62
C GLY O 92 25.82 -4.82 18.95
N ALA O 93 25.59 -5.35 17.76
CA ALA O 93 26.60 -6.19 17.11
C ALA O 93 27.78 -5.38 16.60
N ILE O 94 27.57 -4.08 16.31
CA ILE O 94 28.63 -3.28 15.71
C ILE O 94 29.80 -3.07 16.65
N LYS O 95 29.61 -3.31 17.95
CA LYS O 95 30.72 -3.19 18.89
C LYS O 95 31.79 -4.24 18.68
N PHE O 96 31.44 -5.40 18.14
CA PHE O 96 32.40 -6.47 17.97
C PHE O 96 33.19 -6.37 16.68
N ILE O 97 32.92 -5.37 15.86
CA ILE O 97 33.67 -5.12 14.64
C ILE O 97 34.62 -3.96 14.88
N ASP O 98 35.85 -4.10 14.39
CA ASP O 98 36.84 -3.05 14.44
C ASP O 98 37.50 -2.95 13.08
N GLU O 99 38.03 -1.77 12.77
CA GLU O 99 38.69 -1.59 11.48
C GLU O 99 39.87 -2.54 11.35
N HIS O 100 40.06 -3.06 10.14
CA HIS O 100 41.09 -4.01 9.71
C HIS O 100 40.78 -5.43 10.16
N ASP O 101 39.57 -5.73 10.61
CA ASP O 101 39.17 -7.10 10.85
C ASP O 101 38.82 -7.77 9.54
N GLU O 102 38.88 -9.09 9.52
CA GLU O 102 38.44 -9.87 8.38
C GLU O 102 37.12 -10.55 8.69
N VAL O 103 36.25 -10.61 7.69
CA VAL O 103 34.89 -11.09 7.88
C VAL O 103 34.50 -12.03 6.76
N ILE O 104 33.50 -12.85 7.04
CA ILE O 104 32.84 -13.71 6.05
C ILE O 104 31.44 -13.15 5.84
N ILE O 105 31.09 -12.91 4.58
CA ILE O 105 29.80 -12.33 4.26
C ILE O 105 29.05 -13.25 3.31
N GLU O 106 27.73 -13.08 3.29
CA GLU O 106 26.84 -13.87 2.44
C GLU O 106 25.63 -13.02 2.10
N GLY O 107 24.77 -13.57 1.25
CA GLY O 107 23.62 -12.80 0.78
C GLY O 107 22.65 -12.53 1.90
N ILE O 108 21.80 -11.52 1.70
CA ILE O 108 20.91 -11.12 2.78
C ILE O 108 19.54 -11.74 2.67
N GLY O 109 19.16 -12.27 1.51
CA GLY O 109 18.00 -13.10 1.37
C GLY O 109 16.72 -12.43 0.94
N GLY O 110 16.79 -11.32 0.21
CA GLY O 110 15.61 -10.64 -0.23
C GLY O 110 15.11 -11.16 -1.56
N PRO O 111 14.05 -10.55 -2.09
CA PRO O 111 13.49 -11.01 -3.36
C PRO O 111 14.50 -10.98 -4.49
N LYS O 112 14.46 -12.02 -5.31
CA LYS O 112 15.34 -12.16 -6.47
C LYS O 112 16.81 -12.09 -6.10
N GLY O 113 17.16 -12.62 -4.94
CA GLY O 113 18.54 -12.62 -4.50
C GLY O 113 19.13 -11.27 -4.20
N GLY O 114 18.31 -10.28 -3.85
CA GLY O 114 18.81 -8.93 -3.66
C GLY O 114 18.66 -8.41 -2.24
N SER O 115 18.25 -7.16 -2.11
CA SER O 115 18.07 -6.51 -0.82
C SER O 115 16.73 -6.90 -0.21
N MET O 116 16.54 -6.50 1.05
CA MET O 116 15.31 -6.85 1.76
C MET O 116 14.89 -5.72 2.66
N GLY O 117 13.60 -5.69 2.99
CA GLY O 117 13.11 -4.82 4.04
C GLY O 117 13.25 -3.36 3.70
N ASP O 118 13.53 -2.56 4.72
CA ASP O 118 13.65 -1.12 4.59
C ASP O 118 15.08 -0.64 4.38
N ILE O 119 15.97 -1.52 3.92
CA ILE O 119 17.34 -1.14 3.65
C ILE O 119 17.69 -1.53 2.23
N PRO O 120 17.21 -0.81 1.22
CA PRO O 120 17.67 -1.06 -0.14
C PRO O 120 19.08 -0.54 -0.32
N GLY O 121 19.81 -1.19 -1.20
CA GLY O 121 21.18 -0.85 -1.45
C GLY O 121 22.20 -1.69 -0.71
N ILE O 122 21.75 -2.48 0.26
CA ILE O 122 22.63 -3.39 0.99
C ILE O 122 22.20 -4.80 0.65
N ARG O 123 23.13 -5.59 0.14
CA ARG O 123 22.83 -6.93 -0.36
C ARG O 123 23.46 -8.05 0.44
N TYR O 124 24.22 -7.75 1.48
CA TYR O 124 24.95 -8.79 2.19
C TYR O 124 24.85 -8.58 3.69
N LYS O 125 25.27 -9.59 4.44
CA LYS O 125 25.32 -9.51 5.90
C LYS O 125 26.53 -10.27 6.41
N VAL O 126 27.00 -9.90 7.59
CA VAL O 126 28.19 -10.49 8.18
C VAL O 126 27.82 -11.76 8.94
N VAL O 127 28.66 -12.80 8.81
CA VAL O 127 28.39 -14.10 9.40
C VAL O 127 29.44 -14.47 10.44
N LYS O 128 30.71 -14.22 10.15
CA LYS O 128 31.79 -14.51 11.08
C LYS O 128 32.71 -13.32 11.17
N VAL O 129 33.39 -13.20 12.31
CA VAL O 129 34.39 -12.17 12.54
C VAL O 129 35.62 -12.84 13.11
N ASN O 130 36.74 -12.75 12.41
CA ASN O 130 37.98 -13.39 12.82
C ASN O 130 37.76 -14.86 13.14
N ARG O 131 37.00 -15.53 12.28
CA ARG O 131 36.69 -16.95 12.39
C ARG O 131 35.93 -17.33 13.64
N VAL O 132 35.05 -16.45 14.12
CA VAL O 132 34.14 -16.73 15.22
C VAL O 132 32.75 -16.26 14.82
N SER O 133 31.74 -17.07 15.10
CA SER O 133 30.38 -16.75 14.69
C SER O 133 29.89 -15.48 15.37
N LEU O 134 29.26 -14.60 14.59
CA LEU O 134 28.77 -13.34 15.14
C LEU O 134 27.55 -13.54 16.03
N LYS O 135 26.72 -14.53 15.71
CA LYS O 135 25.55 -14.81 16.53
C LYS O 135 25.95 -15.20 17.94
N GLU O 136 27.01 -16.01 18.06
CA GLU O 136 27.53 -16.34 19.39
C GLU O 136 27.93 -15.09 20.14
N LEU O 137 28.78 -14.25 19.54
CA LEU O 137 29.25 -13.05 20.22
C LEU O 137 28.08 -12.18 20.67
N VAL O 138 27.07 -12.05 19.83
CA VAL O 138 25.92 -11.22 20.20
C VAL O 138 25.17 -11.84 21.38
N LYS O 139 24.97 -13.15 21.37
CA LYS O 139 24.29 -13.75 22.51
C LYS O 139 25.19 -13.83 23.73
N GLY O 140 26.46 -14.16 23.55
CA GLY O 140 27.35 -14.49 24.64
C GLY O 140 28.11 -15.76 24.31
N ARG O 141 28.30 -16.65 25.29
CA ARG O 141 28.73 -18.02 25.01
C ARG O 141 30.11 -18.09 24.33
N LYS O 142 30.71 -16.95 24.03
CA LYS O 142 31.99 -16.93 23.33
C LYS O 142 32.52 -15.51 23.35
N GLU O 143 33.85 -15.39 23.32
CA GLU O 143 34.53 -14.11 23.42
C GLU O 143 35.47 -13.94 22.22
N LYS O 144 35.56 -12.72 21.74
CA LYS O 144 36.34 -12.46 20.54
C LYS O 144 37.82 -12.68 20.82
N PRO O 145 38.53 -13.39 19.96
CA PRO O 145 39.95 -13.66 20.19
C PRO O 145 40.80 -12.43 19.84
N ARG O 146 42.11 -12.60 20.00
CA ARG O 146 43.14 -11.58 19.75
C ARG O 146 42.73 -10.21 20.29
N ARG O 147 42.03 -10.24 21.41
CA ARG O 147 41.59 -9.03 22.10
C ARG O 147 40.85 -8.08 21.16
N ASP P 3 -19.37 104.25 34.90
CA ASP P 3 -20.10 103.18 35.56
C ASP P 3 -19.58 101.81 35.15
N PHE P 4 -19.97 101.38 33.96
CA PHE P 4 -19.58 100.07 33.49
C PHE P 4 -18.10 100.05 33.12
N ARG P 5 -17.39 99.04 33.62
CA ARG P 5 -16.00 98.79 33.26
C ARG P 5 -15.93 97.43 32.60
N HIS P 6 -15.28 97.37 31.44
CA HIS P 6 -15.18 96.09 30.76
C HIS P 6 -14.14 95.17 31.38
N ILE P 7 -13.20 95.71 32.15
CA ILE P 7 -12.25 94.89 32.89
C ILE P 7 -12.21 95.41 34.32
N VAL P 8 -12.40 94.51 35.28
CA VAL P 8 -12.33 94.81 36.70
C VAL P 8 -11.33 93.86 37.32
N ARG P 9 -10.40 94.40 38.09
CA ARG P 9 -9.33 93.60 38.66
C ARG P 9 -9.65 93.22 40.10
N VAL P 10 -9.70 91.93 40.38
CA VAL P 10 -10.00 91.41 41.71
C VAL P 10 -8.91 90.42 42.09
N ALA P 11 -8.25 90.66 43.21
CA ALA P 11 -7.28 89.73 43.78
C ALA P 11 -6.21 89.33 42.77
N GLY P 12 -5.79 90.27 41.93
CA GLY P 12 -4.72 89.99 40.99
C GLY P 12 -5.11 89.19 39.78
N VAL P 13 -6.39 89.10 39.45
CA VAL P 13 -6.85 88.49 38.21
C VAL P 13 -7.89 89.40 37.58
N ASP P 14 -7.74 89.66 36.28
CA ASP P 14 -8.71 90.47 35.56
C ASP P 14 -10.00 89.68 35.35
N LEU P 15 -11.14 90.33 35.55
CA LEU P 15 -12.42 89.68 35.44
C LEU P 15 -13.22 90.28 34.29
N ASP P 16 -13.80 89.42 33.47
CA ASP P 16 -14.65 89.88 32.37
C ASP P 16 -15.84 90.65 32.93
N GLY P 17 -16.10 91.80 32.34
CA GLY P 17 -17.11 92.70 32.87
C GLY P 17 -18.51 92.40 32.38
N ASN P 18 -18.62 91.53 31.39
CA ASN P 18 -19.92 91.25 30.79
C ASN P 18 -20.63 90.06 31.43
N LYS P 19 -19.93 89.25 32.21
CA LYS P 19 -20.52 88.06 32.80
C LYS P 19 -21.21 88.38 34.12
N GLN P 20 -22.12 87.49 34.51
CA GLN P 20 -22.67 87.56 35.85
C GLN P 20 -21.57 87.34 36.86
N LEU P 21 -21.70 87.99 38.01
CA LEU P 21 -20.61 88.03 38.98
C LEU P 21 -20.22 86.63 39.43
N ARG P 22 -21.21 85.76 39.66
CA ARG P 22 -20.92 84.42 40.13
C ARG P 22 -20.05 83.64 39.15
N TRP P 23 -20.27 83.84 37.84
CA TRP P 23 -19.47 83.14 36.85
C TRP P 23 -18.21 83.89 36.48
N ALA P 24 -18.22 85.22 36.59
CA ALA P 24 -17.00 85.98 36.38
C ALA P 24 -15.96 85.63 37.43
N LEU P 25 -16.40 85.35 38.65
CA LEU P 25 -15.44 85.08 39.72
C LEU P 25 -14.68 83.77 39.53
N THR P 26 -15.21 82.83 38.76
CA THR P 26 -14.57 81.52 38.65
C THR P 26 -13.24 81.56 37.90
N ALA P 27 -12.90 82.68 37.27
CA ALA P 27 -11.62 82.78 36.60
C ALA P 27 -10.45 82.69 37.57
N ILE P 28 -10.68 82.93 38.85
CA ILE P 28 -9.65 82.82 39.86
C ILE P 28 -9.38 81.35 40.14
N LYS P 29 -8.11 80.97 40.15
CA LYS P 29 -7.75 79.58 40.41
C LYS P 29 -7.89 79.30 41.90
N GLY P 30 -8.73 78.34 42.24
CA GLY P 30 -9.09 78.08 43.62
C GLY P 30 -10.51 78.45 43.97
N VAL P 31 -11.28 79.00 43.04
CA VAL P 31 -12.66 79.38 43.27
C VAL P 31 -13.51 78.72 42.18
N GLY P 32 -14.44 77.86 42.58
CA GLY P 32 -15.39 77.27 41.66
C GLY P 32 -16.74 77.93 41.78
N ILE P 33 -17.72 77.34 41.10
CA ILE P 33 -19.03 77.98 41.00
C ILE P 33 -19.75 78.00 42.34
N ASN P 34 -19.64 76.91 43.12
CA ASN P 34 -20.34 76.85 44.39
C ASN P 34 -19.77 77.86 45.39
N PHE P 35 -18.45 77.87 45.55
CA PHE P 35 -17.82 78.77 46.51
C PHE P 35 -18.08 80.22 46.12
N ALA P 36 -18.09 80.52 44.83
CA ALA P 36 -18.37 81.87 44.38
C ALA P 36 -19.76 82.32 44.78
N THR P 37 -20.76 81.45 44.64
CA THR P 37 -22.10 81.81 45.07
C THR P 37 -22.15 82.02 46.58
N MET P 38 -21.43 81.20 47.33
CA MET P 38 -21.38 81.40 48.78
C MET P 38 -20.83 82.79 49.12
N VAL P 39 -19.73 83.19 48.49
CA VAL P 39 -19.16 84.49 48.85
C VAL P 39 -20.03 85.63 48.36
N CYS P 40 -20.71 85.46 47.23
CA CYS P 40 -21.62 86.49 46.78
C CYS P 40 -22.76 86.68 47.78
N ARG P 41 -23.30 85.57 48.29
CA ARG P 41 -24.38 85.68 49.27
C ARG P 41 -23.88 86.30 50.57
N VAL P 42 -22.68 85.92 51.01
CA VAL P 42 -22.16 86.47 52.25
C VAL P 42 -21.90 87.96 52.13
N ALA P 43 -21.33 88.41 51.01
CA ALA P 43 -21.11 89.83 50.79
C ALA P 43 -22.41 90.61 50.63
N GLY P 44 -23.54 89.93 50.47
CA GLY P 44 -24.79 90.64 50.26
C GLY P 44 -24.90 91.26 48.88
N LEU P 45 -24.43 90.55 47.86
CA LEU P 45 -24.52 91.01 46.48
C LEU P 45 -25.31 90.02 45.66
N ASP P 46 -26.04 90.52 44.68
CA ASP P 46 -26.83 89.66 43.83
C ASP P 46 -25.92 88.83 42.93
N PRO P 47 -25.95 87.50 43.01
CA PRO P 47 -25.06 86.71 42.15
C PRO P 47 -25.34 86.87 40.67
N PHE P 48 -26.48 87.42 40.29
CA PHE P 48 -26.84 87.59 38.89
C PHE P 48 -26.52 88.96 38.34
N MET P 49 -25.92 89.85 39.12
CA MET P 49 -25.56 91.15 38.61
C MET P 49 -24.32 91.05 37.71
N LYS P 50 -24.21 92.01 36.79
CA LYS P 50 -23.03 92.07 35.94
C LYS P 50 -21.81 92.46 36.76
N ALA P 51 -20.67 91.85 36.44
CA ALA P 51 -19.46 92.14 37.18
C ALA P 51 -18.95 93.55 36.94
N GLY P 52 -19.38 94.20 35.87
CA GLY P 52 -18.89 95.52 35.57
C GLY P 52 -19.41 96.63 36.45
N TYR P 53 -20.49 96.41 37.18
CA TYR P 53 -21.07 97.43 38.04
C TYR P 53 -20.48 97.46 39.43
N LEU P 54 -19.46 96.64 39.69
CA LEU P 54 -18.82 96.68 41.00
C LEU P 54 -18.12 98.01 41.22
N THR P 55 -18.31 98.56 42.41
CA THR P 55 -17.61 99.76 42.85
C THR P 55 -16.39 99.35 43.65
N ASP P 56 -15.54 100.34 43.98
CA ASP P 56 -14.28 100.04 44.64
C ASP P 56 -14.49 99.40 46.00
N GLU P 57 -15.43 99.92 46.80
CA GLU P 57 -15.65 99.37 48.13
C GLU P 57 -16.11 97.92 48.06
N GLN P 58 -16.94 97.59 47.07
CA GLN P 58 -17.41 96.22 46.93
C GLN P 58 -16.26 95.27 46.59
N VAL P 59 -15.36 95.70 45.72
CA VAL P 59 -14.19 94.87 45.41
C VAL P 59 -13.33 94.69 46.65
N LYS P 60 -13.13 95.76 47.41
CA LYS P 60 -12.36 95.64 48.64
C LYS P 60 -13.00 94.64 49.59
N LYS P 61 -14.33 94.69 49.71
CA LYS P 61 -15.03 93.76 50.58
C LYS P 61 -14.89 92.32 50.10
N ILE P 62 -14.98 92.10 48.80
CA ILE P 62 -14.84 90.75 48.26
C ILE P 62 -13.45 90.21 48.56
N GLU P 63 -12.42 91.04 48.37
CA GLU P 63 -11.07 90.58 48.67
C GLU P 63 -10.90 90.30 50.15
N GLU P 64 -11.50 91.13 51.01
CA GLU P 64 -11.45 90.88 52.44
C GLU P 64 -12.06 89.54 52.78
N ILE P 65 -13.21 89.22 52.19
CA ILE P 65 -13.85 87.93 52.43
C ILE P 65 -12.94 86.80 51.95
N LEU P 66 -12.39 86.93 50.74
CA LEU P 66 -11.52 85.89 50.21
C LEU P 66 -10.26 85.69 51.04
N GLN P 67 -9.85 86.70 51.81
CA GLN P 67 -8.67 86.54 52.65
C GLN P 67 -8.89 85.47 53.72
N ASP P 68 -10.03 85.53 54.41
CA ASP P 68 -10.32 84.62 55.52
C ASP P 68 -11.81 84.32 55.52
N PRO P 69 -12.25 83.38 54.70
CA PRO P 69 -13.69 83.10 54.61
C PRO P 69 -14.31 82.65 55.91
N VAL P 70 -13.60 81.85 56.71
CA VAL P 70 -14.21 81.25 57.90
C VAL P 70 -14.67 82.31 58.88
N ALA P 71 -13.86 83.35 59.07
CA ALA P 71 -14.23 84.42 59.99
C ALA P 71 -15.41 85.24 59.51
N HIS P 72 -15.84 85.08 58.26
CA HIS P 72 -16.97 85.82 57.74
C HIS P 72 -18.23 84.96 57.62
N GLY P 73 -18.23 83.77 58.19
CA GLY P 73 -19.43 82.96 58.25
C GLY P 73 -19.53 81.80 57.28
N ILE P 74 -18.54 81.59 56.44
CA ILE P 74 -18.57 80.47 55.50
C ILE P 74 -18.20 79.19 56.25
N PRO P 75 -18.98 78.11 56.08
CA PRO P 75 -18.75 76.91 56.90
C PRO P 75 -17.38 76.31 56.70
N ARG P 76 -16.90 75.65 57.75
CA ARG P 76 -15.58 75.03 57.71
C ARG P 76 -15.49 73.86 56.74
N TRP P 77 -16.59 73.20 56.45
CA TRP P 77 -16.58 72.09 55.52
C TRP P 77 -16.66 72.53 54.08
N ALA P 78 -16.44 73.82 53.80
CA ALA P 78 -16.52 74.35 52.45
C ALA P 78 -15.19 74.84 51.92
N VAL P 79 -14.16 74.94 52.76
CA VAL P 79 -12.89 75.51 52.33
C VAL P 79 -12.05 74.41 51.72
N ASN P 80 -11.06 74.80 50.90
CA ASN P 80 -10.34 73.83 50.09
C ASN P 80 -9.08 73.30 50.77
N ARG P 81 -8.79 73.72 52.00
CA ARG P 81 -7.72 73.12 52.78
C ARG P 81 -8.08 73.18 54.24
N PRO P 82 -9.04 72.36 54.68
CA PRO P 82 -9.36 72.31 56.10
C PRO P 82 -8.26 71.58 56.86
N LYS P 83 -8.06 71.98 58.12
CA LYS P 83 -7.16 71.30 59.03
C LYS P 83 -5.73 71.24 58.45
N ASP P 84 -5.13 72.42 58.34
CA ASP P 84 -3.83 72.55 57.68
C ASP P 84 -2.77 71.70 58.36
N TYR P 85 -1.88 71.13 57.55
CA TYR P 85 -0.89 70.18 58.05
C TYR P 85 0.11 70.84 58.98
N GLU P 86 0.31 72.14 58.88
CA GLU P 86 1.33 72.78 59.69
C GLU P 86 0.73 73.53 60.87
N THR P 87 -0.28 74.35 60.61
CA THR P 87 -0.89 75.16 61.64
C THR P 87 -2.08 74.49 62.31
N GLY P 88 -2.78 73.61 61.59
CA GLY P 88 -3.97 72.98 62.12
C GLY P 88 -5.26 73.73 61.89
N ARG P 89 -5.23 74.87 61.22
CA ARG P 89 -6.41 75.69 61.02
C ARG P 89 -7.09 75.36 59.69
N ASP P 90 -8.19 76.06 59.43
CA ASP P 90 -8.98 75.88 58.22
C ASP P 90 -8.68 77.04 57.28
N LEU P 91 -7.99 76.76 56.19
CA LEU P 91 -7.50 77.77 55.28
C LEU P 91 -8.10 77.59 53.90
N HIS P 92 -8.14 78.69 53.15
CA HIS P 92 -8.51 78.67 51.74
C HIS P 92 -7.44 79.39 50.95
N LEU P 93 -6.83 78.71 49.98
CA LEU P 93 -5.72 79.25 49.23
C LEU P 93 -6.14 79.47 47.78
N ILE P 94 -5.58 80.52 47.18
CA ILE P 94 -5.85 80.87 45.79
C ILE P 94 -4.57 81.28 45.09
N THR P 95 -4.55 81.19 43.76
CA THR P 95 -3.40 81.55 42.93
C THR P 95 -2.10 80.81 43.25
N ALA P 96 -1.01 81.55 43.41
CA ALA P 96 0.30 80.96 43.67
C ALA P 96 0.38 80.16 44.98
N LYS P 97 -0.21 80.68 46.04
CA LYS P 97 -0.19 79.98 47.32
C LYS P 97 -0.73 78.57 47.17
N LEU P 98 -1.82 78.43 46.43
CA LEU P 98 -2.40 77.11 46.19
C LEU P 98 -1.41 76.20 45.47
N ASP P 99 -0.77 76.74 44.43
CA ASP P 99 0.19 75.94 43.68
C ASP P 99 1.35 75.48 44.55
N MET P 100 1.91 76.38 45.34
CA MET P 100 3.07 75.98 46.13
C MET P 100 2.68 75.07 47.28
N ALA P 101 1.46 75.22 47.81
CA ALA P 101 1.00 74.28 48.83
C ALA P 101 0.89 72.87 48.26
N ILE P 102 0.32 72.72 47.07
CA ILE P 102 0.21 71.39 46.48
C ILE P 102 1.60 70.83 46.19
N ARG P 103 2.50 71.68 45.68
CA ARG P 103 3.84 71.22 45.39
C ARG P 103 4.55 70.75 46.65
N GLU P 104 4.37 71.48 47.75
CA GLU P 104 4.99 71.08 49.01
C GLU P 104 4.43 69.77 49.52
N ASP P 105 3.12 69.55 49.35
CA ASP P 105 2.55 68.27 49.76
C ASP P 105 3.18 67.11 49.01
N ILE P 106 3.31 67.25 47.69
CA ILE P 106 3.92 66.19 46.91
C ILE P 106 5.39 66.02 47.27
N MET P 107 6.09 67.13 47.53
CA MET P 107 7.50 67.04 47.91
C MET P 107 7.68 66.32 49.23
N ARG P 108 6.80 66.59 50.19
CA ARG P 108 6.85 65.88 51.46
C ARG P 108 6.65 64.38 51.25
N LEU P 109 5.67 64.02 50.41
CA LEU P 109 5.48 62.60 50.12
C LEU P 109 6.73 62.00 49.49
N ARG P 110 7.45 62.77 48.69
CA ARG P 110 8.64 62.24 48.03
C ARG P 110 9.84 62.13 48.97
N ARG P 111 9.94 63.01 49.95
CA ARG P 111 11.12 62.99 50.83
C ARG P 111 11.18 61.72 51.66
N ILE P 112 10.03 61.23 52.14
CA ILE P 112 10.01 60.04 52.98
C ILE P 112 10.02 58.75 52.17
N ARG P 113 10.11 58.84 50.84
CA ARG P 113 10.14 57.67 49.96
C ARG P 113 8.90 56.81 50.13
N ALA P 114 7.75 57.45 50.25
CA ALA P 114 6.49 56.73 50.35
C ALA P 114 6.06 56.21 48.97
N TYR P 115 5.13 55.26 48.99
CA TYR P 115 4.67 54.65 47.74
C TYR P 115 4.09 55.69 46.79
N ARG P 116 3.22 56.57 47.29
CA ARG P 116 2.61 57.57 46.42
C ARG P 116 3.64 58.55 45.89
N GLY P 117 4.68 58.84 46.67
CA GLY P 117 5.75 59.68 46.15
C GLY P 117 6.47 59.07 44.98
N ILE P 118 6.78 57.78 45.07
CA ILE P 118 7.40 57.09 43.94
C ILE P 118 6.48 57.14 42.72
N ARG P 119 5.19 56.90 42.92
CA ARG P 119 4.26 56.95 41.80
C ARG P 119 4.21 58.34 41.18
N HIS P 120 4.26 59.38 42.01
CA HIS P 120 4.30 60.74 41.47
C HIS P 120 5.57 60.98 40.65
N GLU P 121 6.71 60.48 41.13
CA GLU P 121 7.96 60.68 40.40
C GLU P 121 7.94 59.98 39.04
N LEU P 122 7.43 58.76 38.99
CA LEU P 122 7.48 58.00 37.75
C LEU P 122 6.40 58.38 36.75
N GLY P 123 5.47 59.26 37.12
CA GLY P 123 4.38 59.61 36.23
C GLY P 123 3.42 58.48 35.94
N LEU P 124 3.04 57.72 36.95
CA LEU P 124 2.13 56.60 36.84
C LEU P 124 0.91 56.85 37.71
N PRO P 125 -0.21 56.16 37.45
CA PRO P 125 -1.41 56.40 38.24
C PRO P 125 -1.18 56.14 39.72
N VAL P 126 -1.81 56.96 40.56
CA VAL P 126 -1.56 56.97 41.99
C VAL P 126 -2.69 56.34 42.80
N ARG P 127 -3.92 56.38 42.30
CA ARG P 127 -5.08 55.94 43.07
C ARG P 127 -5.54 54.54 42.69
N GLY P 128 -4.60 53.65 42.39
CA GLY P 128 -4.89 52.24 42.29
C GLY P 128 -5.50 51.74 41.01
N GLN P 129 -5.25 52.39 39.88
CA GLN P 129 -5.83 51.94 38.62
C GLN P 129 -5.04 50.81 38.01
N ARG P 130 -5.71 50.02 37.16
CA ARG P 130 -5.05 49.03 36.33
C ARG P 130 -4.38 49.71 35.15
N THR P 131 -3.21 49.20 34.75
CA THR P 131 -2.42 49.88 33.73
C THR P 131 -2.05 49.00 32.55
N ARG P 132 -2.63 47.80 32.43
CA ARG P 132 -2.27 46.93 31.32
C ARG P 132 -2.91 47.38 30.02
N SER P 133 -4.13 47.92 30.09
CA SER P 133 -4.88 48.26 28.88
C SER P 133 -4.90 49.76 28.60
N ASN P 134 -5.38 50.55 29.54
CA ASN P 134 -5.58 51.97 29.33
C ASN P 134 -4.36 52.74 29.82
N PHE P 135 -4.49 54.07 29.85
CA PHE P 135 -3.41 54.97 30.25
C PHE P 135 -2.19 54.84 29.34
N ARG P 136 -2.41 54.61 28.06
CA ARG P 136 -1.31 54.49 27.10
C ARG P 136 -1.06 55.82 26.42
N ARG P 137 0.14 56.35 26.58
CA ARG P 137 0.55 57.57 25.88
C ARG P 137 1.97 57.35 25.35
N GLY P 138 2.08 57.00 24.08
CA GLY P 138 3.36 56.71 23.47
C GLY P 138 3.25 56.31 22.00
N GLN P 139 4.16 55.48 21.52
CA GLN P 139 4.21 55.10 20.13
C GLN P 139 4.25 53.58 20.01
N THR P 140 3.58 53.06 18.99
CA THR P 140 3.60 51.62 18.76
C THR P 140 5.00 51.15 18.41
N VAL P 141 5.42 50.06 19.04
CA VAL P 141 6.72 49.46 18.82
C VAL P 141 6.59 48.36 17.77
N GLY P 142 7.65 48.18 16.97
CA GLY P 142 7.66 47.18 15.94
C GLY P 142 8.16 45.84 16.44
N VAL P 143 7.75 44.78 15.76
CA VAL P 143 8.14 43.42 16.14
C VAL P 143 9.27 42.93 15.25
N ALA Q 2 0.22 21.49 71.66
CA ALA Q 2 -0.11 20.19 71.10
C ALA Q 2 0.40 20.07 69.67
N LYS Q 3 0.02 18.99 68.98
CA LYS Q 3 0.42 18.78 67.61
C LYS Q 3 -0.73 18.84 66.62
N ALA Q 4 -1.95 18.45 67.04
CA ALA Q 4 -3.08 18.48 66.12
C ALA Q 4 -3.54 19.90 65.82
N ASP Q 5 -3.08 20.89 66.59
CA ASP Q 5 -3.47 22.27 66.31
C ASP Q 5 -2.90 22.74 64.98
N TYR Q 6 -1.84 22.09 64.51
CA TYR Q 6 -1.22 22.44 63.23
C TYR Q 6 -1.85 21.71 62.06
N ASN Q 7 -3.10 21.31 62.19
CA ASN Q 7 -3.88 20.69 61.13
C ASN Q 7 -5.29 21.25 61.03
N LYS Q 8 -5.73 22.02 62.02
CA LYS Q 8 -7.10 22.53 62.02
C LYS Q 8 -7.19 23.85 61.25
N ARG Q 9 -8.33 24.07 60.60
CA ARG Q 9 -8.60 25.32 59.91
C ARG Q 9 -9.30 26.31 60.85
N LYS Q 10 -9.20 27.58 60.50
CA LYS Q 10 -9.87 28.62 61.27
C LYS Q 10 -11.38 28.58 60.99
N PRO Q 11 -12.22 28.98 61.95
CA PRO Q 11 -13.67 28.96 61.72
C PRO Q 11 -14.21 30.22 61.06
N ARG Q 12 -14.12 30.29 59.74
CA ARG Q 12 -14.53 31.49 59.01
C ARG Q 12 -16.05 31.63 59.00
N LYS Q 13 -16.50 32.88 59.07
CA LYS Q 13 -17.91 33.18 59.02
C LYS Q 13 -18.38 33.85 57.74
N PHE Q 14 -17.46 34.38 56.92
CA PHE Q 14 -17.82 34.89 55.61
C PHE Q 14 -16.68 34.64 54.64
N GLY Q 15 -16.96 34.84 53.37
CA GLY Q 15 -16.01 34.59 52.30
C GLY Q 15 -16.27 33.27 51.61
N LYS Q 16 -15.57 33.08 50.48
CA LYS Q 16 -15.76 31.87 49.70
C LYS Q 16 -15.42 30.63 50.51
N GLY Q 17 -14.57 30.76 51.51
CA GLY Q 17 -14.17 29.62 52.31
C GLY Q 17 -15.17 29.18 53.35
N ALA Q 18 -16.31 29.85 53.46
CA ALA Q 18 -17.30 29.53 54.47
C ALA Q 18 -18.43 28.64 53.94
N ARG Q 19 -18.42 28.26 52.67
CA ARG Q 19 -19.52 27.50 52.10
C ARG Q 19 -18.98 26.44 51.16
N ARG Q 20 -19.47 25.22 51.30
CA ARG Q 20 -19.11 24.10 50.44
C ARG Q 20 -20.37 23.38 50.00
N CYS Q 21 -20.31 22.77 48.82
CA CYS Q 21 -21.43 21.96 48.34
C CYS Q 21 -21.61 20.75 49.24
N ILE Q 22 -22.85 20.53 49.70
CA ILE Q 22 -23.12 19.44 50.62
C ILE Q 22 -23.13 18.09 49.94
N ARG Q 23 -22.87 18.04 48.64
CA ARG Q 23 -22.84 16.80 47.89
C ARG Q 23 -21.47 16.47 47.31
N CYS Q 24 -20.62 17.47 47.07
CA CYS Q 24 -19.29 17.21 46.53
C CYS Q 24 -18.18 18.01 47.19
N GLY Q 25 -18.47 18.99 48.02
CA GLY Q 25 -17.46 19.70 48.76
C GLY Q 25 -16.72 20.80 48.02
N GLN Q 26 -17.19 21.20 46.85
CA GLN Q 26 -16.52 22.23 46.07
C GLN Q 26 -16.72 23.61 46.69
N TYR Q 27 -15.70 24.46 46.59
CA TYR Q 27 -15.83 25.89 46.84
C TYR Q 27 -16.08 26.61 45.51
N GLY Q 28 -16.83 27.70 45.58
CA GLY Q 28 -17.03 28.51 44.40
C GLY Q 28 -18.47 28.83 44.08
N PRO Q 29 -18.99 28.29 42.98
CA PRO Q 29 -20.33 28.66 42.53
C PRO Q 29 -21.45 27.95 43.28
N ILE Q 30 -21.79 28.43 44.48
CA ILE Q 30 -22.79 27.80 45.32
C ILE Q 30 -24.10 28.54 45.17
N ILE Q 31 -25.19 27.79 44.96
CA ILE Q 31 -26.53 28.36 44.85
C ILE Q 31 -27.08 28.51 46.25
N ARG Q 32 -27.29 29.75 46.69
CA ARG Q 32 -27.72 30.04 48.04
C ARG Q 32 -29.21 30.28 48.16
N ILE Q 33 -29.97 30.11 47.08
CA ILE Q 33 -31.37 30.54 47.06
C ILE Q 33 -32.20 29.63 47.95
N HIS Q 34 -32.95 30.25 48.87
CA HIS Q 34 -33.87 29.55 49.77
C HIS Q 34 -33.16 28.45 50.55
N GLY Q 35 -31.91 28.66 50.89
CA GLY Q 35 -31.23 27.76 51.77
C GLY Q 35 -30.64 26.52 51.13
N LEU Q 36 -30.81 26.34 49.81
CA LEU Q 36 -30.05 25.30 49.13
C LEU Q 36 -28.57 25.57 49.30
N MET Q 37 -27.78 24.52 49.39
CA MET Q 37 -26.33 24.64 49.36
C MET Q 37 -25.80 23.61 48.38
N LEU Q 38 -25.85 23.95 47.11
CA LEU Q 38 -25.46 23.02 46.05
C LEU Q 38 -24.71 23.78 44.97
N CYS Q 39 -23.78 23.10 44.32
CA CYS Q 39 -23.09 23.67 43.18
C CYS Q 39 -24.05 23.86 42.03
N ARG Q 40 -23.66 24.71 41.09
CA ARG Q 40 -24.41 24.78 39.85
C ARG Q 40 -24.29 23.47 39.07
N HIS Q 41 -23.20 22.73 39.28
CA HIS Q 41 -23.05 21.44 38.64
C HIS Q 41 -23.96 20.39 39.25
N CYS Q 42 -24.00 20.31 40.57
CA CYS Q 42 -24.78 19.26 41.22
C CYS Q 42 -26.27 19.52 41.12
N PHE Q 43 -26.68 20.78 41.10
CA PHE Q 43 -28.10 21.08 41.05
C PHE Q 43 -28.73 20.65 39.74
N ARG Q 44 -27.98 20.71 38.64
CA ARG Q 44 -28.55 20.37 37.34
C ARG Q 44 -28.98 18.92 37.29
N GLU Q 45 -28.27 18.02 37.96
CA GLU Q 45 -28.60 16.61 37.84
C GLU Q 45 -29.55 16.10 38.92
N VAL Q 46 -29.73 16.83 40.02
CA VAL Q 46 -30.67 16.41 41.06
C VAL Q 46 -31.93 17.23 41.07
N ALA Q 47 -32.07 18.22 40.19
CA ALA Q 47 -33.27 19.04 40.19
C ALA Q 47 -34.56 18.27 39.94
N PRO Q 48 -34.64 17.34 38.98
CA PRO Q 48 -35.91 16.61 38.81
C PRO Q 48 -36.36 15.84 40.04
N LYS Q 49 -35.45 15.29 40.82
CA LYS Q 49 -35.84 14.58 42.02
C LYS Q 49 -36.43 15.50 43.07
N LEU Q 50 -35.90 16.72 43.18
CA LEU Q 50 -36.43 17.67 44.15
C LEU Q 50 -37.78 18.23 43.73
N GLY Q 51 -38.21 18.02 42.49
CA GLY Q 51 -39.52 18.46 42.05
C GLY Q 51 -39.54 19.62 41.10
N PHE Q 52 -38.40 20.16 40.72
CA PHE Q 52 -38.35 21.20 39.71
C PHE Q 52 -38.62 20.63 38.33
N ARG Q 53 -39.18 21.46 37.45
CA ARG Q 53 -39.44 21.07 36.08
C ARG Q 53 -39.09 22.21 35.15
N LYS Q 54 -38.82 21.88 33.90
CA LYS Q 54 -38.56 22.88 32.87
C LYS Q 54 -39.84 23.06 32.05
N TYR Q 55 -40.67 23.99 32.49
CA TYR Q 55 -41.90 24.27 31.76
C TYR Q 55 -41.64 25.05 30.49
N GLU Q 56 -40.70 25.97 30.51
CA GLU Q 56 -40.46 26.83 29.37
C GLU Q 56 -39.10 27.49 29.45
N ALA R 2 -15.33 -14.69 -51.73
CA ALA R 2 -15.54 -13.28 -52.00
C ALA R 2 -14.77 -12.86 -53.23
N ARG R 3 -14.87 -11.59 -53.60
CA ARG R 3 -14.12 -11.09 -54.74
C ARG R 3 -12.63 -11.17 -54.46
N MET R 4 -11.85 -11.33 -55.53
CA MET R 4 -10.42 -11.57 -55.38
C MET R 4 -9.71 -10.36 -54.76
N HIS R 5 -10.08 -9.14 -55.16
CA HIS R 5 -9.39 -7.96 -54.68
C HIS R 5 -10.27 -7.05 -53.85
N ALA R 6 -11.56 -6.94 -54.18
CA ALA R 6 -12.42 -6.01 -53.47
C ALA R 6 -13.07 -6.62 -52.22
N ARG R 7 -13.04 -7.94 -52.09
CA ARG R 7 -13.60 -8.68 -50.95
C ARG R 7 -15.11 -8.48 -50.80
N LYS R 8 -15.82 -8.11 -51.85
CA LYS R 8 -17.27 -8.07 -51.78
C LYS R 8 -17.84 -9.47 -52.02
N ARG R 9 -19.13 -9.63 -51.73
CA ARG R 9 -19.74 -10.94 -51.68
C ARG R 9 -21.00 -11.04 -52.52
N GLY R 10 -20.95 -10.60 -53.77
CA GLY R 10 -22.08 -10.79 -54.65
C GLY R 10 -22.35 -12.26 -54.90
N LYS R 11 -23.62 -12.59 -55.06
CA LYS R 11 -24.05 -13.97 -55.23
C LYS R 11 -24.78 -14.24 -56.54
N SER R 12 -24.89 -13.27 -57.43
CA SER R 12 -25.72 -13.45 -58.61
C SER R 12 -25.05 -14.38 -59.61
N GLY R 13 -25.86 -15.23 -60.23
CA GLY R 13 -25.36 -16.22 -61.16
C GLY R 13 -26.50 -17.06 -61.69
N SER R 14 -26.15 -18.09 -62.44
CA SER R 14 -27.16 -18.96 -63.03
C SER R 14 -27.53 -20.08 -62.08
N LYS R 15 -28.79 -20.51 -62.16
CA LYS R 15 -29.35 -21.56 -61.30
C LYS R 15 -29.86 -22.68 -62.20
N ARG R 16 -28.99 -23.61 -62.51
CA ARG R 16 -29.27 -24.64 -63.49
C ARG R 16 -30.01 -25.81 -62.85
N PRO R 17 -31.16 -26.23 -63.38
CA PRO R 17 -31.83 -27.39 -62.81
C PRO R 17 -31.07 -28.66 -63.09
N PRO R 18 -31.19 -29.67 -62.23
CA PRO R 18 -30.50 -30.95 -62.46
C PRO R 18 -31.25 -31.82 -63.45
N ARG R 19 -30.71 -31.96 -64.66
CA ARG R 19 -31.32 -32.81 -65.66
C ARG R 19 -30.22 -33.56 -66.40
N THR R 20 -30.56 -34.77 -66.85
CA THR R 20 -29.63 -35.61 -67.59
C THR R 20 -29.94 -35.60 -69.08
N ALA R 21 -31.17 -35.94 -69.45
CA ALA R 21 -31.60 -36.03 -70.83
C ALA R 21 -32.04 -34.65 -71.34
N PRO R 22 -31.86 -34.38 -72.62
CA PRO R 22 -32.40 -33.16 -73.18
C PRO R 22 -33.91 -33.15 -73.10
N PRO R 23 -34.53 -31.98 -73.03
CA PRO R 23 -35.98 -31.91 -72.88
C PRO R 23 -36.69 -32.48 -74.09
N ILE R 24 -37.95 -32.87 -73.87
CA ILE R 24 -38.75 -33.46 -74.94
C ILE R 24 -39.01 -32.46 -76.05
N TRP R 25 -39.35 -31.21 -75.72
CA TRP R 25 -39.72 -30.24 -76.72
C TRP R 25 -38.58 -29.77 -77.59
N LEU R 26 -37.33 -30.08 -77.25
CA LEU R 26 -36.19 -29.74 -78.09
C LEU R 26 -36.14 -30.71 -79.26
N GLU R 27 -36.09 -30.18 -80.48
CA GLU R 27 -36.19 -31.01 -81.67
C GLU R 27 -34.90 -31.11 -82.47
N TYR R 28 -33.91 -30.27 -82.21
CA TYR R 28 -32.68 -30.32 -82.97
C TYR R 28 -31.89 -31.58 -82.63
N THR R 29 -31.20 -32.12 -83.64
CA THR R 29 -30.27 -33.22 -83.44
C THR R 29 -28.86 -32.67 -83.26
N VAL R 30 -27.89 -33.56 -83.08
CA VAL R 30 -26.53 -33.11 -82.85
C VAL R 30 -25.94 -32.47 -84.11
N GLU R 31 -26.28 -33.00 -85.29
CA GLU R 31 -25.73 -32.43 -86.52
C GLU R 31 -26.16 -30.98 -86.69
N ASP R 32 -27.44 -30.68 -86.46
CA ASP R 32 -27.92 -29.32 -86.60
C ASP R 32 -27.19 -28.37 -85.66
N ILE R 33 -26.98 -28.79 -84.42
CA ILE R 33 -26.35 -27.92 -83.43
C ILE R 33 -24.91 -27.63 -83.80
N GLU R 34 -24.17 -28.64 -84.25
CA GLU R 34 -22.79 -28.40 -84.65
C GLU R 34 -22.71 -27.51 -85.87
N ASN R 35 -23.62 -27.69 -86.83
CA ASN R 35 -23.68 -26.76 -87.96
C ASN R 35 -23.90 -25.34 -87.48
N LEU R 36 -24.84 -25.15 -86.55
CA LEU R 36 -25.14 -23.81 -86.05
C LEU R 36 -23.94 -23.20 -85.35
N VAL R 37 -23.24 -24.00 -84.54
CA VAL R 37 -22.09 -23.49 -83.81
C VAL R 37 -20.99 -23.07 -84.78
N VAL R 38 -20.73 -23.87 -85.80
CA VAL R 38 -19.70 -23.50 -86.77
C VAL R 38 -20.09 -22.22 -87.50
N LYS R 39 -21.36 -22.10 -87.91
CA LYS R 39 -21.79 -20.91 -88.62
C LYS R 39 -21.65 -19.66 -87.75
N LEU R 40 -22.08 -19.73 -86.49
CA LEU R 40 -21.95 -18.58 -85.61
C LEU R 40 -20.50 -18.23 -85.35
N ARG R 41 -19.63 -19.23 -85.20
CA ARG R 41 -18.21 -18.95 -85.01
C ARG R 41 -17.63 -18.24 -86.22
N LYS R 42 -18.00 -18.70 -87.42
CA LYS R 42 -17.51 -18.04 -88.62
C LYS R 42 -18.08 -16.65 -88.79
N GLU R 43 -19.19 -16.34 -88.14
CA GLU R 43 -19.60 -14.95 -88.07
C GLU R 43 -18.73 -14.11 -87.14
N GLY R 44 -17.89 -14.74 -86.33
CA GLY R 44 -16.90 -14.04 -85.55
C GLY R 44 -17.18 -13.84 -84.08
N TYR R 45 -18.19 -14.49 -83.53
CA TYR R 45 -18.55 -14.33 -82.13
C TYR R 45 -17.60 -15.12 -81.23
N SER R 46 -17.54 -14.71 -79.98
CA SER R 46 -16.75 -15.40 -78.98
C SER R 46 -17.49 -16.63 -78.47
N THR R 47 -16.76 -17.49 -77.76
CA THR R 47 -17.35 -18.74 -77.28
C THR R 47 -18.48 -18.49 -76.30
N ALA R 48 -18.30 -17.54 -75.39
CA ALA R 48 -19.37 -17.23 -74.43
C ALA R 48 -20.57 -16.61 -75.12
N MET R 49 -20.35 -15.89 -76.21
CA MET R 49 -21.46 -15.25 -76.92
C MET R 49 -22.29 -16.25 -77.70
N ILE R 50 -21.63 -17.28 -78.26
CA ILE R 50 -22.32 -18.27 -79.08
C ILE R 50 -23.38 -18.98 -78.25
N GLY R 51 -23.03 -19.40 -77.03
CA GLY R 51 -24.00 -20.06 -76.18
C GLY R 51 -25.15 -19.16 -75.80
N THR R 52 -24.87 -17.88 -75.58
CA THR R 52 -25.94 -16.92 -75.29
C THR R 52 -26.92 -16.82 -76.45
N ILE R 53 -26.40 -16.76 -77.68
CA ILE R 53 -27.29 -16.68 -78.84
C ILE R 53 -28.08 -17.96 -78.99
N LEU R 54 -27.43 -19.11 -78.81
CA LEU R 54 -28.15 -20.38 -78.91
C LEU R 54 -29.27 -20.48 -77.90
N ARG R 55 -29.03 -20.02 -76.68
CA ARG R 55 -30.07 -20.06 -75.66
C ARG R 55 -31.20 -19.08 -76.01
N ASP R 56 -30.85 -17.86 -76.41
CA ASP R 56 -31.86 -16.82 -76.57
C ASP R 56 -32.74 -17.05 -77.79
N GLN R 57 -32.15 -17.39 -78.93
CA GLN R 57 -32.89 -17.37 -80.18
C GLN R 57 -33.34 -18.74 -80.66
N TYR R 58 -32.60 -19.79 -80.39
CA TYR R 58 -32.95 -21.12 -80.90
C TYR R 58 -33.51 -22.03 -79.82
N GLY R 59 -33.64 -21.54 -78.59
CA GLY R 59 -34.23 -22.35 -77.54
C GLY R 59 -33.42 -23.56 -77.16
N ILE R 60 -32.10 -23.46 -77.16
CA ILE R 60 -31.25 -24.59 -76.84
C ILE R 60 -30.56 -24.32 -75.52
N PRO R 61 -31.03 -24.86 -74.40
CA PRO R 61 -30.22 -24.84 -73.20
C PRO R 61 -28.94 -25.61 -73.48
N THR R 62 -27.92 -25.35 -72.68
CA THR R 62 -26.53 -25.65 -73.02
C THR R 62 -26.29 -26.93 -73.81
N VAL R 63 -25.35 -26.88 -74.75
CA VAL R 63 -24.96 -28.07 -75.49
C VAL R 63 -24.37 -29.15 -74.60
N LYS R 64 -24.16 -28.87 -73.31
CA LYS R 64 -23.69 -29.89 -72.40
C LYS R 64 -24.84 -30.75 -71.94
N LEU R 65 -25.68 -31.16 -72.88
CA LEU R 65 -26.76 -32.11 -72.65
C LEU R 65 -26.73 -33.26 -73.62
N PHE R 66 -25.80 -33.24 -74.57
CA PHE R 66 -25.64 -34.29 -75.56
C PHE R 66 -24.30 -34.97 -75.34
N ARG R 67 -24.30 -36.30 -75.44
CA ARG R 67 -23.08 -37.06 -75.32
C ARG R 67 -22.23 -36.87 -76.59
N ASP R 68 -20.92 -36.78 -76.44
CA ASP R 68 -20.03 -36.64 -77.58
C ASP R 68 -20.21 -37.86 -78.48
N PRO R 69 -20.59 -37.69 -79.74
CA PRO R 69 -20.81 -38.85 -80.61
C PRO R 69 -19.59 -39.73 -80.76
N ASP R 70 -18.39 -39.15 -80.75
CA ASP R 70 -17.18 -39.92 -81.01
C ASP R 70 -16.62 -40.53 -79.73
N ASN R 71 -16.51 -39.73 -78.68
CA ASN R 71 -16.02 -40.22 -77.41
C ASN R 71 -17.18 -40.34 -76.44
N PRO R 72 -17.66 -41.55 -76.14
CA PRO R 72 -18.80 -41.68 -75.23
C PRO R 72 -18.50 -41.32 -73.79
N ASN R 73 -17.23 -41.22 -73.41
CA ASN R 73 -16.87 -40.94 -72.03
C ASN R 73 -17.22 -39.52 -71.59
N ARG R 74 -17.43 -38.59 -72.52
CA ARG R 74 -17.55 -37.19 -72.16
C ARG R 74 -18.73 -36.57 -72.88
N LYS R 75 -19.22 -35.46 -72.34
CA LYS R 75 -20.28 -34.69 -72.94
C LYS R 75 -19.70 -33.68 -73.92
N LEU R 76 -20.59 -32.93 -74.56
CA LEU R 76 -20.20 -32.02 -75.63
C LEU R 76 -20.12 -30.58 -75.11
N THR R 77 -19.08 -29.85 -75.51
CA THR R 77 -18.96 -28.44 -75.18
C THR R 77 -18.60 -27.66 -76.43
N ILE R 78 -18.75 -26.34 -76.36
CA ILE R 78 -18.56 -25.49 -77.53
C ILE R 78 -17.12 -25.53 -78.01
N THR R 79 -16.18 -25.46 -77.08
CA THR R 79 -14.77 -25.51 -77.46
C THR R 79 -14.42 -26.85 -78.08
N ARG R 80 -15.01 -27.94 -77.59
CA ARG R 80 -14.77 -29.25 -78.19
C ARG R 80 -15.32 -29.30 -79.62
N ILE R 81 -16.51 -28.74 -79.84
CA ILE R 81 -17.08 -28.72 -81.18
C ILE R 81 -16.18 -27.94 -82.12
N LEU R 82 -15.66 -26.81 -81.66
CA LEU R 82 -14.77 -26.03 -82.52
C LEU R 82 -13.46 -26.74 -82.76
N GLU R 83 -12.96 -27.48 -81.76
CA GLU R 83 -11.73 -28.25 -81.95
C GLU R 83 -11.91 -29.31 -83.02
N LYS R 84 -13.10 -29.91 -83.09
CA LYS R 84 -13.34 -30.95 -84.09
C LYS R 84 -13.25 -30.42 -85.51
N HIS R 85 -13.27 -29.10 -85.71
CA HIS R 85 -13.19 -28.52 -87.05
C HIS R 85 -12.00 -27.60 -87.25
N GLY R 86 -11.19 -27.35 -86.23
CA GLY R 86 -10.02 -26.50 -86.37
C GLY R 86 -10.26 -25.01 -86.21
N LEU R 87 -11.39 -24.59 -85.65
CA LEU R 87 -11.68 -23.18 -85.45
C LEU R 87 -11.44 -22.74 -84.01
N ALA R 88 -10.84 -23.57 -83.20
CA ALA R 88 -10.69 -23.24 -81.79
C ALA R 88 -9.58 -22.20 -81.59
N PRO R 89 -9.72 -21.33 -80.59
CA PRO R 89 -8.75 -20.24 -80.42
C PRO R 89 -7.37 -20.75 -80.09
N GLU R 90 -6.35 -20.01 -80.53
CA GLU R 90 -4.98 -20.40 -80.22
C GLU R 90 -4.60 -20.06 -78.80
N ILE R 91 -5.05 -18.92 -78.29
CA ILE R 91 -4.81 -18.52 -76.90
C ILE R 91 -6.15 -18.65 -76.17
N PRO R 92 -6.17 -19.11 -74.94
CA PRO R 92 -7.44 -19.20 -74.20
C PRO R 92 -8.11 -17.84 -74.09
N GLU R 93 -9.44 -17.83 -74.20
CA GLU R 93 -10.15 -16.59 -74.46
C GLU R 93 -10.03 -15.59 -73.32
N ASP R 94 -10.15 -16.04 -72.07
CA ASP R 94 -10.14 -15.08 -70.96
C ASP R 94 -8.79 -14.39 -70.84
N LEU R 95 -7.70 -15.13 -71.07
CA LEU R 95 -6.39 -14.51 -71.12
C LEU R 95 -6.31 -13.47 -72.22
N MET R 96 -6.85 -13.78 -73.40
CA MET R 96 -6.84 -12.83 -74.50
C MET R 96 -7.64 -11.57 -74.16
N PHE R 97 -8.80 -11.73 -73.54
CA PHE R 97 -9.61 -10.57 -73.17
C PHE R 97 -8.88 -9.70 -72.15
N LEU R 98 -8.24 -10.30 -71.17
CA LEU R 98 -7.50 -9.51 -70.19
C LEU R 98 -6.33 -8.78 -70.84
N ILE R 99 -5.63 -9.45 -71.75
CA ILE R 99 -4.52 -8.80 -72.44
C ILE R 99 -5.02 -7.62 -73.25
N LYS R 100 -6.15 -7.79 -73.93
CA LYS R 100 -6.71 -6.70 -74.72
C LYS R 100 -7.11 -5.53 -73.83
N ARG R 101 -7.70 -5.81 -72.67
CA ARG R 101 -8.05 -4.74 -71.75
C ARG R 101 -6.82 -3.99 -71.27
N ALA R 102 -5.72 -4.72 -71.02
CA ALA R 102 -4.52 -4.08 -70.49
C ALA R 102 -3.85 -3.17 -71.51
N VAL R 103 -3.81 -3.57 -72.79
CA VAL R 103 -3.15 -2.78 -73.80
C VAL R 103 -3.83 -1.43 -73.97
N ASN R 104 -5.16 -1.42 -73.99
CA ASN R 104 -5.90 -0.18 -74.14
C ASN R 104 -5.64 0.76 -72.97
N LEU R 105 -5.51 0.21 -71.77
CA LEU R 105 -5.29 1.04 -70.60
C LEU R 105 -3.87 1.60 -70.56
N ARG R 106 -2.92 0.94 -71.24
CA ARG R 106 -1.55 1.44 -71.22
C ARG R 106 -1.39 2.67 -72.09
N LYS R 107 -2.23 2.82 -73.11
CA LYS R 107 -2.14 4.04 -73.90
C LYS R 107 -2.91 5.18 -73.28
N HIS R 108 -3.90 4.89 -72.43
CA HIS R 108 -4.52 5.96 -71.66
C HIS R 108 -3.53 6.58 -70.68
N LEU R 109 -2.70 5.74 -70.06
CA LEU R 109 -1.79 6.23 -69.03
C LEU R 109 -0.60 6.97 -69.61
N GLU R 110 -0.41 6.96 -70.93
CA GLU R 110 0.62 7.77 -71.53
C GLU R 110 0.25 9.24 -71.57
N GLN R 111 -1.00 9.55 -71.88
CA GLN R 111 -1.47 10.93 -71.91
C GLN R 111 -1.92 11.44 -70.56
N HIS R 112 -2.10 10.57 -69.58
CA HIS R 112 -2.57 10.94 -68.24
C HIS R 112 -1.65 10.32 -67.21
N PRO R 113 -0.42 10.82 -67.08
CA PRO R 113 0.51 10.23 -66.11
C PRO R 113 0.11 10.43 -64.66
N LYS R 114 -0.74 11.40 -64.34
CA LYS R 114 -1.13 11.65 -62.96
C LYS R 114 -2.40 10.94 -62.55
N ASP R 115 -2.96 10.09 -63.41
CA ASP R 115 -4.14 9.32 -63.06
C ASP R 115 -3.69 8.08 -62.29
N LEU R 116 -3.52 8.26 -60.98
CA LEU R 116 -2.97 7.21 -60.15
C LEU R 116 -4.01 6.16 -59.76
N HIS R 117 -5.29 6.50 -59.82
CA HIS R 117 -6.31 5.53 -59.44
C HIS R 117 -6.55 4.53 -60.56
N SER R 118 -6.43 4.96 -61.81
CA SER R 118 -6.56 4.04 -62.93
C SER R 118 -5.35 3.14 -63.07
N MET R 119 -4.23 3.51 -62.44
CA MET R 119 -3.02 2.71 -62.54
C MET R 119 -3.09 1.48 -61.63
N ARG R 120 -3.74 1.61 -60.48
CA ARG R 120 -3.93 0.44 -59.64
C ARG R 120 -4.77 -0.61 -60.34
N GLY R 121 -5.75 -0.19 -61.12
CA GLY R 121 -6.50 -1.13 -61.93
C GLY R 121 -5.61 -1.87 -62.91
N LEU R 122 -4.66 -1.17 -63.52
CA LEU R 122 -3.71 -1.83 -64.40
C LEU R 122 -2.91 -2.88 -63.66
N GLN R 123 -2.45 -2.56 -62.45
CA GLN R 123 -1.67 -3.53 -61.67
C GLN R 123 -2.50 -4.76 -61.34
N LEU R 124 -3.76 -4.58 -60.95
CA LEU R 124 -4.60 -5.73 -60.65
C LEU R 124 -4.86 -6.58 -61.89
N ILE R 125 -5.06 -5.94 -63.05
CA ILE R 125 -5.27 -6.70 -64.28
C ILE R 125 -4.04 -7.54 -64.61
N GLU R 126 -2.86 -6.97 -64.44
CA GLU R 126 -1.65 -7.73 -64.74
C GLU R 126 -1.41 -8.85 -63.74
N SER R 127 -1.81 -8.68 -62.48
CA SER R 127 -1.75 -9.79 -61.54
C SER R 127 -2.64 -10.95 -61.99
N LYS R 128 -3.85 -10.64 -62.44
CA LYS R 128 -4.72 -11.69 -62.97
C LYS R 128 -4.09 -12.39 -64.16
N ILE R 129 -3.47 -11.62 -65.06
CA ILE R 129 -2.82 -12.21 -66.23
C ILE R 129 -1.73 -13.19 -65.80
N ARG R 130 -0.91 -12.81 -64.84
CA ARG R 130 0.17 -13.70 -64.43
C ARG R 130 -0.34 -14.97 -63.77
N ARG R 131 -1.38 -14.86 -62.92
CA ARG R 131 -1.98 -16.08 -62.39
C ARG R 131 -2.44 -17.01 -63.51
N LEU R 132 -3.10 -16.45 -64.52
CA LEU R 132 -3.61 -17.29 -65.60
C LEU R 132 -2.49 -17.93 -66.39
N VAL R 133 -1.43 -17.20 -66.69
CA VAL R 133 -0.36 -17.77 -67.49
C VAL R 133 0.33 -18.88 -66.72
N LYS R 134 0.47 -18.73 -65.41
CA LYS R 134 1.05 -19.82 -64.63
C LYS R 134 0.18 -21.08 -64.71
N TYR R 135 -1.13 -20.92 -64.57
CA TYR R 135 -2.01 -22.08 -64.68
C TYR R 135 -1.90 -22.75 -66.04
N TYR R 136 -1.87 -21.95 -67.11
CA TYR R 136 -1.87 -22.54 -68.45
C TYR R 136 -0.53 -23.18 -68.79
N LYS R 137 0.58 -22.60 -68.31
CA LYS R 137 1.86 -23.25 -68.50
C LYS R 137 1.89 -24.61 -67.83
N ARG R 138 1.34 -24.69 -66.62
CA ARG R 138 1.36 -25.97 -65.90
C ARG R 138 0.60 -27.06 -66.66
N LYS R 139 -0.52 -26.71 -67.29
CA LYS R 139 -1.34 -27.70 -67.97
C LYS R 139 -0.94 -27.94 -69.42
N GLY R 140 0.01 -27.20 -69.95
CA GLY R 140 0.47 -27.41 -71.31
C GLY R 140 -0.32 -26.73 -72.40
N LYS R 141 -1.22 -25.80 -72.07
CA LYS R 141 -1.95 -25.06 -73.09
C LYS R 141 -1.14 -23.93 -73.70
N LEU R 142 0.02 -23.62 -73.14
CA LEU R 142 0.93 -22.60 -73.65
C LEU R 142 2.34 -23.18 -73.74
N PRO R 143 3.17 -22.66 -74.64
CA PRO R 143 4.56 -23.12 -74.72
C PRO R 143 5.34 -22.70 -73.48
N LYS R 144 6.47 -23.39 -73.27
CA LYS R 144 7.32 -23.08 -72.13
C LYS R 144 7.98 -21.71 -72.24
N ASP R 145 8.17 -21.18 -73.45
CA ASP R 145 8.86 -19.92 -73.62
C ASP R 145 7.93 -18.71 -73.61
N TRP R 146 6.62 -18.93 -73.75
CA TRP R 146 5.68 -17.82 -73.87
C TRP R 146 5.77 -16.91 -72.66
N ARG R 147 5.81 -15.61 -72.92
CA ARG R 147 5.94 -14.62 -71.85
C ARG R 147 5.07 -13.42 -72.14
N TYR R 148 4.59 -12.79 -71.08
CA TYR R 148 3.83 -11.56 -71.18
C TYR R 148 4.78 -10.38 -70.98
N ASP R 149 5.08 -9.69 -72.07
CA ASP R 149 5.86 -8.47 -72.03
C ASP R 149 5.03 -7.34 -72.62
N PRO R 150 4.71 -6.32 -71.83
CA PRO R 150 3.79 -5.27 -72.31
C PRO R 150 4.28 -4.52 -73.53
N GLU R 151 5.59 -4.39 -73.72
CA GLU R 151 6.13 -3.68 -74.87
C GLU R 151 5.94 -4.42 -76.19
N GLN R 152 5.53 -5.67 -76.11
CA GLN R 152 5.30 -6.49 -77.30
C GLN R 152 4.18 -5.93 -78.17
N ARG S 3 24.72 -59.75 -68.21
CA ARG S 3 25.46 -59.77 -66.96
C ARG S 3 24.63 -59.23 -65.81
N ASP S 4 24.86 -59.76 -64.61
CA ASP S 4 24.23 -59.25 -63.40
C ASP S 4 25.29 -58.97 -62.35
N ILE S 5 25.12 -57.87 -61.62
CA ILE S 5 26.02 -57.49 -60.54
C ILE S 5 25.33 -57.54 -59.19
N GLY S 6 24.19 -58.21 -59.08
CA GLY S 6 23.55 -58.43 -57.81
C GLY S 6 22.33 -57.59 -57.52
N LEU S 7 22.01 -56.62 -58.37
CA LEU S 7 20.85 -55.77 -58.11
C LEU S 7 19.58 -56.35 -58.72
N ARG S 8 19.72 -57.25 -59.69
CA ARG S 8 18.60 -57.79 -60.46
C ARG S 8 17.84 -56.71 -61.21
N ILE S 9 18.55 -55.92 -62.01
CA ILE S 9 17.95 -54.93 -62.90
C ILE S 9 18.64 -55.03 -64.26
N GLN S 10 18.08 -54.33 -65.24
CA GLN S 10 18.59 -54.44 -66.59
C GLN S 10 19.83 -53.57 -66.79
N PRO S 11 20.85 -54.08 -67.49
CA PRO S 11 22.07 -53.32 -67.69
C PRO S 11 21.88 -52.24 -68.75
N PRO S 12 22.83 -51.32 -68.88
CA PRO S 12 22.73 -50.32 -69.94
C PRO S 12 22.94 -50.93 -71.31
N ALA S 13 22.45 -50.20 -72.31
CA ALA S 13 22.42 -50.73 -73.68
C ALA S 13 23.82 -50.91 -74.25
N GLU S 14 24.67 -49.89 -74.16
CA GLU S 14 25.96 -49.89 -74.81
C GLU S 14 27.08 -50.03 -73.79
N LYS S 15 28.27 -50.35 -74.28
CA LYS S 15 29.43 -50.59 -73.43
C LYS S 15 30.28 -49.33 -73.32
N CYS S 16 31.23 -49.36 -72.41
CA CYS S 16 32.12 -48.22 -72.18
C CYS S 16 33.50 -48.71 -71.81
N ASP S 17 34.41 -47.75 -71.62
CA ASP S 17 35.81 -48.04 -71.33
C ASP S 17 36.25 -47.50 -69.97
N ASP S 18 35.32 -47.07 -69.15
CA ASP S 18 35.67 -46.52 -67.85
C ASP S 18 36.05 -47.66 -66.91
N PRO S 19 37.25 -47.66 -66.33
CA PRO S 19 37.56 -48.67 -65.32
C PRO S 19 36.72 -48.56 -64.07
N LYS S 20 36.10 -47.40 -63.82
CA LYS S 20 35.26 -47.20 -62.66
C LYS S 20 33.79 -47.47 -62.94
N CYS S 21 33.48 -48.17 -64.00
CA CYS S 21 32.09 -48.50 -64.27
C CYS S 21 31.79 -49.89 -63.74
N PRO S 22 30.79 -50.05 -62.87
CA PRO S 22 30.47 -51.39 -62.37
C PRO S 22 29.98 -52.34 -63.44
N TRP S 23 29.37 -51.85 -64.52
CA TRP S 23 28.84 -52.75 -65.54
C TRP S 23 29.92 -53.28 -66.47
N HIS S 24 30.94 -52.48 -66.73
CA HIS S 24 31.94 -52.82 -67.72
C HIS S 24 33.37 -52.73 -67.22
N GLY S 25 33.59 -52.40 -65.95
CA GLY S 25 34.93 -52.23 -65.44
C GLY S 25 35.23 -53.05 -64.19
N HIS S 26 36.15 -52.56 -63.37
CA HIS S 26 36.61 -53.29 -62.20
C HIS S 26 35.96 -52.84 -60.89
N LEU S 27 35.04 -51.88 -60.94
CA LEU S 27 34.46 -51.36 -59.72
C LEU S 27 33.46 -52.35 -59.12
N LYS S 28 33.49 -52.48 -57.81
CA LYS S 28 32.60 -53.37 -57.07
C LYS S 28 31.67 -52.55 -56.19
N ILE S 29 30.42 -52.99 -56.07
CA ILE S 29 29.43 -52.31 -55.25
C ILE S 29 29.03 -53.20 -54.09
N HIS S 30 28.83 -52.59 -52.93
CA HIS S 30 28.46 -53.30 -51.71
C HIS S 30 28.00 -52.30 -50.66
N GLY S 31 26.85 -52.55 -50.04
CA GLY S 31 26.32 -51.67 -49.01
C GLY S 31 24.91 -51.20 -49.33
N ARG S 32 24.68 -49.90 -49.14
CA ARG S 32 23.36 -49.32 -49.34
C ARG S 32 23.03 -49.13 -50.81
N VAL S 33 21.74 -49.04 -51.11
CA VAL S 33 21.23 -48.66 -52.43
C VAL S 33 20.14 -47.63 -52.23
N PHE S 34 20.31 -46.45 -52.83
CA PHE S 34 19.34 -45.37 -52.68
C PHE S 34 18.75 -44.99 -54.02
N GLU S 35 17.68 -44.20 -53.98
CA GLU S 35 16.97 -43.74 -55.16
C GLU S 35 16.71 -42.24 -55.05
N GLY S 36 16.90 -41.51 -56.15
CA GLY S 36 16.78 -40.07 -56.04
C GLY S 36 16.64 -39.36 -57.36
N ILE S 37 16.74 -38.04 -57.30
CA ILE S 37 16.53 -37.14 -58.44
C ILE S 37 17.78 -36.29 -58.63
N VAL S 38 18.25 -36.21 -59.87
CA VAL S 38 19.45 -35.44 -60.20
C VAL S 38 19.14 -33.95 -60.11
N VAL S 39 20.02 -33.19 -59.48
CA VAL S 39 19.85 -31.75 -59.37
C VAL S 39 21.05 -30.97 -59.89
N SER S 40 22.13 -31.63 -60.29
CA SER S 40 23.27 -30.93 -60.84
C SER S 40 24.13 -31.93 -61.61
N ASP S 41 24.64 -31.49 -62.77
CA ASP S 41 25.52 -32.34 -63.57
C ASP S 41 26.66 -31.57 -64.20
N LYS S 42 27.06 -30.44 -63.62
CA LYS S 42 28.09 -29.59 -64.22
C LYS S 42 29.45 -30.25 -64.30
N PRO S 43 30.01 -30.85 -63.24
CA PRO S 43 31.36 -31.40 -63.35
C PRO S 43 31.40 -32.63 -64.24
N ARG S 44 32.60 -32.95 -64.72
CA ARG S 44 32.77 -34.11 -65.59
C ARG S 44 32.54 -35.39 -64.80
N LYS S 45 31.57 -36.19 -65.25
CA LYS S 45 31.28 -37.51 -64.69
C LYS S 45 30.84 -37.45 -63.24
N THR S 46 30.20 -36.37 -62.82
CA THR S 46 29.73 -36.24 -61.46
C THR S 46 28.34 -35.65 -61.45
N VAL S 47 27.45 -36.21 -60.61
CA VAL S 47 26.11 -35.66 -60.45
C VAL S 47 25.79 -35.51 -58.97
N THR S 48 24.81 -34.68 -58.69
CA THR S 48 24.30 -34.46 -57.35
C THR S 48 22.87 -34.99 -57.27
N VAL S 49 22.61 -35.86 -56.30
CA VAL S 49 21.34 -36.56 -56.20
C VAL S 49 20.68 -36.18 -54.87
N GLU S 50 19.41 -35.86 -54.92
CA GLU S 50 18.67 -35.41 -53.74
C GLU S 50 17.57 -36.42 -53.41
N ARG S 51 17.41 -36.69 -52.12
CA ARG S 51 16.34 -37.54 -51.61
C ARG S 51 15.59 -36.80 -50.52
N GLN S 52 14.28 -36.97 -50.47
CA GLN S 52 13.47 -36.28 -49.49
C GLN S 52 12.79 -37.26 -48.55
N TYR S 53 12.73 -36.89 -47.27
CA TYR S 53 12.10 -37.75 -46.28
C TYR S 53 11.49 -36.90 -45.19
N TYR S 54 10.78 -37.55 -44.28
CA TYR S 54 10.11 -36.88 -43.18
C TYR S 54 10.74 -37.24 -41.85
N HIS S 55 10.81 -36.26 -40.96
CA HIS S 55 11.36 -36.40 -39.62
C HIS S 55 10.28 -36.06 -38.61
N TYR S 56 10.11 -36.92 -37.62
CA TYR S 56 9.06 -36.79 -36.62
C TYR S 56 9.56 -35.99 -35.43
N LEU S 57 8.86 -34.91 -35.10
CA LEU S 57 9.17 -34.07 -33.95
C LEU S 57 8.29 -34.50 -32.79
N LYS S 58 8.91 -35.11 -31.79
CA LYS S 58 8.14 -35.81 -30.76
C LYS S 58 7.35 -34.85 -29.87
N LYS S 59 7.96 -33.73 -29.49
CA LYS S 59 7.27 -32.80 -28.60
C LYS S 59 6.05 -32.20 -29.26
N TYR S 60 6.16 -31.83 -30.53
CA TYR S 60 5.08 -31.17 -31.24
C TYR S 60 4.18 -32.13 -32.00
N GLU S 61 4.44 -33.43 -31.90
CA GLU S 61 3.72 -34.49 -32.60
C GLU S 61 3.35 -34.15 -34.03
N ARG S 62 4.31 -33.61 -34.79
CA ARG S 62 4.13 -33.29 -36.19
C ARG S 62 5.40 -33.65 -36.95
N TYR S 63 5.35 -33.52 -38.27
CA TYR S 63 6.45 -33.90 -39.15
C TYR S 63 7.09 -32.68 -39.77
N GLU S 64 8.34 -32.83 -40.18
CA GLU S 64 9.01 -31.83 -41.00
C GLU S 64 9.77 -32.52 -42.11
N LEU S 65 9.95 -31.81 -43.22
CA LEU S 65 10.54 -32.38 -44.42
C LEU S 65 12.02 -32.04 -44.48
N ARG S 66 12.85 -33.05 -44.72
CA ARG S 66 14.29 -32.88 -44.83
C ARG S 66 14.77 -33.49 -46.13
N ARG S 67 15.93 -33.02 -46.59
CA ARG S 67 16.50 -33.46 -47.85
C ARG S 67 17.96 -33.82 -47.68
N SER S 68 18.38 -34.88 -48.36
CA SER S 68 19.73 -35.42 -48.29
C SER S 68 20.36 -35.38 -49.68
N ARG S 69 21.56 -34.82 -49.78
CA ARG S 69 22.22 -34.62 -51.07
C ARG S 69 23.54 -35.38 -51.12
N ILE S 70 23.72 -36.17 -52.17
CA ILE S 70 24.84 -37.09 -52.31
C ILE S 70 25.48 -36.90 -53.68
N HIS S 71 26.81 -36.91 -53.73
CA HIS S 71 27.55 -36.80 -54.99
C HIS S 71 27.90 -38.19 -55.50
N ALA S 72 27.61 -38.44 -56.78
CA ALA S 72 27.77 -39.76 -57.35
C ALA S 72 28.53 -39.71 -58.67
N HIS S 73 29.29 -40.77 -58.92
CA HIS S 73 30.05 -40.93 -60.14
C HIS S 73 29.13 -41.36 -61.28
N ASN S 74 29.30 -40.73 -62.43
CA ASN S 74 28.40 -40.87 -63.57
C ASN S 74 29.13 -41.51 -64.75
N PRO S 75 28.96 -42.81 -65.00
CA PRO S 75 29.71 -43.44 -66.08
C PRO S 75 29.21 -42.99 -67.44
N PRO S 76 30.04 -43.05 -68.48
CA PRO S 76 29.61 -42.56 -69.79
C PRO S 76 28.56 -43.42 -70.46
N CYS S 77 28.45 -44.69 -70.09
CA CYS S 77 27.45 -45.56 -70.68
C CYS S 77 26.03 -45.23 -70.25
N ILE S 78 25.87 -44.52 -69.15
CA ILE S 78 24.55 -44.16 -68.64
C ILE S 78 24.26 -42.69 -68.82
N ASN S 79 25.14 -41.83 -68.32
CA ASN S 79 25.15 -40.41 -68.66
C ASN S 79 23.83 -39.73 -68.31
N ALA S 80 23.55 -39.66 -67.01
CA ALA S 80 22.31 -39.06 -66.55
C ALA S 80 22.37 -37.54 -66.67
N LYS S 81 21.19 -36.93 -66.76
CA LYS S 81 21.05 -35.49 -66.93
C LYS S 81 20.22 -34.93 -65.78
N VAL S 82 20.12 -33.61 -65.75
CA VAL S 82 19.36 -32.97 -64.68
C VAL S 82 17.88 -33.27 -64.85
N GLY S 83 17.26 -33.81 -63.81
CA GLY S 83 15.82 -33.94 -63.76
C GLY S 83 15.28 -35.36 -63.76
N ASP S 84 16.11 -36.38 -63.88
CA ASP S 84 15.58 -37.73 -63.97
C ASP S 84 15.83 -38.54 -62.70
N ARG S 85 15.06 -39.60 -62.55
CA ARG S 85 15.16 -40.49 -61.40
C ARG S 85 16.27 -41.52 -61.64
N VAL S 86 17.16 -41.67 -60.66
CA VAL S 86 18.27 -42.60 -60.78
C VAL S 86 18.39 -43.45 -59.53
N LEU S 87 19.11 -44.55 -59.69
CA LEU S 87 19.43 -45.48 -58.61
C LEU S 87 20.94 -45.48 -58.38
N ILE S 88 21.36 -45.37 -57.12
CA ILE S 88 22.78 -45.26 -56.79
C ILE S 88 23.15 -46.31 -55.76
N ALA S 89 24.43 -46.72 -55.76
CA ALA S 89 24.93 -47.77 -54.89
C ALA S 89 26.26 -47.34 -54.25
N GLU S 90 26.55 -47.89 -53.08
CA GLU S 90 27.72 -47.50 -52.31
C GLU S 90 28.97 -48.27 -52.76
N THR S 91 30.12 -47.59 -52.73
CA THR S 91 31.39 -48.17 -53.14
C THR S 91 32.52 -47.65 -52.26
N ARG S 92 33.74 -47.97 -52.66
CA ARG S 92 34.93 -47.43 -51.99
C ARG S 92 35.09 -45.96 -52.34
N PRO S 93 35.86 -45.21 -51.55
CA PRO S 93 36.06 -43.79 -51.86
C PRO S 93 36.66 -43.58 -53.24
N LEU S 94 36.12 -42.60 -53.96
CA LEU S 94 36.58 -42.26 -55.30
C LEU S 94 37.17 -40.87 -55.40
N SER S 95 36.80 -39.97 -54.52
CA SER S 95 37.40 -38.65 -54.41
C SER S 95 37.12 -38.13 -53.03
N LYS S 96 37.28 -36.83 -52.82
CA LYS S 96 37.02 -36.27 -51.52
C LYS S 96 35.57 -36.45 -51.11
N THR S 97 34.64 -36.27 -52.05
CA THR S 97 33.23 -36.28 -51.72
C THR S 97 32.41 -37.31 -52.46
N LYS S 98 33.02 -38.17 -53.27
CA LYS S 98 32.29 -39.15 -54.06
C LYS S 98 32.47 -40.53 -53.47
N HIS S 99 31.35 -41.18 -53.11
CA HIS S 99 31.39 -42.53 -52.58
C HIS S 99 30.27 -43.40 -53.13
N PHE S 100 29.54 -42.93 -54.13
CA PHE S 100 28.44 -43.65 -54.73
C PHE S 100 28.61 -43.62 -56.25
N VAL S 101 27.94 -44.54 -56.93
CA VAL S 101 27.98 -44.60 -58.39
C VAL S 101 26.57 -44.82 -58.91
N VAL S 102 26.23 -44.19 -60.03
CA VAL S 102 24.93 -44.36 -60.65
C VAL S 102 24.89 -45.68 -61.39
N VAL S 103 23.89 -46.52 -61.09
CA VAL S 103 23.79 -47.84 -61.70
C VAL S 103 22.58 -48.00 -62.60
N ALA S 104 21.65 -47.06 -62.63
CA ALA S 104 20.49 -47.16 -63.51
C ALA S 104 19.74 -45.85 -63.54
N VAL S 105 19.18 -45.52 -64.69
CA VAL S 105 18.21 -44.45 -64.83
C VAL S 105 16.82 -45.08 -64.91
N LEU S 106 15.97 -44.78 -63.95
CA LEU S 106 14.66 -45.40 -63.90
C LEU S 106 13.64 -44.68 -64.77
N GLU S 107 13.72 -43.35 -64.83
CA GLU S 107 12.74 -42.58 -65.61
C GLU S 107 13.44 -41.34 -66.15
N ARG S 108 13.70 -41.33 -67.45
CA ARG S 108 14.35 -40.18 -68.07
C ARG S 108 13.45 -38.95 -67.96
N ALA S 109 14.06 -37.80 -67.80
CA ALA S 109 13.31 -36.55 -67.60
C ALA S 109 12.45 -36.21 -68.80
N GLY T 2 -47.62 25.38 6.28
CA GLY T 2 -48.71 24.89 5.48
C GLY T 2 -49.73 24.12 6.28
N LYS T 3 -50.96 24.13 5.82
CA LYS T 3 -52.06 23.46 6.51
C LYS T 3 -52.30 22.09 5.90
N ILE T 4 -51.34 21.20 6.09
CA ILE T 4 -51.44 19.82 5.60
C ILE T 4 -52.08 18.98 6.69
N ARG T 5 -53.17 18.29 6.36
CA ARG T 5 -53.86 17.45 7.33
C ARG T 5 -52.99 16.27 7.73
N GLN T 6 -53.10 15.88 8.99
CA GLN T 6 -52.25 14.82 9.53
C GLN T 6 -52.82 13.43 9.20
N GLY T 7 -51.93 12.45 9.19
CA GLY T 7 -52.31 11.13 8.72
C GLY T 7 -53.33 10.44 9.61
N PHE T 8 -53.10 10.47 10.92
CA PHE T 8 -53.99 9.71 11.80
C PHE T 8 -55.36 10.36 11.90
N ILE T 9 -55.42 11.68 11.72
CA ILE T 9 -56.71 12.37 11.64
C ILE T 9 -57.51 11.82 10.47
N LYS T 10 -56.88 11.73 9.29
CA LYS T 10 -57.56 11.19 8.12
C LYS T 10 -58.00 9.76 8.35
N ARG T 11 -57.14 8.95 8.95
CA ARG T 11 -57.47 7.54 9.11
C ARG T 11 -58.66 7.36 10.03
N VAL T 12 -58.67 8.04 11.18
CA VAL T 12 -59.79 7.87 12.10
C VAL T 12 -61.06 8.46 11.49
N ALA T 13 -60.95 9.58 10.78
CA ALA T 13 -62.14 10.18 10.19
C ALA T 13 -62.75 9.28 9.13
N ARG T 14 -61.91 8.66 8.30
CA ARG T 14 -62.44 7.75 7.29
C ARG T 14 -63.08 6.53 7.93
N GLU T 15 -62.47 6.00 9.00
CA GLU T 15 -63.11 4.89 9.69
C GLU T 15 -64.49 5.29 10.23
N LEU T 16 -64.59 6.47 10.82
CA LEU T 16 -65.89 6.90 11.35
C LEU T 16 -66.93 7.05 10.25
N PHE T 17 -66.53 7.61 9.11
CA PHE T 17 -67.48 7.90 8.04
C PHE T 17 -68.07 6.63 7.45
N ASN T 18 -67.25 5.61 7.23
CA ASN T 18 -67.76 4.35 6.69
C ASN T 18 -68.70 3.65 7.67
N LYS T 19 -68.36 3.67 8.95
CA LYS T 19 -69.08 2.83 9.91
C LYS T 19 -70.45 3.39 10.26
N TYR T 20 -70.58 4.71 10.31
CA TYR T 20 -71.84 5.36 10.67
C TYR T 20 -72.20 6.38 9.59
N PRO T 21 -72.49 5.91 8.37
CA PRO T 21 -72.70 6.86 7.26
C PRO T 21 -73.83 7.84 7.50
N ASN T 22 -74.92 7.38 8.11
CA ASN T 22 -76.08 8.24 8.36
C ASN T 22 -76.03 8.84 9.75
N GLU T 23 -74.93 9.53 10.06
CA GLU T 23 -74.77 10.16 11.35
C GLU T 23 -74.24 11.58 11.28
N PHE T 24 -73.71 12.00 10.15
CA PHE T 24 -73.07 13.29 10.01
C PHE T 24 -73.73 14.08 8.89
N THR T 25 -73.80 15.39 9.06
CA THR T 25 -74.41 16.30 8.10
C THR T 25 -73.34 17.26 7.60
N ARG T 26 -73.78 18.27 6.84
CA ARG T 26 -72.91 19.32 6.36
C ARG T 26 -72.71 20.44 7.36
N ASP T 27 -73.00 20.19 8.63
CA ASP T 27 -72.92 21.20 9.68
C ASP T 27 -71.76 20.84 10.61
N PHE T 28 -70.95 21.85 10.95
CA PHE T 28 -69.73 21.59 11.71
C PHE T 28 -70.03 21.34 13.19
N GLU T 29 -71.00 22.05 13.75
CA GLU T 29 -71.31 21.90 15.18
C GLU T 29 -71.87 20.50 15.47
N HIS T 30 -72.78 20.04 14.62
CA HIS T 30 -73.37 18.74 14.81
C HIS T 30 -72.29 17.66 14.81
N ASN T 31 -71.41 17.71 13.82
CA ASN T 31 -70.32 16.75 13.75
C ASN T 31 -69.37 16.88 14.93
N LYS T 32 -69.16 18.10 15.42
CA LYS T 32 -68.30 18.28 16.58
C LYS T 32 -68.83 17.49 17.78
N LYS T 33 -70.12 17.67 18.08
CA LYS T 33 -70.70 16.93 19.19
C LYS T 33 -70.70 15.43 18.94
N LYS T 34 -71.00 15.01 17.71
CA LYS T 34 -71.07 13.59 17.43
C LYS T 34 -69.72 12.92 17.59
N VAL T 35 -68.66 13.54 17.07
CA VAL T 35 -67.32 12.99 17.23
C VAL T 35 -66.95 12.96 18.69
N GLU T 36 -67.29 14.01 19.44
CA GLU T 36 -67.00 14.01 20.86
C GLU T 36 -67.63 12.82 21.56
N GLU T 37 -68.81 12.39 21.10
CA GLU T 37 -69.46 11.27 21.78
C GLU T 37 -69.03 9.90 21.27
N LEU T 38 -68.59 9.78 20.01
CA LEU T 38 -68.36 8.46 19.44
C LEU T 38 -66.93 7.97 19.57
N THR T 39 -66.02 8.76 20.15
CA THR T 39 -64.63 8.34 20.32
C THR T 39 -64.17 8.75 21.71
N ASN T 40 -62.94 8.36 22.05
CA ASN T 40 -62.35 8.68 23.33
C ASN T 40 -61.31 9.79 23.21
N VAL T 41 -61.40 10.60 22.16
CA VAL T 41 -60.44 11.69 21.97
C VAL T 41 -60.60 12.68 23.11
N THR T 42 -59.47 13.06 23.71
CA THR T 42 -59.46 13.91 24.89
C THR T 42 -58.93 15.31 24.64
N SER T 43 -58.36 15.57 23.47
CA SER T 43 -57.87 16.91 23.14
C SER T 43 -58.91 17.66 22.34
N LYS T 44 -59.16 18.91 22.73
CA LYS T 44 -60.16 19.71 22.04
C LYS T 44 -59.74 20.05 20.62
N LYS T 45 -58.44 20.25 20.38
CA LYS T 45 -57.96 20.64 19.06
C LYS T 45 -58.09 19.48 18.05
N ILE T 46 -57.69 18.28 18.46
CA ILE T 46 -57.79 17.12 17.58
C ILE T 46 -59.23 16.87 17.18
N ARG T 47 -60.16 17.07 18.12
CA ARG T 47 -61.57 16.87 17.82
C ARG T 47 -62.03 17.81 16.73
N ASN T 48 -61.61 19.07 16.79
CA ASN T 48 -61.98 20.03 15.76
C ASN T 48 -61.42 19.63 14.40
N ARG T 49 -60.17 19.17 14.36
CA ARG T 49 -59.60 18.75 13.09
C ARG T 49 -60.39 17.58 12.48
N ILE T 50 -60.72 16.60 13.31
CA ILE T 50 -61.47 15.44 12.83
C ILE T 50 -62.83 15.86 12.30
N ALA T 51 -63.54 16.70 13.06
CA ALA T 51 -64.87 17.12 12.64
C ALA T 51 -64.82 17.89 11.33
N GLY T 52 -63.84 18.77 11.17
CA GLY T 52 -63.73 19.49 9.91
C GLY T 52 -63.51 18.57 8.73
N TYR T 53 -62.62 17.59 8.88
CA TYR T 53 -62.38 16.67 7.78
C TYR T 53 -63.62 15.86 7.45
N ILE T 54 -64.35 15.42 8.47
CA ILE T 54 -65.56 14.65 8.22
C ILE T 54 -66.60 15.49 7.50
N THR T 55 -66.71 16.77 7.86
CA THR T 55 -67.63 17.65 7.15
C THR T 55 -67.27 17.74 5.68
N LYS T 56 -65.98 17.86 5.38
CA LYS T 56 -65.59 17.88 3.97
C LYS T 56 -65.95 16.58 3.28
N LEU T 57 -65.76 15.44 3.95
CA LEU T 57 -66.12 14.16 3.34
C LEU T 57 -67.60 14.11 3.02
N VAL T 58 -68.44 14.58 3.94
CA VAL T 58 -69.88 14.54 3.72
C VAL T 58 -70.27 15.38 2.53
N ARG T 59 -69.74 16.60 2.46
CA ARG T 59 -70.10 17.44 1.31
C ARG T 59 -69.53 16.88 0.02
N MET T 60 -68.41 16.17 0.06
CA MET T 60 -67.82 15.66 -1.16
C MET T 60 -68.55 14.44 -1.69
N LYS T 61 -68.99 13.55 -0.79
CA LYS T 61 -69.74 12.39 -1.26
C LYS T 61 -71.15 12.78 -1.65
N GLU T 62 -71.75 13.75 -0.98
CA GLU T 62 -73.06 14.24 -1.37
C GLU T 62 -73.03 14.83 -2.78
N GLU T 63 -71.88 15.37 -3.18
CA GLU T 63 -71.72 15.82 -4.55
C GLU T 63 -71.54 14.65 -5.51
N GLY T 64 -71.10 13.50 -5.01
CA GLY T 64 -70.83 12.36 -5.86
C GLY T 64 -69.47 12.36 -6.51
N LYS T 65 -68.57 13.22 -6.06
CA LYS T 65 -67.21 13.30 -6.60
C LYS T 65 -67.23 13.59 -8.10
N LYS U 4 11.59 76.48 61.50
CA LYS U 4 11.86 75.35 60.62
C LYS U 4 11.94 74.07 61.42
N GLU U 5 11.36 74.10 62.61
CA GLU U 5 11.19 72.89 63.40
C GLU U 5 10.13 72.01 62.74
N PHE U 6 9.77 70.93 63.42
CA PHE U 6 8.68 70.08 62.95
C PHE U 6 7.41 70.40 63.74
N ARG U 7 6.29 70.49 63.04
CA ARG U 7 4.99 70.63 63.68
C ARG U 7 3.99 69.78 62.90
N TYR U 8 3.03 69.18 63.60
CA TYR U 8 2.06 68.31 62.95
C TYR U 8 0.69 68.92 62.82
N ARG U 9 0.16 69.57 63.85
CA ARG U 9 -1.04 70.38 63.71
C ARG U 9 -0.88 71.64 64.52
N GLY U 10 0.33 72.16 64.57
CA GLY U 10 0.66 73.22 65.50
C GLY U 10 1.32 72.75 66.77
N TYR U 11 1.75 71.49 66.82
CA TYR U 11 2.39 70.90 67.99
C TYR U 11 3.80 70.49 67.64
N THR U 12 4.73 70.71 68.56
CA THR U 12 6.06 70.18 68.40
C THR U 12 6.05 68.67 68.66
N LEU U 13 7.21 68.06 68.46
CA LEU U 13 7.31 66.62 68.66
C LEU U 13 7.05 66.22 70.11
N GLU U 14 7.58 67.01 71.07
CA GLU U 14 7.45 66.64 72.46
C GLU U 14 6.01 66.66 72.92
N GLN U 15 5.26 67.68 72.50
CA GLN U 15 3.84 67.73 72.83
C GLN U 15 3.10 66.52 72.29
N LEU U 16 3.52 66.02 71.14
CA LEU U 16 2.94 64.78 70.62
C LEU U 16 3.34 63.59 71.47
N MET U 17 4.55 63.60 72.02
CA MET U 17 5.01 62.48 72.83
C MET U 17 4.15 62.29 74.07
N ASN U 18 3.80 63.38 74.74
CA ASN U 18 3.01 63.32 75.97
C ASN U 18 1.53 63.47 75.66
N MET U 19 1.01 62.52 74.90
CA MET U 19 -0.40 62.50 74.54
C MET U 19 -0.96 61.11 74.74
N SER U 20 -2.20 61.05 75.25
CA SER U 20 -2.92 59.79 75.27
C SER U 20 -3.21 59.35 73.84
N LEU U 21 -3.35 58.04 73.67
CA LEU U 21 -3.64 57.51 72.34
C LEU U 21 -4.95 58.06 71.82
N GLU U 22 -5.87 58.39 72.72
CA GLU U 22 -7.13 58.99 72.29
C GLU U 22 -6.95 60.43 71.84
N GLU U 23 -6.14 61.20 72.58
CA GLU U 23 -5.92 62.59 72.20
C GLU U 23 -5.20 62.68 70.86
N LEU U 24 -4.24 61.79 70.63
CA LEU U 24 -3.56 61.76 69.35
C LEU U 24 -4.50 61.36 68.23
N ALA U 25 -5.49 60.51 68.51
CA ALA U 25 -6.36 60.01 67.45
C ALA U 25 -7.23 61.12 66.87
N LYS U 26 -7.37 62.24 67.57
CA LYS U 26 -8.17 63.34 67.05
C LYS U 26 -7.41 64.18 66.03
N LEU U 27 -6.11 63.97 65.88
CA LEU U 27 -5.33 64.71 64.92
C LEU U 27 -5.09 63.95 63.62
N LEU U 28 -5.14 62.64 63.65
CA LEU U 28 -4.88 61.84 62.48
C LEU U 28 -6.05 61.89 61.50
N PRO U 29 -5.82 61.52 60.25
CA PRO U 29 -6.94 61.39 59.30
C PRO U 29 -7.95 60.32 59.71
N ALA U 30 -9.08 60.26 59.01
CA ALA U 30 -10.20 59.44 59.46
C ALA U 30 -9.84 57.96 59.49
N ARG U 31 -9.10 57.49 58.49
CA ARG U 31 -8.76 56.07 58.46
C ARG U 31 -7.95 55.65 59.68
N GLN U 32 -6.95 56.45 60.05
CA GLN U 32 -6.17 56.16 61.24
C GLN U 32 -7.00 56.24 62.50
N ARG U 33 -7.91 57.21 62.58
CA ARG U 33 -8.76 57.33 63.75
C ARG U 33 -9.65 56.12 63.93
N ARG U 34 -10.27 55.65 62.85
CA ARG U 34 -11.11 54.45 62.96
C ARG U 34 -10.27 53.23 63.32
N SER U 35 -9.08 53.10 62.74
CA SER U 35 -8.24 51.95 63.07
C SER U 35 -7.84 51.95 64.54
N LEU U 36 -7.51 53.12 65.08
CA LEU U 36 -7.13 53.18 66.49
C LEU U 36 -8.33 52.95 67.41
N LYS U 37 -9.49 53.50 67.05
CA LYS U 37 -10.66 53.36 67.91
C LYS U 37 -11.10 51.91 68.02
N ARG U 38 -10.92 51.13 66.95
CA ARG U 38 -11.35 49.74 66.97
C ARG U 38 -10.38 48.81 67.67
N GLY U 39 -9.25 49.33 68.15
CA GLY U 39 -8.30 48.54 68.89
C GLY U 39 -7.21 47.97 68.00
N LEU U 40 -6.13 47.53 68.64
CA LEU U 40 -4.99 46.96 67.94
C LEU U 40 -5.06 45.44 67.97
N THR U 41 -4.58 44.82 66.89
CA THR U 41 -4.53 43.37 66.82
C THR U 41 -3.41 42.82 67.69
N PRO U 42 -3.48 41.54 68.07
CA PRO U 42 -2.43 40.99 68.95
C PRO U 42 -1.02 41.12 68.42
N GLU U 43 -0.82 40.94 67.11
CA GLU U 43 0.50 41.08 66.54
C GLU U 43 1.03 42.49 66.74
N GLN U 44 0.17 43.48 66.53
CA GLN U 44 0.57 44.85 66.79
C GLN U 44 0.89 45.07 68.25
N LYS U 45 0.19 44.38 69.15
CA LYS U 45 0.51 44.49 70.57
C LYS U 45 1.92 44.00 70.85
N LYS U 46 2.30 42.85 70.29
CA LYS U 46 3.65 42.36 70.51
C LYS U 46 4.68 43.30 69.92
N LEU U 47 4.43 43.83 68.72
CA LEU U 47 5.38 44.75 68.12
C LEU U 47 5.56 46.00 68.96
N LEU U 48 4.45 46.53 69.48
CA LEU U 48 4.52 47.72 70.33
C LEU U 48 5.27 47.44 71.61
N ARG U 49 5.08 46.25 72.19
CA ARG U 49 5.84 45.88 73.38
C ARG U 49 7.34 45.88 73.09
N LYS U 50 7.72 45.29 71.96
CA LYS U 50 9.14 45.29 71.60
C LYS U 50 9.67 46.70 71.41
N ILE U 51 8.87 47.57 70.79
CA ILE U 51 9.31 48.94 70.54
C ILE U 51 9.53 49.69 71.85
N ARG U 52 8.60 49.55 72.79
CA ARG U 52 8.75 50.22 74.08
C ARG U 52 9.97 49.69 74.83
N LEU U 53 10.19 48.37 74.77
CA LEU U 53 11.39 47.82 75.39
C LEU U 53 12.65 48.43 74.79
N ALA U 54 12.71 48.49 73.47
CA ALA U 54 13.90 49.04 72.81
C ALA U 54 14.12 50.49 73.21
N LYS U 55 13.04 51.26 73.33
CA LYS U 55 13.19 52.65 73.74
C LYS U 55 13.70 52.75 75.17
N LYS U 56 13.25 51.86 76.06
CA LYS U 56 13.67 51.94 77.46
C LYS U 56 15.16 51.73 77.66
N GLY U 57 15.86 51.14 76.71
CA GLY U 57 17.29 50.87 76.84
C GLY U 57 17.66 49.41 76.83
N LYS U 58 16.69 48.52 76.67
CA LYS U 58 16.93 47.09 76.55
C LYS U 58 16.74 46.69 75.09
N TYR U 59 16.80 45.39 74.84
CA TYR U 59 16.60 44.83 73.50
C TYR U 59 17.55 45.46 72.50
N ASN U 60 18.84 45.21 72.66
CA ASN U 60 19.83 45.69 71.69
C ASN U 60 19.94 44.75 70.50
N LYS U 61 18.80 44.52 69.84
CA LYS U 61 18.74 43.70 68.65
C LYS U 61 17.86 44.36 67.60
N PRO U 62 18.09 44.10 66.32
CA PRO U 62 17.25 44.68 65.28
C PRO U 62 15.81 44.19 65.38
N ILE U 63 14.89 45.07 64.99
CA ILE U 63 13.47 44.75 65.03
C ILE U 63 12.96 44.28 63.66
N ARG U 64 12.47 43.04 63.62
CA ARG U 64 11.95 42.46 62.39
C ARG U 64 10.48 42.13 62.56
N THR U 65 9.64 42.54 61.61
CA THR U 65 8.21 42.29 61.73
C THR U 65 7.45 42.08 60.42
N HIS U 66 6.46 41.20 60.49
CA HIS U 66 5.57 40.88 59.39
C HIS U 66 4.35 41.79 59.33
N CYS U 67 4.26 42.79 60.21
CA CYS U 67 3.06 43.61 60.33
C CYS U 67 3.16 44.81 59.40
N ARG U 68 2.58 44.68 58.20
CA ARG U 68 2.60 45.78 57.25
C ARG U 68 1.50 46.80 57.51
N ASP U 69 0.52 46.47 58.35
CA ASP U 69 -0.61 47.35 58.60
C ASP U 69 -0.48 48.13 59.90
N MET U 70 0.69 48.13 60.50
CA MET U 70 0.92 48.93 61.71
C MET U 70 1.02 50.40 61.36
N ILE U 71 0.39 51.23 62.15
CA ILE U 71 0.44 52.68 61.97
C ILE U 71 1.63 53.23 62.72
N VAL U 72 2.37 54.13 62.07
CA VAL U 72 3.51 54.79 62.69
C VAL U 72 3.02 55.76 63.75
N LEU U 73 3.61 55.67 64.93
CA LEU U 73 3.29 56.49 66.09
C LEU U 73 4.48 57.34 66.50
N PRO U 74 4.25 58.47 67.17
CA PRO U 74 5.38 59.36 67.52
C PRO U 74 6.44 58.71 68.37
N GLU U 75 6.07 57.82 69.28
CA GLU U 75 7.07 57.19 70.14
C GLU U 75 7.97 56.22 69.40
N MET U 76 7.65 55.90 68.14
CA MET U 76 8.49 55.04 67.33
C MET U 76 9.55 55.81 66.55
N VAL U 77 9.64 57.12 66.71
CA VAL U 77 10.55 57.93 65.90
C VAL U 77 11.98 57.68 66.36
N GLY U 78 12.87 57.51 65.39
CA GLY U 78 14.27 57.32 65.65
C GLY U 78 14.74 55.88 65.56
N LEU U 79 13.82 54.93 65.55
CA LEU U 79 14.19 53.54 65.44
C LEU U 79 14.22 53.11 63.98
N THR U 80 14.86 51.98 63.72
CA THR U 80 14.93 51.38 62.39
C THR U 80 14.26 50.03 62.44
N ILE U 81 13.30 49.81 61.54
CA ILE U 81 12.47 48.62 61.54
C ILE U 81 12.63 47.91 60.21
N TYR U 82 12.59 46.58 60.24
CA TYR U 82 12.74 45.76 59.05
C TYR U 82 11.39 45.14 58.71
N VAL U 83 10.81 45.61 57.61
CA VAL U 83 9.44 45.26 57.23
C VAL U 83 9.49 44.25 56.09
N HIS U 84 8.76 43.16 56.25
CA HIS U 84 8.71 42.13 55.23
C HIS U 84 8.03 42.65 53.98
N ASN U 85 8.65 42.39 52.82
CA ASN U 85 8.08 42.81 51.54
C ASN U 85 7.59 41.62 50.72
N GLY U 86 7.59 40.43 51.32
CA GLY U 86 7.21 39.25 50.58
C GLY U 86 8.33 38.24 50.50
N LYS U 87 9.56 38.71 50.28
CA LYS U 87 10.69 37.79 50.26
C LYS U 87 11.87 38.20 51.12
N GLU U 88 11.95 39.43 51.61
CA GLU U 88 13.03 39.82 52.51
C GLU U 88 12.62 41.04 53.30
N PHE U 89 13.39 41.30 54.36
CA PHE U 89 13.09 42.40 55.27
C PHE U 89 13.93 43.60 54.87
N VAL U 90 13.29 44.74 54.66
CA VAL U 90 13.99 45.94 54.23
C VAL U 90 14.04 46.94 55.38
N PRO U 91 15.13 47.68 55.54
CA PRO U 91 15.22 48.65 56.64
C PRO U 91 14.46 49.92 56.33
N VAL U 92 13.78 50.44 57.35
CA VAL U 92 13.07 51.71 57.26
C VAL U 92 13.52 52.56 58.45
N GLU U 93 13.94 53.79 58.18
CA GLU U 93 14.35 54.72 59.22
C GLU U 93 13.23 55.72 59.45
N ILE U 94 12.62 55.68 60.62
CA ILE U 94 11.41 56.44 60.87
C ILE U 94 11.77 57.90 61.14
N LYS U 95 11.22 58.79 60.35
CA LYS U 95 11.40 60.23 60.39
C LYS U 95 10.12 60.90 60.86
N PRO U 96 10.21 62.12 61.42
CA PRO U 96 9.00 62.74 61.99
C PRO U 96 7.86 62.91 61.01
N GLU U 97 8.15 63.15 59.73
CA GLU U 97 7.09 63.36 58.77
C GLU U 97 6.41 62.07 58.33
N MET U 98 6.67 60.95 59.00
CA MET U 98 6.00 59.69 58.70
C MET U 98 4.82 59.41 59.60
N ILE U 99 4.51 60.30 60.55
CA ILE U 99 3.45 60.02 61.50
C ILE U 99 2.12 59.90 60.77
N GLY U 100 1.41 58.81 61.01
CA GLY U 100 0.11 58.60 60.41
C GLY U 100 0.08 57.71 59.19
N HIS U 101 1.19 57.08 58.84
CA HIS U 101 1.26 56.22 57.67
C HIS U 101 1.44 54.77 58.07
N TYR U 102 0.97 53.86 57.22
CA TYR U 102 1.23 52.45 57.44
C TYR U 102 2.68 52.12 57.10
N LEU U 103 3.22 51.11 57.79
CA LEU U 103 4.60 50.72 57.53
C LEU U 103 4.78 50.21 56.10
N GLY U 104 3.80 49.47 55.59
CA GLY U 104 3.92 48.87 54.28
C GLY U 104 4.15 49.85 53.16
N GLU U 105 3.81 51.13 53.38
CA GLU U 105 4.05 52.14 52.36
C GLU U 105 5.51 52.35 52.07
N PHE U 106 6.40 51.89 52.95
CA PHE U 106 7.83 52.13 52.78
C PHE U 106 8.59 50.88 52.37
N ALA U 107 7.89 49.82 51.99
CA ALA U 107 8.52 48.55 51.59
C ALA U 107 7.85 48.02 50.33
N PRO U 108 8.28 48.49 49.16
CA PRO U 108 7.63 48.08 47.91
C PRO U 108 7.70 46.57 47.70
N THR U 109 6.63 46.01 47.14
CA THR U 109 6.54 44.57 46.91
C THR U 109 6.72 44.16 45.46
N ARG U 110 6.82 45.11 44.53
CA ARG U 110 7.07 44.80 43.14
C ARG U 110 8.30 45.55 42.66
N LYS U 111 8.96 44.97 41.67
CA LYS U 111 10.15 45.57 41.08
C LYS U 111 9.75 46.48 39.92
N ARG U 112 10.51 47.56 39.73
CA ARG U 112 10.23 48.48 38.64
C ARG U 112 10.41 47.79 37.29
N VAL U 113 9.59 48.16 36.32
CA VAL U 113 9.53 47.45 35.04
C VAL U 113 10.36 48.20 34.00
N GLN U 114 11.33 47.49 33.43
CA GLN U 114 12.10 47.97 32.28
C GLN U 114 11.80 47.03 31.12
N HIS U 115 11.10 47.52 30.11
CA HIS U 115 10.59 46.65 29.07
C HIS U 115 11.67 46.24 28.08
N GLY U 116 11.49 45.05 27.51
CA GLY U 116 12.35 44.56 26.45
C GLY U 116 11.72 44.74 25.08
N ALA U 117 12.18 43.94 24.14
CA ALA U 117 11.65 43.99 22.79
C ALA U 117 10.42 43.09 22.68
N PRO U 118 9.32 43.59 22.09
CA PRO U 118 8.12 42.75 21.95
C PRO U 118 8.42 41.47 21.18
N GLY U 119 7.89 40.37 21.67
CA GLY U 119 8.15 39.06 21.11
C GLY U 119 7.12 38.66 20.07
N ILE U 120 7.20 37.39 19.67
CA ILE U 120 6.33 36.89 18.61
C ILE U 120 4.90 36.81 19.12
N GLY U 121 3.97 37.33 18.33
CA GLY U 121 2.59 37.43 18.75
C GLY U 121 2.23 38.72 19.45
N ALA U 122 3.16 39.67 19.54
CA ALA U 122 2.84 40.96 20.13
C ALA U 122 2.02 41.84 19.20
N THR U 123 2.07 41.59 17.90
CA THR U 123 1.24 42.31 16.94
C THR U 123 0.45 41.31 16.12
N ARG U 124 -0.43 41.84 15.27
CA ARG U 124 -1.22 40.98 14.41
C ARG U 124 -0.36 40.26 13.38
N SER U 125 0.63 40.95 12.83
CA SER U 125 1.43 40.42 11.75
C SER U 125 2.44 39.37 12.19
N SER U 126 2.74 39.29 13.48
CA SER U 126 3.76 38.37 13.98
C SER U 126 3.22 36.97 14.25
N MET U 127 1.91 36.77 14.24
CA MET U 127 1.34 35.46 14.51
C MET U 127 1.53 34.51 13.34
N ALA V 2 -64.36 74.59 45.73
CA ALA V 2 -63.13 74.24 45.03
C ALA V 2 -62.11 73.68 46.01
N THR V 3 -61.34 72.69 45.56
CA THR V 3 -60.33 72.05 46.39
C THR V 3 -59.00 72.04 45.64
N VAL V 4 -57.99 71.49 46.30
CA VAL V 4 -56.66 71.39 45.70
C VAL V 4 -56.70 70.51 44.46
N TYR V 5 -57.63 69.56 44.40
CA TYR V 5 -57.69 68.65 43.27
C TYR V 5 -58.15 69.33 41.98
N ASP V 6 -58.57 70.58 42.03
CA ASP V 6 -59.15 71.23 40.86
C ASP V 6 -58.20 72.17 40.14
N VAL V 7 -56.95 72.30 40.57
CA VAL V 7 -56.06 73.29 39.98
C VAL V 7 -54.69 72.67 39.75
N PRO V 8 -53.93 73.18 38.79
CA PRO V 8 -52.60 72.62 38.52
C PRO V 8 -51.68 72.77 39.72
N GLY V 9 -50.79 71.79 39.89
CA GLY V 9 -49.96 71.79 41.08
C GLY V 9 -48.98 72.94 41.17
N ASP V 10 -48.23 73.17 40.08
CA ASP V 10 -47.18 74.18 40.07
C ASP V 10 -47.68 75.60 40.34
N LEU V 11 -48.81 75.95 39.75
CA LEU V 11 -49.39 77.27 39.98
C LEU V 11 -49.79 77.45 41.45
N LEU V 12 -50.41 76.41 42.02
CA LEU V 12 -50.76 76.47 43.43
C LEU V 12 -49.54 76.61 44.30
N VAL V 13 -48.46 75.88 43.96
CA VAL V 13 -47.24 75.97 44.76
C VAL V 13 -46.67 77.37 44.70
N GLU V 14 -46.71 78.00 43.53
CA GLU V 14 -46.20 79.37 43.42
C GLU V 14 -47.00 80.33 44.29
N ARG V 15 -48.33 80.26 44.21
CA ARG V 15 -49.15 81.16 45.02
C ARG V 15 -48.93 80.93 46.51
N VAL V 16 -48.87 79.67 46.93
CA VAL V 16 -48.69 79.35 48.34
C VAL V 16 -47.33 79.81 48.83
N ALA V 17 -46.30 79.65 48.00
CA ALA V 17 -44.97 80.12 48.38
C ALA V 17 -44.96 81.62 48.56
N GLN V 18 -45.66 82.35 47.69
CA GLN V 18 -45.78 83.79 47.90
C GLN V 18 -46.49 84.08 49.22
N ARG V 19 -47.53 83.34 49.52
CA ARG V 19 -48.32 83.61 50.72
C ARG V 19 -47.59 83.26 52.01
N LEU V 20 -46.65 82.31 51.96
CA LEU V 20 -46.00 81.84 53.19
C LEU V 20 -45.01 82.85 53.76
N LYS V 21 -44.74 83.94 53.06
CA LYS V 21 -43.76 84.90 53.57
C LYS V 21 -44.33 85.82 54.64
N GLU V 22 -45.62 85.72 54.94
CA GLU V 22 -46.21 86.53 56.00
C GLU V 22 -46.32 85.79 57.33
N ILE V 23 -46.02 84.50 57.37
CA ILE V 23 -46.13 83.70 58.58
C ILE V 23 -44.80 83.75 59.31
N PRO V 24 -44.75 84.28 60.53
CA PRO V 24 -43.45 84.52 61.18
C PRO V 24 -42.65 83.26 61.50
N GLU V 25 -43.28 82.09 61.58
CA GLU V 25 -42.56 80.90 62.00
C GLU V 25 -41.79 80.22 60.87
N ILE V 26 -41.90 80.70 59.64
CA ILE V 26 -41.16 80.14 58.52
C ILE V 26 -39.98 81.06 58.24
N LYS V 27 -38.80 80.67 58.73
CA LYS V 27 -37.59 81.44 58.49
C LYS V 27 -36.53 80.43 58.10
N PRO V 28 -35.86 80.61 56.98
CA PRO V 28 -34.81 79.68 56.57
C PRO V 28 -33.70 79.64 57.60
N PRO V 29 -33.16 78.46 57.88
CA PRO V 29 -32.13 78.33 58.90
C PRO V 29 -30.84 79.04 58.50
N GLU V 30 -29.86 78.96 59.39
CA GLU V 30 -28.61 79.68 59.17
C GLU V 30 -27.74 79.05 58.09
N TRP V 31 -27.80 77.74 57.91
CA TRP V 31 -26.98 77.07 56.91
C TRP V 31 -27.66 77.00 55.55
N ALA V 32 -28.85 77.58 55.40
CA ALA V 32 -29.53 77.59 54.12
C ALA V 32 -28.72 78.18 52.97
N PRO V 33 -27.96 79.26 53.14
CA PRO V 33 -27.24 79.83 51.99
C PRO V 33 -26.20 78.90 51.36
N PHE V 34 -25.75 77.85 52.04
CA PHE V 34 -24.56 77.14 51.62
C PHE V 34 -24.74 75.69 51.19
N VAL V 35 -25.96 75.22 50.95
CA VAL V 35 -26.19 73.79 50.79
C VAL V 35 -26.87 73.50 49.47
N LYS V 36 -26.65 72.27 48.99
CA LYS V 36 -27.43 71.67 47.92
C LYS V 36 -28.61 70.91 48.48
N THR V 37 -29.63 70.70 47.67
CA THR V 37 -30.79 69.94 48.10
C THR V 37 -30.69 68.48 47.65
N GLY V 38 -29.59 67.83 48.02
CA GLY V 38 -29.42 66.43 47.70
C GLY V 38 -28.07 66.08 47.10
N ARG V 39 -27.63 64.84 47.31
CA ARG V 39 -26.34 64.39 46.80
C ARG V 39 -26.35 64.20 45.29
N HIS V 40 -27.51 64.13 44.68
CA HIS V 40 -27.59 63.94 43.24
C HIS V 40 -27.57 65.24 42.47
N LYS V 41 -27.56 66.37 43.15
CA LYS V 41 -27.48 67.66 42.50
C LYS V 41 -26.02 68.02 42.23
N GLU V 42 -25.83 69.13 41.52
CA GLU V 42 -24.51 69.60 41.16
C GLU V 42 -24.20 70.99 41.68
N ARG V 43 -25.15 71.92 41.57
CA ARG V 43 -24.94 73.31 41.96
C ARG V 43 -26.01 73.72 42.97
N LEU V 44 -25.75 74.83 43.65
CA LEU V 44 -26.67 75.33 44.66
C LEU V 44 -27.92 75.93 44.01
N PRO V 45 -29.02 76.02 44.75
CA PRO V 45 -30.21 76.66 44.22
C PRO V 45 -29.94 78.10 43.82
N GLU V 46 -30.59 78.53 42.75
CA GLU V 46 -30.35 79.85 42.18
C GLU V 46 -31.35 80.90 42.65
N GLN V 47 -32.52 80.51 43.13
CA GLN V 47 -33.47 81.46 43.69
C GLN V 47 -33.03 81.86 45.09
N GLU V 48 -33.08 83.15 45.39
CA GLU V 48 -32.69 83.59 46.72
C GLU V 48 -33.75 83.26 47.77
N ASP V 49 -34.91 82.78 47.37
CA ASP V 49 -35.97 82.41 48.30
C ASP V 49 -36.48 81.00 48.02
N TRP V 50 -35.56 80.05 47.84
CA TRP V 50 -35.99 78.69 47.52
C TRP V 50 -36.63 78.00 48.72
N TRP V 51 -36.33 78.45 49.93
CA TRP V 51 -36.87 77.80 51.12
C TRP V 51 -38.39 77.81 51.11
N TYR V 52 -38.99 78.92 50.73
CA TYR V 52 -40.44 79.01 50.74
C TYR V 52 -41.07 78.09 49.71
N TYR V 53 -40.43 77.94 48.55
CA TYR V 53 -40.93 77.00 47.55
C TYR V 53 -40.90 75.58 48.08
N ARG V 54 -39.79 75.18 48.71
CA ARG V 54 -39.71 73.83 49.26
C ARG V 54 -40.75 73.61 50.35
N VAL V 55 -40.97 74.61 51.21
CA VAL V 55 -41.95 74.45 52.28
C VAL V 55 -43.36 74.32 51.71
N ALA V 56 -43.71 75.15 50.72
CA ALA V 56 -45.04 75.07 50.13
C ALA V 56 -45.25 73.71 49.46
N SER V 57 -44.22 73.20 48.79
CA SER V 57 -44.34 71.89 48.18
C SER V 57 -44.56 70.81 49.23
N ILE V 58 -43.85 70.90 50.35
CA ILE V 58 -44.00 69.88 51.39
C ILE V 58 -45.39 69.94 52.00
N LEU V 59 -45.91 71.15 52.21
CA LEU V 59 -47.26 71.27 52.76
C LEU V 59 -48.29 70.66 51.82
N ARG V 60 -48.20 70.97 50.54
CA ARG V 60 -49.14 70.36 49.59
C ARG V 60 -48.98 68.85 49.55
N ARG V 61 -47.75 68.37 49.70
CA ARG V 61 -47.50 66.93 49.74
C ARG V 61 -48.22 66.28 50.92
N VAL V 62 -48.13 66.91 52.09
CA VAL V 62 -48.77 66.34 53.28
C VAL V 62 -50.28 66.35 53.14
N TYR V 63 -50.82 67.39 52.49
CA TYR V 63 -52.26 67.46 52.28
C TYR V 63 -52.77 66.26 51.49
N LEU V 64 -52.03 65.83 50.48
CA LEU V 64 -52.52 64.84 49.53
C LEU V 64 -52.23 63.40 49.93
N ASP V 65 -51.08 63.12 50.56
CA ASP V 65 -50.68 61.74 50.81
C ASP V 65 -50.57 61.38 52.28
N GLY V 66 -51.01 62.25 53.19
CA GLY V 66 -50.83 62.02 54.60
C GLY V 66 -51.63 60.84 55.11
N PRO V 67 -51.17 60.20 56.20
CA PRO V 67 -49.96 60.49 56.96
C PRO V 67 -48.70 59.98 56.28
N VAL V 68 -47.59 60.71 56.44
CA VAL V 68 -46.36 60.41 55.73
C VAL V 68 -45.18 60.88 56.56
N GLY V 69 -44.08 60.13 56.49
CA GLY V 69 -42.91 60.40 57.28
C GLY V 69 -41.75 60.94 56.48
N ILE V 70 -40.59 61.01 57.15
CA ILE V 70 -39.40 61.61 56.54
C ILE V 70 -38.90 60.77 55.37
N GLU V 71 -38.85 59.46 55.55
CA GLU V 71 -38.17 58.60 54.58
C GLU V 71 -38.87 58.62 53.23
N ARG V 72 -40.20 58.57 53.22
CA ARG V 72 -40.91 58.58 51.96
C ARG V 72 -40.75 59.91 51.24
N LEU V 73 -40.73 61.02 51.98
CA LEU V 73 -40.47 62.31 51.36
C LEU V 73 -39.05 62.38 50.81
N ARG V 74 -38.09 61.77 51.51
CA ARG V 74 -36.73 61.69 50.98
C ARG V 74 -36.71 60.94 49.66
N THR V 75 -37.55 59.92 49.53
CA THR V 75 -37.70 59.26 48.24
C THR V 75 -38.25 60.22 47.20
N TYR V 76 -39.26 61.02 47.57
CA TYR V 76 -39.94 61.86 46.59
C TYR V 76 -39.02 62.95 46.04
N TYR V 77 -38.10 63.46 46.83
CA TYR V 77 -37.25 64.56 46.41
C TYR V 77 -35.89 64.12 45.89
N GLY V 78 -35.71 62.84 45.62
CA GLY V 78 -34.50 62.36 44.98
C GLY V 78 -34.59 62.52 43.48
N GLY V 79 -33.62 61.92 42.80
CA GLY V 79 -33.60 62.01 41.35
C GLY V 79 -32.39 61.32 40.75
N ARG V 80 -32.21 61.56 39.46
CA ARG V 80 -31.15 60.93 38.70
C ARG V 80 -29.85 61.71 38.84
N LYS V 81 -28.74 60.98 38.93
CA LYS V 81 -27.43 61.57 39.11
C LYS V 81 -26.51 61.17 37.98
N ASN V 82 -25.71 62.14 37.54
CA ASN V 82 -24.63 61.98 36.57
C ASN V 82 -23.34 61.63 37.30
N ARG V 83 -22.70 60.53 36.91
CA ARG V 83 -21.63 59.94 37.68
C ARG V 83 -20.34 59.84 36.88
N GLY V 84 -20.02 60.85 36.09
CA GLY V 84 -18.81 60.80 35.31
C GLY V 84 -18.90 59.74 34.22
N HIS V 85 -17.93 58.84 34.21
CA HIS V 85 -17.87 57.80 33.19
C HIS V 85 -18.79 56.62 33.48
N ALA V 86 -19.47 56.60 34.60
CA ALA V 86 -20.39 55.53 34.93
C ALA V 86 -21.82 55.88 34.54
N PRO V 87 -22.67 54.89 34.33
CA PRO V 87 -24.07 55.17 33.98
C PRO V 87 -24.83 55.85 35.11
N GLU V 88 -25.86 56.60 34.71
CA GLU V 88 -26.64 57.43 35.64
C GLU V 88 -27.45 56.57 36.59
N ARG V 89 -27.72 57.11 37.79
CA ARG V 89 -28.45 56.31 38.79
C ARG V 89 -29.34 57.17 39.67
N PHE V 90 -30.38 56.55 40.24
CA PHE V 90 -31.29 57.24 41.14
C PHE V 90 -30.74 57.29 42.55
N TYR V 91 -30.93 58.42 43.23
CA TYR V 91 -30.56 58.55 44.63
C TYR V 91 -31.59 59.40 45.37
N LYS V 92 -31.64 59.21 46.69
CA LYS V 92 -32.54 59.97 47.54
C LYS V 92 -31.94 61.31 47.92
N ALA V 93 -32.77 62.15 48.51
CA ALA V 93 -32.33 63.44 49.02
C ALA V 93 -31.92 63.33 50.48
N GLY V 94 -31.40 64.41 51.01
CA GLY V 94 -31.02 64.44 52.41
C GLY V 94 -32.20 64.72 53.30
N GLY V 95 -31.96 64.64 54.61
CA GLY V 95 -33.04 64.68 55.56
C GLY V 95 -33.23 65.96 56.35
N SER V 96 -32.19 66.78 56.50
CA SER V 96 -32.28 67.94 57.38
C SER V 96 -33.29 68.96 56.90
N ILE V 97 -33.31 69.24 55.59
CA ILE V 97 -34.22 70.24 55.05
C ILE V 97 -35.66 69.84 55.34
N ILE V 98 -36.00 68.58 55.05
CA ILE V 98 -37.37 68.11 55.20
C ILE V 98 -37.77 68.12 56.67
N ARG V 99 -36.90 67.64 57.55
CA ARG V 99 -37.22 67.60 58.97
C ARG V 99 -37.44 68.99 59.53
N LYS V 100 -36.55 69.94 59.21
CA LYS V 100 -36.69 71.29 59.72
C LYS V 100 -37.94 71.96 59.17
N ALA V 101 -38.25 71.74 57.90
CA ALA V 101 -39.46 72.32 57.32
C ALA V 101 -40.71 71.77 58.00
N LEU V 102 -40.75 70.46 58.25
CA LEU V 102 -41.92 69.88 58.90
C LEU V 102 -42.09 70.40 60.32
N GLN V 103 -40.97 70.56 61.04
CA GLN V 103 -41.07 71.11 62.39
C GLN V 103 -41.58 72.54 62.38
N GLN V 104 -41.11 73.36 61.42
CA GLN V 104 -41.62 74.72 61.35
C GLN V 104 -43.11 74.75 60.98
N LEU V 105 -43.52 73.89 60.06
CA LEU V 105 -44.94 73.84 59.70
C LEU V 105 -45.79 73.45 60.90
N GLU V 106 -45.32 72.52 61.70
CA GLU V 106 -46.05 72.17 62.92
C GLU V 106 -46.09 73.35 63.88
N ALA V 107 -44.98 74.06 64.03
CA ALA V 107 -44.95 75.22 64.91
C ALA V 107 -45.94 76.28 64.47
N ALA V 108 -46.19 76.39 63.17
CA ALA V 108 -47.20 77.32 62.68
C ALA V 108 -48.61 76.75 62.77
N GLY V 109 -48.77 75.49 63.17
CA GLY V 109 -50.09 74.92 63.37
C GLY V 109 -50.75 74.33 62.14
N PHE V 110 -49.98 74.02 61.09
CA PHE V 110 -50.60 73.50 59.87
C PHE V 110 -50.57 71.98 59.80
N VAL V 111 -49.64 71.31 60.49
CA VAL V 111 -49.57 69.86 60.50
C VAL V 111 -49.44 69.39 61.96
N GLU V 112 -49.80 68.13 62.17
CA GLU V 112 -49.70 67.52 63.49
C GLU V 112 -49.19 66.09 63.32
N LYS V 113 -48.77 65.50 64.42
CA LYS V 113 -48.06 64.22 64.41
C LYS V 113 -48.98 63.09 64.87
N VAL V 114 -49.07 62.04 64.08
CA VAL V 114 -49.81 60.83 64.44
C VAL V 114 -48.79 59.75 64.81
N PRO V 115 -48.80 59.24 66.03
CA PRO V 115 -47.69 58.41 66.51
C PRO V 115 -47.56 57.12 65.71
N GLY V 116 -46.32 56.81 65.34
CA GLY V 116 -46.03 55.63 64.55
C GLY V 116 -46.53 55.66 63.13
N LYS V 117 -47.17 56.75 62.71
CA LYS V 117 -47.71 56.84 61.37
C LYS V 117 -47.15 58.00 60.56
N GLY V 118 -46.90 59.16 61.16
CA GLY V 118 -46.36 60.26 60.40
C GLY V 118 -46.95 61.61 60.75
N ARG V 119 -47.21 62.45 59.75
CA ARG V 119 -47.78 63.76 59.98
C ARG V 119 -48.95 63.98 59.06
N VAL V 120 -49.96 64.68 59.57
CA VAL V 120 -51.23 64.89 58.87
C VAL V 120 -51.57 66.36 58.92
N ILE V 121 -52.46 66.76 58.02
CA ILE V 121 -52.85 68.16 57.90
C ILE V 121 -53.97 68.47 58.88
N THR V 122 -53.79 69.50 59.68
CA THR V 122 -54.81 69.94 60.61
C THR V 122 -55.87 70.75 59.89
N PRO V 123 -57.05 70.94 60.50
CA PRO V 123 -58.10 71.72 59.83
C PRO V 123 -57.66 73.10 59.41
N LYS V 124 -56.81 73.76 60.19
CA LYS V 124 -56.34 75.09 59.83
C LYS V 124 -55.56 75.06 58.52
N GLY V 125 -54.67 74.09 58.37
CA GLY V 125 -53.92 74.00 57.13
C GLY V 125 -54.77 73.66 55.94
N ARG V 126 -55.77 72.79 56.13
CA ARG V 126 -56.69 72.46 55.05
C ARG V 126 -57.44 73.70 54.58
N SER V 127 -57.94 74.49 55.53
CA SER V 127 -58.60 75.73 55.15
C SER V 127 -57.63 76.68 54.44
N PHE V 128 -56.40 76.75 54.94
CA PHE V 128 -55.42 77.65 54.35
C PHE V 128 -55.18 77.32 52.88
N LEU V 129 -55.00 76.03 52.57
CA LEU V 129 -54.76 75.68 51.17
C LEU V 129 -56.01 75.83 50.32
N ASP V 130 -57.18 75.45 50.85
CA ASP V 130 -58.39 75.49 50.03
C ASP V 130 -58.80 76.92 49.70
N LYS V 131 -58.49 77.88 50.57
CA LYS V 131 -58.81 79.26 50.26
C LYS V 131 -58.03 79.75 49.03
N ILE V 132 -56.72 79.50 49.02
CA ILE V 132 -55.89 79.87 47.88
C ILE V 132 -56.34 79.13 46.63
N ALA V 133 -56.72 77.86 46.79
CA ALA V 133 -57.20 77.12 45.62
C ALA V 133 -58.45 77.75 45.04
N THR V 134 -59.38 78.17 45.90
CA THR V 134 -60.61 78.80 45.41
C THR V 134 -60.30 80.09 44.68
N GLU V 135 -59.40 80.91 45.22
CA GLU V 135 -59.06 82.17 44.57
C GLU V 135 -58.40 81.93 43.22
N LEU V 136 -57.47 80.98 43.16
CA LEU V 136 -56.81 80.66 41.89
C LEU V 136 -57.82 80.15 40.87
N LYS V 137 -58.76 79.30 41.28
CA LYS V 137 -59.75 78.82 40.34
C LYS V 137 -60.64 79.94 39.84
N LYS V 138 -61.04 80.86 40.71
CA LYS V 138 -61.82 82.01 40.26
C LYS V 138 -61.06 82.80 39.21
N GLU V 139 -59.75 83.00 39.42
CA GLU V 139 -58.95 83.67 38.41
C GLU V 139 -58.91 82.88 37.12
N LEU V 140 -58.76 81.57 37.21
CA LEU V 140 -58.43 80.75 36.05
C LEU V 140 -59.61 80.57 35.12
N GLU V 141 -60.81 80.42 35.68
CA GLU V 141 -61.98 80.13 34.88
C GLU V 141 -62.41 81.31 34.01
N GLU V 142 -61.81 82.49 34.19
CA GLU V 142 -62.12 83.60 33.31
C GLU V 142 -61.60 83.37 31.90
N ILE V 143 -60.63 82.48 31.73
CA ILE V 143 -60.06 82.20 30.41
C ILE V 143 -60.27 80.75 29.98
N ILE V 144 -60.79 79.89 30.84
CA ILE V 144 -61.17 78.54 30.43
C ILE V 144 -62.62 78.33 30.85
N PRO V 145 -63.58 78.73 30.02
CA PRO V 145 -64.99 78.66 30.44
C PRO V 145 -65.46 77.28 30.81
N GLU V 146 -64.83 76.22 30.30
CA GLU V 146 -65.25 74.88 30.69
C GLU V 146 -65.00 74.57 32.14
N LEU V 147 -64.17 75.36 32.83
CA LEU V 147 -63.90 75.13 34.24
C LEU V 147 -65.03 75.58 35.14
N LYS V 148 -66.04 76.26 34.61
CA LYS V 148 -67.13 76.73 35.46
C LYS V 148 -68.03 75.61 35.93
N LYS V 149 -68.09 74.50 35.19
CA LYS V 149 -68.90 73.37 35.62
C LYS V 149 -68.33 72.73 36.88
N TYR V 150 -67.01 72.70 37.02
CA TYR V 150 -66.38 72.09 38.17
C TYR V 150 -66.28 73.09 39.31
N MET W 1 27.11 -78.97 23.36
CA MET W 1 27.05 -78.76 21.91
C MET W 1 26.86 -80.08 21.18
N GLU W 2 26.07 -80.06 20.12
CA GLU W 2 25.80 -81.27 19.34
C GLU W 2 26.15 -81.02 17.89
N ILE W 3 26.80 -81.99 17.26
CA ILE W 3 27.27 -81.87 15.89
C ILE W 3 26.38 -82.68 14.98
N LYS W 4 25.99 -82.09 13.85
CA LYS W 4 25.23 -82.79 12.82
C LYS W 4 25.92 -82.56 11.48
N ILE W 5 26.23 -83.66 10.80
CA ILE W 5 26.91 -83.60 9.50
C ILE W 5 25.86 -83.40 8.43
N THR W 6 26.07 -82.43 7.56
CA THR W 6 25.07 -82.13 6.55
C THR W 6 25.41 -82.74 5.20
N GLU W 7 26.68 -82.70 4.80
CA GLU W 7 27.09 -83.27 3.53
C GLU W 7 28.56 -83.64 3.58
N VAL W 8 28.90 -84.78 2.97
CA VAL W 8 30.27 -85.23 2.83
C VAL W 8 30.52 -85.53 1.37
N LYS W 9 31.44 -84.82 0.75
CA LYS W 9 31.69 -84.93 -0.67
C LYS W 9 33.15 -85.29 -0.94
N GLU W 10 33.37 -86.17 -1.91
CA GLU W 10 34.70 -86.65 -2.25
C GLU W 10 35.27 -85.82 -3.40
N ASN W 11 36.58 -85.64 -3.40
CA ASN W 11 37.29 -84.93 -4.47
C ASN W 11 38.51 -85.76 -4.85
N LYS W 12 38.39 -86.54 -5.92
CA LYS W 12 39.49 -87.40 -6.32
C LYS W 12 40.62 -86.61 -6.97
N LEU W 13 40.32 -85.50 -7.63
CA LEU W 13 41.37 -84.73 -8.28
C LEU W 13 42.35 -84.17 -7.27
N ILE W 14 41.86 -83.46 -6.27
CA ILE W 14 42.73 -82.99 -5.20
C ILE W 14 43.19 -84.13 -4.30
N GLY W 15 42.28 -85.05 -3.97
CA GLY W 15 42.59 -86.10 -3.03
C GLY W 15 42.22 -85.76 -1.61
N ARG W 16 40.96 -85.41 -1.39
CA ARG W 16 40.49 -85.06 -0.07
C ARG W 16 38.99 -85.29 -0.01
N LYS W 17 38.44 -85.17 1.19
CA LYS W 17 36.99 -85.14 1.38
C LYS W 17 36.61 -83.86 2.12
N GLU W 18 35.48 -83.29 1.73
CA GLU W 18 35.04 -81.99 2.22
C GLU W 18 33.77 -82.18 3.03
N ILE W 19 33.75 -81.65 4.25
CA ILE W 19 32.70 -81.92 5.23
C ILE W 19 32.07 -80.62 5.67
N TYR W 20 30.74 -80.56 5.62
CA TYR W 20 29.95 -79.44 6.11
C TYR W 20 29.16 -79.86 7.33
N PHE W 21 29.13 -79.02 8.37
CA PHE W 21 28.47 -79.46 9.58
C PHE W 21 27.83 -78.28 10.30
N GLU W 22 26.91 -78.61 11.21
CA GLU W 22 26.28 -77.64 12.09
C GLU W 22 26.49 -78.04 13.53
N ILE W 23 26.60 -77.04 14.40
CA ILE W 23 26.74 -77.25 15.83
C ILE W 23 25.62 -76.51 16.55
N TYR W 24 24.88 -77.24 17.36
CA TYR W 24 23.74 -76.70 18.09
C TYR W 24 24.12 -76.55 19.56
N HIS W 25 23.94 -75.35 20.10
CA HIS W 25 24.45 -75.07 21.45
C HIS W 25 23.75 -73.91 22.13
N PRO W 26 22.49 -74.02 22.50
CA PRO W 26 21.83 -72.91 23.21
C PRO W 26 22.46 -72.66 24.57
N GLY W 27 22.68 -71.38 24.87
CA GLY W 27 23.21 -70.98 26.15
C GLY W 27 24.69 -71.19 26.36
N GLU W 28 25.46 -71.39 25.29
CA GLU W 28 26.88 -71.68 25.36
C GLU W 28 27.64 -70.75 24.44
N PRO W 29 28.94 -70.57 24.66
CA PRO W 29 29.76 -69.83 23.70
C PRO W 29 30.04 -70.66 22.46
N THR W 30 30.57 -69.99 21.45
CA THR W 30 30.92 -70.66 20.21
C THR W 30 31.99 -71.72 20.49
N PRO W 31 31.84 -72.94 19.97
CA PRO W 31 32.82 -73.98 20.27
C PRO W 31 34.21 -73.63 19.76
N SER W 32 35.21 -74.13 20.45
CA SER W 32 36.59 -73.91 20.06
C SER W 32 36.98 -74.83 18.91
N ARG W 33 38.10 -74.50 18.25
CA ARG W 33 38.58 -75.34 17.16
C ARG W 33 39.05 -76.69 17.67
N LYS W 34 39.66 -76.73 18.85
CA LYS W 34 40.13 -78.00 19.42
C LYS W 34 38.97 -78.96 19.69
N ASP W 35 37.92 -78.47 20.35
CA ASP W 35 36.79 -79.32 20.68
C ASP W 35 36.12 -79.85 19.41
N VAL W 36 35.92 -78.97 18.44
CA VAL W 36 35.27 -79.39 17.20
C VAL W 36 36.12 -80.44 16.50
N LYS W 37 37.44 -80.23 16.43
CA LYS W 37 38.27 -81.20 15.75
C LYS W 37 38.22 -82.56 16.46
N GLY W 38 38.28 -82.55 17.79
CA GLY W 38 38.23 -83.82 18.51
C GLY W 38 36.93 -84.57 18.29
N LYS W 39 35.81 -83.85 18.41
CA LYS W 39 34.52 -84.48 18.20
C LYS W 39 34.38 -85.00 16.78
N LEU W 40 34.77 -84.17 15.82
CA LEU W 40 34.66 -84.54 14.41
C LEU W 40 35.51 -85.75 14.11
N VAL W 41 36.72 -85.78 14.66
CA VAL W 41 37.60 -86.91 14.42
C VAL W 41 36.99 -88.19 14.99
N ALA W 42 36.45 -88.13 16.19
CA ALA W 42 35.86 -89.31 16.80
C ALA W 42 34.61 -89.84 16.09
N MET W 43 33.74 -88.93 15.67
CA MET W 43 32.53 -89.32 14.97
C MET W 43 32.89 -90.02 13.65
N LEU W 44 33.89 -89.50 12.95
CA LEU W 44 34.32 -90.06 11.67
C LEU W 44 35.51 -91.05 11.68
N ASP W 45 36.10 -91.28 12.84
CA ASP W 45 37.22 -92.22 12.92
C ASP W 45 38.14 -91.79 11.78
N LEU W 46 38.81 -90.66 11.94
CA LEU W 46 39.70 -90.12 10.93
C LEU W 46 40.96 -89.69 11.67
N ASN W 47 42.12 -89.88 11.03
CA ASN W 47 43.38 -89.49 11.65
C ASN W 47 43.34 -87.99 11.92
N PRO W 48 43.79 -87.57 13.11
CA PRO W 48 43.70 -86.15 13.41
C PRO W 48 44.81 -85.29 12.85
N GLU W 49 45.92 -85.88 12.43
CA GLU W 49 47.05 -85.06 11.99
C GLU W 49 46.89 -84.55 10.57
N THR W 50 45.90 -85.03 9.83
CA THR W 50 45.65 -84.57 8.47
C THR W 50 44.22 -84.04 8.32
N THR W 51 43.73 -83.31 9.30
CA THR W 51 42.40 -82.74 9.28
C THR W 51 42.49 -81.25 9.56
N VAL W 52 41.93 -80.43 8.68
CA VAL W 52 41.95 -78.99 8.81
C VAL W 52 40.51 -78.49 8.90
N ILE W 53 40.29 -77.54 9.81
CA ILE W 53 39.00 -76.87 9.91
C ILE W 53 39.13 -75.53 9.20
N GLN W 54 38.40 -75.39 8.10
CA GLN W 54 38.45 -74.12 7.37
C GLN W 54 37.79 -73.01 8.15
N TYR W 55 36.58 -73.24 8.66
CA TYR W 55 35.99 -72.15 9.44
C TYR W 55 34.86 -72.63 10.35
N ILE W 56 34.61 -71.83 11.38
CA ILE W 56 33.47 -71.94 12.28
C ILE W 56 32.82 -70.56 12.36
N ARG W 57 31.55 -70.46 11.97
CA ARG W 57 30.89 -69.17 11.86
C ARG W 57 29.59 -69.15 12.65
N SER W 58 29.42 -68.11 13.45
CA SER W 58 28.20 -67.86 14.22
C SER W 58 27.34 -66.83 13.51
N TYR W 59 26.06 -66.83 13.85
CA TYR W 59 25.10 -65.92 13.24
C TYR W 59 24.43 -65.07 14.30
N PHE W 60 23.66 -64.08 13.85
CA PHE W 60 23.15 -63.03 14.72
C PHE W 60 22.32 -63.57 15.88
N GLY W 61 21.15 -64.12 15.62
CA GLY W 61 20.33 -64.53 16.75
C GLY W 61 20.07 -66.02 16.76
N SER W 62 21.06 -66.80 16.36
CA SER W 62 20.92 -68.24 16.24
C SER W 62 21.49 -68.93 17.47
N TYR W 63 21.04 -70.17 17.67
CA TYR W 63 21.62 -71.06 18.66
C TYR W 63 22.54 -72.08 18.03
N LYS W 64 22.91 -71.90 16.77
CA LYS W 64 23.76 -72.85 16.07
C LYS W 64 24.79 -72.13 15.22
N SER W 65 25.87 -72.83 14.93
CA SER W 65 26.97 -72.33 14.12
C SER W 65 27.25 -73.29 12.98
N LYS W 66 27.79 -72.77 11.89
CA LYS W 66 28.07 -73.57 10.71
C LYS W 66 29.58 -73.69 10.52
N GLY W 67 30.01 -74.89 10.15
CA GLY W 67 31.44 -75.15 10.03
C GLY W 67 31.75 -75.89 8.75
N TYR W 68 32.98 -75.69 8.29
CA TYR W 68 33.48 -76.35 7.09
C TYR W 68 34.89 -76.85 7.36
N ALA W 69 35.13 -78.12 6.98
CA ALA W 69 36.38 -78.82 7.27
C ALA W 69 36.78 -79.70 6.09
N LYS W 70 38.07 -80.05 6.05
CA LYS W 70 38.63 -80.85 4.97
C LYS W 70 39.55 -81.93 5.53
N TYR W 71 39.58 -83.08 4.86
CA TYR W 71 40.38 -84.21 5.31
C TYR W 71 41.20 -84.74 4.15
N TYR W 72 42.53 -84.79 4.32
CA TYR W 72 43.45 -85.25 3.30
C TYR W 72 43.96 -86.65 3.64
N TYR W 73 44.09 -87.49 2.62
CA TYR W 73 44.56 -88.86 2.79
C TYR W 73 46.06 -88.95 2.98
N ASP W 74 46.81 -87.92 2.62
CA ASP W 74 48.26 -87.96 2.67
C ASP W 74 48.78 -86.65 3.23
N LYS W 75 49.84 -86.73 4.03
CA LYS W 75 50.37 -85.51 4.66
C LYS W 75 51.11 -84.64 3.64
N ASP W 76 51.84 -85.24 2.72
CA ASP W 76 52.55 -84.46 1.73
C ASP W 76 51.59 -83.67 0.86
N ARG W 77 50.51 -84.31 0.42
CA ARG W 77 49.52 -83.60 -0.39
C ARG W 77 48.90 -82.45 0.38
N MET W 78 48.65 -82.64 1.67
CA MET W 78 48.12 -81.55 2.48
C MET W 78 49.10 -80.40 2.56
N LEU W 79 50.39 -80.69 2.79
CA LEU W 79 51.37 -79.62 2.87
C LEU W 79 51.56 -78.94 1.52
N TYR W 80 51.24 -79.64 0.44
CA TYR W 80 51.43 -79.07 -0.88
C TYR W 80 50.24 -78.22 -1.33
N ILE W 81 49.03 -78.55 -0.89
CA ILE W 81 47.83 -77.88 -1.41
C ILE W 81 47.40 -76.72 -0.54
N GLU W 82 47.39 -76.89 0.76
CA GLU W 82 46.87 -75.82 1.61
C GLU W 82 47.85 -74.67 1.76
N PRO W 83 47.37 -73.45 1.95
CA PRO W 83 48.25 -72.33 2.25
C PRO W 83 48.88 -72.46 3.62
N GLU W 84 49.95 -71.70 3.83
CA GLU W 84 50.64 -71.76 5.12
C GLU W 84 49.77 -71.25 6.26
N TYR W 85 49.02 -70.17 6.02
CA TYR W 85 48.33 -69.51 7.13
C TYR W 85 47.28 -70.42 7.75
N ILE W 86 46.62 -71.24 6.94
CA ILE W 86 45.59 -72.11 7.48
C ILE W 86 46.20 -73.24 8.29
N LEU W 87 47.43 -73.64 7.98
CA LEU W 87 48.08 -74.65 8.79
C LEU W 87 48.61 -74.08 10.08
N ILE W 88 49.09 -72.84 10.07
CA ILE W 88 49.53 -72.19 11.30
C ILE W 88 48.34 -71.94 12.21
N ARG W 89 47.24 -71.46 11.63
CA ARG W 89 46.07 -71.12 12.43
C ARG W 89 45.46 -72.33 13.11
N ASP W 90 45.57 -73.51 12.51
CA ASP W 90 44.99 -74.72 13.06
C ASP W 90 45.97 -75.52 13.90
N GLY W 91 47.16 -74.99 14.14
CA GLY W 91 48.12 -75.64 15.01
C GLY W 91 48.83 -76.83 14.41
N ILE W 92 48.69 -77.07 13.11
CA ILE W 92 49.34 -78.23 12.50
C ILE W 92 50.85 -78.04 12.43
N ILE W 93 51.31 -76.86 12.02
CA ILE W 93 52.72 -76.55 12.02
C ILE W 93 52.96 -75.29 12.86
N GLU W 94 54.23 -75.04 13.13
CA GLU W 94 54.65 -73.92 13.99
C GLU W 94 55.15 -72.80 13.10
N LYS W 95 54.88 -71.56 13.52
CA LYS W 95 55.28 -70.40 12.73
C LYS W 95 56.79 -70.24 12.76
N LYS W 96 57.31 -69.42 11.85
CA LYS W 96 58.72 -69.12 11.79
C LYS W 96 59.02 -67.79 12.46
N ARG X 5 -36.40 -28.91 -49.29
CA ARG X 5 -37.14 -27.71 -49.67
C ARG X 5 -36.43 -26.98 -50.80
N ASN X 6 -36.02 -25.73 -50.55
CA ASN X 6 -35.23 -24.97 -51.50
C ASN X 6 -33.77 -25.38 -51.49
N VAL X 7 -33.48 -26.61 -51.05
CA VAL X 7 -32.12 -27.12 -51.08
C VAL X 7 -31.64 -27.24 -52.52
N ILE X 8 -32.49 -27.75 -53.41
CA ILE X 8 -32.19 -27.78 -54.83
C ILE X 8 -32.52 -26.43 -55.43
N PRO X 9 -31.66 -25.84 -56.26
CA PRO X 9 -31.98 -24.57 -56.91
C PRO X 9 -32.91 -24.79 -58.09
N MET X 10 -33.89 -23.90 -58.25
CA MET X 10 -34.79 -23.96 -59.38
C MET X 10 -34.85 -22.59 -60.06
N PRO X 11 -34.71 -22.53 -61.37
CA PRO X 11 -34.70 -21.25 -62.07
C PRO X 11 -36.05 -20.56 -62.05
N ARG X 12 -36.00 -19.24 -62.13
CA ARG X 12 -37.20 -18.41 -62.23
C ARG X 12 -37.52 -18.01 -63.67
N SER X 13 -36.69 -18.35 -64.63
CA SER X 13 -36.94 -18.07 -66.02
C SER X 13 -37.65 -19.25 -66.70
N ARG X 14 -38.19 -18.99 -67.88
CA ARG X 14 -38.93 -20.01 -68.61
C ARG X 14 -38.61 -19.91 -70.09
N PHE X 15 -38.83 -21.02 -70.80
CA PHE X 15 -38.78 -21.04 -72.25
C PHE X 15 -40.19 -20.93 -72.79
N LEU X 16 -40.38 -20.12 -73.83
CA LEU X 16 -41.70 -19.80 -74.33
C LEU X 16 -41.79 -20.12 -75.81
N ARG X 17 -42.95 -20.58 -76.24
CA ARG X 17 -43.25 -20.83 -77.64
C ARG X 17 -44.13 -19.70 -78.16
N VAL X 18 -43.60 -18.87 -79.06
CA VAL X 18 -44.26 -17.66 -79.50
C VAL X 18 -44.49 -17.71 -81.00
N LYS X 19 -45.32 -16.78 -81.48
CA LYS X 19 -45.72 -16.71 -82.88
C LYS X 19 -45.45 -15.32 -83.44
N CYS X 20 -44.69 -15.26 -84.52
CA CYS X 20 -44.36 -13.97 -85.12
C CYS X 20 -45.61 -13.30 -85.68
N ILE X 21 -45.72 -11.99 -85.43
CA ILE X 21 -46.89 -11.26 -85.92
C ILE X 21 -46.86 -11.14 -87.44
N ASP X 22 -45.67 -10.99 -88.02
CA ASP X 22 -45.56 -10.78 -89.46
C ASP X 22 -45.47 -12.11 -90.22
N CYS X 23 -44.40 -12.87 -90.00
CA CYS X 23 -44.18 -14.06 -90.81
C CYS X 23 -45.15 -15.18 -90.45
N GLY X 24 -45.66 -15.20 -89.22
CA GLY X 24 -46.44 -16.32 -88.75
C GLY X 24 -45.61 -17.47 -88.22
N ASN X 25 -44.30 -17.32 -88.17
CA ASN X 25 -43.41 -18.39 -87.73
C ASN X 25 -43.59 -18.66 -86.24
N GLU X 26 -43.33 -19.91 -85.85
CA GLU X 26 -43.35 -20.32 -84.46
C GLU X 26 -41.92 -20.60 -83.99
N GLN X 27 -41.57 -20.06 -82.83
CA GLN X 27 -40.23 -20.24 -82.31
C GLN X 27 -40.28 -20.54 -80.83
N ILE X 28 -39.13 -20.90 -80.29
CA ILE X 28 -38.93 -21.05 -78.86
C ILE X 28 -37.85 -20.06 -78.45
N VAL X 29 -38.14 -19.25 -77.44
CA VAL X 29 -37.26 -18.18 -77.00
C VAL X 29 -37.11 -18.23 -75.49
N PHE X 30 -36.12 -17.51 -75.00
CA PHE X 30 -35.85 -17.44 -73.57
C PHE X 30 -36.46 -16.18 -72.99
N SER X 31 -36.96 -16.27 -71.76
CA SER X 31 -37.72 -15.16 -71.19
C SER X 31 -36.84 -14.05 -70.63
N HIS X 32 -35.58 -14.33 -70.28
CA HIS X 32 -34.64 -13.33 -69.76
C HIS X 32 -33.47 -13.20 -70.73
N PRO X 33 -33.69 -12.66 -71.92
CA PRO X 33 -32.60 -12.59 -72.90
C PRO X 33 -31.58 -11.52 -72.56
N ALA X 34 -30.38 -11.70 -73.11
CA ALA X 34 -29.32 -10.72 -73.00
C ALA X 34 -29.00 -10.06 -74.33
N THR X 35 -29.68 -10.46 -75.40
CA THR X 35 -29.52 -9.89 -76.72
C THR X 35 -30.91 -9.56 -77.25
N ARG X 36 -30.95 -8.97 -78.44
CA ARG X 36 -32.22 -8.79 -79.13
C ARG X 36 -32.61 -10.08 -79.83
N VAL X 37 -33.77 -10.62 -79.50
CA VAL X 37 -34.27 -11.83 -80.13
C VAL X 37 -35.11 -11.45 -81.34
N ARG X 38 -34.78 -12.01 -82.50
CA ARG X 38 -35.47 -11.70 -83.72
C ARG X 38 -35.91 -12.97 -84.43
N CYS X 39 -36.91 -12.82 -85.30
CA CYS X 39 -37.50 -13.96 -85.98
C CYS X 39 -36.48 -14.64 -86.88
N ASN X 40 -36.50 -15.97 -86.89
CA ASN X 40 -35.56 -16.75 -87.68
C ASN X 40 -35.87 -16.76 -89.16
N VAL X 41 -37.04 -16.30 -89.58
CA VAL X 41 -37.38 -16.29 -91.00
C VAL X 41 -37.32 -14.88 -91.55
N CYS X 42 -38.14 -13.98 -91.00
CA CYS X 42 -38.26 -12.64 -91.55
C CYS X 42 -37.29 -11.64 -90.95
N GLY X 43 -36.92 -11.77 -89.68
CA GLY X 43 -35.98 -10.88 -89.06
C GLY X 43 -36.56 -9.78 -88.19
N ALA X 44 -37.86 -9.79 -87.95
CA ALA X 44 -38.45 -8.78 -87.08
C ALA X 44 -38.11 -9.08 -85.63
N THR X 45 -38.18 -8.03 -84.81
CA THR X 45 -37.87 -8.14 -83.39
C THR X 45 -38.98 -8.89 -82.65
N LEU X 46 -38.60 -9.80 -81.77
CA LEU X 46 -39.54 -10.58 -80.97
C LEU X 46 -39.47 -10.28 -79.49
N VAL X 47 -38.27 -10.15 -78.92
CA VAL X 47 -38.09 -9.85 -77.50
C VAL X 47 -37.01 -8.79 -77.38
N GLU X 48 -37.22 -7.84 -76.51
CA GLU X 48 -36.22 -6.81 -76.26
C GLU X 48 -35.60 -7.01 -74.89
N PRO X 49 -34.28 -6.90 -74.75
CA PRO X 49 -33.65 -7.09 -73.44
C PRO X 49 -33.82 -5.88 -72.53
N THR X 50 -33.87 -6.18 -71.23
CA THR X 50 -33.98 -5.15 -70.20
C THR X 50 -33.03 -5.53 -69.07
N GLY X 51 -33.21 -4.90 -67.92
CA GLY X 51 -32.43 -5.28 -66.75
C GLY X 51 -32.77 -6.66 -66.23
N GLY X 52 -34.04 -7.03 -66.29
CA GLY X 52 -34.46 -8.35 -65.87
C GLY X 52 -35.16 -9.16 -66.94
N LYS X 53 -36.47 -9.30 -66.80
CA LYS X 53 -37.28 -10.02 -67.77
C LYS X 53 -37.47 -9.19 -69.04
N GLY X 54 -37.50 -9.86 -70.18
CA GLY X 54 -37.60 -9.16 -71.44
C GLY X 54 -39.01 -8.79 -71.81
N ILE X 55 -39.12 -7.82 -72.71
CA ILE X 55 -40.41 -7.32 -73.19
C ILE X 55 -40.78 -8.10 -74.44
N ILE X 56 -41.92 -8.79 -74.39
CA ILE X 56 -42.35 -9.66 -75.48
C ILE X 56 -43.30 -8.90 -76.39
N ARG X 57 -42.98 -8.86 -77.67
CA ARG X 57 -43.80 -8.18 -78.66
C ARG X 57 -44.58 -9.13 -79.55
N ALA X 58 -44.42 -10.43 -79.35
CA ALA X 58 -45.12 -11.43 -80.14
C ALA X 58 -46.25 -12.05 -79.34
N LYS X 59 -47.01 -12.90 -80.01
CA LYS X 59 -48.12 -13.61 -79.39
C LYS X 59 -47.59 -14.82 -78.63
N ILE X 60 -47.96 -14.94 -77.36
CA ILE X 60 -47.50 -16.06 -76.55
C ILE X 60 -48.45 -17.23 -76.72
N LEU X 61 -47.93 -18.38 -77.10
CA LEU X 61 -48.71 -19.59 -77.30
C LEU X 61 -48.64 -20.55 -76.13
N GLU X 62 -47.47 -20.72 -75.53
CA GLU X 62 -47.31 -21.80 -74.56
C GLU X 62 -46.08 -21.53 -73.70
N VAL X 63 -46.15 -21.97 -72.45
CA VAL X 63 -45.02 -21.90 -71.52
C VAL X 63 -44.46 -23.31 -71.35
N LEU X 64 -43.21 -23.50 -71.76
CA LEU X 64 -42.63 -24.82 -71.76
C LEU X 64 -42.06 -25.18 -70.40
N GLU X 65 -42.10 -26.48 -70.09
CA GLU X 65 -41.68 -26.98 -68.79
C GLU X 65 -40.21 -26.76 -68.53
N ASP Y 1 -42.53 67.20 -20.78
CA ASP Y 1 -41.98 68.08 -19.77
C ASP Y 1 -42.51 67.71 -18.38
N GLU Y 2 -43.83 67.56 -18.28
CA GLU Y 2 -44.47 67.10 -17.06
C GLU Y 2 -44.80 65.61 -17.10
N GLY Y 3 -44.35 64.90 -18.13
CA GLY Y 3 -44.59 63.48 -18.20
C GLY Y 3 -45.98 63.14 -18.67
N TYR Y 4 -46.23 61.84 -18.79
CA TYR Y 4 -47.50 61.33 -19.26
C TYR Y 4 -47.99 60.29 -18.28
N PRO Y 5 -49.21 60.40 -17.79
CA PRO Y 5 -49.75 59.38 -16.89
C PRO Y 5 -50.15 58.12 -17.63
N ALA Y 6 -49.85 56.99 -17.00
CA ALA Y 6 -50.20 55.68 -17.52
C ALA Y 6 -50.74 54.84 -16.38
N GLU Y 7 -51.54 53.83 -16.69
CA GLU Y 7 -52.22 53.05 -15.68
C GLU Y 7 -51.84 51.57 -15.76
N VAL Y 8 -51.54 50.99 -14.61
CA VAL Y 8 -51.12 49.59 -14.53
C VAL Y 8 -52.33 48.70 -14.75
N ILE Y 9 -52.19 47.72 -15.64
CA ILE Y 9 -53.26 46.78 -15.92
C ILE Y 9 -52.89 45.34 -15.66
N GLU Y 10 -51.61 45.00 -15.53
CA GLU Y 10 -51.22 43.62 -15.30
C GLU Y 10 -49.83 43.56 -14.70
N ILE Y 11 -49.62 42.60 -13.81
CA ILE Y 11 -48.32 42.33 -13.21
C ILE Y 11 -47.74 41.09 -13.86
N ILE Y 12 -46.48 41.15 -14.28
CA ILE Y 12 -45.88 40.05 -15.00
C ILE Y 12 -44.94 39.23 -14.11
N GLY Y 13 -43.96 39.87 -13.50
CA GLY Y 13 -43.09 39.15 -12.59
C GLY Y 13 -41.92 39.99 -12.14
N ARG Y 14 -41.22 39.47 -11.14
CA ARG Y 14 -40.05 40.13 -10.58
C ARG Y 14 -38.82 39.88 -11.43
N THR Y 15 -37.86 40.80 -11.35
CA THR Y 15 -36.60 40.67 -12.07
C THR Y 15 -35.56 41.51 -11.34
N GLY Y 16 -34.44 41.75 -12.01
CA GLY Y 16 -33.34 42.49 -11.42
C GLY Y 16 -32.32 41.59 -10.75
N THR Y 17 -31.19 42.19 -10.40
CA THR Y 17 -30.11 41.42 -9.80
C THR Y 17 -30.50 40.85 -8.45
N THR Y 18 -31.23 41.62 -7.65
CA THR Y 18 -31.64 41.20 -6.31
C THR Y 18 -33.14 41.07 -6.17
N GLY Y 19 -33.87 40.99 -7.28
CA GLY Y 19 -35.31 40.85 -7.22
C GLY Y 19 -36.06 42.11 -6.84
N ASP Y 20 -35.51 43.27 -7.15
CA ASP Y 20 -36.06 44.55 -6.71
C ASP Y 20 -36.92 45.22 -7.77
N VAL Y 21 -37.07 44.63 -8.94
CA VAL Y 21 -37.74 45.26 -10.06
C VAL Y 21 -38.92 44.39 -10.46
N THR Y 22 -40.02 45.02 -10.88
CA THR Y 22 -41.19 44.30 -11.36
C THR Y 22 -41.49 44.73 -12.79
N GLN Y 23 -41.91 43.81 -13.63
CA GLN Y 23 -42.36 44.16 -14.97
C GLN Y 23 -43.87 44.22 -15.01
N VAL Y 24 -44.39 45.29 -15.60
CA VAL Y 24 -45.83 45.50 -15.67
C VAL Y 24 -46.22 45.91 -17.08
N LYS Y 25 -47.52 45.89 -17.35
CA LYS Y 25 -48.09 46.42 -18.58
C LYS Y 25 -48.96 47.62 -18.27
N VAL Y 26 -48.76 48.71 -18.99
CA VAL Y 26 -49.47 49.96 -18.75
C VAL Y 26 -50.17 50.41 -20.03
N ARG Y 27 -51.19 51.23 -19.84
CA ARG Y 27 -51.97 51.83 -20.91
C ARG Y 27 -51.87 53.33 -20.78
N ILE Y 28 -51.40 54.00 -21.83
CA ILE Y 28 -51.17 55.44 -21.77
C ILE Y 28 -52.51 56.17 -21.70
N LEU Y 29 -52.58 57.18 -20.83
CA LEU Y 29 -53.80 57.93 -20.64
C LEU Y 29 -53.79 59.30 -21.32
N GLU Y 30 -52.64 59.77 -21.79
CA GLU Y 30 -52.56 61.13 -22.29
C GLU Y 30 -51.50 61.23 -23.38
N GLY Y 31 -51.61 62.27 -24.19
CA GLY Y 31 -50.61 62.58 -25.18
C GLY Y 31 -50.90 61.99 -26.55
N ARG Y 32 -49.85 61.96 -27.35
CA ARG Y 32 -49.95 61.50 -28.73
C ARG Y 32 -50.33 60.03 -28.83
N ASP Y 33 -49.84 59.21 -27.90
CA ASP Y 33 -50.05 57.77 -27.96
C ASP Y 33 -51.10 57.27 -26.98
N LYS Y 34 -52.15 58.06 -26.77
CA LYS Y 34 -53.21 57.67 -25.85
C LYS Y 34 -53.82 56.34 -26.25
N GLY Y 35 -54.00 55.45 -25.29
CA GLY Y 35 -54.64 54.17 -25.50
C GLY Y 35 -53.69 53.02 -25.75
N ARG Y 36 -52.44 53.29 -26.10
CA ARG Y 36 -51.48 52.22 -26.41
C ARG Y 36 -51.12 51.44 -25.16
N VAL Y 37 -50.77 50.18 -25.34
CA VAL Y 37 -50.40 49.29 -24.24
C VAL Y 37 -48.97 48.84 -24.43
N ILE Y 38 -48.11 49.14 -23.45
CA ILE Y 38 -46.70 48.75 -23.50
C ILE Y 38 -46.27 48.24 -22.14
N ARG Y 39 -45.15 47.51 -22.12
CA ARG Y 39 -44.64 46.95 -20.88
C ARG Y 39 -43.42 47.74 -20.40
N ARG Y 40 -43.23 47.76 -19.08
CA ARG Y 40 -42.28 48.64 -18.41
C ARG Y 40 -41.71 47.97 -17.18
N ASN Y 41 -40.58 48.50 -16.71
CA ASN Y 41 -39.92 48.06 -15.47
C ASN Y 41 -40.14 49.11 -14.38
N VAL Y 42 -40.58 48.66 -13.21
CA VAL Y 42 -40.94 49.53 -12.09
C VAL Y 42 -40.17 49.12 -10.85
N ARG Y 43 -39.73 50.11 -10.09
CA ARG Y 43 -39.03 49.92 -8.83
C ARG Y 43 -39.94 50.35 -7.69
N GLY Y 44 -40.09 49.50 -6.69
CA GLY Y 44 -41.00 49.78 -5.59
C GLY Y 44 -42.24 48.93 -5.67
N PRO Y 45 -43.00 48.87 -4.58
CA PRO Y 45 -44.23 48.07 -4.59
C PRO Y 45 -45.31 48.70 -5.45
N VAL Y 46 -46.05 47.86 -6.17
CA VAL Y 46 -47.03 48.33 -7.15
C VAL Y 46 -48.18 47.34 -7.21
N ARG Y 47 -49.37 47.84 -7.50
CA ARG Y 47 -50.54 47.00 -7.64
C ARG Y 47 -51.40 47.52 -8.78
N VAL Y 48 -52.36 46.70 -9.20
CA VAL Y 48 -53.24 47.04 -10.31
C VAL Y 48 -54.06 48.28 -9.95
N GLY Y 49 -54.07 49.26 -10.83
CA GLY Y 49 -54.73 50.53 -10.57
C GLY Y 49 -53.80 51.65 -10.20
N ASP Y 50 -52.52 51.38 -9.98
CA ASP Y 50 -51.56 52.45 -9.78
C ASP Y 50 -51.38 53.24 -11.06
N ILE Y 51 -50.87 54.46 -10.93
CA ILE Y 51 -50.64 55.34 -12.06
C ILE Y 51 -49.19 55.79 -12.05
N LEU Y 52 -48.48 55.55 -13.14
CA LEU Y 52 -47.11 55.99 -13.28
C LEU Y 52 -47.04 57.26 -14.09
N ILE Y 53 -45.96 58.00 -13.91
CA ILE Y 53 -45.68 59.21 -14.68
C ILE Y 53 -44.43 58.92 -15.52
N LEU Y 54 -44.59 58.81 -16.82
CA LEU Y 54 -43.47 58.48 -17.69
C LEU Y 54 -42.87 59.74 -18.30
N ARG Y 55 -41.55 59.82 -18.28
CA ARG Y 55 -40.87 60.93 -18.95
C ARG Y 55 -40.77 60.73 -20.45
N GLU Y 56 -40.89 59.50 -20.94
CA GLU Y 56 -40.95 59.24 -22.38
C GLU Y 56 -41.72 57.94 -22.58
N THR Y 57 -42.36 57.82 -23.73
CA THR Y 57 -43.29 56.72 -23.98
C THR Y 57 -42.93 55.92 -25.22
N GLU Y 58 -41.68 55.94 -25.65
CA GLU Y 58 -41.27 55.14 -26.80
C GLU Y 58 -40.26 54.06 -26.47
N ARG Y 59 -39.89 53.89 -25.20
CA ARG Y 59 -39.00 52.81 -24.78
C ARG Y 59 -39.81 51.69 -24.17
N GLU Y 60 -39.54 50.46 -24.59
CA GLU Y 60 -40.24 49.29 -24.07
C GLU Y 60 -39.22 48.29 -23.55
N ALA Y 61 -39.53 47.71 -22.38
CA ALA Y 61 -38.60 46.80 -21.74
C ALA Y 61 -38.61 45.44 -22.43
N ARG Y 62 -37.46 44.76 -22.37
CA ARG Y 62 -37.36 43.43 -22.96
C ARG Y 62 -38.19 42.44 -22.15
N GLU Y 63 -38.98 41.63 -22.84
CA GLU Y 63 -39.87 40.69 -22.17
C GLU Y 63 -39.07 39.68 -21.36
N ILE Y 64 -39.59 39.33 -20.18
CA ILE Y 64 -39.01 38.30 -19.35
C ILE Y 64 -39.85 37.04 -19.48
N LYS Y 65 -39.29 35.93 -19.02
CA LYS Y 65 -39.99 34.64 -19.07
C LYS Y 65 -41.15 34.60 -18.09
N GLY Z 2 16.95 8.59 82.18
CA GLY Z 2 17.48 8.00 83.39
C GLY Z 2 16.44 7.85 84.48
N GLN Z 3 16.85 8.08 85.73
CA GLN Z 3 15.96 8.01 86.87
C GLN Z 3 15.88 9.38 87.52
N LYS Z 4 14.66 9.83 87.81
CA LYS Z 4 14.45 11.14 88.43
C LYS Z 4 13.65 10.90 89.70
N TRP Z 5 14.34 10.52 90.77
CA TRP Z 5 13.76 10.54 92.12
C TRP Z 5 14.91 10.69 93.11
N LYS Z 6 15.19 11.93 93.48
CA LYS Z 6 16.24 12.28 94.44
C LYS Z 6 15.96 13.70 94.91
N LEU Z 7 16.93 14.29 95.61
CA LEU Z 7 16.89 15.63 96.20
C LEU Z 7 15.91 15.73 97.34
N TYR Z 8 15.20 14.65 97.70
CA TYR Z 8 14.27 14.65 98.81
C TYR Z 8 14.96 14.10 100.03
N ILE Z 9 14.95 14.87 101.13
CA ILE Z 9 15.58 14.42 102.36
C ILE Z 9 14.67 13.36 102.99
N VAL Z 10 15.05 12.09 102.83
CA VAL Z 10 14.31 10.97 103.40
C VAL Z 10 15.31 10.06 104.09
N LYS Z 11 15.15 9.89 105.40
CA LYS Z 11 16.10 9.16 106.22
C LYS Z 11 15.49 7.82 106.62
N ASP Z 12 16.27 7.01 107.33
CA ASP Z 12 15.87 5.65 107.65
C ASP Z 12 14.74 5.65 108.68
N GLY Z 13 13.54 6.03 108.25
CA GLY Z 13 12.38 6.09 109.13
C GLY Z 13 11.54 7.34 108.96
N LYS Z 14 12.02 8.39 108.31
CA LYS Z 14 11.29 9.63 108.18
C LYS Z 14 11.25 10.07 106.72
N VAL Z 15 10.05 10.40 106.24
CA VAL Z 15 9.83 10.85 104.88
C VAL Z 15 9.29 12.27 104.92
N ILE Z 16 10.07 13.21 104.41
CA ILE Z 16 9.66 14.61 104.36
C ILE Z 16 10.09 15.18 103.02
N ARG Z 17 9.18 15.87 102.36
CA ARG Z 17 9.44 16.41 101.03
C ARG Z 17 10.06 17.79 100.99
N LYS Z 18 11.13 17.91 100.23
CA LYS Z 18 11.81 19.19 100.07
C LYS Z 18 10.95 20.18 99.29
N ASN Z 19 10.24 19.71 98.27
CA ASN Z 19 9.43 20.57 97.42
C ASN Z 19 7.96 20.36 97.71
N LYS Z 20 7.27 21.44 98.06
CA LYS Z 20 5.85 21.39 98.38
C LYS Z 20 5.04 21.13 97.12
N PHE Z 21 3.85 20.59 97.31
CA PHE Z 21 2.93 20.36 96.23
C PHE Z 21 2.06 21.60 96.02
N CYS Z 22 1.41 21.65 94.87
CA CYS Z 22 0.55 22.78 94.57
C CYS Z 22 -0.62 22.81 95.55
N PRO Z 23 -1.01 23.98 96.06
CA PRO Z 23 -2.22 24.05 96.88
C PRO Z 23 -3.48 23.65 96.14
N ARG Z 24 -3.48 23.70 94.81
CA ARG Z 24 -4.64 23.23 94.06
C ARG Z 24 -4.82 21.73 94.20
N CYS Z 25 -3.74 20.96 94.21
CA CYS Z 25 -3.80 19.50 94.23
C CYS Z 25 -3.19 18.96 95.52
N GLY Z 26 -3.17 17.64 95.62
CA GLY Z 26 -2.69 16.97 96.82
C GLY Z 26 -1.20 16.75 96.81
N PRO Z 27 -0.70 16.03 97.82
CA PRO Z 27 0.73 15.72 97.88
C PRO Z 27 1.14 14.71 96.81
N GLY Z 28 2.36 14.88 96.32
CA GLY Z 28 2.90 13.99 95.32
C GLY Z 28 3.34 14.68 94.04
N VAL Z 29 2.56 15.67 93.59
CA VAL Z 29 2.96 16.46 92.43
C VAL Z 29 3.93 17.53 92.89
N PHE Z 30 5.08 17.61 92.23
CA PHE Z 30 6.22 18.37 92.72
C PHE Z 30 6.53 19.54 91.79
N MET Z 31 7.03 20.61 92.39
CA MET Z 31 7.37 21.84 91.67
C MET Z 31 8.76 21.70 91.05
N ALA Z 32 9.19 22.74 90.36
CA ALA Z 32 10.54 22.78 89.80
C ALA Z 32 11.47 23.45 90.81
N ASP Z 33 12.67 23.79 90.38
CA ASP Z 33 13.66 24.43 91.24
C ASP Z 33 14.15 25.72 90.61
N HIS Z 34 13.21 26.57 90.19
CA HIS Z 34 13.57 27.87 89.66
C HIS Z 34 14.31 28.71 90.71
N GLY Z 35 13.79 28.73 91.93
CA GLY Z 35 14.40 29.47 93.02
C GLY Z 35 13.94 30.90 93.13
N ASP Z 36 13.55 31.51 92.00
CA ASP Z 36 12.99 32.85 92.04
C ASP Z 36 11.50 32.82 92.32
N ARG Z 37 10.80 31.88 91.71
CA ARG Z 37 9.38 31.67 91.99
C ARG Z 37 9.13 30.18 92.06
N TRP Z 38 8.07 29.81 92.79
CA TRP Z 38 7.65 28.42 92.89
C TRP Z 38 7.02 28.05 91.56
N ALA Z 39 7.83 27.42 90.69
CA ALA Z 39 7.38 27.17 89.31
C ALA Z 39 6.16 26.27 89.27
N CYS Z 40 6.16 25.21 90.07
CA CYS Z 40 5.02 24.30 90.24
C CYS Z 40 4.75 23.47 88.99
N GLY Z 41 5.38 23.79 87.88
CA GLY Z 41 5.21 23.01 86.68
C GLY Z 41 3.84 23.22 86.03
N ARG Z 42 2.78 22.94 86.79
CA ARG Z 42 1.43 22.90 86.23
C ARG Z 42 0.51 24.01 86.72
N CYS Z 43 0.79 24.63 87.85
CA CYS Z 43 0.03 25.80 88.29
C CYS Z 43 0.78 27.09 88.10
N GLY Z 44 1.98 27.21 88.65
CA GLY Z 44 2.77 28.41 88.48
C GLY Z 44 2.35 29.50 89.43
N TYR Z 45 3.32 30.12 90.12
CA TYR Z 45 2.99 31.15 91.09
C TYR Z 45 4.00 32.29 91.00
N THR Z 46 3.46 33.51 90.95
CA THR Z 46 4.26 34.74 90.95
C THR Z 46 4.28 35.23 92.40
N GLU Z 47 5.14 34.61 93.20
CA GLU Z 47 5.19 34.83 94.63
C GLU Z 47 6.51 35.43 95.08
N TRP Z 48 7.57 35.32 94.29
CA TRP Z 48 8.95 35.61 94.70
C TRP Z 48 9.30 34.81 95.95
N LYS Z 49 9.38 33.49 95.75
CA LYS Z 49 9.81 32.59 96.80
C LYS Z 49 11.16 33.02 97.35
N LYS Z 50 11.49 32.51 98.53
CA LYS Z 50 12.72 32.92 99.20
C LYS Z 50 13.84 31.90 98.99
N ALA AA 2 -39.74 31.22 55.44
CA ALA AA 2 -41.16 31.15 55.16
C ALA AA 2 -41.54 29.76 54.67
N ILE AA 3 -42.68 29.68 54.00
CA ILE AA 3 -43.21 28.38 53.59
C ILE AA 3 -42.33 27.73 52.54
N GLU AA 4 -41.73 28.52 51.64
CA GLU AA 4 -40.88 27.95 50.61
C GLU AA 4 -39.68 27.24 51.20
N ARG AA 5 -39.07 27.83 52.23
CA ARG AA 5 -37.88 27.25 52.82
C ARG AA 5 -38.17 25.90 53.43
N TYR AA 6 -39.40 25.67 53.89
CA TYR AA 6 -39.75 24.39 54.49
C TYR AA 6 -39.80 23.28 53.44
N PHE AA 7 -40.49 23.52 52.32
CA PHE AA 7 -40.62 22.51 51.29
C PHE AA 7 -39.27 22.11 50.72
N ILE AA 8 -38.39 23.06 50.50
CA ILE AA 8 -37.08 22.77 49.94
C ILE AA 8 -36.24 21.94 50.91
N ARG AA 9 -36.39 22.21 52.21
CA ARG AA 9 -35.60 21.50 53.20
C ARG AA 9 -35.92 20.01 53.22
N GLU AA 10 -37.19 19.66 53.05
CA GLU AA 10 -37.57 18.25 53.08
C GLU AA 10 -37.07 17.50 51.86
N ALA AA 11 -37.12 18.14 50.69
CA ALA AA 11 -36.72 17.45 49.47
C ALA AA 11 -35.24 17.13 49.46
N VAL AA 12 -34.43 17.96 50.11
CA VAL AA 12 -32.99 17.70 50.11
C VAL AA 12 -32.64 16.51 50.99
N LYS AA 13 -33.30 16.40 52.14
CA LYS AA 13 -33.03 15.27 53.04
C LYS AA 13 -33.32 13.94 52.35
N GLU AA 14 -34.46 13.84 51.69
CA GLU AA 14 -34.80 12.61 51.00
C GLU AA 14 -33.78 12.29 49.92
N MET AA 15 -33.34 13.31 49.18
CA MET AA 15 -32.36 13.08 48.12
C MET AA 15 -31.04 12.56 48.70
N LEU AA 16 -30.57 13.17 49.77
CA LEU AA 16 -29.31 12.71 50.38
C LEU AA 16 -29.43 11.30 50.91
N ILE AA 17 -30.54 10.99 51.58
CA ILE AA 17 -30.75 9.64 52.10
C ILE AA 17 -30.80 8.63 50.96
N ASP AA 18 -31.53 8.97 49.90
CA ASP AA 18 -31.68 8.05 48.79
C ASP AA 18 -30.33 7.76 48.13
N GLU AA 19 -29.50 8.79 47.94
CA GLU AA 19 -28.19 8.55 47.36
C GLU AA 19 -27.32 7.70 48.27
N PHE AA 20 -27.36 7.95 49.58
CA PHE AA 20 -26.60 7.13 50.51
C PHE AA 20 -27.00 5.66 50.42
N LEU AA 21 -28.30 5.38 50.46
CA LEU AA 21 -28.76 4.00 50.37
C LEU AA 21 -28.42 3.38 49.02
N GLU AA 22 -28.58 4.13 47.94
CA GLU AA 22 -28.27 3.62 46.61
C GLU AA 22 -26.82 3.18 46.53
N LYS AA 23 -25.93 3.93 47.17
CA LYS AA 23 -24.54 3.49 47.22
C LYS AA 23 -24.35 2.34 48.19
N GLU AA 24 -25.20 2.25 49.22
CA GLU AA 24 -24.97 1.28 50.29
C GLU AA 24 -25.52 -0.09 49.93
N LEU AA 25 -26.82 -0.18 49.67
CA LEU AA 25 -27.47 -1.45 49.38
C LEU AA 25 -27.37 -1.81 47.90
N ARG AA 26 -26.17 -1.80 47.33
CA ARG AA 26 -26.06 -2.08 45.90
C ARG AA 26 -26.18 -3.57 45.61
N ARG AA 27 -25.57 -4.43 46.42
CA ARG AA 27 -25.66 -5.86 46.18
C ARG AA 27 -27.06 -6.42 46.35
N ALA AA 28 -27.95 -5.71 47.02
CA ALA AA 28 -29.29 -6.20 47.32
C ALA AA 28 -30.32 -5.80 46.29
N GLY AA 29 -29.94 -5.05 45.26
CA GLY AA 29 -30.91 -4.64 44.26
C GLY AA 29 -31.87 -3.57 44.76
N TYR AA 30 -31.31 -2.45 45.21
CA TYR AA 30 -32.11 -1.36 45.73
C TYR AA 30 -33.06 -0.82 44.69
N GLY AA 31 -34.29 -0.54 45.11
CA GLY AA 31 -35.30 -0.10 44.18
C GLY AA 31 -36.13 1.09 44.65
N GLY AA 32 -35.55 1.94 45.46
CA GLY AA 32 -36.21 3.15 45.91
C GLY AA 32 -36.59 3.07 47.39
N LEU AA 33 -37.19 4.16 47.86
CA LEU AA 33 -37.62 4.25 49.24
C LEU AA 33 -38.87 5.12 49.32
N ASP AA 34 -39.49 5.11 50.50
CA ASP AA 34 -40.65 5.92 50.78
C ASP AA 34 -40.59 6.37 52.24
N ILE AA 35 -40.85 7.66 52.46
CA ILE AA 35 -40.75 8.25 53.79
C ILE AA 35 -42.12 8.78 54.17
N LYS AA 36 -42.61 8.38 55.35
CA LYS AA 36 -43.87 8.83 55.88
C LYS AA 36 -43.63 9.36 57.28
N LYS AA 37 -44.36 10.41 57.66
CA LYS AA 37 -44.22 10.98 58.99
C LYS AA 37 -45.48 10.66 59.78
N THR AA 38 -45.30 10.14 60.99
CA THR AA 38 -46.38 9.80 61.89
C THR AA 38 -46.15 10.53 63.21
N PRO AA 39 -47.19 10.73 64.02
CA PRO AA 39 -46.99 11.47 65.28
C PRO AA 39 -45.99 10.80 66.22
N LEU AA 40 -45.77 9.50 66.07
CA LEU AA 40 -44.79 8.80 66.88
C LEU AA 40 -43.39 8.85 66.30
N GLY AA 41 -43.24 9.21 65.02
CA GLY AA 41 -41.93 9.26 64.43
C GLY AA 41 -41.94 9.26 62.92
N THR AA 42 -41.09 8.46 62.31
CA THR AA 42 -40.99 8.38 60.86
C THR AA 42 -40.96 6.92 60.44
N LYS AA 43 -41.78 6.57 59.46
CA LYS AA 43 -41.79 5.25 58.88
C LYS AA 43 -41.03 5.31 57.56
N VAL AA 44 -40.02 4.46 57.42
CA VAL AA 44 -39.17 4.43 56.23
C VAL AA 44 -39.32 3.05 55.61
N ILE AA 45 -39.88 3.00 54.39
CA ILE AA 45 -40.03 1.77 53.64
C ILE AA 45 -38.93 1.71 52.60
N ILE AA 46 -38.24 0.58 52.53
CA ILE AA 46 -37.18 0.34 51.57
C ILE AA 46 -37.60 -0.81 50.66
N PHE AA 47 -37.48 -0.61 49.36
CA PHE AA 47 -37.80 -1.63 48.37
C PHE AA 47 -36.51 -2.30 47.91
N ALA AA 48 -36.51 -3.64 47.91
CA ALA AA 48 -35.31 -4.38 47.53
C ALA AA 48 -35.74 -5.74 47.02
N ALA AA 49 -34.83 -6.41 46.33
CA ALA AA 49 -35.08 -7.74 45.80
C ALA AA 49 -34.45 -8.85 46.64
N ASN AA 50 -33.53 -8.52 47.54
CA ASN AA 50 -32.91 -9.48 48.45
C ASN AA 50 -32.97 -8.93 49.86
N PRO AA 51 -34.12 -9.05 50.53
CA PRO AA 51 -34.23 -8.50 51.89
C PRO AA 51 -33.25 -9.09 52.89
N GLY AA 52 -32.76 -10.31 52.64
CA GLY AA 52 -31.85 -10.93 53.57
C GLY AA 52 -30.56 -10.16 53.75
N TYR AA 53 -30.01 -9.62 52.65
CA TYR AA 53 -28.80 -8.81 52.76
C TYR AA 53 -29.08 -7.52 53.53
N VAL AA 54 -30.25 -6.93 53.31
CA VAL AA 54 -30.59 -5.68 53.99
C VAL AA 54 -30.71 -5.90 55.49
N ILE AA 55 -31.36 -6.99 55.90
CA ILE AA 55 -31.51 -7.26 57.33
C ILE AA 55 -30.17 -7.66 57.94
N GLY AA 56 -29.44 -8.56 57.29
CA GLY AA 56 -28.06 -8.82 57.65
C GLY AA 56 -27.77 -9.79 58.78
N ARG AA 57 -28.14 -11.06 58.60
CA ARG AA 57 -27.79 -12.14 59.52
C ARG AA 57 -28.31 -11.86 60.94
N GLY AA 58 -29.64 -11.79 61.04
CA GLY AA 58 -30.26 -11.55 62.32
C GLY AA 58 -30.00 -10.17 62.85
N GLY AA 59 -30.58 -9.16 62.20
CA GLY AA 59 -30.37 -7.80 62.64
C GLY AA 59 -28.97 -7.33 62.37
N ARG AA 60 -28.43 -6.53 63.29
CA ARG AA 60 -27.03 -6.12 63.29
C ARG AA 60 -26.71 -5.22 62.11
N ARG AA 61 -27.65 -5.03 61.20
CA ARG AA 61 -27.48 -4.11 60.09
C ARG AA 61 -28.65 -3.17 60.01
N ILE AA 62 -29.85 -3.69 60.27
CA ILE AA 62 -31.02 -2.81 60.32
C ILE AA 62 -30.85 -1.81 61.45
N ARG AA 63 -30.37 -2.27 62.60
CA ARG AA 63 -30.08 -1.33 63.68
C ARG AA 63 -28.98 -0.37 63.26
N GLU AA 64 -27.99 -0.85 62.51
CA GLU AA 64 -26.93 0.02 62.01
C GLU AA 64 -27.50 1.12 61.14
N LEU AA 65 -28.40 0.75 60.21
CA LEU AA 65 -29.02 1.75 59.35
C LEU AA 65 -29.88 2.72 60.14
N THR AA 66 -30.65 2.23 61.10
CA THR AA 66 -31.49 3.12 61.89
C THR AA 66 -30.64 4.13 62.65
N ARG AA 67 -29.57 3.66 63.29
CA ARG AA 67 -28.73 4.55 64.07
C ARG AA 67 -28.04 5.57 63.18
N ILE AA 68 -27.53 5.15 62.03
CA ILE AA 68 -26.87 6.09 61.13
C ILE AA 68 -27.87 7.11 60.59
N LEU AA 69 -29.06 6.64 60.22
CA LEU AA 69 -30.10 7.55 59.73
C LEU AA 69 -30.46 8.58 60.79
N GLU AA 70 -30.44 8.19 62.05
CA GLU AA 70 -30.77 9.16 63.09
C GLU AA 70 -29.63 10.13 63.34
N ARG AA 71 -28.38 9.65 63.33
CA ARG AA 71 -27.27 10.54 63.63
C ARG AA 71 -26.88 11.38 62.41
N GLN AA 72 -26.43 10.72 61.34
CA GLN AA 72 -25.88 11.44 60.21
C GLN AA 72 -26.93 12.31 59.52
N PHE AA 73 -28.14 11.79 59.35
CA PHE AA 73 -29.23 12.55 58.80
C PHE AA 73 -30.21 12.92 59.90
N GLY AA 74 -31.25 13.67 59.55
CA GLY AA 74 -32.07 14.29 60.56
C GLY AA 74 -33.43 13.66 60.82
N LEU AA 75 -33.62 12.42 60.45
CA LEU AA 75 -34.89 11.75 60.74
C LEU AA 75 -35.03 11.52 62.23
N GLU AA 76 -36.22 11.80 62.74
CA GLU AA 76 -36.50 11.66 64.17
C GLU AA 76 -37.32 10.41 64.40
N ASN AA 77 -36.86 9.58 65.33
CA ASN AA 77 -37.52 8.33 65.70
C ASN AA 77 -37.81 7.48 64.46
N PRO AA 78 -36.79 7.02 63.75
CA PRO AA 78 -37.03 6.27 62.51
C PRO AA 78 -37.47 4.84 62.80
N GLN AA 79 -38.04 4.21 61.78
CA GLN AA 79 -38.47 2.82 61.88
C GLN AA 79 -38.47 2.22 60.48
N ILE AA 80 -37.52 1.34 60.20
CA ILE AA 80 -37.26 0.83 58.85
C ILE AA 80 -38.03 -0.45 58.63
N ASP AA 81 -38.76 -0.52 57.53
CA ASP AA 81 -39.38 -1.75 57.05
C ASP AA 81 -38.88 -2.04 55.64
N VAL AA 82 -38.67 -3.32 55.35
CA VAL AA 82 -38.11 -3.77 54.08
C VAL AA 82 -39.17 -4.57 53.34
N GLN AA 83 -39.39 -4.23 52.08
CA GLN AA 83 -40.42 -4.88 51.29
C GLN AA 83 -39.85 -5.44 50.00
N GLU AA 84 -40.73 -5.80 49.06
CA GLU AA 84 -40.34 -6.37 47.78
C GLU AA 84 -40.73 -5.42 46.65
N ILE AA 85 -39.83 -5.28 45.68
CA ILE AA 85 -40.06 -4.38 44.55
C ILE AA 85 -41.25 -4.87 43.74
N LYS AA 86 -42.04 -3.92 43.22
CA LYS AA 86 -43.32 -4.26 42.60
C LYS AA 86 -43.13 -4.92 41.24
N ASN AA 87 -42.55 -4.19 40.29
CA ASN AA 87 -42.36 -4.67 38.93
C ASN AA 87 -40.87 -4.59 38.60
N PRO AA 88 -40.10 -5.62 38.96
CA PRO AA 88 -38.65 -5.55 38.73
C PRO AA 88 -38.26 -5.40 37.29
N TYR AA 89 -39.05 -5.94 36.36
CA TYR AA 89 -38.68 -5.89 34.95
C TYR AA 89 -39.17 -4.64 34.25
N LEU AA 90 -39.94 -3.79 34.93
CA LEU AA 90 -40.35 -2.51 34.37
C LEU AA 90 -39.64 -1.35 35.04
N ASN AA 91 -38.58 -1.61 35.78
CA ASN AA 91 -37.83 -0.57 36.49
C ASN AA 91 -36.46 -0.46 35.82
N ALA AA 92 -36.18 0.69 35.21
CA ALA AA 92 -34.97 0.82 34.41
C ALA AA 92 -33.73 0.91 35.30
N LYS AA 93 -33.86 1.48 36.48
CA LYS AA 93 -32.72 1.59 37.39
C LYS AA 93 -32.22 0.21 37.79
N VAL AA 94 -33.15 -0.67 38.17
CA VAL AA 94 -32.78 -2.02 38.58
C VAL AA 94 -32.11 -2.77 37.44
N GLN AA 95 -32.68 -2.67 36.24
CA GLN AA 95 -32.11 -3.37 35.10
C GLN AA 95 -30.73 -2.86 34.75
N ALA AA 96 -30.51 -1.55 34.85
CA ALA AA 96 -29.18 -1.01 34.59
C ALA AA 96 -28.18 -1.56 35.58
N VAL AA 97 -28.54 -1.61 36.87
CA VAL AA 97 -27.60 -2.12 37.86
C VAL AA 97 -27.31 -3.60 37.62
N ARG AA 98 -28.34 -4.37 37.28
CA ARG AA 98 -28.12 -5.79 37.01
C ARG AA 98 -27.20 -6.01 35.81
N ILE AA 99 -27.39 -5.24 34.75
CA ILE AA 99 -26.52 -5.38 33.59
C ILE AA 99 -25.10 -5.01 33.95
N ALA AA 100 -24.92 -3.96 34.75
CA ALA AA 100 -23.57 -3.57 35.15
C ALA AA 100 -22.91 -4.66 35.98
N GLN AA 101 -23.65 -5.27 36.90
CA GLN AA 101 -23.07 -6.34 37.71
C GLN AA 101 -22.72 -7.55 36.87
N ALA AA 102 -23.58 -7.90 35.91
CA ALA AA 102 -23.26 -9.00 35.01
C ALA AA 102 -21.99 -8.73 34.22
N LEU AA 103 -21.81 -7.49 33.76
CA LEU AA 103 -20.56 -7.15 33.09
C LEU AA 103 -19.38 -7.31 34.03
N GLU AA 104 -19.51 -6.86 35.27
CA GLU AA 104 -18.41 -6.96 36.23
C GLU AA 104 -18.10 -8.42 36.55
N ARG AA 105 -19.06 -9.32 36.36
CA ARG AA 105 -18.82 -10.72 36.62
C ARG AA 105 -17.89 -11.33 35.59
N GLY AA 106 -18.01 -10.93 34.33
CA GLY AA 106 -17.13 -11.42 33.29
C GLY AA 106 -17.85 -11.82 32.01
N ILE AA 107 -19.13 -11.48 31.92
CA ILE AA 107 -19.95 -11.87 30.78
C ILE AA 107 -19.74 -10.90 29.62
N HIS AA 108 -19.73 -11.45 28.40
CA HIS AA 108 -19.60 -10.63 27.20
C HIS AA 108 -20.82 -9.74 27.04
N PHE AA 109 -20.61 -8.50 26.59
CA PHE AA 109 -21.65 -7.48 26.73
C PHE AA 109 -22.84 -7.77 25.82
N ARG AA 110 -22.61 -8.38 24.66
CA ARG AA 110 -23.73 -8.71 23.78
C ARG AA 110 -24.66 -9.71 24.42
N ARG AA 111 -24.12 -10.74 25.06
CA ARG AA 111 -24.97 -11.74 25.71
C ARG AA 111 -25.78 -11.12 26.84
N ALA AA 112 -25.13 -10.28 27.65
CA ALA AA 112 -25.85 -9.61 28.74
C ALA AA 112 -27.00 -8.78 28.20
N ALA AA 113 -26.72 -7.96 27.19
CA ALA AA 113 -27.75 -7.09 26.63
C ALA AA 113 -28.91 -7.88 26.06
N TYR AA 114 -28.61 -8.94 25.30
CA TYR AA 114 -29.69 -9.69 24.66
C TYR AA 114 -30.53 -10.44 25.69
N ALA AA 115 -29.90 -11.02 26.70
CA ALA AA 115 -30.66 -11.69 27.74
C ALA AA 115 -31.58 -10.71 28.47
N ALA AA 116 -31.06 -9.52 28.79
CA ALA AA 116 -31.87 -8.54 29.49
C ALA AA 116 -33.05 -8.10 28.64
N MET AA 117 -32.82 -7.83 27.36
CA MET AA 117 -33.92 -7.41 26.49
C MET AA 117 -34.96 -8.51 26.35
N ARG AA 118 -34.52 -9.76 26.21
CA ARG AA 118 -35.47 -10.85 26.08
C ARG AA 118 -36.35 -10.95 27.31
N ALA AA 119 -35.75 -10.87 28.50
CA ALA AA 119 -36.56 -10.93 29.72
C ALA AA 119 -37.54 -9.76 29.80
N ILE AA 120 -37.07 -8.54 29.52
CA ILE AA 120 -37.93 -7.37 29.68
C ILE AA 120 -39.08 -7.41 28.69
N MET AA 121 -38.81 -7.79 27.45
CA MET AA 121 -39.90 -7.85 26.48
C MET AA 121 -40.84 -9.00 26.78
N SER AA 122 -40.31 -10.10 27.34
CA SER AA 122 -41.18 -11.20 27.73
C SER AA 122 -42.15 -10.80 28.83
N ASN AA 123 -41.70 -10.01 29.80
CA ASN AA 123 -42.59 -9.63 30.89
C ASN AA 123 -43.54 -8.49 30.53
N GLY AA 124 -43.71 -8.19 29.24
CA GLY AA 124 -44.79 -7.36 28.78
C GLY AA 124 -44.57 -5.86 28.74
N ALA AA 125 -43.52 -5.41 28.05
CA ALA AA 125 -43.25 -4.00 27.86
C ALA AA 125 -43.28 -3.67 26.37
N ARG AA 126 -43.71 -2.45 26.06
CA ARG AA 126 -43.89 -2.07 24.66
C ARG AA 126 -42.57 -1.82 23.94
N GLY AA 127 -41.52 -1.46 24.67
CA GLY AA 127 -40.24 -1.22 24.03
C GLY AA 127 -39.15 -0.98 25.05
N VAL AA 128 -37.92 -1.24 24.62
CA VAL AA 128 -36.75 -1.10 25.47
C VAL AA 128 -35.56 -0.70 24.61
N GLU AA 129 -34.71 0.16 25.15
CA GLU AA 129 -33.46 0.52 24.49
C GLU AA 129 -32.33 0.44 25.49
N ILE AA 130 -31.19 -0.11 25.08
CA ILE AA 130 -30.02 -0.25 25.93
C ILE AA 130 -28.82 0.31 25.19
N ARG AA 131 -28.02 1.11 25.87
CA ARG AA 131 -26.80 1.65 25.29
C ARG AA 131 -25.62 1.39 26.20
N ILE AA 132 -24.54 0.85 25.64
CA ILE AA 132 -23.36 0.46 26.41
C ILE AA 132 -22.14 1.13 25.79
N SER AA 133 -21.39 1.86 26.62
CA SER AA 133 -20.28 2.66 26.12
C SER AA 133 -19.04 2.47 26.99
N GLY AA 134 -17.87 2.49 26.37
CA GLY AA 134 -16.63 2.38 27.09
C GLY AA 134 -15.61 1.62 26.28
N LYS AA 135 -14.51 1.23 26.93
CA LYS AA 135 -13.42 0.50 26.27
C LYS AA 135 -13.77 -0.97 26.15
N LEU AA 136 -14.64 -1.27 25.20
CA LEU AA 136 -15.03 -2.64 24.94
C LEU AA 136 -14.26 -3.14 23.73
N THR AA 137 -13.47 -4.19 23.94
CA THR AA 137 -12.68 -4.81 22.88
C THR AA 137 -11.64 -3.84 22.30
N GLY AA 138 -10.67 -3.49 23.12
CA GLY AA 138 -9.55 -2.68 22.69
C GLY AA 138 -9.32 -1.50 23.61
N GLU AA 139 -8.36 -0.67 23.21
CA GLU AA 139 -8.05 0.52 24.00
C GLU AA 139 -8.64 1.80 23.44
N ARG AA 140 -9.36 1.73 22.31
CA ARG AA 140 -10.10 2.87 21.79
C ARG AA 140 -11.57 2.67 22.12
N ALA AA 141 -12.20 3.66 22.75
CA ALA AA 141 -13.54 3.52 23.26
C ALA AA 141 -14.57 3.50 22.13
N LYS AA 142 -15.75 2.96 22.45
CA LYS AA 142 -16.76 2.66 21.46
C LYS AA 142 -18.11 2.61 22.16
N SER AA 143 -19.18 2.83 21.40
CA SER AA 143 -20.54 2.77 21.92
C SER AA 143 -21.39 1.85 21.05
N VAL AA 144 -22.23 1.03 21.67
CA VAL AA 144 -23.13 0.15 20.93
C VAL AA 144 -24.53 0.27 21.51
N ARG AA 145 -25.53 -0.07 20.69
CA ARG AA 145 -26.92 0.21 20.98
C ARG AA 145 -27.81 -0.96 20.57
N PHE AA 146 -28.73 -1.32 21.45
CA PHE AA 146 -29.65 -2.44 21.26
C PHE AA 146 -31.07 -1.94 21.43
N TYR AA 147 -31.99 -2.41 20.59
CA TYR AA 147 -33.31 -1.81 20.53
C TYR AA 147 -34.31 -2.82 19.98
N GLN AA 148 -35.54 -2.75 20.50
CA GLN AA 148 -36.68 -3.45 19.91
C GLN AA 148 -37.98 -2.97 20.55
N GLY AA 149 -38.97 -2.71 19.72
CA GLY AA 149 -40.29 -2.30 20.16
C GLY AA 149 -40.66 -0.89 19.75
N TYR AA 150 -41.55 -0.29 20.52
CA TYR AA 150 -42.01 1.07 20.31
C TYR AA 150 -41.50 1.95 21.44
N LEU AA 151 -40.92 3.09 21.11
CA LEU AA 151 -40.24 3.92 22.10
C LEU AA 151 -40.24 5.36 21.65
N ALA AA 152 -40.80 6.26 22.45
CA ALA AA 152 -40.77 7.69 22.19
C ALA AA 152 -39.50 8.31 22.75
N LYS AA 153 -39.01 9.34 22.08
CA LYS AA 153 -37.73 9.94 22.46
C LYS AA 153 -37.76 11.45 22.60
N VAL AA 154 -38.68 12.13 21.95
CA VAL AA 154 -38.71 13.59 21.93
C VAL AA 154 -40.11 14.05 22.27
N GLY AA 155 -40.22 15.07 23.10
CA GLY AA 155 -41.49 15.68 23.43
C GLY AA 155 -41.93 15.32 24.84
N ASN AA 156 -43.10 15.85 25.20
CA ASN AA 156 -43.64 15.62 26.54
C ASN AA 156 -43.91 14.16 26.86
N PRO AA 157 -44.53 13.35 25.99
CA PRO AA 157 -44.76 11.95 26.37
C PRO AA 157 -43.50 11.18 26.72
N ALA AA 158 -42.39 11.46 26.05
CA ALA AA 158 -41.13 10.81 26.42
C ALA AA 158 -40.66 11.27 27.79
N GLU AA 159 -41.12 12.42 28.24
CA GLU AA 159 -40.71 12.92 29.55
C GLU AA 159 -41.44 12.19 30.67
N THR AA 160 -42.72 11.90 30.48
CA THR AA 160 -43.53 11.38 31.57
C THR AA 160 -43.68 9.87 31.58
N LEU AA 161 -43.68 9.22 30.41
CA LEU AA 161 -44.04 7.81 30.32
C LEU AA 161 -42.86 6.87 30.38
N VAL AA 162 -41.77 7.20 29.72
CA VAL AA 162 -40.63 6.30 29.63
C VAL AA 162 -39.83 6.36 30.92
N SER AA 163 -39.40 5.20 31.39
CA SER AA 163 -38.52 5.11 32.56
C SER AA 163 -37.07 5.00 32.11
N LYS AA 164 -36.17 5.68 32.81
CA LYS AA 164 -34.77 5.73 32.45
C LYS AA 164 -33.90 5.34 33.63
N GLY AA 165 -32.75 4.76 33.34
CA GLY AA 165 -31.81 4.38 34.38
C GLY AA 165 -30.39 4.35 33.85
N TYR AA 166 -29.44 4.62 34.75
CA TYR AA 166 -28.03 4.69 34.39
C TYR AA 166 -27.20 3.99 35.46
N ALA AA 167 -26.09 3.39 35.06
CA ALA AA 167 -25.19 2.77 36.02
C ALA AA 167 -23.78 2.68 35.47
N GLN AA 168 -22.83 2.59 36.39
CA GLN AA 168 -21.42 2.42 36.06
C GLN AA 168 -20.96 1.01 36.39
N ALA AA 169 -20.08 0.46 35.56
CA ALA AA 169 -19.46 -0.83 35.78
C ALA AA 169 -17.96 -0.62 35.83
N LEU AA 170 -17.34 -1.00 36.94
CA LEU AA 170 -15.91 -0.80 37.14
C LEU AA 170 -15.19 -2.12 36.86
N LEU AA 171 -14.50 -2.18 35.73
CA LEU AA 171 -13.69 -3.32 35.36
C LEU AA 171 -12.22 -3.01 35.61
N LYS AA 172 -11.35 -3.92 35.17
CA LYS AA 172 -9.92 -3.75 35.38
C LYS AA 172 -9.36 -2.62 34.56
N LEU AA 173 -9.89 -2.40 33.35
CA LEU AA 173 -9.36 -1.41 32.44
C LEU AA 173 -9.95 -0.02 32.63
N GLY AA 174 -11.14 0.09 33.21
CA GLY AA 174 -11.78 1.37 33.39
C GLY AA 174 -13.27 1.17 33.55
N VAL AA 175 -14.01 2.27 33.48
CA VAL AA 175 -15.45 2.23 33.73
C VAL AA 175 -16.18 2.04 32.41
N ILE AA 176 -17.34 1.41 32.49
CA ILE AA 176 -18.25 1.20 31.37
C ILE AA 176 -19.59 1.79 31.79
N GLY AA 177 -20.21 2.57 30.90
CA GLY AA 177 -21.50 3.16 31.18
C GLY AA 177 -22.64 2.38 30.56
N VAL AA 178 -23.69 2.18 31.34
CA VAL AA 178 -24.88 1.43 30.91
C VAL AA 178 -26.09 2.33 31.07
N LYS AA 179 -26.84 2.52 29.99
CA LYS AA 179 -28.08 3.29 30.01
C LYS AA 179 -29.23 2.44 29.51
N VAL AA 180 -30.38 2.55 30.19
CA VAL AA 180 -31.54 1.73 29.87
C VAL AA 180 -32.79 2.61 29.84
N ALA AA 181 -33.66 2.39 28.86
CA ALA AA 181 -34.96 3.04 28.79
C ALA AA 181 -36.04 2.03 28.49
N ILE AA 182 -37.16 2.11 29.20
CA ILE AA 182 -38.25 1.15 29.08
C ILE AA 182 -39.58 1.87 28.99
N MET AA 183 -40.46 1.39 28.11
CA MET AA 183 -41.81 1.94 28.02
C MET AA 183 -42.85 0.95 28.53
N PRO AA 184 -43.72 1.35 29.45
CA PRO AA 184 -44.61 0.40 30.14
C PRO AA 184 -45.71 -0.10 29.21
N PRO AA 185 -46.39 -1.19 29.59
CA PRO AA 185 -47.43 -1.73 28.70
C PRO AA 185 -48.67 -0.85 28.59
N ASP AA 186 -49.03 -0.12 29.65
CA ASP AA 186 -50.27 0.64 29.65
C ASP AA 186 -50.10 2.07 29.17
N ALA AA 187 -48.91 2.45 28.73
CA ALA AA 187 -48.67 3.79 28.20
C ALA AA 187 -49.41 3.97 26.88
N ARG AA 188 -50.05 5.12 26.72
CA ARG AA 188 -50.79 5.46 25.51
C ARG AA 188 -50.27 6.78 24.97
N LEU AA 189 -50.01 6.82 23.66
CA LEU AA 189 -49.54 8.03 23.02
C LEU AA 189 -50.70 8.93 22.62
N PRO AA 190 -50.44 10.21 22.36
CA PRO AA 190 -51.53 11.11 21.98
C PRO AA 190 -52.26 10.71 20.71
N ASP AA 191 -51.59 10.06 19.76
CA ASP AA 191 -52.17 9.81 18.45
C ASP AA 191 -52.85 8.45 18.35
N GLU AA 192 -53.08 7.78 19.48
CA GLU AA 192 -53.72 6.47 19.50
C GLU AA 192 -55.17 6.66 19.94
N ILE AA 193 -56.06 6.78 18.96
CA ILE AA 193 -57.46 7.08 19.18
C ILE AA 193 -58.31 5.92 18.69
N GLU AA 194 -59.32 5.56 19.47
CA GLU AA 194 -60.13 4.38 19.21
C GLU AA 194 -61.60 4.74 19.12
N ILE AA 195 -62.31 3.97 18.29
CA ILE AA 195 -63.72 4.22 18.00
C ILE AA 195 -64.57 3.41 18.95
N ILE AA 196 -65.50 4.08 19.64
CA ILE AA 196 -66.37 3.44 20.61
C ILE AA 196 -67.44 2.65 19.87
N GLU AA 197 -67.66 1.40 20.27
CA GLU AA 197 -68.62 0.54 19.64
C GLU AA 197 -69.95 0.53 20.39
N MET BA 1 10.37 7.37 -34.15
CA MET BA 1 10.36 6.69 -32.87
C MET BA 1 9.24 5.67 -32.80
N LYS BA 2 9.38 4.70 -31.90
CA LYS BA 2 8.32 3.73 -31.69
C LYS BA 2 7.19 4.30 -30.85
N ARG BA 3 5.99 3.79 -31.08
CA ARG BA 3 4.80 4.26 -30.38
C ARG BA 3 4.66 3.53 -29.05
N ARG BA 4 4.46 4.29 -27.98
CA ARG BA 4 4.07 3.76 -26.67
C ARG BA 4 2.87 4.55 -26.17
N PRO BA 5 1.67 4.21 -26.63
CA PRO BA 5 0.50 5.03 -26.25
C PRO BA 5 0.24 5.08 -24.77
N ARG BA 6 0.90 4.25 -23.99
CA ARG BA 6 0.83 4.35 -22.53
C ARG BA 6 1.51 5.61 -22.04
N LYS BA 7 2.45 6.16 -22.81
CA LYS BA 7 3.18 7.35 -22.40
C LYS BA 7 2.36 8.62 -22.54
N TRP BA 8 1.27 8.59 -23.30
CA TRP BA 8 0.50 9.81 -23.53
C TRP BA 8 -0.44 10.13 -22.38
N LYS BA 9 -0.68 9.18 -21.49
CA LYS BA 9 -1.53 9.44 -20.34
C LYS BA 9 -0.82 10.40 -19.38
N LYS BA 10 -1.60 11.30 -18.81
CA LYS BA 10 -1.05 12.47 -18.16
C LYS BA 10 -0.92 12.34 -16.65
N LYS BA 11 -1.31 11.22 -16.07
CA LYS BA 11 -1.26 11.08 -14.63
C LYS BA 11 0.15 10.84 -14.12
N GLY BA 12 0.72 11.84 -13.45
CA GLY BA 12 2.04 11.69 -12.86
C GLY BA 12 3.21 11.89 -13.79
N ARG BA 13 3.06 12.65 -14.86
CA ARG BA 13 4.17 12.89 -15.78
C ARG BA 13 3.85 14.11 -16.63
N MET BA 14 4.90 14.65 -17.26
CA MET BA 14 4.67 15.79 -18.15
C MET BA 14 4.29 15.31 -19.55
N ARG BA 15 3.92 16.27 -20.40
CA ARG BA 15 3.34 15.95 -21.69
C ARG BA 15 4.36 15.28 -22.60
N TRP BA 16 3.94 14.23 -23.30
CA TRP BA 16 4.87 13.41 -24.07
C TRP BA 16 5.47 14.18 -25.24
N LYS BA 17 4.69 15.04 -25.87
CA LYS BA 17 5.17 15.82 -27.01
C LYS BA 17 6.43 16.60 -26.65
N TRP BA 18 6.44 17.24 -25.48
CA TRP BA 18 7.57 18.05 -25.09
C TRP BA 18 8.75 17.22 -24.62
N ILE BA 19 8.51 16.04 -24.03
CA ILE BA 19 9.59 15.11 -23.75
C ILE BA 19 10.28 14.69 -25.04
N LYS BA 20 9.48 14.44 -26.07
CA LYS BA 20 10.03 14.09 -27.37
C LYS BA 20 10.89 15.21 -27.94
N LYS BA 21 10.41 16.45 -27.83
CA LYS BA 21 11.20 17.59 -28.29
C LYS BA 21 12.51 17.72 -27.50
N ARG BA 22 12.47 17.52 -26.19
CA ARG BA 22 13.68 17.60 -25.39
C ARG BA 22 14.69 16.54 -25.79
N ILE BA 23 14.21 15.30 -26.02
CA ILE BA 23 15.10 14.23 -26.44
C ILE BA 23 15.74 14.56 -27.77
N ARG BA 24 14.95 15.08 -28.72
CA ARG BA 24 15.52 15.40 -30.03
C ARG BA 24 16.54 16.52 -29.95
N ARG BA 25 16.31 17.51 -29.10
CA ARG BA 25 17.34 18.54 -28.89
C ARG BA 25 18.62 17.92 -28.35
N LEU BA 26 18.50 17.01 -27.40
CA LEU BA 26 19.68 16.40 -26.80
C LEU BA 26 20.42 15.51 -27.79
N LYS BA 27 19.71 14.93 -28.75
CA LYS BA 27 20.37 14.05 -29.72
C LYS BA 27 21.15 14.84 -30.78
N ARG BA 28 20.69 16.05 -31.13
CA ARG BA 28 21.43 16.86 -32.08
C ARG BA 28 22.80 17.22 -31.53
N GLN BA 29 22.87 17.55 -30.24
CA GLN BA 29 24.13 17.96 -29.63
C GLN BA 29 25.15 16.85 -29.66
N ARG BA 30 24.74 15.62 -29.34
CA ARG BA 30 25.66 14.49 -29.36
C ARG BA 30 26.15 14.21 -30.78
N LYS BA 31 25.27 14.36 -31.77
CA LYS BA 31 25.67 14.16 -33.16
C LYS BA 31 26.69 15.20 -33.61
N LYS BA 32 26.52 16.45 -33.22
CA LYS BA 32 27.44 17.50 -33.63
C LYS BA 32 28.79 17.36 -32.93
N GLU BA 33 28.79 16.95 -31.67
CA GLU BA 33 30.04 16.75 -30.95
C GLU BA 33 30.80 15.54 -31.47
N ARG BA 34 30.12 14.64 -32.18
CA ARG BA 34 30.79 13.47 -32.73
C ARG BA 34 31.61 13.81 -33.96
N GLY BA 35 31.09 14.64 -34.85
CA GLY BA 35 31.80 14.92 -36.09
C GLY BA 35 33.05 15.76 -35.91
N LEU BA 36 33.15 16.46 -34.79
CA LEU BA 36 34.33 17.29 -34.52
C LEU BA 36 35.53 16.42 -34.18
N ALA CA 2 12.65 -5.10 97.56
CA ALA CA 2 13.63 -4.05 97.34
C ALA CA 2 14.81 -4.58 96.55
N LYS CA 3 15.78 -5.15 97.26
CA LYS CA 3 16.96 -5.74 96.64
C LYS CA 3 17.49 -6.82 97.56
N PRO CA 4 18.03 -7.91 97.03
CA PRO CA 4 18.56 -8.98 97.91
C PRO CA 4 19.64 -8.51 98.86
N SER CA 5 20.47 -7.53 98.47
CA SER CA 5 21.53 -7.08 99.37
C SER CA 5 20.98 -6.11 100.40
N TYR CA 6 19.88 -6.49 101.05
CA TYR CA 6 19.28 -5.68 102.10
C TYR CA 6 18.51 -6.65 102.99
N VAL CA 7 19.15 -7.07 104.09
CA VAL CA 7 18.65 -8.20 104.89
C VAL CA 7 17.58 -7.67 105.83
N LYS CA 8 16.32 -7.70 105.38
CA LYS CA 8 15.17 -7.31 106.18
C LYS CA 8 14.68 -8.44 107.06
N PHE CA 9 14.30 -9.57 106.46
CA PHE CA 9 14.06 -10.81 107.20
C PHE CA 9 14.21 -11.97 106.22
N GLU CA 10 13.73 -13.14 106.61
CA GLU CA 10 13.91 -14.36 105.83
C GLU CA 10 12.92 -14.41 104.66
N VAL CA 11 12.85 -15.56 104.00
CA VAL CA 11 12.05 -15.68 102.78
C VAL CA 11 11.09 -16.85 102.90
N PRO CA 12 10.01 -16.72 103.68
CA PRO CA 12 9.05 -17.82 103.81
C PRO CA 12 8.40 -18.17 102.48
N LYS CA 13 8.17 -19.46 102.27
CA LYS CA 13 7.52 -19.91 101.04
C LYS CA 13 6.06 -19.46 101.01
N GLU CA 14 5.39 -19.50 102.17
CA GLU CA 14 3.96 -19.19 102.21
C GLU CA 14 3.65 -17.78 101.73
N LEU CA 15 4.47 -16.81 102.09
CA LEU CA 15 4.25 -15.43 101.65
C LEU CA 15 4.31 -15.34 100.14
N ALA CA 16 5.30 -15.98 99.52
CA ALA CA 16 5.40 -15.99 98.06
C ALA CA 16 4.22 -16.71 97.43
N GLU CA 17 3.78 -17.81 98.03
CA GLU CA 17 2.60 -18.52 97.54
C GLU CA 17 1.39 -17.59 97.53
N LYS CA 18 1.17 -16.87 98.62
CA LYS CA 18 0.04 -15.96 98.71
C LYS CA 18 0.20 -14.72 97.84
N ALA CA 19 1.42 -14.34 97.48
CA ALA CA 19 1.67 -13.09 96.79
C ALA CA 19 1.73 -13.23 95.27
N LEU CA 20 2.30 -14.32 94.75
CA LEU CA 20 2.49 -14.47 93.31
C LEU CA 20 1.35 -15.25 92.67
N GLN CA 21 0.76 -16.20 93.40
CA GLN CA 21 -0.28 -17.07 92.87
C GLN CA 21 -1.68 -16.54 93.10
N ALA CA 22 -1.83 -15.36 93.70
CA ALA CA 22 -3.13 -14.78 93.97
C ALA CA 22 -3.31 -13.42 93.30
N VAL CA 23 -2.60 -13.16 92.22
CA VAL CA 23 -2.79 -11.93 91.47
C VAL CA 23 -3.28 -12.25 90.06
N GLU CA 24 -2.99 -13.48 89.59
CA GLU CA 24 -3.62 -13.92 88.35
C GLU CA 24 -5.13 -14.00 88.50
N ILE CA 25 -5.58 -14.53 89.64
CA ILE CA 25 -7.00 -14.48 90.01
C ILE CA 25 -7.46 -13.07 90.32
N ALA CA 26 -6.54 -12.14 90.51
CA ALA CA 26 -6.86 -10.77 90.84
C ALA CA 26 -6.83 -9.85 89.63
N ARG CA 27 -5.95 -10.12 88.67
CA ARG CA 27 -5.83 -9.29 87.48
C ARG CA 27 -7.12 -9.30 86.68
N ASP CA 28 -7.74 -10.48 86.51
CA ASP CA 28 -8.93 -10.61 85.70
C ASP CA 28 -10.14 -9.91 86.30
N THR CA 29 -10.05 -9.42 87.53
CA THR CA 29 -11.13 -8.70 88.17
C THR CA 29 -10.58 -7.52 88.97
N GLY CA 30 -9.63 -6.80 88.39
CA GLY CA 30 -9.07 -5.65 89.06
C GLY CA 30 -8.24 -4.80 88.13
N LYS CA 31 -7.65 -3.75 88.69
CA LYS CA 31 -6.82 -2.82 87.94
C LYS CA 31 -5.39 -2.88 88.44
N ILE CA 32 -4.44 -2.65 87.54
CA ILE CA 32 -3.03 -2.90 87.78
C ILE CA 32 -2.29 -1.58 87.70
N ARG CA 33 -1.30 -1.39 88.58
CA ARG CA 33 -0.46 -0.19 88.60
C ARG CA 33 0.99 -0.62 88.82
N LYS CA 34 1.71 -0.85 87.74
CA LYS CA 34 3.12 -1.25 87.83
C LYS CA 34 3.97 0.00 88.01
N GLY CA 35 5.27 -0.21 88.22
CA GLY CA 35 6.19 0.90 88.32
C GLY CA 35 6.35 1.45 89.72
N THR CA 36 7.57 1.84 90.08
CA THR CA 36 7.82 2.40 91.40
C THR CA 36 7.30 3.83 91.55
N ASN CA 37 7.55 4.68 90.56
CA ASN CA 37 7.18 6.10 90.70
C ASN CA 37 5.66 6.27 90.74
N GLU CA 38 4.94 5.52 89.90
CA GLU CA 38 3.48 5.57 89.94
C GLU CA 38 2.94 5.09 91.27
N THR CA 39 3.48 3.99 91.78
CA THR CA 39 2.97 3.43 93.03
C THR CA 39 3.34 4.30 94.22
N THR CA 40 4.48 4.99 94.17
CA THR CA 40 4.95 5.75 95.31
C THR CA 40 3.92 6.80 95.74
N LYS CA 41 3.39 7.55 94.79
CA LYS CA 41 2.34 8.51 95.11
C LYS CA 41 1.10 7.81 95.65
N ALA CA 42 0.74 6.67 95.04
CA ALA CA 42 -0.45 5.95 95.49
C ALA CA 42 -0.30 5.48 96.93
N VAL CA 43 0.85 4.91 97.27
CA VAL CA 43 1.05 4.38 98.62
C VAL CA 43 1.20 5.50 99.62
N GLU CA 44 1.77 6.64 99.21
CA GLU CA 44 1.78 7.81 100.09
C GLU CA 44 0.36 8.30 100.35
N ARG CA 45 -0.49 8.27 99.33
CA ARG CA 45 -1.87 8.65 99.46
C ARG CA 45 -2.78 7.49 99.87
N GLY CA 46 -2.22 6.31 100.12
CA GLY CA 46 -3.01 5.18 100.52
C GLY CA 46 -3.81 4.54 99.42
N GLN CA 47 -3.66 5.01 98.18
CA GLN CA 47 -4.39 4.45 97.05
C GLN CA 47 -3.97 3.00 96.82
N ALA CA 48 -2.75 2.65 97.22
CA ALA CA 48 -2.29 1.28 97.13
C ALA CA 48 -3.05 0.37 98.09
N LYS CA 49 -3.41 -0.80 97.60
CA LYS CA 49 -4.09 -1.82 98.41
C LYS CA 49 -3.27 -3.09 98.57
N LEU CA 50 -2.62 -3.55 97.50
CA LEU CA 50 -1.79 -4.75 97.55
C LEU CA 50 -0.41 -4.37 97.03
N VAL CA 51 0.50 -4.04 97.94
CA VAL CA 51 1.83 -3.59 97.57
C VAL CA 51 2.77 -4.78 97.62
N ILE CA 52 3.07 -5.35 96.47
CA ILE CA 52 3.97 -6.49 96.37
C ILE CA 52 5.29 -5.98 95.83
N ILE CA 53 6.36 -6.13 96.61
CA ILE CA 53 7.66 -5.55 96.30
C ILE CA 53 8.67 -6.66 96.07
N ALA CA 54 9.14 -6.78 94.83
CA ALA CA 54 10.19 -7.73 94.49
C ALA CA 54 11.56 -7.14 94.80
N GLU CA 55 12.52 -8.03 95.03
CA GLU CA 55 13.88 -7.62 95.33
C GLU CA 55 14.74 -7.74 94.07
N ASP CA 56 14.62 -6.71 93.23
CA ASP CA 56 15.35 -6.69 91.96
C ASP CA 56 15.87 -5.31 91.58
N VAL CA 57 15.66 -4.29 92.41
CA VAL CA 57 15.89 -2.90 92.00
C VAL CA 57 17.09 -2.36 92.77
N ASP CA 58 18.10 -1.89 92.05
CA ASP CA 58 19.30 -1.31 92.61
C ASP CA 58 19.60 0.03 91.95
N PRO CA 59 20.27 0.96 92.66
CA PRO CA 59 20.82 0.82 94.00
C PRO CA 59 19.80 1.08 95.09
N GLU CA 60 20.30 1.35 96.29
CA GLU CA 60 19.46 1.73 97.43
C GLU CA 60 19.17 3.22 97.39
N GLU CA 61 18.60 3.66 96.26
CA GLU CA 61 18.22 5.05 96.06
C GLU CA 61 16.72 5.22 95.92
N ILE CA 62 16.11 4.57 94.93
CA ILE CA 62 14.66 4.67 94.72
C ILE CA 62 13.92 3.52 95.38
N VAL CA 63 14.63 2.51 95.88
CA VAL CA 63 14.01 1.52 96.75
C VAL CA 63 13.91 1.99 98.19
N ALA CA 64 14.70 3.00 98.56
CA ALA CA 64 14.73 3.48 99.94
C ALA CA 64 13.63 4.49 100.22
N HIS CA 65 12.39 4.16 99.83
CA HIS CA 65 11.25 4.97 100.22
C HIS CA 65 10.12 4.14 100.84
N LEU CA 66 9.88 2.94 100.34
CA LEU CA 66 8.76 2.11 100.79
C LEU CA 66 8.87 1.68 102.26
N PRO CA 67 10.01 1.15 102.73
CA PRO CA 67 10.11 0.75 104.13
C PRO CA 67 9.92 1.93 105.09
N PRO CA 68 10.60 3.06 104.89
CA PRO CA 68 10.36 4.19 105.81
C PRO CA 68 8.95 4.76 105.72
N LEU CA 69 8.21 4.45 104.66
CA LEU CA 69 6.84 4.90 104.54
C LEU CA 69 5.84 3.84 104.97
N CYS CA 70 6.31 2.63 105.31
CA CYS CA 70 5.38 1.59 105.72
C CYS CA 70 4.64 1.96 106.99
N GLU CA 71 5.27 2.73 107.88
CA GLU CA 71 4.61 3.14 109.11
C GLU CA 71 3.62 4.29 108.91
N GLU CA 72 3.72 5.01 107.80
CA GLU CA 72 2.83 6.15 107.58
C GLU CA 72 1.41 5.73 107.23
N LYS CA 73 1.22 4.52 106.72
CA LYS CA 73 -0.08 4.02 106.32
C LYS CA 73 -0.25 2.58 106.77
N GLU CA 74 -1.46 2.05 106.61
CA GLU CA 74 -1.68 0.63 106.82
C GLU CA 74 -0.86 -0.20 105.85
N ILE CA 75 -0.84 0.19 104.57
CA ILE CA 75 0.00 -0.37 103.50
C ILE CA 75 0.12 -1.88 103.62
N PRO CA 76 -0.94 -2.64 103.32
CA PRO CA 76 -0.81 -4.10 103.31
C PRO CA 76 0.15 -4.53 102.21
N TYR CA 77 1.34 -5.00 102.59
CA TYR CA 77 2.39 -5.24 101.62
C TYR CA 77 3.05 -6.59 101.87
N ILE CA 78 3.56 -7.17 100.79
CA ILE CA 78 4.32 -8.42 100.83
C ILE CA 78 5.53 -8.27 99.92
N TYR CA 79 6.43 -9.24 100.00
CA TYR CA 79 7.65 -9.23 99.22
C TYR CA 79 7.58 -10.32 98.15
N VAL CA 80 8.15 -10.03 96.99
CA VAL CA 80 8.12 -10.91 95.83
C VAL CA 80 9.53 -11.44 95.61
N PRO CA 81 9.71 -12.74 95.40
CA PRO CA 81 11.07 -13.24 95.12
C PRO CA 81 11.59 -12.84 93.75
N SER CA 82 10.79 -12.99 92.70
CA SER CA 82 11.27 -12.86 91.33
C SER CA 82 10.51 -11.78 90.57
N LYS CA 83 11.18 -11.23 89.55
CA LYS CA 83 10.60 -10.18 88.72
C LYS CA 83 10.14 -10.66 87.35
N LYS CA 84 10.63 -11.80 86.88
CA LYS CA 84 10.37 -12.22 85.51
C LYS CA 84 8.88 -12.46 85.28
N GLU CA 85 8.25 -13.28 86.12
CA GLU CA 85 6.87 -13.71 85.91
C GLU CA 85 5.86 -12.88 86.68
N LEU CA 86 6.31 -11.89 87.46
CA LEU CA 86 5.38 -11.04 88.18
C LEU CA 86 4.50 -10.26 87.21
N GLY CA 87 5.10 -9.74 86.14
CA GLY CA 87 4.31 -9.10 85.10
C GLY CA 87 3.40 -10.06 84.38
N ALA CA 88 3.87 -11.30 84.16
CA ALA CA 88 2.99 -12.31 83.60
C ALA CA 88 1.81 -12.59 84.52
N ALA CA 89 2.03 -12.47 85.83
CA ALA CA 89 0.92 -12.62 86.77
C ALA CA 89 -0.12 -11.53 86.56
N ALA CA 90 0.31 -10.30 86.31
CA ALA CA 90 -0.62 -9.20 86.07
C ALA CA 90 0.12 -8.10 85.31
N GLY CA 91 -0.30 -7.83 84.08
CA GLY CA 91 0.25 -6.73 83.33
C GLY CA 91 0.73 -7.08 81.94
N ILE CA 92 2.02 -6.91 81.69
CA ILE CA 92 2.63 -7.15 80.40
C ILE CA 92 3.92 -7.94 80.60
N GLU CA 93 4.41 -8.53 79.51
CA GLU CA 93 5.58 -9.38 79.56
C GLU CA 93 6.88 -8.58 79.62
N VAL CA 94 7.05 -7.80 80.69
CA VAL CA 94 8.32 -7.16 81.02
C VAL CA 94 8.65 -7.48 82.48
N ALA CA 95 9.75 -6.92 82.95
CA ALA CA 95 10.17 -7.08 84.34
C ALA CA 95 9.54 -5.98 85.19
N ALA CA 96 8.70 -6.38 86.13
CA ALA CA 96 8.02 -5.44 87.01
C ALA CA 96 8.47 -5.65 88.45
N ALA CA 97 8.46 -4.56 89.21
CA ALA CA 97 8.88 -4.58 90.61
C ALA CA 97 7.74 -4.30 91.59
N SER CA 98 6.70 -3.59 91.17
CA SER CA 98 5.64 -3.21 92.09
C SER CA 98 4.31 -3.25 91.35
N VAL CA 99 3.57 -4.34 91.48
CA VAL CA 99 2.26 -4.46 90.85
C VAL CA 99 1.22 -4.22 91.93
N ALA CA 100 0.84 -2.96 92.10
CA ALA CA 100 -0.13 -2.56 93.10
C ALA CA 100 -1.51 -2.53 92.46
N ILE CA 101 -2.46 -3.22 93.07
CA ILE CA 101 -3.81 -3.36 92.55
C ILE CA 101 -4.78 -2.93 93.62
N ILE CA 102 -5.98 -2.52 93.22
CA ILE CA 102 -7.02 -2.09 94.15
C ILE CA 102 -8.26 -2.95 93.94
N GLU CA 103 -8.80 -3.44 95.06
CA GLU CA 103 -10.04 -4.23 95.09
C GLU CA 103 -9.98 -5.41 94.13
N PRO CA 104 -9.14 -6.40 94.40
CA PRO CA 104 -9.16 -7.63 93.60
C PRO CA 104 -10.42 -8.43 93.87
N GLY CA 105 -10.80 -9.26 92.89
CA GLY CA 105 -12.01 -10.05 93.02
C GLY CA 105 -11.72 -11.45 93.52
N LYS CA 106 -12.46 -11.87 94.55
CA LYS CA 106 -12.38 -13.22 95.11
C LYS CA 106 -10.96 -13.55 95.57
N ALA CA 107 -10.35 -12.61 96.28
CA ALA CA 107 -9.03 -12.81 96.86
C ALA CA 107 -8.96 -12.19 98.26
N ARG CA 108 -9.97 -12.45 99.08
CA ARG CA 108 -10.08 -11.76 100.37
C ARG CA 108 -9.53 -12.57 101.53
N ASP CA 109 -9.87 -13.85 101.64
CA ASP CA 109 -9.44 -14.64 102.79
C ASP CA 109 -7.93 -14.82 102.81
N LEU CA 110 -7.36 -15.25 101.68
CA LEU CA 110 -5.92 -15.46 101.62
C LEU CA 110 -5.16 -14.16 101.84
N VAL CA 111 -5.64 -13.07 101.22
CA VAL CA 111 -4.98 -11.77 101.37
C VAL CA 111 -5.04 -11.31 102.81
N GLU CA 112 -6.20 -11.45 103.46
CA GLU CA 112 -6.32 -11.04 104.86
C GLU CA 112 -5.41 -11.87 105.76
N GLU CA 113 -5.34 -13.18 105.52
CA GLU CA 113 -4.50 -14.04 106.35
C GLU CA 113 -3.03 -13.70 106.17
N ILE CA 114 -2.58 -13.53 104.92
CA ILE CA 114 -1.17 -13.22 104.69
C ILE CA 114 -0.84 -11.82 105.18
N ALA CA 115 -1.79 -10.89 105.11
CA ALA CA 115 -1.58 -9.56 105.66
C ALA CA 115 -1.43 -9.61 107.17
N MET CA 116 -2.27 -10.40 107.84
CA MET CA 116 -2.12 -10.57 109.27
C MET CA 116 -0.79 -11.21 109.62
N LYS CA 117 -0.37 -12.21 108.83
CA LYS CA 117 0.91 -12.87 109.08
C LYS CA 117 2.07 -11.91 108.94
N VAL CA 118 2.05 -11.06 107.91
CA VAL CA 118 3.11 -10.08 107.72
C VAL CA 118 3.05 -9.02 108.82
N ARG CA 119 1.84 -8.64 109.25
CA ARG CA 119 1.71 -7.68 110.33
C ARG CA 119 2.33 -8.20 111.62
N GLU CA 120 2.10 -9.47 111.94
CA GLU CA 120 2.65 -10.07 113.15
C GLU CA 120 4.05 -10.62 112.96
N LEU CA 121 4.60 -10.58 111.75
CA LEU CA 121 5.94 -11.11 111.50
C LEU CA 121 7.01 -10.03 111.68
N MET CA 122 6.89 -8.93 110.95
CA MET CA 122 7.91 -7.88 111.03
C MET CA 122 7.39 -6.53 110.53
N LYS CA 123 7.50 -5.51 111.35
CA LYS CA 123 7.13 -4.16 110.96
C LYS CA 123 8.03 -3.13 111.66
N1 4SU EA 8 17.80 65.10 -4.87
C2 4SU EA 8 16.45 65.15 -5.27
N3 4SU EA 8 16.09 64.72 -6.48
C4 4SU EA 8 17.00 64.24 -7.33
C5 4SU EA 8 18.34 64.20 -6.97
C6 4SU EA 8 18.73 64.64 -5.71
O2 4SU EA 8 15.57 65.58 -4.50
S4 4SU EA 8 16.54 63.74 -8.78
C1' 4SU EA 8 18.20 65.58 -3.53
C2' 4SU EA 8 17.70 64.67 -2.40
O2' 4SU EA 8 17.37 65.48 -1.28
C3' 4SU EA 8 18.92 63.83 -2.11
C4' 4SU EA 8 20.07 64.81 -2.33
O3' 4SU EA 8 18.93 63.26 -0.81
O4' 4SU EA 8 19.62 65.60 -3.45
C5' 4SU EA 8 21.41 64.20 -2.64
O5' 4SU EA 8 21.43 63.59 -3.91
P 4SU EA 8 22.52 62.48 -4.29
OP1 4SU EA 8 22.86 61.74 -3.01
OP2 4SU EA 8 22.03 61.73 -5.49
P H2U EA 21 6.68 78.65 -1.86
OP1 H2U EA 21 5.26 78.56 -1.33
OP2 H2U EA 21 7.81 78.92 -0.91
O5' H2U EA 21 6.98 77.30 -2.65
C5' H2U EA 21 7.25 76.10 -1.95
C4' H2U EA 21 5.99 75.31 -1.70
O4' H2U EA 21 5.31 75.07 -2.96
C3' H2U EA 21 6.18 73.92 -1.12
O3' H2U EA 21 6.39 73.91 0.27
C1' H2U EA 21 4.56 73.88 -2.88
C2' H2U EA 21 4.91 73.18 -1.56
O2' H2U EA 21 3.86 73.41 -0.63
N1 H2U EA 21 4.86 73.04 -4.06
C2 H2U EA 21 6.09 72.65 -4.39
O2 H2U EA 21 7.09 73.25 -4.05
N3 H2U EA 21 6.18 71.56 -5.15
C4 H2U EA 21 5.27 71.36 -6.11
O4 H2U EA 21 5.36 70.45 -6.92
C5 H2U EA 21 4.13 72.34 -6.20
C6 H2U EA 21 3.65 72.70 -4.78
N1 OMC EA 33 -8.09 41.04 4.25
C2 OMC EA 33 -6.93 40.48 3.65
N3 OMC EA 33 -5.80 40.34 4.38
C4 OMC EA 33 -5.75 40.73 5.66
C5 OMC EA 33 -6.86 41.29 6.26
C6 OMC EA 33 -8.03 41.44 5.53
O2 OMC EA 33 -6.94 40.10 2.47
N4 OMC EA 33 -4.60 40.59 6.37
C1' OMC EA 33 -9.36 41.23 3.52
C2' OMC EA 33 -10.23 39.98 3.45
O2' OMC EA 33 -10.88 39.97 2.19
CM2 OMC EA 33 -10.65 38.76 1.48
C3' OMC EA 33 -11.23 40.23 4.57
C4' OMC EA 33 -11.42 41.74 4.52
O4' OMC EA 33 -10.10 42.24 4.17
O3' OMC EA 33 -12.44 39.53 4.42
C5' OMC EA 33 -11.87 42.38 5.79
O5' OMC EA 33 -11.04 42.03 6.88
P OMC EA 33 -11.10 42.83 8.25
OP1 OMC EA 33 -12.54 42.87 8.71
OP2 OMC EA 33 -10.06 42.24 9.17
N1 5MU EA 55 22.79 86.89 -4.20
C2 5MU EA 55 21.55 86.22 -4.37
N3 5MU EA 55 21.07 85.40 -3.41
C4 5MU EA 55 21.76 85.18 -2.29
C5 5MU EA 55 23.05 85.86 -2.10
C5M 5MU EA 55 23.86 85.65 -0.83
C6 5MU EA 55 23.52 86.70 -3.09
O2 5MU EA 55 20.87 86.38 -5.39
O4 5MU EA 55 21.30 84.42 -1.41
C1' 5MU EA 55 23.31 87.79 -5.26
C2' 5MU EA 55 22.45 89.04 -5.44
O2' 5MU EA 55 22.46 89.40 -6.81
C3' 5MU EA 55 23.22 90.06 -4.61
C4' 5MU EA 55 24.66 89.66 -4.84
O3' 5MU EA 55 22.95 91.40 -4.98
O4' 5MU EA 55 24.61 88.21 -4.89
C5' 5MU EA 55 25.64 90.09 -3.78
O5' 5MU EA 55 25.26 89.63 -2.50
P 5MU EA 55 26.19 89.91 -1.22
OP1 5MU EA 55 26.44 91.40 -1.14
OP2 5MU EA 55 25.57 89.20 -0.04
N1 PSU EA 56 20.42 88.21 -1.55
C2 PSU EA 56 19.72 87.34 -0.78
N3 PSU EA 56 18.53 86.86 -1.17
C4 PSU EA 56 17.99 87.23 -2.33
C5 PSU EA 56 18.73 88.19 -3.18
C6 PSU EA 56 19.95 88.64 -2.72
O2 PSU EA 56 20.20 86.98 0.31
O4 PSU EA 56 16.87 86.78 -2.68
C1' PSU EA 56 18.19 88.65 -4.48
C2' PSU EA 56 17.01 89.59 -4.25
O2' PSU EA 56 16.07 89.40 -5.30
C3' PSU EA 56 17.68 90.95 -4.36
C4' PSU EA 56 18.71 90.71 -5.45
O3' PSU EA 56 16.79 92.01 -4.65
O4' PSU EA 56 19.17 89.37 -5.20
C5' PSU EA 56 19.89 91.66 -5.46
O5' PSU EA 56 20.56 91.66 -4.20
P PSU EA 56 22.00 92.32 -4.05
OP1 PSU EA 56 21.96 93.70 -4.66
OP2 PSU EA 56 22.45 92.16 -2.62
N VAL FA 37 22.73 24.53 27.85
CA VAL FA 37 23.50 24.38 29.09
C VAL FA 37 24.66 23.37 28.96
N PRO FA 38 24.43 22.19 28.37
CA PRO FA 38 25.55 21.26 28.17
C PRO FA 38 26.62 21.86 27.27
N LEU FA 39 27.86 21.53 27.57
CA LEU FA 39 29.02 22.06 26.85
C LEU FA 39 29.64 20.98 25.97
N PRO FA 40 30.37 21.38 24.93
CA PRO FA 40 31.07 20.39 24.10
C PRO FA 40 32.07 19.59 24.94
N GLU FA 41 32.18 18.30 24.62
CA GLU FA 41 33.05 17.38 25.36
C GLU FA 41 33.78 16.50 24.35
N GLY FA 42 35.05 16.81 24.11
CA GLY FA 42 35.87 16.06 23.18
C GLY FA 42 36.30 16.88 21.99
N ASN FA 43 36.04 16.37 20.79
CA ASN FA 43 36.31 17.09 19.55
C ASN FA 43 35.19 18.04 19.16
N GLN FA 44 34.12 18.09 19.95
CA GLN FA 44 32.98 18.95 19.65
C GLN FA 44 33.35 20.41 19.86
N LEU FA 45 32.62 21.29 19.18
CA LEU FA 45 32.85 22.72 19.27
C LEU FA 45 31.58 23.45 18.84
N PHE FA 46 31.57 24.77 19.08
CA PHE FA 46 30.40 25.58 18.77
C PHE FA 46 30.26 25.74 17.26
N GLY FA 47 29.24 26.49 16.85
CA GLY FA 47 29.02 26.75 15.45
C GLY FA 47 27.85 27.69 15.26
N VAL FA 48 27.86 28.37 14.12
CA VAL FA 48 26.80 29.32 13.76
C VAL FA 48 26.23 28.88 12.42
N VAL FA 49 24.91 28.69 12.38
CA VAL FA 49 24.24 28.27 11.15
C VAL FA 49 24.26 29.41 10.14
N GLU FA 50 24.62 29.11 8.90
CA GLU FA 50 24.75 30.11 7.85
C GLU FA 50 23.68 30.00 6.77
N GLN FA 51 23.38 28.79 6.31
CA GLN FA 51 22.41 28.61 5.23
C GLN FA 51 21.97 27.15 5.20
N ALA FA 52 20.66 26.93 5.07
CA ALA FA 52 20.13 25.59 4.95
C ALA FA 52 20.15 25.15 3.48
N LEU FA 53 20.60 23.92 3.25
CA LEU FA 53 20.78 23.40 1.90
C LEU FA 53 19.69 22.42 1.49
N GLY FA 54 18.74 22.12 2.37
CA GLY FA 54 17.65 21.24 2.00
C GLY FA 54 17.94 19.79 2.33
N ALA FA 55 16.87 19.02 2.48
CA ALA FA 55 16.95 17.59 2.82
C ALA FA 55 17.74 17.36 4.10
N GLY FA 56 17.53 18.21 5.09
CA GLY FA 56 18.22 18.08 6.36
C GLY FA 56 19.72 18.30 6.31
N TRP FA 57 20.16 19.31 5.56
CA TRP FA 57 21.57 19.66 5.46
C TRP FA 57 21.73 21.13 5.78
N MET FA 58 22.69 21.46 6.64
CA MET FA 58 22.96 22.85 7.00
C MET FA 58 24.41 23.18 6.64
N ASP FA 59 24.74 24.47 6.69
CA ASP FA 59 26.08 24.95 6.39
C ASP FA 59 26.51 25.76 7.60
N VAL FA 60 27.38 25.18 8.44
CA VAL FA 60 27.69 25.73 9.75
C VAL FA 60 29.12 26.25 9.76
N ARG FA 61 29.30 27.45 10.31
CA ARG FA 61 30.61 28.04 10.52
C ARG FA 61 31.03 27.76 11.96
N CYS FA 62 32.18 27.08 12.12
CA CYS FA 62 32.61 26.62 13.43
C CYS FA 62 33.55 27.66 14.07
N GLU FA 63 34.08 27.33 15.24
CA GLU FA 63 34.98 28.20 15.98
C GLU FA 63 36.42 28.14 15.48
N ASP FA 64 36.77 27.14 14.69
CA ASP FA 64 38.13 27.00 14.16
C ASP FA 64 38.28 27.62 12.78
N GLY FA 65 37.40 28.55 12.42
CA GLY FA 65 37.50 29.23 11.13
C GLY FA 65 37.33 28.31 9.94
N LYS FA 66 36.38 27.38 10.01
CA LYS FA 66 36.11 26.48 8.90
C LYS FA 66 34.60 26.44 8.65
N ILE FA 67 34.24 26.23 7.39
CA ILE FA 67 32.85 26.12 6.96
C ILE FA 67 32.64 24.64 6.73
N ARG FA 68 31.55 24.11 7.28
CA ARG FA 68 31.29 22.68 7.19
C ARG FA 68 29.88 22.42 6.70
N ARG FA 69 29.75 21.50 5.76
CA ARG FA 69 28.46 20.99 5.30
C ARG FA 69 28.00 19.93 6.30
N CYS FA 70 27.12 20.31 7.21
CA CYS FA 70 26.76 19.48 8.35
C CYS FA 70 25.42 18.78 8.12
N ARG FA 71 25.31 17.57 8.66
CA ARG FA 71 24.11 16.75 8.55
C ARG FA 71 23.40 16.68 9.90
N ILE FA 72 22.08 16.85 9.86
CA ILE FA 72 21.26 16.86 11.07
C ILE FA 72 20.78 15.44 11.33
N PRO FA 73 21.10 14.84 12.48
CA PRO FA 73 20.50 13.55 12.82
C PRO FA 73 18.99 13.64 12.88
N GLY FA 74 18.33 12.58 12.41
CA GLY FA 74 16.87 12.60 12.31
C GLY FA 74 16.15 12.54 13.64
N LYS FA 75 16.85 12.11 14.70
CA LYS FA 75 16.25 11.97 16.02
C LYS FA 75 15.76 13.30 16.59
N LEU FA 76 16.56 14.34 16.43
CA LEU FA 76 16.20 15.68 16.84
C LEU FA 76 15.68 16.54 15.70
N ARG FA 77 15.77 16.04 14.48
CA ARG FA 77 15.28 16.77 13.33
C ARG FA 77 13.76 16.96 13.37
N ARG FA 78 13.04 15.96 13.88
CA ARG FA 78 11.58 15.99 13.82
C ARG FA 78 11.00 16.95 14.85
N ARG FA 79 11.63 17.05 16.02
CA ARG FA 79 11.09 17.90 17.10
C ARG FA 79 11.74 19.28 17.38
N VAL FA 80 12.93 19.51 16.86
CA VAL FA 80 13.60 20.79 17.09
C VAL FA 80 13.78 21.48 15.73
N TRP FA 81 13.26 22.70 15.64
CA TRP FA 81 13.35 23.49 14.43
C TRP FA 81 14.56 24.39 14.53
N ILE FA 82 15.42 24.33 13.53
CA ILE FA 82 16.63 25.14 13.50
C ILE FA 82 16.53 26.17 12.37
N ARG FA 83 16.94 27.39 12.69
CA ARG FA 83 16.91 28.49 11.73
C ARG FA 83 18.29 29.13 11.65
N VAL FA 84 18.57 29.78 10.53
CA VAL FA 84 19.87 30.37 10.27
C VAL FA 84 20.25 31.34 11.39
N GLY FA 85 21.50 31.24 11.86
CA GLY FA 85 22.00 32.14 12.87
C GLY FA 85 21.74 31.68 14.30
N ASP FA 86 22.19 30.46 14.64
CA ASP FA 86 22.02 29.92 15.98
C ASP FA 86 23.32 29.28 16.44
N LEU FA 87 23.50 29.24 17.75
CA LEU FA 87 24.67 28.61 18.35
C LEU FA 87 24.36 27.14 18.60
N VAL FA 88 25.16 26.25 18.00
CA VAL FA 88 24.93 24.81 18.08
C VAL FA 88 26.24 24.10 18.32
N ILE FA 89 26.14 22.83 18.72
CA ILE FA 89 27.29 21.97 18.94
C ILE FA 89 27.41 21.01 17.77
N VAL FA 90 28.59 20.93 17.17
CA VAL FA 90 28.83 20.11 15.99
C VAL FA 90 30.01 19.18 16.26
N GLN FA 91 29.82 17.90 15.96
CA GLN FA 91 30.90 16.92 16.03
C GLN FA 91 31.31 16.53 14.61
N PRO FA 92 32.56 16.75 14.22
CA PRO FA 92 32.98 16.37 12.86
C PRO FA 92 32.94 14.86 12.66
N TRP FA 93 32.74 14.47 11.40
CA TRP FA 93 32.72 13.06 11.06
C TRP FA 93 34.10 12.45 11.30
N PRO FA 94 34.18 11.17 11.68
CA PRO FA 94 35.49 10.56 11.94
C PRO FA 94 36.41 10.55 10.73
N VAL FA 95 35.87 10.41 9.53
CA VAL FA 95 36.65 10.41 8.30
C VAL FA 95 36.36 11.71 7.55
N GLN FA 96 37.43 12.39 7.12
CA GLN FA 96 37.33 13.69 6.47
C GLN FA 96 36.69 14.72 7.40
N SER FA 97 37.35 14.92 8.54
CA SER FA 97 36.81 15.79 9.59
C SER FA 97 37.16 17.25 9.33
N ASP FA 98 36.93 17.72 8.11
CA ASP FA 98 37.18 19.12 7.77
C ASP FA 98 36.00 19.80 7.10
N LYS FA 99 35.07 19.08 6.47
CA LYS FA 99 33.94 19.67 5.80
C LYS FA 99 32.60 19.05 6.17
N ARG FA 100 32.57 17.99 6.96
CA ARG FA 100 31.33 17.32 7.33
C ARG FA 100 31.24 17.21 8.84
N GLY FA 101 30.01 17.23 9.34
CA GLY FA 101 29.78 17.13 10.78
C GLY FA 101 28.32 16.88 11.07
N ASP FA 102 28.05 16.57 12.33
CA ASP FA 102 26.70 16.32 12.82
C ASP FA 102 26.37 17.31 13.93
N ILE FA 103 25.17 17.88 13.86
CA ILE FA 103 24.70 18.84 14.86
C ILE FA 103 23.96 18.08 15.95
N VAL FA 104 24.36 18.30 17.20
CA VAL FA 104 23.86 17.50 18.31
C VAL FA 104 22.94 18.28 19.25
N TYR FA 105 23.12 19.61 19.37
CA TYR FA 105 22.33 20.35 20.34
C TYR FA 105 22.24 21.81 19.91
N ARG FA 106 21.10 22.44 20.21
CA ARG FA 106 20.82 23.83 19.88
C ARG FA 106 20.72 24.66 21.17
N TYR FA 107 21.30 25.86 21.14
CA TYR FA 107 21.35 26.72 22.33
C TYR FA 107 20.24 27.76 22.26
N THR FA 108 19.43 27.81 23.30
CA THR FA 108 18.33 28.76 23.37
C THR FA 108 18.86 30.16 23.68
N GLN FA 109 17.94 31.14 23.75
CA GLN FA 109 18.34 32.52 23.99
C GLN FA 109 18.96 32.69 25.37
N THR FA 110 18.37 32.07 26.39
CA THR FA 110 18.90 32.22 27.74
C THR FA 110 20.28 31.57 27.86
N GLN FA 111 20.48 30.41 27.23
CA GLN FA 111 21.77 29.74 27.31
C GLN FA 111 22.86 30.54 26.61
N VAL FA 112 22.56 31.08 25.42
CA VAL FA 112 23.57 31.85 24.70
C VAL FA 112 23.86 33.16 25.43
N ASP FA 113 22.83 33.77 26.03
CA ASP FA 113 23.06 34.98 26.83
C ASP FA 113 23.95 34.69 28.03
N TRP FA 114 23.69 33.56 28.71
CA TRP FA 114 24.52 33.18 29.85
C TRP FA 114 25.96 32.91 29.41
N LEU FA 115 26.14 32.26 28.27
CA LEU FA 115 27.49 32.01 27.77
C LEU FA 115 28.21 33.32 27.42
N LEU FA 116 27.50 34.25 26.78
CA LEU FA 116 28.10 35.54 26.45
C LEU FA 116 28.51 36.29 27.71
N ARG FA 117 27.67 36.28 28.74
CA ARG FA 117 28.02 36.96 29.98
C ARG FA 117 29.17 36.26 30.70
N LYS FA 118 29.20 34.93 30.68
CA LYS FA 118 30.27 34.20 31.33
C LYS FA 118 31.60 34.46 30.65
N GLY FA 119 31.61 34.50 29.32
CA GLY FA 119 32.83 34.79 28.58
C GLY FA 119 33.48 33.61 27.89
N LYS FA 120 32.82 32.45 27.87
CA LYS FA 120 33.37 31.30 27.14
C LYS FA 120 33.40 31.57 25.64
N ILE FA 121 32.47 32.37 25.13
CA ILE FA 121 32.43 32.72 23.72
C ILE FA 121 32.23 34.23 23.62
N THR FA 122 32.68 34.81 22.52
CA THR FA 122 32.61 36.25 22.29
C THR FA 122 31.35 36.61 21.52
N GLN FA 123 31.20 37.91 21.23
CA GLN FA 123 30.05 38.39 20.49
C GLN FA 123 30.29 38.37 18.99
N GLU FA 124 31.52 38.58 18.56
CA GLU FA 124 31.79 38.69 17.12
C GLU FA 124 31.69 37.34 16.42
N PHE FA 125 31.93 36.24 17.15
CA PHE FA 125 31.69 34.93 16.56
C PHE FA 125 30.21 34.74 16.24
N LEU FA 126 29.33 35.14 17.15
CA LEU FA 126 27.90 35.04 16.88
C LEU FA 126 27.47 36.00 15.78
N THR FA 127 27.95 37.24 15.81
CA THR FA 127 27.53 38.24 14.84
C THR FA 127 28.27 38.14 13.52
N GLY FA 128 29.47 37.57 13.51
CA GLY FA 128 30.23 37.42 12.29
C GLY FA 128 30.85 38.71 11.80
N ARG GA 25 76.63 -44.60 30.27
CA ARG GA 25 76.19 -43.82 29.12
C ARG GA 25 76.19 -42.33 29.44
N ILE GA 26 77.06 -41.58 28.75
CA ILE GA 26 77.22 -40.14 28.97
C ILE GA 26 76.93 -39.43 27.66
N ARG GA 27 76.08 -38.40 27.72
CA ARG GA 27 75.73 -37.59 26.56
C ARG GA 27 76.77 -36.50 26.31
N GLN GA 28 76.85 -36.01 25.06
CA GLN GA 28 77.79 -34.97 24.70
C GLN GA 28 77.41 -33.66 25.37
N PRO GA 29 78.32 -33.01 26.09
CA PRO GA 29 77.99 -31.73 26.71
C PRO GA 29 77.73 -30.65 25.67
N ILE GA 30 76.87 -29.70 26.04
CA ILE GA 30 76.45 -28.63 25.14
C ILE GA 30 77.24 -27.38 25.49
N ILE GA 31 77.95 -26.84 24.49
CA ILE GA 31 78.82 -25.68 24.67
C ILE GA 31 78.27 -24.53 23.83
N ALA GA 32 78.08 -23.38 24.47
CA ALA GA 32 77.60 -22.17 23.80
C ALA GA 32 78.73 -21.16 23.70
N VAL GA 33 78.96 -20.65 22.50
CA VAL GA 33 79.99 -19.65 22.24
C VAL GA 33 79.34 -18.27 22.29
N LEU GA 34 79.92 -17.36 23.08
CA LEU GA 34 79.39 -16.01 23.23
C LEU GA 34 80.52 -15.01 23.04
N GLY GA 35 80.15 -13.80 22.64
CA GLY GA 35 81.13 -12.77 22.40
C GLY GA 35 80.51 -11.57 21.72
N HIS GA 36 81.40 -10.66 21.31
CA HIS GA 36 81.02 -9.41 20.65
C HIS GA 36 81.18 -9.54 19.13
N VAL GA 37 80.62 -8.57 18.41
CA VAL GA 37 80.73 -8.55 16.95
C VAL GA 37 82.19 -8.44 16.56
N ASP GA 38 82.57 -9.20 15.53
CA ASP GA 38 83.94 -9.21 15.00
C ASP GA 38 84.95 -9.63 16.06
N HIS GA 39 84.63 -10.74 16.74
CA HIS GA 39 85.53 -11.30 17.74
C HIS GA 39 85.84 -12.76 17.44
N GLY GA 40 85.66 -13.19 16.20
CA GLY GA 40 86.04 -14.54 15.81
C GLY GA 40 85.25 -15.65 16.46
N LYS GA 41 83.93 -15.52 16.55
CA LYS GA 41 83.12 -16.61 17.09
C LYS GA 41 82.88 -17.68 16.03
N THR GA 42 82.47 -17.27 14.84
CA THR GA 42 82.22 -18.24 13.78
C THR GA 42 83.52 -18.85 13.27
N THR GA 43 84.61 -18.06 13.27
CA THR GA 43 85.87 -18.54 12.73
C THR GA 43 86.43 -19.70 13.53
N LEU GA 44 86.29 -19.66 14.86
CA LEU GA 44 86.77 -20.76 15.69
C LEU GA 44 86.05 -22.05 15.35
N LEU GA 45 84.72 -22.00 15.23
CA LEU GA 45 83.96 -23.18 14.87
C LEU GA 45 84.30 -23.67 13.48
N ASP GA 46 84.51 -22.73 12.54
CA ASP GA 46 84.90 -23.11 11.19
C ASP GA 46 86.24 -23.84 11.19
N ARG GA 47 87.20 -23.36 11.96
CA ARG GA 47 88.50 -24.02 12.05
C ARG GA 47 88.38 -25.39 12.70
N ILE GA 48 87.53 -25.51 13.73
CA ILE GA 48 87.30 -26.82 14.34
C ILE GA 48 86.71 -27.79 13.33
N ARG GA 49 85.75 -27.33 12.52
CA ARG GA 49 85.15 -28.16 11.49
C ARG GA 49 85.99 -28.25 10.23
N LYS GA 50 87.03 -27.41 10.09
CA LYS GA 50 87.84 -27.35 8.87
C LYS GA 50 86.99 -27.10 7.63
N THR GA 51 85.99 -26.25 7.79
CA THR GA 51 85.12 -25.84 6.68
C THR GA 51 84.89 -24.34 6.77
N ASN GA 52 84.55 -23.74 5.63
CA ASN GA 52 84.37 -22.30 5.54
C ASN GA 52 82.88 -21.97 5.57
N VAL GA 53 82.47 -21.23 6.60
CA VAL GA 53 81.09 -20.77 6.72
C VAL GA 53 81.09 -19.26 6.91
N ALA GA 54 82.20 -18.73 7.43
CA ALA GA 54 82.27 -17.30 7.74
C ALA GA 54 82.19 -16.44 6.48
N ALA GA 55 82.63 -16.96 5.34
CA ALA GA 55 82.57 -16.19 4.10
C ALA GA 55 81.23 -16.32 3.40
N LYS GA 56 80.38 -17.25 3.82
CA LYS GA 56 79.12 -17.49 3.12
C LYS GA 56 78.12 -16.37 3.36
N GLU GA 57 77.95 -15.95 4.61
CA GLU GA 57 76.87 -15.05 4.95
C GLU GA 57 77.14 -13.65 4.42
N ALA GA 58 76.07 -12.86 4.32
CA ALA GA 58 76.13 -11.50 3.80
C ALA GA 58 76.37 -10.53 4.95
N GLY GA 59 77.30 -9.60 4.76
CA GLY GA 59 77.63 -8.62 5.77
C GLY GA 59 78.59 -9.10 6.84
N GLY GA 60 79.03 -10.35 6.79
CA GLY GA 60 79.99 -10.86 7.74
C GLY GA 60 79.43 -11.19 9.11
N ILE GA 61 78.12 -11.06 9.30
CA ILE GA 61 77.48 -11.33 10.59
C ILE GA 61 76.54 -12.51 10.43
N THR GA 62 76.56 -13.41 11.42
CA THR GA 62 75.71 -14.58 11.44
C THR GA 62 74.51 -14.29 12.34
N GLN GA 63 73.32 -14.35 11.76
CA GLN GA 63 72.09 -14.02 12.46
C GLN GA 63 71.25 -15.24 12.82
N HIS GA 64 71.79 -16.44 12.65
CA HIS GA 64 71.05 -17.67 12.91
C HIS GA 64 71.85 -18.55 13.85
N ILE GA 65 71.19 -19.05 14.90
CA ILE GA 65 71.82 -19.96 15.84
C ILE GA 65 71.85 -21.37 15.24
N GLY GA 66 72.91 -22.11 15.52
CA GLY GA 66 73.03 -23.47 15.04
C GLY GA 66 73.62 -24.42 16.06
N ALA GA 67 73.52 -25.72 15.81
CA ALA GA 67 74.08 -26.74 16.68
C ALA GA 67 74.92 -27.68 15.83
N THR GA 68 76.15 -27.94 16.26
CA THR GA 68 77.08 -28.77 15.52
C THR GA 68 77.66 -29.83 16.45
N GLU GA 69 77.75 -31.07 15.94
CA GLU GA 69 78.28 -32.19 16.70
C GLU GA 69 79.69 -32.50 16.21
N VAL GA 70 80.62 -32.63 17.15
CA VAL GA 70 82.02 -32.91 16.87
C VAL GA 70 82.34 -34.30 17.41
N PRO GA 71 82.71 -35.26 16.57
CA PRO GA 71 83.08 -36.59 17.07
C PRO GA 71 84.35 -36.52 17.90
N ILE GA 72 84.48 -37.45 18.84
CA ILE GA 72 85.63 -37.46 19.73
C ILE GA 72 86.91 -37.86 19.00
N GLU GA 73 86.79 -38.54 17.85
CA GLU GA 73 87.98 -38.98 17.13
C GLU GA 73 88.80 -37.80 16.62
N VAL GA 74 88.13 -36.81 16.02
CA VAL GA 74 88.86 -35.63 15.55
C VAL GA 74 89.38 -34.83 16.74
N VAL GA 75 88.69 -34.87 17.88
CA VAL GA 75 89.18 -34.23 19.09
C VAL GA 75 90.51 -34.85 19.51
N LYS GA 76 90.56 -36.19 19.53
CA LYS GA 76 91.80 -36.88 19.88
C LYS GA 76 92.90 -36.59 18.87
N LYS GA 77 92.54 -36.54 17.58
CA LYS GA 77 93.54 -36.24 16.55
C LYS GA 77 94.10 -34.84 16.72
N ILE GA 78 93.25 -33.87 17.02
CA ILE GA 78 93.71 -32.50 17.24
C ILE GA 78 94.60 -32.44 18.48
N ALA GA 79 94.20 -33.12 19.56
CA ALA GA 79 94.99 -33.12 20.78
C ALA GA 79 96.23 -33.99 20.58
N GLY GA 80 97.02 -34.14 21.64
CA GLY GA 80 98.26 -34.88 21.56
C GLY GA 80 98.71 -35.40 22.91
N PRO GA 81 100.02 -35.27 23.18
CA PRO GA 81 100.55 -35.76 24.46
C PRO GA 81 99.96 -35.05 25.67
N LEU GA 82 99.37 -33.86 25.49
CA LEU GA 82 98.87 -33.09 26.61
C LEU GA 82 97.77 -33.81 27.38
N ILE GA 83 97.08 -34.78 26.75
CA ILE GA 83 96.00 -35.46 27.43
C ILE GA 83 96.50 -36.29 28.60
N LYS GA 84 97.80 -36.62 28.63
CA LYS GA 84 98.36 -37.43 29.70
C LYS GA 84 98.67 -36.64 30.97
N LEU GA 85 98.55 -35.30 30.95
CA LEU GA 85 98.88 -34.54 32.14
C LEU GA 85 97.81 -34.66 33.21
N TRP GA 86 96.55 -34.90 32.80
CA TRP GA 86 95.43 -34.98 33.73
C TRP GA 86 94.97 -36.42 33.87
N LYS GA 87 94.76 -36.84 35.11
CA LYS GA 87 94.41 -38.23 35.43
C LYS GA 87 92.91 -38.42 35.24
N ALA GA 88 92.53 -38.67 33.98
CA ALA GA 88 91.15 -38.93 33.62
C ALA GA 88 91.13 -39.72 32.32
N GLU GA 89 89.97 -39.81 31.70
CA GLU GA 89 89.79 -40.54 30.46
C GLU GA 89 89.09 -39.66 29.43
N ILE GA 90 89.20 -40.06 28.17
CA ILE GA 90 88.61 -39.33 27.06
C ILE GA 90 87.28 -39.98 26.63
N LYS GA 91 86.63 -40.70 27.54
CA LYS GA 91 85.43 -41.49 27.24
C LYS GA 91 84.23 -40.64 26.81
N LEU GA 92 84.41 -39.32 26.74
CA LEU GA 92 83.32 -38.45 26.28
C LEU GA 92 83.01 -38.76 24.83
N PRO GA 93 81.75 -39.06 24.48
CA PRO GA 93 81.44 -39.44 23.10
C PRO GA 93 81.71 -38.34 22.09
N GLY GA 94 81.58 -37.08 22.47
CA GLY GA 94 81.80 -36.00 21.53
C GLY GA 94 81.42 -34.67 22.16
N LEU GA 95 81.26 -33.66 21.30
CA LEU GA 95 80.94 -32.31 21.71
C LEU GA 95 79.79 -31.78 20.88
N LEU GA 96 78.98 -30.91 21.48
CA LEU GA 96 77.82 -30.31 20.83
C LEU GA 96 77.94 -28.80 20.95
N PHE GA 97 78.51 -28.17 19.93
CA PHE GA 97 78.76 -26.73 19.94
C PHE GA 97 77.53 -25.98 19.44
N ILE GA 98 77.28 -24.82 20.06
CA ILE GA 98 76.21 -23.91 19.64
C ILE GA 98 76.82 -22.55 19.36
N ASP GA 99 76.55 -22.03 18.16
CA ASP GA 99 76.97 -20.69 17.79
C ASP GA 99 75.91 -19.67 18.20
N THR GA 100 76.32 -18.41 18.27
CA THR GA 100 75.43 -17.37 18.74
C THR GA 100 75.80 -16.02 18.13
N PRO GA 101 74.84 -15.27 17.58
CA PRO GA 101 75.15 -13.94 17.08
C PRO GA 101 75.60 -13.00 18.20
N GLY GA 102 76.47 -12.06 17.85
CA GLY GA 102 76.96 -11.09 18.80
C GLY GA 102 76.42 -9.70 18.57
N HIS GA 103 75.49 -9.55 17.64
CA HIS GA 103 74.91 -8.25 17.33
C HIS GA 103 74.00 -7.80 18.47
N GLU GA 104 73.81 -6.48 18.55
CA GLU GA 104 73.02 -5.90 19.64
C GLU GA 104 71.56 -6.34 19.57
N ALA GA 105 71.03 -6.51 18.35
CA ALA GA 105 69.60 -6.77 18.21
C ALA GA 105 69.20 -8.16 18.69
N PHE GA 106 70.09 -9.14 18.56
CA PHE GA 106 69.73 -10.54 18.85
C PHE GA 106 70.01 -10.85 20.32
N THR GA 107 69.25 -10.20 21.19
CA THR GA 107 69.37 -10.43 22.62
C THR GA 107 68.73 -11.75 23.03
N SER GA 108 67.54 -12.04 22.48
CA SER GA 108 66.81 -13.25 22.88
C SER GA 108 67.58 -14.50 22.48
N LEU GA 109 68.22 -14.49 21.32
CA LEU GA 109 69.02 -15.64 20.89
C LEU GA 109 70.18 -15.89 21.86
N ARG GA 110 70.85 -14.82 22.29
CA ARG GA 110 71.92 -14.95 23.27
C ARG GA 110 71.39 -15.50 24.59
N ALA GA 111 70.23 -15.01 25.03
CA ALA GA 111 69.65 -15.51 26.28
C ALA GA 111 69.33 -17.00 26.18
N ARG GA 112 68.73 -17.42 25.06
CA ARG GA 112 68.42 -18.83 24.87
C ARG GA 112 69.68 -19.68 24.87
N GLY GA 113 70.71 -19.23 24.16
CA GLY GA 113 71.95 -19.98 24.13
C GLY GA 113 72.61 -20.09 25.48
N GLY GA 114 72.57 -19.01 26.27
CA GLY GA 114 73.14 -19.05 27.60
C GLY GA 114 72.37 -19.97 28.53
N SER GA 115 71.04 -19.93 28.46
CA SER GA 115 70.24 -20.75 29.37
C SER GA 115 70.34 -22.23 29.02
N LEU GA 116 70.34 -22.56 27.72
CA LEU GA 116 70.25 -23.96 27.32
C LEU GA 116 71.54 -24.72 27.59
N ALA GA 117 72.69 -24.15 27.24
CA ALA GA 117 73.93 -24.91 27.22
C ALA GA 117 74.42 -25.21 28.64
N ASP GA 118 75.23 -26.26 28.74
CA ASP GA 118 75.85 -26.66 29.99
C ASP GA 118 77.17 -25.91 30.24
N LEU GA 119 77.98 -25.73 29.19
CA LEU GA 119 79.22 -25.00 29.28
C LEU GA 119 79.19 -23.80 28.32
N ALA GA 120 79.97 -22.78 28.65
CA ALA GA 120 80.04 -21.58 27.85
C ALA GA 120 81.48 -21.22 27.55
N VAL GA 121 81.70 -20.58 26.40
CA VAL GA 121 83.01 -20.10 26.00
C VAL GA 121 82.83 -18.64 25.62
N LEU GA 122 83.33 -17.74 26.47
CA LEU GA 122 83.31 -16.32 26.15
C LEU GA 122 84.59 -15.94 25.41
N VAL GA 123 84.43 -15.38 24.21
CA VAL GA 123 85.56 -15.02 23.37
C VAL GA 123 85.64 -13.49 23.34
N VAL GA 124 86.73 -12.95 23.86
CA VAL GA 124 86.92 -11.52 23.99
C VAL GA 124 88.25 -11.13 23.34
N ASP GA 125 88.20 -10.16 22.44
CA ASP GA 125 89.43 -9.66 21.82
C ASP GA 125 90.23 -8.84 22.82
N ILE GA 126 91.53 -9.09 22.87
CA ILE GA 126 92.39 -8.40 23.84
C ILE GA 126 92.52 -6.92 23.50
N ASN GA 127 92.56 -6.59 22.20
CA ASN GA 127 92.86 -5.23 21.79
C ASN GA 127 91.75 -4.26 22.19
N GLU GA 128 90.50 -4.61 21.87
CA GLU GA 128 89.40 -3.68 22.10
C GLU GA 128 88.92 -3.68 23.55
N GLY GA 129 89.32 -4.67 24.34
CA GLY GA 129 88.93 -4.68 25.74
C GLY GA 129 87.55 -5.27 25.92
N PHE GA 130 86.64 -4.48 26.48
CA PHE GA 130 85.30 -4.93 26.79
C PHE GA 130 84.26 -4.14 26.01
N GLN GA 131 83.14 -4.79 25.73
CA GLN GA 131 82.01 -4.21 25.01
C GLN GA 131 80.73 -4.50 25.78
N PRO GA 132 79.68 -3.71 25.57
CA PRO GA 132 78.42 -3.96 26.29
C PRO GA 132 77.85 -5.34 26.05
N GLN GA 133 78.04 -5.91 24.86
CA GLN GA 133 77.55 -7.26 24.59
C GLN GA 133 78.27 -8.28 25.47
N THR GA 134 79.56 -8.08 25.73
CA THR GA 134 80.27 -8.96 26.64
C THR GA 134 79.69 -8.88 28.04
N ILE GA 135 79.36 -7.67 28.50
CA ILE GA 135 78.77 -7.51 29.82
C ILE GA 135 77.41 -8.19 29.89
N GLU GA 136 76.60 -8.05 28.84
CA GLU GA 136 75.30 -8.71 28.80
C GLU GA 136 75.45 -10.23 28.82
N SER GA 137 76.43 -10.75 28.07
CA SER GA 137 76.66 -12.19 28.05
C SER GA 137 77.08 -12.69 29.44
N ILE GA 138 77.97 -11.95 30.12
CA ILE GA 138 78.38 -12.34 31.46
C ILE GA 138 77.18 -12.30 32.41
N GLU GA 139 76.33 -11.28 32.28
CA GLU GA 139 75.14 -11.20 33.12
C GLU GA 139 74.23 -12.40 32.89
N ILE GA 140 74.01 -12.79 31.63
CA ILE GA 140 73.15 -13.93 31.34
C ILE GA 140 73.75 -15.20 31.90
N LEU GA 141 75.07 -15.38 31.75
CA LEU GA 141 75.72 -16.57 32.28
C LEU GA 141 75.60 -16.65 33.79
N ARG GA 142 75.77 -15.50 34.48
CA ARG GA 142 75.58 -15.48 35.92
C ARG GA 142 74.15 -15.81 36.31
N LYS GA 143 73.17 -15.27 35.55
CA LYS GA 143 71.78 -15.54 35.86
C LYS GA 143 71.45 -17.02 35.71
N TYR GA 144 71.98 -17.67 34.67
CA TYR GA 144 71.70 -19.07 34.41
C TYR GA 144 72.80 -19.99 34.96
N ARG GA 145 73.64 -19.48 35.86
CA ARG GA 145 74.69 -20.22 36.56
C ARG GA 145 75.39 -21.24 35.65
N THR GA 146 75.96 -20.71 34.57
CA THR GA 146 76.67 -21.54 33.61
C THR GA 146 78.18 -21.32 33.76
N PRO GA 147 78.94 -22.32 34.19
CA PRO GA 147 80.40 -22.16 34.25
C PRO GA 147 80.97 -21.96 32.85
N PHE GA 148 82.08 -21.22 32.78
CA PHE GA 148 82.67 -20.88 31.50
C PHE GA 148 84.16 -20.64 31.66
N VAL GA 149 84.86 -20.65 30.53
CA VAL GA 149 86.28 -20.36 30.45
C VAL GA 149 86.49 -19.28 29.40
N VAL GA 150 87.44 -18.38 29.64
CA VAL GA 150 87.63 -17.22 28.79
C VAL GA 150 88.66 -17.55 27.72
N ALA GA 151 88.42 -17.06 26.51
CA ALA GA 151 89.36 -17.19 25.40
C ALA GA 151 89.84 -15.80 24.98
N ALA GA 152 90.98 -15.79 24.28
CA ALA GA 152 91.57 -14.54 23.80
C ALA GA 152 92.05 -14.76 22.37
N ASN GA 153 91.54 -13.94 21.45
CA ASN GA 153 91.85 -14.04 20.04
C ASN GA 153 92.70 -12.87 19.58
N LYS GA 154 92.92 -12.79 18.26
CA LYS GA 154 93.67 -11.70 17.64
C LYS GA 154 95.09 -11.61 18.18
N ILE GA 155 95.70 -12.76 18.48
CA ILE GA 155 97.06 -12.78 19.00
C ILE GA 155 98.03 -12.27 17.94
N ASP GA 156 97.77 -12.57 16.67
CA ASP GA 156 98.66 -12.15 15.59
C ASP GA 156 98.72 -10.63 15.44
N ARG GA 157 97.79 -9.89 16.02
CA ARG GA 157 97.84 -8.43 15.94
C ARG GA 157 99.04 -7.85 16.67
N ILE GA 158 99.64 -8.62 17.60
CA ILE GA 158 100.85 -8.16 18.27
C ILE GA 158 102.03 -8.25 17.31
N LYS GA 159 102.77 -7.16 17.18
CA LYS GA 159 103.91 -7.13 16.27
C LYS GA 159 105.01 -8.07 16.76
N GLY GA 160 105.82 -8.53 15.81
CA GLY GA 160 106.88 -9.47 16.13
C GLY GA 160 106.37 -10.82 16.56
N TRP GA 161 105.35 -11.36 15.90
CA TRP GA 161 104.78 -12.66 16.22
C TRP GA 161 104.93 -13.56 15.00
N VAL GA 162 105.47 -14.75 15.21
CA VAL GA 162 105.60 -15.75 14.15
C VAL GA 162 104.34 -16.60 14.14
N ILE GA 163 103.96 -17.04 12.95
CA ILE GA 163 102.72 -17.80 12.75
C ILE GA 163 103.09 -19.22 12.33
N GLU GA 164 102.45 -20.20 12.95
CA GLU GA 164 102.64 -21.61 12.64
C GLU GA 164 101.29 -22.31 12.66
N GLU GA 165 101.14 -23.30 11.79
CA GLU GA 165 99.84 -23.93 11.59
C GLU GA 165 99.57 -24.97 12.68
N ASP GA 166 98.60 -24.68 13.54
CA ASP GA 166 98.06 -25.62 14.52
C ASP GA 166 99.14 -26.13 15.47
N GLU GA 167 99.66 -25.20 16.27
CA GLU GA 167 100.53 -25.57 17.37
C GLU GA 167 100.01 -24.96 18.67
N PRO GA 168 100.11 -25.68 19.78
CA PRO GA 168 99.65 -25.14 21.06
C PRO GA 168 100.44 -23.92 21.49
N PHE GA 169 99.85 -23.15 22.41
CA PHE GA 169 100.51 -21.95 22.91
C PHE GA 169 101.83 -22.27 23.60
N LEU GA 170 101.93 -23.44 24.24
CA LEU GA 170 103.17 -23.82 24.90
C LEU GA 170 104.30 -23.96 23.88
N MET GA 171 104.00 -24.50 22.70
CA MET GA 171 105.02 -24.62 21.66
C MET GA 171 105.31 -23.27 21.02
N ASN GA 172 104.29 -22.40 20.92
CA ASN GA 172 104.46 -21.14 20.22
C ASN GA 172 105.22 -20.11 21.04
N ILE GA 173 105.04 -20.11 22.37
CA ILE GA 173 105.57 -19.02 23.19
C ILE GA 173 107.09 -18.97 23.11
N LYS GA 174 107.75 -20.12 23.02
CA LYS GA 174 109.20 -20.16 22.94
C LYS GA 174 109.74 -19.57 21.65
N LYS GA 175 108.88 -19.39 20.63
CA LYS GA 175 109.34 -18.86 19.35
C LYS GA 175 109.25 -17.34 19.28
N GLN GA 176 108.84 -16.68 20.35
CA GLN GA 176 108.69 -15.23 20.34
C GLN GA 176 109.77 -14.55 21.16
N ASP GA 177 109.90 -13.23 20.96
CA ASP GA 177 110.86 -12.43 21.68
C ASP GA 177 110.26 -11.95 23.00
N GLN GA 178 111.04 -11.15 23.74
CA GLN GA 178 110.59 -10.68 25.05
C GLN GA 178 109.50 -9.62 24.93
N ARG GA 179 109.57 -8.79 23.90
CA ARG GA 179 108.61 -7.69 23.78
C ARG GA 179 107.18 -8.20 23.59
N ALA GA 180 107.00 -9.19 22.72
CA ALA GA 180 105.67 -9.77 22.52
C ALA GA 180 105.17 -10.41 23.80
N VAL GA 181 106.04 -11.13 24.52
CA VAL GA 181 105.64 -11.79 25.75
C VAL GA 181 105.20 -10.77 26.79
N GLN GA 182 105.95 -9.66 26.92
CA GLN GA 182 105.60 -8.67 27.93
C GLN GA 182 104.32 -7.92 27.55
N GLU GA 183 104.13 -7.65 26.26
CA GLU GA 183 102.87 -7.03 25.84
C GLU GA 183 101.69 -7.95 26.12
N LEU GA 184 101.85 -9.24 25.83
CA LEU GA 184 100.80 -10.21 26.15
C LEU GA 184 100.53 -10.26 27.64
N GLU GA 185 101.58 -10.25 28.46
CA GLU GA 185 101.41 -10.30 29.90
C GLU GA 185 100.65 -9.08 30.39
N THR GA 186 100.99 -7.89 29.88
CA THR GA 186 100.29 -6.68 30.29
C THR GA 186 98.82 -6.73 29.87
N LYS GA 187 98.53 -7.20 28.65
CA LYS GA 187 97.16 -7.22 28.17
C LYS GA 187 96.31 -8.20 28.98
N LEU GA 188 96.83 -9.41 29.23
CA LEU GA 188 96.08 -10.36 30.04
C LEU GA 188 95.97 -9.93 31.49
N TRP GA 189 96.98 -9.22 32.02
CA TRP GA 189 96.85 -8.67 33.37
C TRP GA 189 95.72 -7.63 33.43
N GLU GA 190 95.63 -6.78 32.41
CA GLU GA 190 94.53 -5.82 32.35
C GLU GA 190 93.19 -6.53 32.27
N LEU GA 191 93.11 -7.59 31.47
CA LEU GA 191 91.86 -8.34 31.35
C LEU GA 191 91.47 -8.98 32.69
N ILE GA 192 92.44 -9.55 33.39
CA ILE GA 192 92.16 -10.16 34.68
C ILE GA 192 91.72 -9.10 35.68
N GLY GA 193 92.34 -7.93 35.66
CA GLY GA 193 91.86 -6.86 36.51
C GLY GA 193 90.44 -6.47 36.19
N LYS GA 194 90.11 -6.44 34.89
CA LYS GA 194 88.75 -6.13 34.48
C LYS GA 194 87.76 -7.14 35.05
N PHE GA 195 88.04 -8.44 34.86
CA PHE GA 195 87.19 -9.46 35.46
C PHE GA 195 87.11 -9.28 36.97
N TYR GA 196 88.18 -8.77 37.58
CA TYR GA 196 88.16 -8.57 39.02
C TYR GA 196 87.14 -7.53 39.43
N GLU GA 197 87.07 -6.39 38.72
CA GLU GA 197 85.99 -5.48 39.13
C GLU GA 197 84.63 -5.98 38.67
N PHE GA 198 84.60 -6.93 37.74
CA PHE GA 198 83.36 -7.69 37.55
C PHE GA 198 83.19 -8.80 38.59
N GLY GA 199 83.93 -8.74 39.69
CA GLY GA 199 83.75 -9.67 40.80
C GLY GA 199 84.06 -11.11 40.47
N PHE GA 200 85.05 -11.36 39.62
CA PHE GA 200 85.43 -12.70 39.24
C PHE GA 200 86.95 -12.81 39.26
N GLN GA 201 87.45 -13.89 39.86
CA GLN GA 201 88.88 -14.12 39.96
C GLN GA 201 89.37 -14.89 38.73
N ALA GA 202 90.40 -14.36 38.08
CA ALA GA 202 90.89 -14.92 36.83
C ALA GA 202 92.39 -15.22 36.94
N ASN GA 203 92.80 -16.27 36.22
CA ASN GA 203 94.20 -16.64 36.15
C ASN GA 203 94.39 -17.51 34.91
N ARG GA 204 95.63 -17.54 34.41
CA ARG GA 204 95.91 -18.31 33.21
C ARG GA 204 95.77 -19.80 33.47
N PHE GA 205 95.48 -20.55 32.40
CA PHE GA 205 95.23 -21.98 32.52
C PHE GA 205 96.47 -22.73 33.01
N ASP GA 206 97.64 -22.34 32.51
CA ASP GA 206 98.89 -22.97 32.95
C ASP GA 206 99.48 -22.30 34.19
N ARG GA 207 98.88 -21.22 34.68
CA ARG GA 207 99.41 -20.48 35.82
C ARG GA 207 98.51 -20.60 37.05
N VAL GA 208 97.51 -21.47 37.02
CA VAL GA 208 96.62 -21.65 38.16
C VAL GA 208 96.53 -23.14 38.48
N GLN GA 209 96.31 -23.44 39.76
CA GLN GA 209 96.15 -24.81 40.23
C GLN GA 209 94.76 -25.10 40.78
N ASN GA 210 94.02 -24.08 41.22
CA ASN GA 210 92.67 -24.27 41.71
C ASN GA 210 91.68 -24.28 40.55
N PHE GA 211 90.67 -25.15 40.65
CA PHE GA 211 89.70 -25.31 39.56
C PHE GA 211 88.27 -25.42 40.10
N THR GA 212 87.93 -24.63 41.13
CA THR GA 212 86.57 -24.54 41.59
C THR GA 212 86.08 -23.11 41.75
N ARG GA 213 86.96 -22.13 41.97
CA ARG GA 213 86.58 -20.73 42.00
C ARG GA 213 87.34 -19.87 40.98
N GLU GA 214 88.38 -20.41 40.36
CA GLU GA 214 89.19 -19.67 39.40
C GLU GA 214 88.91 -20.16 37.99
N LEU GA 215 88.73 -19.22 37.06
CA LEU GA 215 88.49 -19.53 35.66
C LEU GA 215 89.84 -19.77 34.96
N ALA GA 216 89.79 -19.95 33.64
CA ALA GA 216 91.00 -20.15 32.86
C ALA GA 216 90.90 -19.33 31.58
N ILE GA 217 91.98 -18.61 31.27
CA ILE GA 217 92.06 -17.78 30.07
C ILE GA 217 93.01 -18.47 29.09
N VAL GA 218 92.49 -18.80 27.91
CA VAL GA 218 93.26 -19.49 26.88
C VAL GA 218 93.53 -18.50 25.74
N PRO GA 219 94.76 -18.07 25.52
CA PRO GA 219 95.06 -17.22 24.35
C PRO GA 219 95.08 -18.04 23.07
N ILE GA 220 94.11 -17.82 22.20
CA ILE GA 220 93.97 -18.62 20.99
C ILE GA 220 94.09 -17.72 19.76
N SER GA 221 94.25 -18.37 18.60
CA SER GA 221 94.33 -17.68 17.32
C SER GA 221 93.47 -18.43 16.33
N ALA GA 222 92.33 -17.85 15.95
CA ALA GA 222 91.41 -18.54 15.05
C ALA GA 222 92.00 -18.72 13.66
N LYS GA 223 92.76 -17.74 13.19
CA LYS GA 223 93.26 -17.79 11.82
C LYS GA 223 94.38 -18.79 11.62
N TYR GA 224 95.10 -19.16 12.69
CA TYR GA 224 96.22 -20.08 12.56
C TYR GA 224 96.20 -21.22 13.57
N GLY GA 225 95.12 -21.38 14.32
CA GLY GA 225 94.98 -22.54 15.19
C GLY GA 225 95.98 -22.62 16.30
N ILE GA 226 96.37 -21.49 16.87
CA ILE GA 226 97.28 -21.47 18.01
C ILE GA 226 96.45 -21.63 19.29
N GLY GA 227 96.83 -22.60 20.12
CA GLY GA 227 96.18 -22.78 21.40
C GLY GA 227 94.81 -23.44 21.35
N ILE GA 228 94.41 -23.98 20.21
CA ILE GA 228 93.12 -24.66 20.13
C ILE GA 228 93.14 -25.95 20.94
N ALA GA 229 94.27 -26.66 20.92
CA ALA GA 229 94.36 -27.93 21.64
C ALA GA 229 94.19 -27.75 23.14
N GLU GA 230 94.77 -26.70 23.70
CA GLU GA 230 94.63 -26.45 25.13
C GLU GA 230 93.17 -26.20 25.49
N LEU GA 231 92.49 -25.37 24.71
CA LEU GA 231 91.08 -25.10 24.98
C LEU GA 231 90.24 -26.36 24.85
N LEU GA 232 90.53 -27.19 23.84
CA LEU GA 232 89.76 -28.40 23.62
C LEU GA 232 89.94 -29.38 24.78
N VAL GA 233 91.19 -29.61 25.20
CA VAL GA 233 91.42 -30.54 26.31
C VAL GA 233 90.86 -29.98 27.60
N LEU GA 234 90.92 -28.66 27.81
CA LEU GA 234 90.33 -28.07 29.00
C LEU GA 234 88.82 -28.25 29.03
N ILE GA 235 88.16 -28.07 27.88
CA ILE GA 235 86.73 -28.29 27.80
C ILE GA 235 86.40 -29.75 28.09
N ALA GA 236 87.20 -30.67 27.54
CA ALA GA 236 86.96 -32.08 27.78
C ALA GA 236 87.14 -32.44 29.26
N GLY GA 237 88.15 -31.86 29.91
CA GLY GA 237 88.47 -32.20 31.28
C GLY GA 237 87.57 -31.56 32.33
N LEU GA 238 87.24 -30.28 32.16
CA LEU GA 238 86.47 -29.55 33.16
C LEU GA 238 85.02 -30.03 33.26
N SER GA 239 84.55 -30.83 32.29
CA SER GA 239 83.17 -31.29 32.31
C SER GA 239 82.90 -32.22 33.49
N GLN GA 240 83.85 -33.08 33.84
CA GLN GA 240 83.66 -34.08 34.87
C GLN GA 240 84.06 -33.59 36.26
N ARG GA 241 84.51 -32.34 36.39
CA ARG GA 241 84.95 -31.84 37.68
C ARG GA 241 83.85 -31.09 38.43
N TYR GA 242 83.18 -30.15 37.76
CA TYR GA 242 82.16 -29.37 38.43
C TYR GA 242 80.92 -30.21 38.73
N LEU GA 243 80.28 -30.73 37.70
CA LEU GA 243 79.11 -31.59 37.86
C LEU GA 243 79.11 -32.61 36.73
N GLU GA 244 79.30 -33.88 37.08
CA GLU GA 244 79.30 -34.97 36.11
C GLU GA 244 78.07 -35.84 36.20
N GLU GA 245 77.39 -35.88 37.34
CA GLU GA 245 76.22 -36.73 37.50
C GLU GA 245 75.02 -36.25 36.68
N LYS GA 246 75.02 -34.98 36.27
CA LYS GA 246 73.93 -34.50 35.40
C LYS GA 246 74.11 -34.99 33.97
N LEU GA 247 75.27 -35.57 33.65
CA LEU GA 247 75.56 -36.07 32.31
C LEU GA 247 75.17 -37.52 32.13
N LYS GA 248 74.54 -38.15 33.13
CA LYS GA 248 74.09 -39.53 33.02
C LYS GA 248 72.60 -39.57 32.69
N ILE GA 249 72.25 -40.25 31.61
CA ILE GA 249 70.88 -40.32 31.12
C ILE GA 249 70.52 -41.77 30.86
N GLU GA 250 69.33 -42.16 31.32
CA GLU GA 250 68.79 -43.47 30.96
C GLU GA 250 68.53 -43.53 29.46
N VAL GA 251 68.89 -44.67 28.85
CA VAL GA 251 68.83 -44.82 27.41
C VAL GA 251 67.49 -45.39 26.94
N GLU GA 252 66.54 -45.59 27.85
CA GLU GA 252 65.24 -46.14 27.50
C GLU GA 252 64.06 -45.28 27.95
N GLY GA 253 64.30 -44.20 28.67
CA GLY GA 253 63.23 -43.38 29.16
C GLY GA 253 62.62 -42.51 28.08
N PRO GA 254 61.55 -41.82 28.42
CA PRO GA 254 60.90 -40.93 27.46
C PRO GA 254 61.81 -39.77 27.06
N ALA GA 255 61.62 -39.30 25.83
CA ALA GA 255 62.45 -38.22 25.30
C ALA GA 255 62.06 -36.88 25.92
N ARG GA 256 63.07 -36.08 26.23
CA ARG GA 256 62.89 -34.73 26.75
C ARG GA 256 63.93 -33.82 26.14
N GLY GA 257 63.47 -32.72 25.51
CA GLY GA 257 64.36 -31.77 24.88
C GLY GA 257 63.78 -30.38 24.83
N THR GA 258 64.37 -29.50 24.02
CA THR GA 258 63.88 -28.13 23.90
C THR GA 258 63.90 -27.69 22.45
N ILE GA 259 63.12 -26.65 22.15
CA ILE GA 259 63.02 -26.09 20.80
C ILE GA 259 64.11 -25.07 20.60
N LEU GA 260 64.77 -25.12 19.44
CA LEU GA 260 65.83 -24.19 19.10
C LEU GA 260 65.34 -23.09 18.16
N GLU GA 261 64.51 -23.43 17.17
CA GLU GA 261 63.99 -22.45 16.23
C GLU GA 261 62.79 -23.05 15.52
N VAL GA 262 62.03 -22.18 14.86
CA VAL GA 262 60.87 -22.57 14.05
C VAL GA 262 61.02 -21.91 12.69
N ARG GA 263 61.04 -22.73 11.63
CA ARG GA 263 61.26 -22.21 10.29
C ARG GA 263 60.45 -23.04 9.29
N GLU GA 264 60.22 -22.44 8.13
CA GLU GA 264 59.54 -23.11 7.03
C GLU GA 264 60.54 -23.87 6.18
N GLU GA 265 60.11 -25.03 5.67
CA GLU GA 265 60.95 -25.85 4.82
C GLU GA 265 60.24 -26.19 3.52
N PRO GA 266 60.98 -26.39 2.43
CA PRO GA 266 60.36 -26.77 1.16
C PRO GA 266 59.98 -28.24 1.17
N GLY GA 267 58.68 -28.51 1.08
CA GLY GA 267 58.17 -29.87 0.96
C GLY GA 267 57.79 -30.53 2.26
N LEU GA 268 58.26 -30.02 3.40
CA LEU GA 268 57.93 -30.60 4.69
C LEU GA 268 56.95 -29.78 5.50
N GLY GA 269 56.85 -28.48 5.23
CA GLY GA 269 55.94 -27.63 5.97
C GLY GA 269 56.60 -26.93 7.14
N HIS GA 270 55.87 -26.74 8.22
CA HIS GA 270 56.43 -26.12 9.41
C HIS GA 270 57.15 -27.18 10.23
N THR GA 271 58.49 -27.08 10.28
CA THR GA 271 59.32 -28.02 11.03
C THR GA 271 60.01 -27.27 12.16
N ILE GA 272 60.52 -28.02 13.13
CA ILE GA 272 61.24 -27.44 14.26
C ILE GA 272 62.55 -28.18 14.45
N ASP GA 273 63.62 -27.44 14.71
CA ASP GA 273 64.91 -28.03 15.03
C ASP GA 273 65.09 -28.05 16.54
N VAL GA 274 65.33 -29.23 17.10
CA VAL GA 274 65.37 -29.41 18.55
C VAL GA 274 66.66 -30.14 18.92
N ILE GA 275 67.02 -30.02 20.19
CA ILE GA 275 68.16 -30.73 20.75
C ILE GA 275 67.64 -31.66 21.84
N ILE GA 276 67.66 -32.96 21.55
CA ILE GA 276 67.21 -33.98 22.49
C ILE GA 276 68.34 -34.32 23.44
N TYR GA 277 68.05 -34.27 24.74
CA TYR GA 277 69.05 -34.53 25.76
C TYR GA 277 68.61 -35.52 26.84
N ASP GA 278 67.35 -35.95 26.85
CA ASP GA 278 66.91 -36.98 27.78
C ASP GA 278 66.14 -38.06 27.03
N GLY GA 279 66.36 -39.30 27.44
CA GLY GA 279 65.62 -40.41 26.86
C GLY GA 279 66.01 -40.70 25.42
N THR GA 280 65.13 -41.47 24.77
CA THR GA 280 65.31 -41.87 23.38
C THR GA 280 64.06 -41.51 22.60
N LEU GA 281 64.25 -40.97 21.39
CA LEU GA 281 63.17 -40.53 20.53
C LEU GA 281 63.08 -41.45 19.32
N HIS GA 282 61.91 -42.04 19.12
CA HIS GA 282 61.63 -42.87 17.96
C HIS GA 282 60.54 -42.22 17.11
N LYS GA 283 60.36 -42.74 15.90
CA LYS GA 283 59.31 -42.25 15.02
C LYS GA 283 57.94 -42.64 15.57
N ASP GA 284 56.93 -41.86 15.18
CA ASP GA 284 55.53 -42.03 15.52
C ASP GA 284 55.24 -41.79 17.00
N ASP GA 285 56.24 -41.45 17.80
CA ASP GA 285 56.00 -41.13 19.21
C ASP GA 285 55.22 -39.82 19.33
N THR GA 286 54.23 -39.82 20.22
CA THR GA 286 53.48 -38.61 20.52
C THR GA 286 54.31 -37.69 21.40
N ILE GA 287 54.30 -36.39 21.06
CA ILE GA 287 55.09 -35.40 21.77
C ILE GA 287 54.19 -34.26 22.21
N VAL GA 288 54.63 -33.54 23.24
CA VAL GA 288 53.94 -32.38 23.77
C VAL GA 288 54.89 -31.19 23.70
N VAL GA 289 54.41 -30.11 23.09
CA VAL GA 289 55.19 -28.90 22.85
C VAL GA 289 54.34 -27.70 23.27
N GLY GA 290 54.96 -26.75 23.96
CA GLY GA 290 54.26 -25.56 24.39
C GLY GA 290 54.03 -24.56 23.26
N GLY GA 291 52.77 -24.41 22.85
CA GLY GA 291 52.43 -23.47 21.81
C GLY GA 291 52.29 -22.05 22.33
N LYS GA 292 51.86 -21.16 21.44
CA LYS GA 292 51.72 -19.76 21.81
C LYS GA 292 50.60 -19.57 22.83
N ASP GA 293 49.43 -20.14 22.57
CA ASP GA 293 48.29 -19.99 23.47
C ASP GA 293 48.17 -21.15 24.45
N LYS GA 294 48.43 -22.37 23.99
CA LYS GA 294 48.30 -23.55 24.84
C LYS GA 294 49.15 -24.66 24.24
N ALA GA 295 49.27 -25.76 24.99
CA ALA GA 295 50.06 -26.89 24.55
C ALA GA 295 49.44 -27.53 23.30
N ILE GA 296 50.30 -28.09 22.45
CA ILE GA 296 49.88 -28.74 21.22
C ILE GA 296 50.38 -30.17 21.24
N VAL GA 297 49.54 -31.10 20.79
CA VAL GA 297 49.84 -32.53 20.78
C VAL GA 297 49.79 -33.02 19.34
N THR GA 298 50.86 -33.68 18.91
CA THR GA 298 50.96 -34.17 17.54
C THR GA 298 51.84 -35.41 17.52
N LYS GA 299 51.78 -36.14 16.41
CA LYS GA 299 52.55 -37.35 16.21
C LYS GA 299 53.69 -37.06 15.24
N ILE GA 300 54.90 -37.46 15.62
CA ILE GA 300 56.06 -37.21 14.77
C ILE GA 300 55.91 -37.94 13.45
N ARG GA 301 56.18 -37.24 12.35
CA ARG GA 301 56.13 -37.82 11.02
C ARG GA 301 57.50 -38.00 10.40
N ALA GA 302 58.38 -37.00 10.46
CA ALA GA 302 59.69 -37.09 9.84
C ALA GA 302 60.76 -36.68 10.83
N LEU GA 303 61.79 -37.52 10.95
CA LEU GA 303 62.97 -37.25 11.78
C LEU GA 303 64.17 -37.12 10.88
N LEU GA 304 64.79 -35.94 10.86
CA LEU GA 304 65.86 -35.63 9.94
C LEU GA 304 67.12 -35.30 10.74
N LYS GA 305 68.27 -35.79 10.27
CA LYS GA 305 69.52 -35.70 11.02
C LYS GA 305 70.61 -35.07 10.14
N PRO GA 306 71.34 -34.10 10.67
CA PRO GA 306 72.43 -33.50 9.90
C PRO GA 306 73.62 -34.44 9.76
N LYS GA 307 74.42 -34.18 8.74
CA LYS GA 307 75.64 -34.94 8.54
C LYS GA 307 76.66 -34.60 9.63
N PRO GA 308 77.48 -35.56 10.04
CA PRO GA 308 78.51 -35.28 11.04
C PRO GA 308 79.48 -34.21 10.56
N LEU GA 309 79.92 -33.37 11.51
CA LEU GA 309 80.85 -32.28 11.24
C LEU GA 309 80.29 -31.33 10.18
N ASP GA 310 79.06 -30.90 10.38
CA ASP GA 310 78.40 -29.99 9.45
C ASP GA 310 77.46 -29.07 10.22
N GLU GA 311 77.47 -27.80 9.86
CA GLU GA 311 76.58 -26.83 10.49
C GLU GA 311 75.13 -27.12 10.14
N ILE GA 312 74.25 -27.09 11.14
CA ILE GA 312 72.87 -27.48 10.92
C ILE GA 312 72.14 -26.46 10.05
N ARG GA 313 72.47 -25.17 10.20
CA ARG GA 313 71.82 -24.14 9.41
C ARG GA 313 72.45 -24.00 8.02
N ASP GA 314 73.54 -24.71 7.75
CA ASP GA 314 74.19 -24.71 6.44
C ASP GA 314 74.16 -26.13 5.89
N PRO GA 315 73.13 -26.51 5.14
CA PRO GA 315 73.05 -27.88 4.61
C PRO GA 315 73.97 -28.09 3.41
N ARG GA 316 75.27 -28.13 3.68
CA ARG GA 316 76.24 -28.43 2.63
C ARG GA 316 76.06 -29.85 2.11
N PHE GA 317 75.85 -30.81 3.01
CA PHE GA 317 75.63 -32.19 2.65
C PHE GA 317 74.16 -32.56 2.84
N ARG GA 318 73.71 -33.58 2.13
CA ARG GA 318 72.32 -34.02 2.23
C ARG GA 318 71.97 -34.61 3.60
N PHE GA 319 70.85 -34.17 4.14
CA PHE GA 319 70.37 -34.64 5.44
C PHE GA 319 70.02 -36.11 5.33
N ASP GA 320 70.27 -36.86 6.40
CA ASP GA 320 69.96 -38.27 6.40
C ASP GA 320 68.73 -38.53 7.26
N TYR GA 321 67.71 -39.14 6.65
CA TYR GA 321 66.48 -39.46 7.37
C TYR GA 321 66.81 -40.55 8.39
N VAL GA 322 66.18 -40.48 9.56
CA VAL GA 322 66.52 -41.47 10.57
C VAL GA 322 65.26 -41.90 11.32
N ASP GA 323 65.13 -43.21 11.54
CA ASP GA 323 63.95 -43.73 12.24
C ASP GA 323 63.91 -43.28 13.70
N GLU GA 324 65.04 -43.35 14.40
CA GLU GA 324 65.06 -43.02 15.81
C GLU GA 324 66.42 -42.43 16.16
N VAL GA 325 66.42 -41.55 17.18
CA VAL GA 325 67.62 -40.89 17.64
C VAL GA 325 67.72 -41.04 19.16
N THR GA 326 68.95 -40.90 19.66
CA THR GA 326 69.24 -41.07 21.08
C THR GA 326 69.96 -39.83 21.60
N ALA GA 327 69.65 -39.45 22.83
CA ALA GA 327 70.27 -38.29 23.45
C ALA GA 327 71.78 -38.46 23.53
N ALA GA 328 72.51 -37.38 23.29
CA ALA GA 328 71.94 -36.07 22.97
C ALA GA 328 72.30 -35.67 21.55
N ALA GA 329 71.32 -35.17 20.79
CA ALA GA 329 71.59 -34.84 19.39
C ALA GA 329 70.61 -33.78 18.92
N GLY GA 330 71.02 -33.05 17.88
CA GLY GA 330 70.17 -32.04 17.27
C GLY GA 330 69.52 -32.59 16.01
N VAL GA 331 68.19 -32.61 16.02
CA VAL GA 331 67.42 -33.21 14.92
C VAL GA 331 66.30 -32.27 14.50
N LYS GA 332 65.86 -32.43 13.26
CA LYS GA 332 64.74 -31.67 12.72
C LYS GA 332 63.50 -32.56 12.74
N ILE GA 333 62.43 -32.07 13.36
CA ILE GA 333 61.16 -32.78 13.48
C ILE GA 333 60.16 -32.12 12.55
N ALA GA 334 59.53 -32.93 11.71
CA ALA GA 334 58.43 -32.50 10.85
C ALA GA 334 57.18 -33.22 11.29
N ALA GA 335 56.23 -32.47 11.85
CA ALA GA 335 54.97 -33.00 12.34
C ALA GA 335 53.86 -32.02 11.98
N PRO GA 336 52.63 -32.49 11.81
CA PRO GA 336 51.55 -31.57 11.45
C PRO GA 336 51.21 -30.60 12.58
N GLY GA 337 50.76 -29.42 12.18
CA GLY GA 337 50.26 -28.43 13.12
C GLY GA 337 51.30 -27.87 14.08
N LEU GA 338 52.48 -27.53 13.56
CA LEU GA 338 53.54 -26.93 14.37
C LEU GA 338 53.74 -25.45 14.06
N GLU GA 339 52.79 -24.83 13.35
CA GLU GA 339 52.93 -23.43 12.96
C GLU GA 339 52.74 -22.47 14.14
N GLU GA 340 52.23 -22.96 15.28
CA GLU GA 340 52.05 -22.12 16.46
C GLU GA 340 53.00 -22.54 17.59
N ALA GA 341 54.12 -23.17 17.24
CA ALA GA 341 55.10 -23.57 18.23
C ALA GA 341 55.90 -22.35 18.70
N LEU GA 342 56.26 -22.36 19.98
CA LEU GA 342 57.02 -21.27 20.58
C LEU GA 342 58.49 -21.66 20.70
N ALA GA 343 59.37 -20.79 20.23
CA ALA GA 343 60.80 -21.03 20.35
C ALA GA 343 61.21 -21.05 21.82
N GLY GA 344 62.05 -22.02 22.17
CA GLY GA 344 62.50 -22.18 23.53
C GLY GA 344 61.58 -23.02 24.40
N SER GA 345 60.42 -23.40 23.90
CA SER GA 345 59.52 -24.25 24.68
C SER GA 345 60.04 -25.69 24.70
N PRO GA 346 59.93 -26.38 25.83
CA PRO GA 346 60.40 -27.76 25.91
C PRO GA 346 59.45 -28.73 25.19
N VAL GA 347 60.02 -29.88 24.82
CA VAL GA 347 59.29 -30.96 24.17
C VAL GA 347 59.42 -32.20 25.04
N ILE GA 348 58.29 -32.83 25.32
CA ILE GA 348 58.23 -33.99 26.21
C ILE GA 348 57.51 -35.14 25.51
N ALA GA 349 58.11 -36.33 25.56
CA ALA GA 349 57.48 -37.50 24.97
C ALA GA 349 56.40 -38.04 25.90
N ALA GA 350 55.23 -38.37 25.32
CA ALA GA 350 54.11 -38.87 26.09
C ALA GA 350 53.34 -39.93 25.32
N PRO GA 351 53.44 -41.21 25.71
CA PRO GA 351 52.78 -42.27 24.95
C PRO GA 351 51.35 -42.57 25.41
N THR GA 352 50.97 -42.06 26.58
CA THR GA 352 49.68 -42.35 27.17
C THR GA 352 48.97 -41.06 27.55
N PRO GA 353 47.63 -41.08 27.62
CA PRO GA 353 46.90 -39.84 27.97
C PRO GA 353 47.30 -39.27 29.33
N GLU GA 354 47.59 -40.12 30.31
CA GLU GA 354 48.07 -39.60 31.59
C GLU GA 354 49.43 -38.93 31.44
N ASP GA 355 50.30 -39.52 30.62
CA ASP GA 355 51.57 -38.87 30.31
C ASP GA 355 51.34 -37.55 29.58
N VAL GA 356 50.34 -37.51 28.71
CA VAL GA 356 50.00 -36.27 28.01
C VAL GA 356 49.56 -35.20 28.99
N GLU GA 357 48.74 -35.57 29.98
CA GLU GA 357 48.29 -34.61 30.97
C GLU GA 357 49.44 -34.13 31.84
N LYS GA 358 50.35 -35.04 32.23
CA LYS GA 358 51.51 -34.63 33.01
C LYS GA 358 52.39 -33.68 32.22
N ALA GA 359 52.58 -33.96 30.92
CA ALA GA 359 53.37 -33.07 30.08
C ALA GA 359 52.69 -31.71 29.94
N LYS GA 360 51.36 -31.70 29.81
CA LYS GA 360 50.63 -30.43 29.71
C LYS GA 360 50.79 -29.61 30.99
N GLN GA 361 50.73 -30.27 32.15
CA GLN GA 361 50.93 -29.57 33.41
C GLN GA 361 52.36 -29.06 33.54
N GLU GA 362 53.33 -29.83 33.04
CA GLU GA 362 54.72 -29.36 33.05
C GLU GA 362 54.90 -28.15 32.14
N ILE GA 363 54.25 -28.16 30.99
CA ILE GA 363 54.33 -27.03 30.05
C ILE GA 363 53.67 -25.80 30.64
N LEU GA 364 52.57 -25.98 31.40
CA LEU GA 364 51.89 -24.86 32.01
C LEU GA 364 52.81 -24.05 32.91
N GLU GA 365 53.85 -24.70 33.45
CA GLU GA 365 54.88 -23.99 34.21
C GLU GA 365 56.00 -23.63 33.24
N GLN GA 366 55.71 -22.68 32.36
CA GLN GA 366 56.69 -22.15 31.41
C GLN GA 366 56.27 -20.73 31.04
N ILE GA 367 57.26 -19.85 30.96
CA ILE GA 367 57.03 -18.43 30.73
C ILE GA 367 57.42 -18.08 29.30
N GLU GA 368 56.71 -17.12 28.73
CA GLU GA 368 57.03 -16.56 27.42
C GLU GA 368 58.03 -15.43 27.63
N ARG GA 369 59.29 -15.68 27.28
CA ARG GA 369 60.34 -14.70 27.55
C ARG GA 369 60.11 -13.40 26.80
N VAL GA 370 59.71 -13.48 25.54
CA VAL GA 370 59.52 -12.30 24.70
C VAL GA 370 58.10 -12.32 24.15
N VAL GA 371 57.39 -11.20 24.31
CA VAL GA 371 56.05 -11.03 23.77
C VAL GA 371 56.05 -9.77 22.92
N ILE GA 372 55.47 -9.86 21.72
CA ILE GA 372 55.41 -8.72 20.82
C ILE GA 372 54.19 -7.87 21.16
N SER GA 373 54.34 -6.56 21.06
CA SER GA 373 53.25 -5.62 21.31
C SER GA 373 52.81 -5.01 19.98
N THR GA 374 51.61 -5.36 19.54
CA THR GA 374 51.04 -4.86 18.29
C THR GA 374 50.01 -3.78 18.59
N ASP GA 375 50.05 -2.70 17.81
CA ASP GA 375 49.18 -1.55 18.01
C ASP GA 375 47.96 -1.57 17.10
N LYS GA 376 47.81 -2.64 16.30
CA LYS GA 376 46.71 -2.83 15.33
C LYS GA 376 46.73 -1.80 14.18
N VAL GA 377 47.49 -0.72 14.34
CA VAL GA 377 47.65 0.27 13.29
C VAL GA 377 49.16 0.41 13.08
N GLY GA 378 49.69 -0.29 12.10
CA GLY GA 378 51.13 -0.28 11.90
C GLY GA 378 51.53 -0.97 10.62
N VAL GA 379 52.82 -1.26 10.52
CA VAL GA 379 53.37 -1.87 9.31
C VAL GA 379 53.25 -3.40 9.39
N ILE GA 380 53.42 -4.04 8.25
CA ILE GA 380 53.43 -5.49 8.15
C ILE GA 380 54.84 -5.96 7.89
N VAL GA 381 55.34 -6.86 8.74
CA VAL GA 381 56.70 -7.39 8.62
C VAL GA 381 56.64 -8.90 8.64
N LYS GA 382 57.38 -9.54 7.73
CA LYS GA 382 57.42 -10.99 7.65
C LYS GA 382 58.88 -11.45 7.52
N ALA GA 383 59.24 -12.48 8.25
CA ALA GA 383 60.57 -13.08 8.22
C ALA GA 383 60.44 -14.57 7.97
N ASP GA 384 61.58 -15.27 7.99
CA ASP GA 384 61.59 -16.71 7.77
C ASP GA 384 61.65 -17.51 9.06
N THR GA 385 62.06 -16.92 10.18
CA THR GA 385 62.11 -17.60 11.46
C THR GA 385 61.55 -16.67 12.53
N LEU GA 386 61.33 -17.24 13.73
CA LEU GA 386 60.79 -16.44 14.82
C LEU GA 386 61.84 -15.53 15.42
N GLY GA 387 63.10 -15.98 15.48
CA GLY GA 387 64.14 -15.17 16.06
C GLY GA 387 64.42 -13.90 15.27
N SER GA 388 64.46 -14.03 13.94
CA SER GA 388 64.63 -12.84 13.09
C SER GA 388 63.46 -11.88 13.27
N LEU GA 389 62.25 -12.42 13.41
CA LEU GA 389 61.08 -11.58 13.64
C LEU GA 389 61.20 -10.85 14.97
N GLU GA 390 61.67 -11.53 16.02
CA GLU GA 390 61.85 -10.90 17.32
C GLU GA 390 62.87 -9.78 17.24
N ALA GA 391 64.01 -10.04 16.57
CA ALA GA 391 65.05 -9.02 16.45
C ALA GA 391 64.55 -7.81 15.67
N LEU GA 392 63.85 -8.04 14.56
CA LEU GA 392 63.31 -6.94 13.78
C LEU GA 392 62.28 -6.15 14.58
N SER GA 393 61.42 -6.85 15.33
CA SER GA 393 60.42 -6.16 16.14
C SER GA 393 61.07 -5.30 17.20
N LYS GA 394 62.12 -5.82 17.86
CA LYS GA 394 62.80 -5.02 18.87
C LYS GA 394 63.47 -3.80 18.24
N GLU GA 395 64.11 -3.97 17.08
CA GLU GA 395 64.76 -2.84 16.44
C GLU GA 395 63.76 -1.78 15.97
N LEU GA 396 62.60 -2.20 15.47
CA LEU GA 396 61.57 -1.24 15.10
C LEU GA 396 60.99 -0.54 16.32
N GLN GA 397 60.77 -1.28 17.41
CA GLN GA 397 60.27 -0.69 18.64
C GLN GA 397 61.26 0.29 19.26
N GLU GA 398 62.55 0.10 19.03
CA GLU GA 398 63.55 1.04 19.51
C GLU GA 398 63.42 2.42 18.89
N LYS GA 399 62.72 2.55 17.76
CA LYS GA 399 62.61 3.82 17.05
C LYS GA 399 61.18 4.33 17.02
N GLU GA 400 60.31 3.82 17.89
CA GLU GA 400 58.92 4.29 18.03
C GLU GA 400 58.16 4.16 16.71
N ILE GA 401 58.00 2.91 16.28
CA ILE GA 401 57.24 2.58 15.08
C ILE GA 401 56.23 1.49 15.44
N PRO GA 402 54.93 1.75 15.35
CA PRO GA 402 53.95 0.70 15.62
C PRO GA 402 53.99 -0.49 14.68
N ILE GA 403 53.62 -1.66 15.20
CA ILE GA 403 53.65 -2.89 14.39
C ILE GA 403 52.30 -3.62 14.36
N ARG GA 404 51.62 -3.54 13.22
CA ARG GA 404 50.32 -4.18 13.05
C ARG GA 404 50.28 -5.71 13.12
N LYS GA 405 51.25 -6.38 12.51
CA LYS GA 405 51.27 -7.86 12.49
C LYS GA 405 52.66 -8.45 12.21
N ALA GA 406 52.99 -9.51 12.93
CA ALA GA 406 54.26 -10.21 12.74
C ALA GA 406 53.98 -11.70 12.69
N ASP GA 407 54.50 -12.36 11.66
CA ASP GA 407 54.34 -13.80 11.50
C ASP GA 407 55.45 -14.33 10.60
N VAL GA 408 55.45 -15.66 10.42
CA VAL GA 408 56.47 -16.34 9.64
C VAL GA 408 55.88 -16.75 8.30
N GLY GA 409 56.58 -16.43 7.22
CA GLY GA 409 56.17 -16.86 5.90
C GLY GA 409 56.51 -15.89 4.79
N ASN GA 410 56.24 -16.29 3.55
CA ASN GA 410 56.47 -15.44 2.39
C ASN GA 410 55.37 -14.40 2.25
N VAL GA 411 55.66 -13.35 1.48
CA VAL GA 411 54.73 -12.25 1.28
C VAL GA 411 53.60 -12.72 0.38
N SER GA 412 52.40 -12.83 0.94
CA SER GA 412 51.24 -13.33 0.19
C SER GA 412 50.41 -12.15 -0.31
N LYS GA 413 49.30 -12.49 -0.97
CA LYS GA 413 48.43 -11.46 -1.54
C LYS GA 413 47.63 -10.74 -0.45
N THR GA 414 47.13 -11.48 0.54
CA THR GA 414 46.32 -10.87 1.59
C THR GA 414 47.13 -9.85 2.38
N ASP GA 415 48.45 -10.04 2.48
CA ASP GA 415 49.29 -9.06 3.14
C ASP GA 415 49.24 -7.72 2.44
N VAL GA 416 49.25 -7.72 1.11
CA VAL GA 416 49.14 -6.48 0.36
C VAL GA 416 47.77 -5.83 0.57
N MET GA 417 46.72 -6.65 0.66
CA MET GA 417 45.39 -6.11 0.92
C MET GA 417 45.33 -5.43 2.29
N GLU GA 418 45.92 -6.07 3.29
CA GLU GA 418 45.98 -5.52 4.64
C GLU GA 418 46.78 -4.22 4.64
N ALA GA 419 47.90 -4.22 3.93
CA ALA GA 419 48.74 -3.02 3.83
C ALA GA 419 47.98 -1.88 3.18
N LEU GA 420 47.21 -2.17 2.14
CA LEU GA 420 46.39 -1.12 1.51
C LEU GA 420 45.32 -0.61 2.45
N SER GA 421 44.71 -1.51 3.23
CA SER GA 421 43.71 -1.08 4.20
C SER GA 421 44.30 -0.14 5.24
N VAL GA 422 45.50 -0.45 5.73
CA VAL GA 422 46.16 0.43 6.69
C VAL GA 422 46.56 1.75 6.02
N LYS GA 423 47.05 1.67 4.78
CA LYS GA 423 47.47 2.87 4.06
C LYS GA 423 46.30 3.80 3.77
N GLU GA 424 45.08 3.26 3.68
CA GLU GA 424 43.91 4.07 3.37
C GLU GA 424 43.81 5.29 4.28
N GLU GA 425 44.10 5.11 5.58
CA GLU GA 425 44.01 6.19 6.55
C GLU GA 425 45.35 6.62 7.12
N GLU GA 426 46.45 6.01 6.68
CA GLU GA 426 47.79 6.36 7.16
C GLU GA 426 48.79 6.09 6.05
N PRO GA 427 49.18 7.12 5.30
CA PRO GA 427 50.10 6.89 4.17
C PRO GA 427 51.45 6.32 4.58
N LYS GA 428 51.99 6.73 5.73
CA LYS GA 428 53.36 6.36 6.10
C LYS GA 428 53.46 5.01 6.78
N TYR GA 429 52.35 4.38 7.17
CA TYR GA 429 52.38 3.12 7.87
C TYR GA 429 51.92 1.94 7.02
N GLY GA 430 51.56 2.18 5.76
CA GLY GA 430 51.27 1.08 4.86
C GLY GA 430 52.48 0.69 4.04
N VAL GA 431 53.21 -0.33 4.49
CA VAL GA 431 54.43 -0.78 3.83
C VAL GA 431 54.75 -2.18 4.35
N ILE GA 432 55.52 -2.93 3.57
CA ILE GA 432 55.91 -4.29 3.92
C ILE GA 432 57.42 -4.35 3.96
N LEU GA 433 57.96 -4.95 5.03
CA LEU GA 433 59.39 -5.14 5.21
C LEU GA 433 59.66 -6.64 5.28
N GLY GA 434 60.18 -7.20 4.18
CA GLY GA 434 60.49 -8.61 4.10
C GLY GA 434 61.97 -8.85 4.37
N PHE GA 435 62.24 -9.74 5.32
CA PHE GA 435 63.60 -10.07 5.73
C PHE GA 435 63.88 -11.52 5.33
N ASN GA 436 64.63 -11.69 4.25
CA ASN GA 436 65.01 -13.00 3.74
C ASN GA 436 63.79 -13.87 3.44
N VAL GA 437 62.87 -13.32 2.65
CA VAL GA 437 61.68 -14.03 2.20
C VAL GA 437 61.54 -13.83 0.70
N LYS GA 438 60.48 -14.42 0.15
CA LYS GA 438 60.23 -14.39 -1.28
C LYS GA 438 58.86 -13.77 -1.56
N VAL GA 439 58.75 -13.07 -2.68
CA VAL GA 439 57.53 -12.38 -3.08
C VAL GA 439 56.89 -13.14 -4.24
N ASN GA 440 55.61 -13.46 -4.10
CA ASN GA 440 54.90 -14.23 -5.10
C ASN GA 440 54.56 -13.36 -6.30
N GLU GA 441 54.19 -14.02 -7.41
CA GLU GA 441 53.86 -13.30 -8.64
C GLU GA 441 52.59 -12.48 -8.49
N ASP GA 442 51.53 -13.09 -7.96
CA ASP GA 442 50.28 -12.37 -7.77
C ASP GA 442 50.45 -11.22 -6.78
N ALA GA 443 51.23 -11.45 -5.71
CA ALA GA 443 51.45 -10.40 -4.72
C ALA GA 443 52.16 -9.20 -5.33
N GLU GA 444 53.22 -9.45 -6.10
CA GLU GA 444 53.95 -8.34 -6.70
C GLU GA 444 53.12 -7.64 -7.77
N GLU GA 445 52.31 -8.40 -8.52
CA GLU GA 445 51.43 -7.78 -9.51
C GLU GA 445 50.40 -6.87 -8.84
N VAL GA 446 49.79 -7.33 -7.75
CA VAL GA 446 48.82 -6.51 -7.04
C VAL GA 446 49.49 -5.29 -6.44
N ALA GA 447 50.69 -5.46 -5.88
CA ALA GA 447 51.40 -4.32 -5.31
C ALA GA 447 51.74 -3.27 -6.37
N LYS GA 448 52.16 -3.72 -7.55
CA LYS GA 448 52.45 -2.78 -8.63
C LYS GA 448 51.18 -2.09 -9.10
N ALA GA 449 50.07 -2.83 -9.19
CA ALA GA 449 48.81 -2.24 -9.65
C ALA GA 449 48.31 -1.18 -8.68
N LYS GA 450 48.30 -1.50 -7.38
CA LYS GA 450 47.76 -0.59 -6.37
C LYS GA 450 48.81 0.34 -5.78
N ASP GA 451 50.06 0.25 -6.23
CA ASP GA 451 51.15 1.13 -5.81
C ASP GA 451 51.37 1.05 -4.30
N VAL GA 452 51.80 -0.13 -3.88
CA VAL GA 452 52.20 -0.38 -2.50
C VAL GA 452 53.69 -0.73 -2.49
N LYS GA 453 54.43 -0.13 -1.57
CA LYS GA 453 55.88 -0.28 -1.53
C LYS GA 453 56.28 -1.47 -0.67
N ILE GA 454 57.27 -2.22 -1.15
CA ILE GA 454 57.79 -3.40 -0.47
C ILE GA 454 59.31 -3.31 -0.41
N PHE GA 455 59.88 -3.52 0.77
CA PHE GA 455 61.33 -3.48 0.96
C PHE GA 455 61.79 -4.89 1.34
N VAL GA 456 62.47 -5.56 0.42
CA VAL GA 456 63.02 -6.88 0.66
C VAL GA 456 64.50 -6.77 0.97
N GLY GA 457 64.99 -7.65 1.84
CA GLY GA 457 66.40 -7.58 2.19
C GLY GA 457 66.84 -8.81 2.94
N ASN GA 458 68.15 -8.84 3.22
CA ASN GA 458 68.78 -9.91 4.00
C ASN GA 458 69.51 -9.41 5.23
N VAL GA 459 69.70 -8.11 5.40
CA VAL GA 459 70.44 -7.54 6.51
C VAL GA 459 69.53 -6.58 7.26
N ILE GA 460 69.49 -6.70 8.59
CA ILE GA 460 68.50 -5.99 9.38
C ILE GA 460 68.67 -4.47 9.25
N TYR GA 461 69.89 -3.98 9.41
CA TYR GA 461 70.09 -2.53 9.34
C TYR GA 461 70.00 -2.04 7.91
N LYS GA 462 70.53 -2.81 6.95
CA LYS GA 462 70.43 -2.43 5.54
C LYS GA 462 68.97 -2.40 5.08
N LEU GA 463 68.08 -3.09 5.77
CA LEU GA 463 66.67 -3.08 5.43
C LEU GA 463 65.91 -1.97 6.16
N ILE GA 464 66.26 -1.72 7.43
CA ILE GA 464 65.56 -0.68 8.18
C ILE GA 464 65.94 0.71 7.68
N GLU GA 465 67.22 0.93 7.38
CA GLU GA 465 67.67 2.24 6.92
C GLU GA 465 67.02 2.63 5.60
N ASP GA 466 66.78 1.66 4.72
CA ASP GA 466 66.11 1.95 3.46
C ASP GA 466 64.70 2.48 3.70
N TYR GA 467 63.96 1.84 4.60
CA TYR GA 467 62.62 2.32 4.94
C TYR GA 467 62.68 3.70 5.56
N GLU GA 468 63.64 3.94 6.45
CA GLU GA 468 63.75 5.26 7.08
C GLU GA 468 64.02 6.34 6.04
N GLU GA 469 64.95 6.08 5.11
CA GLU GA 469 65.29 7.10 4.14
C GLU GA 469 64.15 7.31 3.13
N TRP GA 470 63.42 6.25 2.78
CA TRP GA 470 62.25 6.44 1.92
C TRP GA 470 61.18 7.27 2.62
N VAL GA 471 60.97 7.03 3.91
CA VAL GA 471 59.99 7.84 4.66
C VAL GA 471 60.43 9.29 4.68
N LYS GA 472 61.74 9.54 4.89
CA LYS GA 472 62.23 10.91 4.90
C LYS GA 472 62.06 11.56 3.54
N GLU GA 473 62.32 10.82 2.45
CA GLU GA 473 62.13 11.39 1.12
C GLU GA 473 60.67 11.72 0.84
N GLU GA 474 59.76 10.85 1.26
CA GLU GA 474 58.34 11.16 1.11
C GLU GA 474 57.96 12.39 1.92
N GLU GA 475 58.50 12.50 3.14
CA GLU GA 475 58.22 13.66 3.97
C GLU GA 475 58.70 14.95 3.32
N GLU GA 476 59.91 14.95 2.75
CA GLU GA 476 60.40 16.16 2.12
C GLU GA 476 59.65 16.47 0.83
N LYS GA 477 59.25 15.43 0.09
CA LYS GA 477 58.46 15.65 -1.12
C LYS GA 477 57.05 16.15 -0.80
N LYS GA 478 56.55 15.89 0.40
CA LYS GA 478 55.25 16.42 0.80
C LYS GA 478 55.24 17.94 0.78
N LYS GA 479 56.31 18.56 1.29
CA LYS GA 479 56.38 20.02 1.35
C LYS GA 479 57.18 20.63 0.21
N ARG GA 480 57.84 19.82 -0.62
CA ARG GA 480 58.58 20.38 -1.75
C ARG GA 480 57.65 21.09 -2.72
N GLU GA 481 56.50 20.48 -3.02
CA GLU GA 481 55.52 21.11 -3.91
C GLU GA 481 54.54 21.99 -3.17
N LEU GA 482 54.56 21.99 -1.84
CA LEU GA 482 53.69 22.85 -1.06
C LEU GA 482 54.16 24.30 -1.08
N LEU GA 483 55.48 24.51 -1.20
CA LEU GA 483 56.01 25.87 -1.17
C LEU GA 483 55.52 26.70 -2.35
N SER GA 484 55.46 26.11 -3.54
CA SER GA 484 55.04 26.84 -4.72
C SER GA 484 53.59 27.32 -4.66
N LYS GA 485 52.73 26.63 -3.92
CA LYS GA 485 51.33 27.00 -3.84
C LYS GA 485 51.09 28.27 -3.04
N VAL GA 486 51.78 28.42 -1.90
CA VAL GA 486 51.54 29.60 -1.06
C VAL GA 486 52.19 30.83 -1.68
N THR GA 487 51.74 31.99 -1.22
CA THR GA 487 52.24 33.28 -1.69
C THR GA 487 52.85 34.04 -0.51
N PHE GA 488 54.07 34.51 -0.70
CA PHE GA 488 54.78 35.21 0.37
C PHE GA 488 54.09 36.54 0.69
N PRO GA 489 54.09 36.93 1.96
CA PRO GA 489 53.52 38.24 2.32
C PRO GA 489 54.43 39.38 1.89
N GLY GA 490 53.85 40.57 1.82
CA GLY GA 490 54.59 41.75 1.40
C GLY GA 490 53.87 43.05 1.65
N VAL GA 491 54.58 44.04 2.18
CA VAL GA 491 54.03 45.37 2.42
C VAL GA 491 55.01 46.41 1.91
N ILE GA 492 54.50 47.36 1.11
CA ILE GA 492 55.31 48.35 0.43
C ILE GA 492 54.66 49.71 0.61
N ARG GA 493 55.40 50.77 0.25
CA ARG GA 493 54.88 52.13 0.33
C ARG GA 493 55.32 52.90 -0.90
N LEU GA 494 54.36 53.56 -1.55
CA LEU GA 494 54.66 54.36 -2.73
C LEU GA 494 55.51 55.57 -2.37
N TYR GA 495 56.43 55.90 -3.25
CA TYR GA 495 57.23 57.11 -3.07
C TYR GA 495 56.33 58.34 -3.10
N PRO GA 496 56.57 59.32 -2.23
CA PRO GA 496 55.86 60.60 -2.36
C PRO GA 496 56.47 61.48 -3.45
N ASP GA 497 57.32 60.87 -4.27
CA ASP GA 497 58.05 61.57 -5.32
C ASP GA 497 57.32 61.44 -6.65
N GLU GA 498 57.14 62.58 -7.33
CA GLU GA 498 56.48 62.58 -8.63
C GLU GA 498 57.33 61.86 -9.68
N ARG GA 499 58.65 61.83 -9.50
CA ARG GA 499 59.54 61.32 -10.55
C ARG GA 499 59.27 59.86 -10.86
N TYR GA 500 59.02 59.04 -9.83
CA TYR GA 500 58.90 57.60 -10.03
C TYR GA 500 57.72 57.21 -10.91
N VAL GA 501 56.72 58.07 -11.04
CA VAL GA 501 55.57 57.77 -11.89
C VAL GA 501 55.96 57.99 -13.34
N PHE GA 502 55.95 56.92 -14.14
CA PHE GA 502 56.32 57.01 -15.54
C PHE GA 502 55.18 56.73 -16.51
N ARG GA 503 54.09 56.13 -16.04
CA ARG GA 503 52.89 55.98 -16.84
C ARG GA 503 51.70 55.83 -15.91
N ARG GA 504 50.57 56.42 -16.30
CA ARG GA 504 49.43 56.55 -15.42
C ARG GA 504 48.48 55.35 -15.48
N SER GA 505 48.03 54.98 -16.69
CA SER GA 505 47.05 53.91 -16.81
C SER GA 505 47.37 53.07 -18.04
N ASN GA 506 47.09 51.76 -17.94
CA ASN GA 506 47.28 50.79 -19.00
C ASN GA 506 48.68 50.86 -19.60
N PRO GA 507 49.73 50.46 -18.85
CA PRO GA 507 49.68 50.04 -17.45
C PRO GA 507 50.06 51.20 -16.52
N ALA GA 508 49.93 50.97 -15.20
CA ALA GA 508 50.41 51.94 -14.22
C ALA GA 508 51.84 51.61 -13.88
N ILE GA 509 52.77 52.50 -14.23
CA ILE GA 509 54.20 52.29 -14.03
C ILE GA 509 54.67 53.26 -12.96
N VAL GA 510 55.09 52.72 -11.82
CA VAL GA 510 55.52 53.56 -10.71
C VAL GA 510 56.58 52.83 -9.90
N GLY GA 511 57.57 53.58 -9.41
CA GLY GA 511 58.60 52.99 -8.58
C GLY GA 511 58.10 52.65 -7.19
N ILE GA 512 58.82 51.76 -6.53
CA ILE GA 512 58.45 51.31 -5.19
C ILE GA 512 59.70 50.87 -4.45
N GLU GA 513 59.69 51.08 -3.13
CA GLU GA 513 60.65 50.50 -2.21
C GLU GA 513 59.93 49.51 -1.32
N VAL GA 514 60.60 48.41 -0.99
CA VAL GA 514 59.97 47.36 -0.19
C VAL GA 514 60.15 47.69 1.28
N ILE GA 515 59.05 47.64 2.04
CA ILE GA 515 59.15 47.76 3.49
C ILE GA 515 59.39 46.42 4.12
N GLU GA 516 58.54 45.43 3.81
CA GLU GA 516 58.69 44.10 4.37
C GLU GA 516 58.18 43.07 3.37
N GLY GA 517 58.69 41.85 3.51
CA GLY GA 517 58.24 40.76 2.66
C GLY GA 517 58.95 40.73 1.32
N ARG GA 518 58.38 39.94 0.41
CA ARG GA 518 58.95 39.73 -0.92
C ARG GA 518 57.86 39.97 -1.96
N ILE GA 519 58.21 40.72 -3.01
CA ILE GA 519 57.29 40.97 -4.12
C ILE GA 519 57.52 39.94 -5.21
N LYS GA 520 56.42 39.39 -5.73
CA LYS GA 520 56.47 38.45 -6.83
C LYS GA 520 55.48 38.87 -7.91
N PRO GA 521 55.75 38.53 -9.16
CA PRO GA 521 54.78 38.81 -10.22
C PRO GA 521 53.52 37.98 -10.05
N GLY GA 522 52.42 38.52 -10.57
CA GLY GA 522 51.14 37.84 -10.48
C GLY GA 522 50.59 37.72 -9.08
N VAL GA 523 50.76 38.74 -8.26
CA VAL GA 523 50.25 38.77 -6.89
C VAL GA 523 49.34 39.98 -6.74
N THR GA 524 48.14 39.75 -6.20
CA THR GA 524 47.16 40.82 -6.02
C THR GA 524 47.54 41.71 -4.85
N LEU GA 525 47.32 43.01 -5.02
CA LEU GA 525 47.56 44.01 -3.99
C LEU GA 525 46.24 44.61 -3.53
N ILE GA 526 46.14 44.88 -2.23
CA ILE GA 526 44.95 45.48 -1.65
C ILE GA 526 45.36 46.57 -0.66
N LYS GA 527 44.44 47.47 -0.39
CA LYS GA 527 44.63 48.57 0.55
C LYS GA 527 44.06 48.17 1.91
N GLN GA 528 43.99 49.14 2.83
CA GLN GA 528 43.38 48.89 4.12
C GLN GA 528 41.90 48.56 3.97
N ASN GA 529 41.21 49.28 3.08
CA ASN GA 529 39.80 49.00 2.82
C ASN GA 529 39.60 47.84 1.83
N GLY GA 530 40.68 47.35 1.22
CA GLY GA 530 40.61 46.14 0.43
C GLY GA 530 40.19 46.29 -1.01
N GLN GA 531 40.30 47.48 -1.59
CA GLN GA 531 39.96 47.64 -3.00
C GLN GA 531 40.95 46.87 -3.87
N LYS GA 532 40.42 46.22 -4.90
CA LYS GA 532 41.24 45.44 -5.83
C LYS GA 532 41.93 46.41 -6.79
N VAL GA 533 43.18 46.76 -6.48
CA VAL GA 533 43.95 47.60 -7.40
C VAL GA 533 44.43 46.84 -8.62
N GLY GA 534 44.26 45.52 -8.64
CA GLY GA 534 44.65 44.71 -9.78
C GLY GA 534 45.70 43.67 -9.44
N VAL GA 535 46.41 43.19 -10.46
CA VAL GA 535 47.45 42.19 -10.31
C VAL GA 535 48.72 42.74 -10.92
N ILE GA 536 49.84 42.62 -10.19
CA ILE GA 536 51.12 43.08 -10.71
C ILE GA 536 51.43 42.37 -12.01
N ARG GA 537 51.54 43.12 -13.09
CA ARG GA 537 51.82 42.55 -14.41
C ARG GA 537 53.31 42.34 -14.62
N SER GA 538 54.15 43.30 -14.24
CA SER GA 538 55.58 43.14 -14.44
C SER GA 538 56.34 44.01 -13.45
N ILE GA 539 57.59 43.61 -13.18
CA ILE GA 539 58.48 44.34 -12.30
C ILE GA 539 59.80 44.55 -13.03
N LYS GA 540 60.41 45.73 -12.85
CA LYS GA 540 61.70 46.02 -13.48
C LYS GA 540 62.47 47.00 -12.61
N SER GA 541 63.68 46.61 -12.21
CA SER GA 541 64.55 47.56 -11.53
C SER GA 541 65.18 48.54 -12.51
N ARG GA 542 65.46 48.08 -13.73
CA ARG GA 542 66.01 48.90 -14.79
C ARG GA 542 65.28 48.51 -16.08
N ASP GA 543 65.86 48.89 -17.22
CA ASP GA 543 65.33 48.42 -18.50
C ASP GA 543 65.32 46.90 -18.58
N GLU GA 544 66.21 46.24 -17.84
CA GLU GA 544 66.23 44.79 -17.80
C GLU GA 544 64.98 44.24 -17.11
N PHE GA 545 64.64 43.00 -17.46
CA PHE GA 545 63.49 42.32 -16.89
C PHE GA 545 63.89 41.58 -15.62
N LEU GA 546 63.10 41.76 -14.56
CA LEU GA 546 63.38 41.17 -13.27
C LEU GA 546 62.44 39.99 -12.99
N GLN GA 547 62.69 39.32 -11.88
CA GLN GA 547 61.88 38.20 -11.43
C GLN GA 547 61.29 38.41 -10.05
N GLU GA 548 62.06 38.96 -9.12
CA GLU GA 548 61.57 39.22 -7.76
C GLU GA 548 62.46 40.25 -7.11
N ALA GA 549 61.94 40.86 -6.03
CA ALA GA 549 62.66 41.88 -5.29
C ALA GA 549 62.66 41.52 -3.81
N LYS GA 550 63.84 41.59 -3.19
CA LYS GA 550 63.99 41.30 -1.78
C LYS GA 550 64.09 42.61 -0.98
N LYS GA 551 64.36 42.48 0.31
CA LYS GA 551 64.39 43.63 1.20
C LYS GA 551 65.47 44.62 0.79
N GLY GA 552 65.15 45.90 0.91
CA GLY GA 552 66.08 46.96 0.55
C GLY GA 552 66.39 47.07 -0.92
N GLN GA 553 65.38 46.89 -1.78
CA GLN GA 553 65.56 46.98 -3.22
C GLN GA 553 64.44 47.82 -3.81
N ALA GA 554 64.80 48.74 -4.71
CA ALA GA 554 63.82 49.58 -5.37
C ALA GA 554 63.53 49.02 -6.76
N VAL GA 555 62.26 49.08 -7.17
CA VAL GA 555 61.84 48.47 -8.43
C VAL GA 555 60.60 49.22 -8.92
N ALA GA 556 60.56 49.45 -10.23
CA ALA GA 556 59.39 50.04 -10.87
C ALA GA 556 58.41 48.93 -11.22
N ILE GA 557 57.18 49.05 -10.74
CA ILE GA 557 56.12 48.07 -10.96
C ILE GA 557 55.22 48.60 -12.07
N ALA GA 558 54.91 47.75 -13.03
CA ALA GA 558 53.89 48.01 -14.05
C ALA GA 558 52.72 47.10 -13.71
N ILE GA 559 51.63 47.70 -13.23
CA ILE GA 559 50.48 46.98 -12.73
C ILE GA 559 49.28 47.29 -13.60
N GLU GA 560 48.29 46.41 -13.57
CA GLU GA 560 47.05 46.57 -14.31
C GLU GA 560 45.90 46.85 -13.35
N GLY GA 561 44.93 47.63 -13.81
CA GLY GA 561 43.75 47.93 -13.03
C GLY GA 561 43.92 49.01 -11.99
N ALA GA 562 45.10 49.63 -11.88
CA ALA GA 562 45.36 50.68 -10.92
C ALA GA 562 45.58 52.00 -11.64
N ILE GA 563 44.98 53.06 -11.09
CA ILE GA 563 45.10 54.40 -11.65
C ILE GA 563 45.46 55.35 -10.51
N VAL GA 564 46.42 56.24 -10.76
CA VAL GA 564 46.81 57.22 -9.76
C VAL GA 564 45.62 58.13 -9.46
N GLY GA 565 45.51 58.54 -8.20
CA GLY GA 565 44.37 59.35 -7.80
C GLY GA 565 43.23 58.53 -7.23
N ARG GA 566 42.25 58.21 -8.08
CA ARG GA 566 41.04 57.54 -7.62
C ARG GA 566 41.35 56.16 -7.04
N HIS GA 567 42.24 55.40 -7.68
CA HIS GA 567 42.54 54.05 -7.22
C HIS GA 567 43.75 54.01 -6.28
N ILE GA 568 44.80 54.76 -6.57
CA ILE GA 568 45.99 54.79 -5.74
C ILE GA 568 46.49 56.22 -5.64
N HIS GA 569 47.03 56.56 -4.46
CA HIS GA 569 47.60 57.87 -4.20
C HIS GA 569 49.09 57.75 -3.91
N PRO GA 570 49.89 58.73 -4.31
CA PRO GA 570 51.31 58.71 -3.94
C PRO GA 570 51.48 58.80 -2.42
N GLY GA 571 52.50 58.12 -1.93
CA GLY GA 571 52.75 58.09 -0.50
C GLY GA 571 51.81 57.23 0.30
N GLU GA 572 51.03 56.38 -0.36
CA GLU GA 572 50.09 55.49 0.32
C GLU GA 572 50.69 54.10 0.43
N THR GA 573 50.40 53.42 1.53
CA THR GA 573 50.99 52.12 1.82
C THR GA 573 50.12 51.00 1.25
N LEU GA 574 50.75 50.08 0.53
CA LEU GA 574 50.06 48.98 -0.13
C LEU GA 574 50.41 47.66 0.53
N TYR GA 575 49.40 46.78 0.62
CA TYR GA 575 49.51 45.48 1.27
C TYR GA 575 49.23 44.37 0.26
N VAL GA 576 49.95 43.26 0.42
CA VAL GA 576 49.70 42.08 -0.42
C VAL GA 576 48.56 41.27 0.18
N ASP GA 577 47.55 40.98 -0.65
CA ASP GA 577 46.44 40.15 -0.19
C ASP GA 577 46.93 38.75 0.16
N LEU GA 578 46.46 38.23 1.28
CA LEU GA 578 46.94 36.97 1.82
C LEU GA 578 45.79 35.96 1.89
N SER GA 579 46.13 34.69 1.69
CA SER GA 579 45.19 33.60 1.85
C SER GA 579 45.36 32.98 3.23
N ARG GA 580 44.24 32.76 3.93
CA ARG GA 580 44.31 32.21 5.28
C ARG GA 580 44.92 30.82 5.30
N ASP GA 581 44.63 30.00 4.29
CA ASP GA 581 45.29 28.70 4.19
C ASP GA 581 46.79 28.86 4.03
N ASP GA 582 47.22 29.83 3.22
CA ASP GA 582 48.65 30.10 3.06
C ASP GA 582 49.26 30.56 4.38
N ALA GA 583 48.55 31.39 5.14
CA ALA GA 583 49.05 31.84 6.42
C ALA GA 583 49.20 30.66 7.39
N ILE GA 584 48.22 29.76 7.41
CA ILE GA 584 48.30 28.59 8.27
C ILE GA 584 49.49 27.72 7.87
N THR GA 585 49.68 27.52 6.56
CA THR GA 585 50.82 26.74 6.08
C THR GA 585 52.13 27.38 6.49
N LEU GA 586 52.24 28.70 6.36
CA LEU GA 586 53.48 29.39 6.75
C LEU GA 586 53.74 29.27 8.24
N LEU GA 587 52.70 29.41 9.06
CA LEU GA 587 52.87 29.38 10.51
C LEU GA 587 53.07 27.98 11.06
N LYS GA 588 52.64 26.94 10.34
CA LYS GA 588 52.74 25.58 10.84
C LYS GA 588 53.68 24.72 10.00
N HIS GA 589 53.47 24.64 8.69
CA HIS GA 589 54.27 23.75 7.86
C HIS GA 589 55.65 24.34 7.59
N LEU GA 590 55.69 25.50 6.92
CA LEU GA 590 56.96 26.13 6.55
C LEU GA 590 57.34 27.18 7.59
N ARG GA 591 57.65 26.69 8.80
CA ARG GA 591 58.12 27.54 9.88
C ARG GA 591 59.64 27.63 9.93
N ASP GA 592 60.35 26.79 9.18
CA ASP GA 592 61.80 26.89 9.13
C ASP GA 592 62.24 28.08 8.28
N THR GA 593 61.57 28.29 7.14
CA THR GA 593 61.93 29.37 6.22
C THR GA 593 61.07 30.60 6.50
N LEU GA 594 61.28 31.17 7.68
CA LEU GA 594 60.63 32.40 8.11
C LEU GA 594 61.63 33.23 8.91
N GLU GA 595 61.77 34.50 8.54
CA GLU GA 595 62.75 35.37 9.19
C GLU GA 595 62.10 36.61 9.76
N ASP GA 596 62.93 37.56 10.22
CA ASP GA 596 62.41 38.72 10.95
C ASP GA 596 61.46 39.55 10.10
N THR GA 597 61.89 39.93 8.90
CA THR GA 597 61.05 40.78 8.05
C THR GA 597 59.76 40.07 7.66
N ASP GA 598 59.85 38.77 7.35
CA ASP GA 598 58.67 38.02 6.95
C ASP GA 598 57.66 37.93 8.09
N ILE GA 599 58.12 37.61 9.29
CA ILE GA 599 57.19 37.47 10.41
C ILE GA 599 56.60 38.83 10.80
N LYS GA 600 57.42 39.90 10.76
CA LYS GA 600 56.89 41.22 11.04
C LYS GA 600 55.81 41.61 10.03
N ALA GA 601 56.08 41.38 8.75
CA ALA GA 601 55.11 41.70 7.71
C ALA GA 601 53.82 40.91 7.90
N LEU GA 602 53.94 39.60 8.15
CA LEU GA 602 52.75 38.78 8.30
C LEU GA 602 51.95 39.18 9.53
N LYS GA 603 52.64 39.47 10.65
CA LYS GA 603 51.95 39.87 11.86
C LYS GA 603 51.18 41.18 11.66
N MET GA 604 51.84 42.18 11.07
CA MET GA 604 51.15 43.46 10.88
C MET GA 604 50.04 43.33 9.83
N ILE GA 605 50.22 42.48 8.83
CA ILE GA 605 49.17 42.23 7.86
C ILE GA 605 47.96 41.60 8.53
N ALA GA 606 48.19 40.64 9.44
CA ALA GA 606 47.09 40.05 10.18
C ALA GA 606 46.39 41.09 11.05
N LYS GA 607 47.16 41.96 11.71
CA LYS GA 607 46.57 43.01 12.52
C LYS GA 607 45.70 43.93 11.68
N VAL GA 608 46.18 44.30 10.48
CA VAL GA 608 45.41 45.16 9.61
C VAL GA 608 44.14 44.46 9.12
N LYS GA 609 44.28 43.21 8.68
CA LYS GA 609 43.16 42.45 8.14
C LYS GA 609 42.17 42.03 9.21
N ALA GA 610 42.52 42.19 10.49
CA ALA GA 610 41.60 41.86 11.57
C ALA GA 610 40.47 42.89 11.65
N LYS GA 611 39.61 42.93 10.63
CA LYS GA 611 38.49 43.85 10.58
C LYS GA 611 37.16 43.17 10.38
N GLU GA 612 37.10 42.12 9.56
CA GLU GA 612 35.86 41.42 9.25
C GLU GA 612 35.84 39.99 9.76
N ASP GA 613 36.87 39.20 9.47
CA ASP GA 613 36.94 37.81 9.94
C ASP GA 613 37.65 37.77 11.27
N PRO GA 614 37.04 37.23 12.33
CA PRO GA 614 37.74 37.09 13.60
C PRO GA 614 38.96 36.17 13.53
N PHE GA 615 39.15 35.46 12.43
CA PHE GA 615 40.31 34.57 12.31
C PHE GA 615 41.60 35.37 12.35
N TRP GA 616 41.67 36.49 11.62
CA TRP GA 616 42.84 37.36 11.71
C TRP GA 616 42.89 38.10 13.04
N ARG GA 617 41.74 38.32 13.69
CA ARG GA 617 41.77 38.92 15.02
C ARG GA 617 42.44 38.01 16.03
N ALA GA 618 42.17 36.70 15.96
CA ALA GA 618 42.86 35.73 16.78
C ALA GA 618 44.20 35.30 16.20
N ILE GA 619 44.49 35.68 14.96
CA ILE GA 619 45.74 35.33 14.28
C ILE GA 619 45.96 33.83 14.28
MG MG HA . -21.37 -14.01 -15.97
MG MG IA . 69.29 -66.66 -48.28
MG MG JA . -14.56 59.47 -53.93
MG MG KA . -31.60 5.55 -6.92
MG MG LA . -27.83 -5.81 -44.11
MG MG MA . -18.68 37.88 36.30
MG MG NA . -25.36 63.11 30.36
MG MG OA . -12.43 53.39 20.23
MG MG PA . 44.05 -28.65 -9.32
MG MG QA . 22.62 5.97 -34.54
MG MG RA . -35.87 -1.11 -53.63
MG MG SA . -28.37 -13.37 -7.34
MG MG TA . -6.09 7.73 -3.00
MG MG UA . -12.42 42.50 44.14
MG MG VA . -6.56 37.72 36.21
MG MG WA . -5.23 35.12 48.02
MG MG XA . -2.11 34.03 32.40
MG MG YA . -28.47 45.25 3.24
MG MG ZA . -4.31 -2.19 -39.12
MG MG AB . -21.99 38.81 8.71
MG MG BB . -5.76 0.07 -9.13
MG MG CB . -9.45 9.40 -40.78
MG MG DB . -8.93 34.50 -18.69
MG MG EB . -2.17 -14.16 -19.40
MG MG FB . -2.25 -0.89 -24.65
MG MG GB . 21.28 -52.89 -20.87
MG MG HB . 21.72 -57.89 -8.65
MG MG IB . -5.91 24.06 -18.79
MG MG JB . 49.37 -45.93 -21.68
MG MG KB . 17.58 -65.23 7.08
MG MG LB . 14.55 -52.71 -3.78
MG MG MB . -3.70 25.38 -14.68
MG MG NB . -2.83 38.86 -33.85
MG MG OB . -3.16 -20.77 14.25
MG MG PB . -10.48 -33.24 -51.23
MG MG QB . 36.76 -27.31 -21.07
MG MG RB . 37.71 -36.56 -8.92
MG MG SB . 9.91 -14.36 23.64
MG MG TB . -8.69 16.85 21.33
MG MG UB . -11.94 14.50 22.59
MG MG VB . -21.15 70.31 33.17
MG MG WB . -5.32 52.13 49.21
MG MG XB . 30.54 -37.57 -18.47
MG MG YB . -2.58 0.43 -35.19
MG MG ZB . 13.23 -60.32 1.40
MG MG AC . -18.41 72.25 19.12
MG MG BC . -27.57 -5.79 -29.33
MG MG CC . -1.22 -11.41 -50.78
MG MG DC . 4.48 -47.99 -47.10
MG MG EC . 5.29 33.30 -28.95
MG MG FC . 27.05 -31.51 -23.46
MG MG GC . -37.88 66.04 40.57
MG MG HC . 33.22 -30.27 1.72
MG MG IC . -41.75 18.86 17.95
MG MG JC . -42.16 11.11 8.13
MG MG KC . 46.54 -36.07 -0.11
MG MG LC . 7.26 -17.84 -8.23
ZN ZN MC . -54.91 -35.66 -26.03
ZN ZN NC . -38.02 -29.80 -24.37
ZN ZN OC . -14.74 -46.55 -8.16
MG MG PC . -23.30 15.01 3.33
MG MG QC . -38.16 44.62 26.23
MG MG RC . -17.28 55.78 -31.88
ZN ZN SC . -21.45 20.10 43.97
ZN ZN TC . 29.75 -48.82 -68.50
ZN ZN UC . -41.39 -13.69 -88.71
MG MG VC . -4.73 24.39 -3.92
N MET WC . 64.30 55.07 -12.91
CA MET WC . 63.17 54.13 -13.02
C MET WC . 62.70 54.08 -14.46
O MET WC . 62.75 55.08 -15.15
CB MET WC . 62.11 54.46 -12.02
CG MET WC . 62.40 54.18 -10.60
SD MET WC . 63.08 52.55 -10.19
CE MET WC . 62.85 52.23 -8.47
MG MG XC . -1.77 39.09 4.33
PG GNP YC . 80.06 -12.44 14.41
O1G GNP YC . 79.53 -13.56 13.61
O2G GNP YC . 78.87 -11.93 15.32
O3G GNP YC . 80.48 -11.10 13.68
N3B GNP YC . 81.46 -12.61 15.23
PB GNP YC . 82.55 -13.82 15.06
O1B GNP YC . 83.38 -14.42 16.13
O2B GNP YC . 81.74 -14.90 14.22
O3A GNP YC . 83.68 -13.24 14.11
PA GNP YC . 83.85 -13.46 12.56
O1A GNP YC . 84.37 -14.73 12.04
O2A GNP YC . 82.44 -12.96 12.23
O5' GNP YC . 84.69 -12.19 12.03
C5' GNP YC . 86.03 -11.93 12.48
C4' GNP YC . 86.79 -11.22 11.39
O4' GNP YC . 88.17 -11.08 11.79
C3' GNP YC . 86.84 -11.95 10.05
O3' GNP YC . 87.01 -11.04 8.98
C2' GNP YC . 88.05 -12.87 10.23
O2' GNP YC . 88.67 -13.18 8.98
C1' GNP YC . 88.98 -12.01 11.09
N9 GNP YC . 89.75 -12.78 12.08
C8 GNP YC . 89.28 -13.78 12.89
N7 GNP YC . 90.19 -14.29 13.68
C5 GNP YC . 91.34 -13.58 13.37
C6 GNP YC . 92.67 -13.66 13.89
O6 GNP YC . 93.09 -14.43 14.76
N1 GNP YC . 93.52 -12.75 13.31
C2 GNP YC . 93.17 -11.85 12.33
N2 GNP YC . 94.12 -11.04 11.89
N3 GNP YC . 91.93 -11.76 11.83
C4 GNP YC . 91.09 -12.64 12.39
MG MG ZC . 79.02 -15.56 14.00
#